data_6LKS
#
_entry.id   6LKS
#
_cell.length_a   215.710
_cell.length_b   124.270
_cell.length_c   214.530
_cell.angle_alpha   90.000
_cell.angle_beta   102.909
_cell.angle_gamma   90.000
#
_symmetry.space_group_name_H-M   'C 1 2 1'
#
loop_
_entity.id
_entity.type
_entity.pdbx_description
1 polymer 'Hemagglutinin HA1 chain'
2 polymer 'Hemagglutinin HA2 chain'
3 branched 2-acetamido-2-deoxy-beta-D-glucopyranose-(1-2)-alpha-D-mannopyranose-(1-3)-[alpha-D-mannopyranose-(1-6)]beta-D-mannopyranose-(1-4)-2-acetamido-2-deoxy-beta-D-glucopyranose-(1-4)-2-acetamido-2-deoxy-beta-D-glucopyranose
4 branched 2-acetamido-2-deoxy-beta-D-glucopyranose-(1-2)-alpha-D-mannopyranose-(1-3)-beta-D-mannopyranose-(1-4)-2-acetamido-2-deoxy-beta-D-glucopyranose-(1-4)-2-acetamido-2-deoxy-beta-D-glucopyranose
5 branched alpha-D-mannopyranose-(1-3)-beta-D-mannopyranose-(1-4)-2-acetamido-2-deoxy-beta-D-glucopyranose-(1-4)-2-acetamido-2-deoxy-beta-D-glucopyranose
6 branched beta-D-mannopyranose-(1-4)-2-acetamido-2-deoxy-beta-D-glucopyranose-(1-4)-2-acetamido-2-deoxy-beta-D-glucopyranose
7 non-polymer 2-acetamido-2-deoxy-beta-D-glucopyranose
8 non-polymer 'ZINC ION'
9 water water
#
loop_
_entity_poly.entity_id
_entity_poly.type
_entity_poly.pdbx_seq_one_letter_code
_entity_poly.pdbx_strand_id
1 'polypeptide(L)'
;ADPGDTICIGYHANNSTDTVDTVLEKNVTVTHSVNLLEDSHNGKLCLLKGIAPLQLGNCSVAGWILGNPECELLISKESW
SYIVEKPNPENGTCYPGHFADYEELREQLSSVSSFERFEIFPKESSWPNHTVTGVSASCSHNGKSSFYKNLLWLTGKNGL
YPNLSKSYANNKEKEVLVLWGVHHPPNIGDQRALYHTENAYVSVVSSHYSRKFTPEIAKRPKVRDQEGRINYYWTLLEPG
DTIIFEANGNLIAPRYAFALSRGFGSGIINSNAPMDECDAKCQTPQGAINSSLPFQNVHPVTIGECPKYVRSAKLRMVTG
LRNIPSIQSR
;
K,A,C,E,G,I
2 'polypeptide(L)'
;GLFGAIAGFIEGGWTGMVDGWYGYHHQNEQGSGYAADQKSTQNAINGITNKVNSVIEKMNTQFTAVGKEFNKLERRMENL
NKKVDDGFIDVWTYNAELLVLLENERTLDFHDSNVKNLYEKVKSQLKNNAKEIGNGCFEFYHKCNDECMESVKNGTYDYP
KYSEESKLSREKIDGVSGRLVPR
;
L,B,D,F,H,J
#
loop_
_chem_comp.id
_chem_comp.type
_chem_comp.name
_chem_comp.formula
BMA D-saccharide, beta linking beta-D-mannopyranose 'C6 H12 O6'
MAN D-saccharide, alpha linking alpha-D-mannopyranose 'C6 H12 O6'
NAG D-saccharide, beta linking 2-acetamido-2-deoxy-beta-D-glucopyranose 'C8 H15 N O6'
ZN non-polymer 'ZINC ION' 'Zn 2'
#
# COMPACT_ATOMS: atom_id res chain seq x y z
N ILE A 7 38.28 10.66 -77.68
CA ILE A 7 37.82 10.99 -76.34
C ILE A 7 36.39 11.53 -76.35
N CYS A 8 35.54 11.00 -75.47
CA CYS A 8 34.15 11.43 -75.38
C CYS A 8 33.84 11.75 -73.93
N ILE A 9 32.99 12.75 -73.71
CA ILE A 9 32.57 13.17 -72.38
C ILE A 9 31.11 12.80 -72.18
N GLY A 10 30.81 12.11 -71.09
CA GLY A 10 29.44 11.69 -70.81
C GLY A 10 29.13 11.61 -69.32
N TYR A 11 28.13 10.83 -68.94
CA TYR A 11 27.76 10.77 -67.53
C TYR A 11 27.36 9.36 -67.12
N HIS A 12 27.32 9.16 -65.80
CA HIS A 12 27.04 7.87 -65.17
C HIS A 12 25.58 7.45 -65.40
N ALA A 13 25.36 6.16 -65.16
CA ALA A 13 24.06 5.50 -65.28
C ALA A 13 24.16 4.18 -64.55
N ASN A 14 23.01 3.72 -64.05
CA ASN A 14 22.97 2.45 -63.33
C ASN A 14 21.65 1.78 -63.66
N ASN A 15 21.31 0.75 -62.90
CA ASN A 15 20.07 0.02 -63.09
C ASN A 15 18.91 0.57 -62.26
N SER A 16 19.16 1.64 -61.50
CA SER A 16 18.18 2.24 -60.60
C SER A 16 16.85 2.55 -61.26
N THR A 17 15.77 2.12 -60.61
CA THR A 17 14.39 2.35 -61.02
C THR A 17 13.73 3.43 -60.16
N ASP A 18 14.53 4.30 -59.56
CA ASP A 18 14.08 5.36 -58.66
C ASP A 18 13.32 6.45 -59.41
N THR A 19 12.00 6.40 -59.33
CA THR A 19 11.16 7.42 -59.94
C THR A 19 11.16 8.67 -59.06
N VAL A 20 11.09 9.85 -59.69
CA VAL A 20 11.09 11.11 -58.94
C VAL A 20 10.30 12.14 -59.75
N ASP A 21 9.77 13.15 -59.05
CA ASP A 21 9.00 14.22 -59.64
C ASP A 21 9.75 15.54 -59.61
N THR A 22 9.97 16.15 -60.78
CA THR A 22 10.59 17.47 -60.92
C THR A 22 9.48 18.48 -61.20
N VAL A 23 9.88 19.76 -61.35
CA VAL A 23 8.85 20.79 -61.54
C VAL A 23 8.26 20.75 -62.94
N LEU A 24 9.01 20.29 -63.94
CA LEU A 24 8.48 20.27 -65.29
C LEU A 24 8.37 18.85 -65.83
N GLU A 25 8.60 17.85 -64.98
CA GLU A 25 8.57 16.46 -65.43
C GLU A 25 8.25 15.52 -64.27
N LYS A 26 7.31 14.61 -64.48
CA LYS A 26 6.95 13.59 -63.52
C LYS A 26 7.75 12.33 -63.85
N ASN A 27 7.55 11.28 -63.06
CA ASN A 27 8.14 9.97 -63.36
C ASN A 27 9.58 9.96 -63.84
N VAL A 28 10.46 10.83 -63.34
CA VAL A 28 11.84 10.84 -63.81
C VAL A 28 12.68 9.78 -63.09
N THR A 29 13.12 8.75 -63.82
CA THR A 29 13.97 7.73 -63.22
C THR A 29 15.37 8.32 -63.06
N VAL A 30 16.03 7.96 -61.96
CA VAL A 30 17.31 8.54 -61.59
C VAL A 30 18.25 7.48 -61.01
N THR A 31 19.55 7.79 -61.05
CA THR A 31 20.59 6.89 -60.56
C THR A 31 20.59 6.76 -59.04
N HIS A 32 20.52 7.89 -58.32
CA HIS A 32 20.58 7.89 -56.87
C HIS A 32 19.57 8.87 -56.27
N SER A 33 19.07 8.53 -55.08
CA SER A 33 18.09 9.35 -54.37
C SER A 33 18.13 8.98 -52.90
N VAL A 34 17.10 9.38 -52.15
CA VAL A 34 16.95 9.09 -50.73
C VAL A 34 15.44 9.09 -50.42
N ASN A 35 14.97 8.16 -49.58
CA ASN A 35 13.52 8.08 -49.34
C ASN A 35 12.95 9.30 -48.63
N LEU A 36 13.77 10.02 -47.87
CA LEU A 36 13.43 11.27 -47.16
C LEU A 36 12.15 11.25 -46.31
N LEU A 37 11.39 10.16 -46.32
CA LEU A 37 10.15 10.08 -45.55
C LEU A 37 9.99 8.71 -44.93
N GLU A 38 9.76 8.67 -43.63
CA GLU A 38 9.59 7.40 -42.95
C GLU A 38 8.16 6.96 -43.12
N ASP A 39 7.98 5.72 -43.57
CA ASP A 39 6.69 5.10 -43.79
C ASP A 39 6.50 3.80 -43.02
N SER A 40 7.57 3.07 -42.79
CA SER A 40 7.48 1.83 -42.05
C SER A 40 7.66 2.10 -40.56
N HIS A 41 6.97 1.30 -39.73
CA HIS A 41 7.09 1.45 -38.29
C HIS A 41 7.08 0.07 -37.66
N ASN A 42 7.50 0.06 -36.40
CA ASN A 42 7.69 -1.11 -35.55
C ASN A 42 6.43 -1.92 -35.20
N GLY A 43 5.24 -1.33 -35.24
CA GLY A 43 4.03 -2.07 -34.93
C GLY A 43 3.76 -2.39 -33.46
N LYS A 44 4.67 -2.12 -32.53
CA LYS A 44 4.46 -2.47 -31.13
C LYS A 44 4.80 -1.30 -30.21
N LEU A 45 4.20 -1.27 -29.01
CA LEU A 45 4.47 -0.21 -28.03
C LEU A 45 5.79 -0.50 -27.35
N CYS A 46 6.84 0.16 -27.77
CA CYS A 46 8.14 -0.11 -27.22
C CYS A 46 8.50 0.82 -26.06
N LEU A 47 9.69 0.58 -25.53
CA LEU A 47 10.23 1.41 -24.47
C LEU A 47 10.72 2.69 -25.13
N LEU A 48 11.18 3.61 -24.30
CA LEU A 48 11.64 4.91 -24.78
C LEU A 48 12.97 5.21 -24.09
N LYS A 49 14.06 4.99 -24.81
CA LYS A 49 15.38 5.19 -24.24
C LYS A 49 15.45 4.43 -22.93
N GLY A 50 14.95 3.21 -23.00
CA GLY A 50 14.93 2.29 -21.88
C GLY A 50 13.75 2.34 -20.96
N ILE A 51 13.34 3.56 -20.56
CA ILE A 51 12.26 3.67 -19.60
C ILE A 51 10.95 3.32 -20.27
N ALA A 52 10.12 2.58 -19.54
CA ALA A 52 8.85 2.02 -19.99
C ALA A 52 7.67 2.91 -19.70
N PRO A 53 6.61 2.78 -20.50
CA PRO A 53 5.41 3.59 -20.27
C PRO A 53 4.49 3.01 -19.21
N LEU A 54 3.68 3.91 -18.64
CA LEU A 54 2.65 3.51 -17.68
C LEU A 54 1.53 2.92 -18.52
N GLN A 55 1.46 1.59 -18.60
CA GLN A 55 0.46 0.91 -19.40
C GLN A 55 -0.77 0.79 -18.51
N LEU A 56 -1.85 1.54 -18.87
CA LEU A 56 -3.07 1.62 -18.07
C LEU A 56 -4.02 0.46 -18.24
N GLY A 57 -3.84 -0.38 -19.25
CA GLY A 57 -4.75 -1.50 -19.42
C GLY A 57 -6.19 -1.06 -19.58
N ASN A 58 -7.09 -1.84 -18.95
CA ASN A 58 -8.52 -1.60 -19.03
C ASN A 58 -8.95 -0.38 -18.24
N CYS A 59 -8.03 0.30 -17.57
CA CYS A 59 -8.41 1.45 -16.80
C CYS A 59 -8.21 2.74 -17.58
N SER A 60 -8.99 3.74 -17.21
CA SER A 60 -8.96 5.12 -17.68
C SER A 60 -8.19 5.92 -16.66
N VAL A 61 -7.71 7.09 -17.05
CA VAL A 61 -6.99 7.87 -16.06
C VAL A 61 -7.84 8.08 -14.80
N ALA A 62 -9.13 8.33 -14.96
CA ALA A 62 -9.98 8.55 -13.79
C ALA A 62 -9.86 7.41 -12.81
N GLY A 63 -9.91 6.17 -13.33
CA GLY A 63 -9.81 4.98 -12.49
C GLY A 63 -8.42 4.72 -11.91
N TRP A 64 -7.38 4.98 -12.70
CA TRP A 64 -6.02 4.76 -12.22
C TRP A 64 -5.70 5.67 -11.05
N ILE A 65 -5.95 6.98 -11.20
CA ILE A 65 -5.63 7.98 -10.19
C ILE A 65 -6.61 7.99 -9.03
N LEU A 66 -7.80 7.38 -9.19
CA LEU A 66 -8.76 7.29 -8.10
C LEU A 66 -8.63 5.96 -7.39
N GLY A 67 -8.00 5.00 -8.02
CA GLY A 67 -7.87 3.68 -7.44
C GLY A 67 -9.10 2.80 -7.63
N ASN A 68 -9.57 2.64 -8.88
CA ASN A 68 -10.68 1.75 -9.21
C ASN A 68 -10.19 0.36 -8.79
N PRO A 69 -10.82 -0.29 -7.82
CA PRO A 69 -10.27 -1.57 -7.34
C PRO A 69 -9.89 -2.49 -8.46
N GLU A 70 -10.53 -2.38 -9.62
CA GLU A 70 -10.12 -3.27 -10.70
C GLU A 70 -8.77 -2.89 -11.28
N CYS A 71 -8.24 -1.73 -10.90
CA CYS A 71 -6.96 -1.26 -11.36
C CYS A 71 -5.88 -1.54 -10.34
N GLU A 72 -6.05 -2.64 -9.61
CA GLU A 72 -5.16 -3.06 -8.53
C GLU A 72 -3.69 -2.98 -8.95
N LEU A 73 -3.39 -3.52 -10.12
CA LEU A 73 -2.01 -3.62 -10.56
C LEU A 73 -1.34 -2.30 -10.91
N LEU A 74 -2.08 -1.23 -11.20
CA LEU A 74 -1.46 0.05 -11.54
C LEU A 74 -0.97 0.85 -10.32
N ILE A 75 -1.47 0.55 -9.12
CA ILE A 75 -1.14 1.31 -7.92
C ILE A 75 0.36 1.30 -7.62
N SER A 76 1.07 0.26 -8.05
CA SER A 76 2.51 0.20 -7.79
C SER A 76 3.31 1.22 -8.61
N LYS A 77 3.17 1.19 -9.94
CA LYS A 77 4.00 2.05 -10.81
C LYS A 77 3.82 3.54 -10.48
N GLU A 78 4.98 4.19 -10.26
CA GLU A 78 5.10 5.60 -9.87
C GLU A 78 6.10 6.37 -10.72
N SER A 79 6.55 5.81 -11.85
CA SER A 79 7.49 6.44 -12.78
C SER A 79 7.16 5.96 -14.18
N TRP A 80 7.47 6.77 -15.20
CA TRP A 80 7.14 6.35 -16.57
C TRP A 80 7.60 7.39 -17.59
N SER A 81 7.74 6.95 -18.83
CA SER A 81 8.09 7.85 -19.93
C SER A 81 6.81 8.37 -20.56
N TYR A 82 5.80 7.52 -20.64
CA TYR A 82 4.53 7.97 -21.19
C TYR A 82 3.42 7.06 -20.67
N ILE A 83 2.18 7.43 -20.99
CA ILE A 83 0.97 6.77 -20.55
C ILE A 83 0.15 6.32 -21.76
N VAL A 84 -0.45 5.15 -21.67
CA VAL A 84 -1.24 4.58 -22.76
C VAL A 84 -2.63 4.26 -22.25
N GLU A 85 -3.64 4.62 -23.02
CA GLU A 85 -5.00 4.36 -22.59
C GLU A 85 -5.72 3.64 -23.72
N LYS A 86 -6.56 2.67 -23.38
CA LYS A 86 -7.32 2.02 -24.42
C LYS A 86 -8.35 3.03 -24.93
N PRO A 87 -8.67 3.04 -26.22
CA PRO A 87 -9.67 3.99 -26.73
C PRO A 87 -10.98 3.93 -25.96
N ASN A 88 -11.35 2.75 -25.45
CA ASN A 88 -12.61 2.57 -24.71
C ASN A 88 -12.36 1.82 -23.40
N PRO A 89 -11.67 2.42 -22.42
CA PRO A 89 -11.36 1.72 -21.15
C PRO A 89 -12.59 1.55 -20.29
N GLU A 90 -12.96 0.29 -20.02
CA GLU A 90 -14.19 -0.03 -19.28
C GLU A 90 -14.04 0.08 -17.77
N ASN A 91 -12.88 0.52 -17.25
CA ASN A 91 -12.67 0.62 -15.80
C ASN A 91 -12.28 2.02 -15.38
N GLY A 92 -13.24 2.75 -14.82
CA GLY A 92 -13.00 4.10 -14.37
C GLY A 92 -13.77 4.38 -13.10
N THR A 93 -14.62 5.38 -13.19
CA THR A 93 -15.44 5.86 -12.09
C THR A 93 -16.57 4.91 -11.72
N CYS A 94 -16.26 3.65 -11.40
CA CYS A 94 -17.24 2.62 -11.03
C CYS A 94 -18.44 3.15 -10.23
N TYR A 95 -18.25 4.14 -9.38
CA TYR A 95 -19.40 4.71 -8.70
C TYR A 95 -19.65 6.00 -9.45
N PRO A 96 -20.82 6.15 -10.13
CA PRO A 96 -21.07 7.33 -10.98
C PRO A 96 -21.04 8.67 -10.27
N GLY A 97 -20.68 9.64 -11.09
CA GLY A 97 -20.60 11.01 -10.67
C GLY A 97 -19.83 11.81 -11.70
N HIS A 98 -19.84 13.11 -11.44
CA HIS A 98 -19.14 14.03 -12.29
C HIS A 98 -17.68 14.06 -11.90
N PHE A 99 -16.81 14.11 -12.90
CA PHE A 99 -15.42 14.28 -12.59
C PHE A 99 -15.11 15.76 -12.88
N ALA A 100 -15.14 16.58 -11.84
CA ALA A 100 -14.76 17.97 -11.96
C ALA A 100 -13.44 18.08 -12.68
N ASP A 101 -13.44 18.77 -13.81
CA ASP A 101 -12.25 19.07 -14.61
C ASP A 101 -11.43 17.82 -14.96
N TYR A 102 -12.10 16.73 -15.29
CA TYR A 102 -11.34 15.55 -15.60
C TYR A 102 -10.24 15.82 -16.65
N GLU A 103 -10.61 16.40 -17.78
CA GLU A 103 -9.64 16.57 -18.85
C GLU A 103 -8.43 17.36 -18.40
N GLU A 104 -8.61 18.29 -17.45
CA GLU A 104 -7.48 19.09 -16.96
C GLU A 104 -6.55 18.23 -16.09
N LEU A 105 -7.13 17.38 -15.24
CA LEU A 105 -6.30 16.50 -14.43
C LEU A 105 -5.47 15.61 -15.36
N ARG A 106 -6.03 15.25 -16.52
CA ARG A 106 -5.29 14.47 -17.48
C ARG A 106 -4.11 15.27 -18.01
N GLU A 107 -4.34 16.54 -18.33
CA GLU A 107 -3.26 17.38 -18.80
C GLU A 107 -2.26 17.65 -17.69
N GLN A 108 -2.72 17.58 -16.45
CA GLN A 108 -1.83 17.71 -15.30
C GLN A 108 -0.86 16.55 -15.23
N LEU A 109 -1.39 15.34 -15.38
CA LEU A 109 -0.62 14.11 -15.32
C LEU A 109 0.26 13.93 -16.55
N SER A 110 0.00 14.63 -17.65
CA SER A 110 0.86 14.47 -18.81
C SER A 110 2.27 14.97 -18.54
N SER A 111 2.42 15.90 -17.58
CA SER A 111 3.71 16.47 -17.21
C SER A 111 4.45 15.67 -16.17
N VAL A 112 3.71 14.92 -15.34
CA VAL A 112 4.29 14.16 -14.25
C VAL A 112 5.16 13.06 -14.82
N SER A 113 6.37 12.95 -14.28
CA SER A 113 7.37 11.96 -14.66
C SER A 113 7.59 10.92 -13.56
N SER A 114 7.03 11.16 -12.39
CA SER A 114 7.23 10.31 -11.23
C SER A 114 6.16 10.65 -10.18
N PHE A 115 5.78 9.65 -9.40
CA PHE A 115 4.79 9.78 -8.34
C PHE A 115 5.36 9.52 -6.98
N GLU A 116 4.61 9.88 -5.96
CA GLU A 116 4.94 9.40 -4.64
C GLU A 116 3.59 9.23 -3.96
N ARG A 117 2.91 8.12 -4.22
CA ARG A 117 1.61 7.88 -3.61
C ARG A 117 1.79 7.57 -2.12
N PHE A 118 1.08 8.30 -1.26
CA PHE A 118 1.22 8.13 0.17
C PHE A 118 -0.13 8.25 0.86
N GLU A 119 -0.31 7.57 1.99
CA GLU A 119 -1.62 7.66 2.64
C GLU A 119 -1.79 8.97 3.41
N ILE A 120 -2.37 9.98 2.77
CA ILE A 120 -2.58 11.27 3.43
C ILE A 120 -3.37 11.07 4.72
N PHE A 121 -4.48 10.33 4.65
CA PHE A 121 -5.34 10.11 5.81
C PHE A 121 -5.49 8.61 5.98
N PRO A 122 -4.63 8.01 6.81
CA PRO A 122 -4.66 6.55 7.03
C PRO A 122 -6.03 6.06 7.45
N LYS A 123 -6.53 5.03 6.74
CA LYS A 123 -7.87 4.49 7.02
C LYS A 123 -8.07 4.25 8.50
N GLU A 124 -7.23 3.41 9.09
CA GLU A 124 -7.30 3.22 10.53
C GLU A 124 -6.63 4.46 11.14
N SER A 125 -7.24 5.04 12.17
CA SER A 125 -6.82 6.22 12.95
C SER A 125 -7.14 7.57 12.33
N SER A 126 -7.55 7.65 11.07
CA SER A 126 -7.89 8.98 10.59
C SER A 126 -9.30 9.33 11.02
N TRP A 127 -10.21 8.35 10.98
CA TRP A 127 -11.61 8.57 11.33
C TRP A 127 -12.17 7.67 12.43
N PRO A 128 -11.83 7.95 13.68
CA PRO A 128 -12.52 7.25 14.76
C PRO A 128 -13.89 7.89 14.79
N ASN A 129 -14.83 7.27 15.50
CA ASN A 129 -16.15 7.90 15.59
C ASN A 129 -16.95 8.02 14.27
N HIS A 130 -16.36 7.60 13.14
CA HIS A 130 -17.01 7.52 11.84
C HIS A 130 -16.69 6.16 11.27
N THR A 131 -17.68 5.46 10.74
CA THR A 131 -17.43 4.16 10.15
C THR A 131 -16.84 4.34 8.75
N VAL A 132 -15.79 3.60 8.44
CA VAL A 132 -15.16 3.72 7.13
C VAL A 132 -15.26 2.45 6.33
N THR A 133 -15.95 1.43 6.85
CA THR A 133 -16.12 0.17 6.14
C THR A 133 -17.39 0.29 5.27
N GLY A 134 -17.29 1.12 4.24
CA GLY A 134 -18.43 1.32 3.35
C GLY A 134 -18.03 1.10 1.92
N VAL A 135 -18.71 0.16 1.25
CA VAL A 135 -18.42 -0.17 -0.15
C VAL A 135 -19.70 -0.18 -0.95
N SER A 136 -19.54 -0.32 -2.27
CA SER A 136 -20.69 -0.39 -3.17
C SER A 136 -20.45 -1.46 -4.23
N ALA A 137 -21.52 -2.21 -4.57
CA ALA A 137 -21.44 -3.24 -5.60
C ALA A 137 -21.06 -2.64 -6.96
N SER A 138 -21.19 -1.32 -7.14
CA SER A 138 -20.78 -0.70 -8.40
C SER A 138 -19.29 -0.82 -8.57
N CYS A 139 -18.58 -0.72 -7.46
CA CYS A 139 -17.13 -0.79 -7.38
C CYS A 139 -16.68 -2.15 -6.88
N SER A 140 -17.28 -3.17 -7.47
CA SER A 140 -17.02 -4.52 -7.07
C SER A 140 -15.69 -4.97 -7.64
N HIS A 141 -14.92 -5.64 -6.80
CA HIS A 141 -13.61 -6.18 -7.19
C HIS A 141 -13.46 -7.60 -6.71
N ASN A 142 -13.16 -8.52 -7.64
CA ASN A 142 -12.93 -9.93 -7.31
C ASN A 142 -14.11 -10.56 -6.58
N GLY A 143 -15.30 -10.41 -7.17
CA GLY A 143 -16.51 -11.00 -6.65
C GLY A 143 -17.21 -10.30 -5.50
N LYS A 144 -16.47 -9.56 -4.70
CA LYS A 144 -17.06 -8.85 -3.58
C LYS A 144 -17.13 -7.36 -3.90
N SER A 145 -18.12 -6.68 -3.32
CA SER A 145 -18.16 -5.25 -3.55
C SER A 145 -16.92 -4.66 -2.91
N SER A 146 -16.43 -3.59 -3.51
CA SER A 146 -15.22 -2.96 -3.04
C SER A 146 -15.46 -1.46 -3.16
N PHE A 147 -14.36 -0.72 -3.16
CA PHE A 147 -14.41 0.71 -3.29
C PHE A 147 -13.08 1.18 -3.87
N TYR A 148 -12.98 2.49 -4.12
CA TYR A 148 -11.74 3.05 -4.65
C TYR A 148 -10.66 2.89 -3.59
N LYS A 149 -9.44 2.59 -4.03
CA LYS A 149 -8.40 2.39 -3.04
C LYS A 149 -7.82 3.70 -2.51
N ASN A 150 -7.92 4.83 -3.26
CA ASN A 150 -7.34 6.11 -2.82
C ASN A 150 -8.28 7.04 -2.05
N LEU A 151 -9.59 6.90 -2.17
CA LEU A 151 -10.53 7.71 -1.40
C LEU A 151 -11.05 6.83 -0.25
N LEU A 152 -11.99 7.31 0.56
CA LEU A 152 -12.48 6.48 1.67
C LEU A 152 -13.86 6.98 2.08
N TRP A 153 -14.83 6.05 2.18
CA TRP A 153 -16.24 6.35 2.44
C TRP A 153 -16.59 6.39 3.93
N LEU A 154 -16.74 7.63 4.45
CA LEU A 154 -17.08 7.89 5.84
C LEU A 154 -18.59 7.79 6.00
N THR A 155 -19.03 7.05 7.02
CA THR A 155 -20.43 6.77 7.32
C THR A 155 -20.70 7.06 8.79
N GLY A 156 -21.97 7.01 9.18
CA GLY A 156 -22.32 7.22 10.56
C GLY A 156 -21.86 6.07 11.43
N LYS A 157 -21.56 6.37 12.69
CA LYS A 157 -21.12 5.34 13.61
C LYS A 157 -21.87 5.56 14.91
N ASN A 158 -22.63 4.55 15.34
CA ASN A 158 -23.43 4.63 16.55
C ASN A 158 -24.45 5.77 16.46
N GLY A 159 -25.16 5.81 15.33
CA GLY A 159 -26.21 6.81 15.10
C GLY A 159 -25.78 8.26 15.14
N LEU A 160 -24.52 8.54 14.83
CA LEU A 160 -24.01 9.90 14.88
C LEU A 160 -22.96 10.10 13.80
N TYR A 161 -22.97 11.29 13.18
CA TYR A 161 -21.96 11.72 12.23
C TYR A 161 -21.44 13.00 12.85
N PRO A 162 -20.54 12.91 13.83
CA PRO A 162 -20.05 14.13 14.50
C PRO A 162 -19.34 15.09 13.54
N ASN A 163 -19.38 16.39 13.89
CA ASN A 163 -18.71 17.37 13.05
C ASN A 163 -17.31 16.88 12.79
N LEU A 164 -16.90 16.94 11.52
CA LEU A 164 -15.63 16.43 11.00
C LEU A 164 -14.64 17.54 10.69
N SER A 165 -13.38 17.31 11.00
CA SER A 165 -12.35 18.29 10.68
C SER A 165 -11.00 17.60 10.65
N LYS A 166 -10.42 17.48 9.45
CA LYS A 166 -9.10 16.88 9.30
C LYS A 166 -8.30 17.86 8.44
N SER A 167 -7.08 18.18 8.86
CA SER A 167 -6.19 19.10 8.15
C SER A 167 -4.92 18.38 7.77
N TYR A 168 -4.31 18.80 6.67
CA TYR A 168 -3.06 18.22 6.22
C TYR A 168 -2.11 19.34 5.84
N ALA A 169 -0.84 19.23 6.21
CA ALA A 169 0.19 20.22 5.87
C ALA A 169 1.21 19.58 4.90
N ASN A 170 1.43 20.25 3.75
CA ASN A 170 2.34 19.78 2.69
C ASN A 170 3.79 20.00 3.08
N ASN A 171 4.41 18.96 3.65
CA ASN A 171 5.81 19.01 4.01
C ASN A 171 6.67 18.17 3.07
N LYS A 172 6.12 17.77 1.92
CA LYS A 172 6.79 16.94 0.94
C LYS A 172 7.66 17.71 -0.05
N GLU A 173 7.64 19.05 -0.01
CA GLU A 173 8.41 19.89 -0.93
C GLU A 173 8.07 19.59 -2.41
N LYS A 174 6.81 19.20 -2.67
CA LYS A 174 6.30 18.90 -4.01
C LYS A 174 4.80 19.14 -3.96
N GLU A 175 4.18 19.41 -5.12
CA GLU A 175 2.73 19.63 -5.14
C GLU A 175 1.97 18.32 -4.91
N VAL A 176 1.02 18.36 -3.99
CA VAL A 176 0.29 17.18 -3.59
C VAL A 176 -1.09 17.14 -4.24
N LEU A 177 -1.28 16.18 -5.14
CA LEU A 177 -2.53 15.99 -5.87
C LEU A 177 -3.53 15.32 -4.97
N VAL A 178 -4.33 16.10 -4.33
CA VAL A 178 -5.35 15.61 -3.40
C VAL A 178 -6.67 15.44 -4.14
N LEU A 179 -7.34 14.30 -3.90
CA LEU A 179 -8.63 14.02 -4.49
C LEU A 179 -9.62 13.83 -3.35
N TRP A 180 -10.90 14.01 -3.65
CA TRP A 180 -11.97 13.82 -2.67
C TRP A 180 -13.27 13.74 -3.45
N GLY A 181 -14.35 13.40 -2.77
CA GLY A 181 -15.62 13.27 -3.46
C GLY A 181 -16.76 13.60 -2.53
N VAL A 182 -17.89 13.88 -3.13
CA VAL A 182 -19.13 14.17 -2.41
C VAL A 182 -20.23 13.22 -2.91
N HIS A 183 -20.98 12.67 -1.96
CA HIS A 183 -22.00 11.70 -2.26
C HIS A 183 -23.35 12.36 -2.18
N HIS A 184 -24.18 12.10 -3.17
CA HIS A 184 -25.51 12.67 -3.18
C HIS A 184 -26.51 11.53 -3.17
N PRO A 185 -27.16 11.27 -2.04
CA PRO A 185 -28.12 10.16 -1.94
C PRO A 185 -29.35 10.38 -2.82
N PRO A 186 -30.03 9.32 -3.18
CA PRO A 186 -31.24 9.45 -4.00
C PRO A 186 -32.51 9.78 -3.21
N ASN A 187 -32.64 9.25 -1.99
CA ASN A 187 -33.79 9.48 -1.11
C ASN A 187 -33.42 10.46 -0.01
N ILE A 188 -34.43 10.89 0.73
CA ILE A 188 -34.09 11.65 1.92
C ILE A 188 -33.81 10.61 2.99
N GLY A 189 -34.36 9.40 2.82
CA GLY A 189 -34.14 8.31 3.75
C GLY A 189 -32.68 7.92 3.86
N ASP A 190 -32.05 7.65 2.71
CA ASP A 190 -30.64 7.28 2.74
C ASP A 190 -29.80 8.39 3.33
N GLN A 191 -30.14 9.66 3.06
CA GLN A 191 -29.34 10.74 3.61
C GLN A 191 -29.40 10.75 5.12
N ARG A 192 -30.60 10.67 5.70
CA ARG A 192 -30.71 10.68 7.16
C ARG A 192 -30.14 9.39 7.76
N ALA A 193 -30.37 8.26 7.10
CA ALA A 193 -29.86 7.00 7.62
C ALA A 193 -28.35 6.91 7.52
N LEU A 194 -27.74 7.59 6.53
CA LEU A 194 -26.30 7.53 6.32
C LEU A 194 -25.51 8.59 7.06
N TYR A 195 -25.98 9.84 7.09
CA TYR A 195 -25.22 10.91 7.74
C TYR A 195 -25.92 11.54 8.93
N HIS A 196 -27.14 11.12 9.24
CA HIS A 196 -27.89 11.58 10.40
C HIS A 196 -28.07 13.09 10.41
N THR A 197 -28.40 13.64 9.24
CA THR A 197 -28.65 15.06 9.08
C THR A 197 -29.06 15.30 7.64
N GLU A 198 -29.81 16.37 7.40
CA GLU A 198 -30.19 16.73 6.05
C GLU A 198 -29.47 17.98 5.55
N ASN A 199 -28.82 18.74 6.45
CA ASN A 199 -28.05 19.93 6.03
C ASN A 199 -26.79 19.50 5.26
N ALA A 200 -25.85 18.82 5.92
CA ALA A 200 -24.68 18.30 5.23
C ALA A 200 -23.80 19.29 4.44
N TYR A 201 -22.80 19.87 5.09
CA TYR A 201 -21.86 20.72 4.37
C TYR A 201 -20.56 19.95 4.12
N VAL A 202 -19.73 20.48 3.22
CA VAL A 202 -18.42 19.95 2.90
C VAL A 202 -17.52 21.12 2.50
N SER A 203 -16.58 21.47 3.38
CA SER A 203 -15.61 22.54 3.15
C SER A 203 -14.26 21.93 2.78
N VAL A 204 -13.61 22.45 1.74
CA VAL A 204 -12.26 22.01 1.34
C VAL A 204 -11.51 23.32 1.08
N VAL A 205 -10.51 23.64 1.92
CA VAL A 205 -9.81 24.93 1.89
C VAL A 205 -8.29 24.82 1.93
N SER A 206 -7.62 25.41 0.92
CA SER A 206 -6.19 25.64 0.78
C SER A 206 -6.01 27.14 1.00
N SER A 207 -4.83 27.62 0.69
CA SER A 207 -4.59 29.05 0.67
C SER A 207 -4.91 29.59 -0.72
N HIS A 208 -5.06 28.67 -1.71
CA HIS A 208 -5.37 28.98 -3.10
C HIS A 208 -6.61 28.23 -3.60
N TYR A 209 -7.34 27.53 -2.74
CA TYR A 209 -8.53 26.78 -3.15
C TYR A 209 -9.57 26.74 -2.04
N SER A 210 -10.81 27.13 -2.33
CA SER A 210 -11.88 27.04 -1.34
C SER A 210 -13.16 26.64 -2.06
N ARG A 211 -13.91 25.70 -1.49
CA ARG A 211 -15.16 25.25 -2.08
C ARG A 211 -15.99 24.57 -1.01
N LYS A 212 -17.28 24.89 -0.98
CA LYS A 212 -18.23 24.32 -0.04
C LYS A 212 -19.16 23.50 -0.90
N PHE A 213 -19.34 22.23 -0.54
CA PHE A 213 -20.16 21.31 -1.32
C PHE A 213 -21.44 20.99 -0.58
N THR A 214 -22.51 20.87 -1.33
CA THR A 214 -23.74 20.59 -0.70
C THR A 214 -24.41 19.49 -1.50
N PRO A 215 -25.14 18.59 -0.85
CA PRO A 215 -25.78 17.49 -1.56
C PRO A 215 -27.11 17.90 -2.19
N GLU A 216 -27.24 17.65 -3.49
CA GLU A 216 -28.48 17.89 -4.21
C GLU A 216 -29.12 16.50 -4.29
N ILE A 217 -30.14 16.26 -3.49
CA ILE A 217 -30.80 14.96 -3.47
C ILE A 217 -31.91 14.94 -4.51
N ALA A 218 -31.92 13.89 -5.33
CA ALA A 218 -32.91 13.72 -6.37
C ALA A 218 -32.78 12.31 -6.95
N LYS A 219 -33.86 11.88 -7.61
CA LYS A 219 -33.88 10.58 -8.25
C LYS A 219 -33.24 10.73 -9.63
N ARG A 220 -32.30 9.85 -9.95
CA ARG A 220 -31.56 9.91 -11.19
C ARG A 220 -31.60 8.56 -11.86
N PRO A 221 -31.36 8.48 -13.16
CA PRO A 221 -31.40 7.16 -13.82
C PRO A 221 -30.25 6.31 -13.29
N LYS A 222 -30.58 5.07 -12.99
CA LYS A 222 -29.60 4.15 -12.46
C LYS A 222 -28.55 3.80 -13.49
N VAL A 223 -27.29 4.12 -13.18
CA VAL A 223 -26.10 3.74 -13.95
C VAL A 223 -25.24 2.88 -13.01
N ARG A 224 -24.83 1.71 -13.50
CA ARG A 224 -24.16 0.73 -12.65
C ARG A 224 -25.11 0.47 -11.48
N ASP A 225 -26.39 0.31 -11.86
CA ASP A 225 -27.56 0.03 -11.03
C ASP A 225 -27.65 0.97 -9.84
N GLN A 226 -26.95 2.10 -9.89
CA GLN A 226 -26.91 3.02 -8.79
C GLN A 226 -27.73 4.27 -9.08
N GLU A 227 -28.55 4.68 -8.12
CA GLU A 227 -29.30 5.90 -8.30
C GLU A 227 -28.56 7.08 -7.67
N GLY A 228 -27.71 6.84 -6.69
CA GLY A 228 -26.94 7.92 -6.12
C GLY A 228 -25.82 8.33 -7.08
N ARG A 229 -24.99 9.28 -6.64
CA ARG A 229 -23.84 9.79 -7.39
C ARG A 229 -22.73 10.28 -6.46
N ILE A 230 -21.50 10.30 -6.97
CA ILE A 230 -20.36 10.84 -6.23
C ILE A 230 -19.60 11.75 -7.16
N ASN A 231 -19.49 13.00 -6.82
CA ASN A 231 -18.75 13.90 -7.69
C ASN A 231 -17.30 13.92 -7.22
N TYR A 232 -16.34 13.82 -8.16
CA TYR A 232 -14.92 13.76 -7.80
C TYR A 232 -14.18 15.08 -8.00
N TYR A 233 -13.73 15.68 -6.94
CA TYR A 233 -13.01 16.94 -6.99
C TYR A 233 -11.53 16.67 -6.74
N TRP A 234 -10.71 17.72 -6.84
CA TRP A 234 -9.28 17.56 -6.63
C TRP A 234 -8.60 18.91 -6.71
N THR A 235 -7.40 18.99 -6.14
CA THR A 235 -6.59 20.19 -6.25
C THR A 235 -5.15 19.84 -5.93
N LEU A 236 -4.21 20.50 -6.60
CA LEU A 236 -2.82 20.30 -6.24
C LEU A 236 -2.53 21.20 -5.03
N LEU A 237 -1.75 20.69 -4.09
CA LEU A 237 -1.43 21.40 -2.86
C LEU A 237 0.06 21.72 -2.87
N GLU A 238 0.35 23.05 -2.91
CA GLU A 238 1.70 23.58 -3.01
C GLU A 238 2.52 23.36 -1.74
N PRO A 239 3.85 23.20 -1.90
CA PRO A 239 4.71 23.01 -0.74
C PRO A 239 4.55 24.14 0.25
N GLY A 240 4.31 23.78 1.53
CA GLY A 240 4.08 24.71 2.61
C GLY A 240 2.62 24.93 2.90
N ASP A 241 1.76 24.81 1.89
CA ASP A 241 0.32 25.02 2.04
C ASP A 241 -0.36 23.88 2.81
N THR A 242 -1.48 24.23 3.47
CA THR A 242 -2.29 23.28 4.22
C THR A 242 -3.70 23.24 3.67
N ILE A 243 -4.29 22.05 3.67
CA ILE A 243 -5.64 21.82 3.15
C ILE A 243 -6.51 21.36 4.31
N ILE A 244 -7.64 22.06 4.52
CA ILE A 244 -8.56 21.77 5.61
C ILE A 244 -9.87 21.22 5.04
N PHE A 245 -10.27 20.04 5.51
CA PHE A 245 -11.53 19.39 5.17
C PHE A 245 -12.46 19.48 6.37
N GLU A 246 -13.62 20.11 6.22
CA GLU A 246 -14.63 20.10 7.27
C GLU A 246 -15.92 19.61 6.64
N ALA A 247 -16.73 18.87 7.41
CA ALA A 247 -17.95 18.33 6.84
C ALA A 247 -18.94 17.86 7.87
N ASN A 248 -20.21 17.97 7.49
CA ASN A 248 -21.38 17.54 8.25
C ASN A 248 -21.92 16.19 7.76
N GLY A 249 -21.38 15.71 6.65
CA GLY A 249 -21.79 14.47 6.02
C GLY A 249 -21.50 14.50 4.54
N ASN A 250 -21.65 13.34 3.92
CA ASN A 250 -21.51 13.12 2.50
C ASN A 250 -20.09 13.32 1.99
N LEU A 251 -19.08 13.41 2.87
CA LEU A 251 -17.69 13.56 2.42
C LEU A 251 -17.04 12.18 2.24
N ILE A 252 -16.57 11.92 1.02
CA ILE A 252 -15.78 10.76 0.65
C ILE A 252 -14.38 11.31 0.83
N ALA A 253 -13.77 11.03 1.99
CA ALA A 253 -12.48 11.59 2.36
C ALA A 253 -11.33 11.07 1.52
N PRO A 254 -10.26 11.84 1.42
CA PRO A 254 -9.08 11.36 0.69
C PRO A 254 -8.35 10.36 1.56
N ARG A 255 -7.86 9.29 0.95
CA ARG A 255 -7.09 8.35 1.75
C ARG A 255 -5.65 8.42 1.30
N TYR A 256 -5.37 8.19 0.03
CA TYR A 256 -4.03 8.27 -0.51
C TYR A 256 -3.92 9.46 -1.43
N ALA A 257 -2.81 10.17 -1.33
CA ALA A 257 -2.57 11.33 -2.17
C ALA A 257 -1.35 11.03 -3.04
N PHE A 258 -0.94 11.99 -3.85
CA PHE A 258 0.22 11.81 -4.72
C PHE A 258 1.08 13.07 -4.73
N ALA A 259 2.37 12.90 -4.44
CA ALA A 259 3.33 13.98 -4.48
C ALA A 259 3.92 13.91 -5.87
N LEU A 260 3.51 14.84 -6.73
CA LEU A 260 3.92 14.84 -8.12
C LEU A 260 5.29 15.46 -8.38
N SER A 261 6.09 14.81 -9.22
CA SER A 261 7.36 15.33 -9.67
C SER A 261 7.20 15.59 -11.16
N ARG A 262 7.37 16.85 -11.57
CA ARG A 262 7.15 17.20 -12.97
C ARG A 262 8.41 16.97 -13.78
N GLY A 263 8.22 16.77 -15.08
CA GLY A 263 9.33 16.52 -15.97
C GLY A 263 9.09 16.91 -17.42
N PHE A 264 10.02 16.52 -18.30
CA PHE A 264 9.92 16.89 -19.71
C PHE A 264 8.87 16.10 -20.47
N GLY A 265 8.99 16.03 -21.79
CA GLY A 265 8.01 15.48 -22.71
C GLY A 265 7.41 14.09 -22.66
N SER A 266 6.47 13.93 -21.75
CA SER A 266 5.71 12.72 -21.57
C SER A 266 4.32 12.98 -22.17
N GLY A 267 3.48 11.94 -22.20
CA GLY A 267 2.16 12.19 -22.75
C GLY A 267 1.27 10.98 -22.59
N ILE A 268 -0.02 11.18 -22.85
CA ILE A 268 -1.03 10.13 -22.82
C ILE A 268 -1.41 9.82 -24.26
N ILE A 269 -1.27 8.57 -24.67
CA ILE A 269 -1.64 8.16 -26.02
C ILE A 269 -2.64 7.02 -25.93
N ASN A 270 -3.45 6.91 -26.97
CA ASN A 270 -4.43 5.85 -27.10
C ASN A 270 -3.88 4.89 -28.14
N SER A 271 -3.72 3.64 -27.75
CA SER A 271 -3.15 2.68 -28.67
C SER A 271 -3.49 1.28 -28.20
N ASN A 272 -3.76 0.41 -29.17
CA ASN A 272 -4.10 -0.99 -28.96
C ASN A 272 -2.97 -1.90 -29.40
N ALA A 273 -1.81 -1.34 -29.75
CA ALA A 273 -0.69 -2.16 -30.13
C ALA A 273 -0.16 -2.85 -28.88
N PRO A 274 0.50 -4.00 -29.02
CA PRO A 274 0.99 -4.70 -27.83
C PRO A 274 2.32 -4.13 -27.38
N MET A 275 2.69 -4.49 -26.16
CA MET A 275 3.96 -4.14 -25.55
C MET A 275 5.03 -5.15 -25.93
N ASP A 276 6.25 -4.66 -26.12
CA ASP A 276 7.39 -5.52 -26.44
C ASP A 276 8.59 -4.98 -25.68
N GLU A 277 9.77 -5.47 -26.02
CA GLU A 277 10.97 -5.06 -25.33
C GLU A 277 11.86 -4.13 -26.13
N CYS A 278 11.45 -3.70 -27.33
CA CYS A 278 12.25 -2.79 -28.13
C CYS A 278 12.42 -1.44 -27.41
N ASP A 279 13.58 -0.81 -27.63
CA ASP A 279 14.01 0.44 -27.01
C ASP A 279 13.83 1.70 -27.87
N ALA A 280 12.79 1.78 -28.68
CA ALA A 280 12.58 2.95 -29.54
C ALA A 280 12.91 4.35 -29.03
N LYS A 281 13.48 5.18 -29.90
CA LYS A 281 13.76 6.60 -29.66
C LYS A 281 12.48 7.43 -29.85
N CYS A 282 11.58 6.92 -30.68
CA CYS A 282 10.30 7.53 -30.95
C CYS A 282 9.19 6.49 -30.90
N GLN A 283 8.10 6.87 -30.28
CA GLN A 283 6.93 6.02 -30.15
C GLN A 283 5.75 6.83 -30.66
N THR A 284 4.86 6.17 -31.39
CA THR A 284 3.64 6.78 -31.91
C THR A 284 2.55 5.78 -31.61
N PRO A 285 1.29 6.18 -31.71
CA PRO A 285 0.20 5.22 -31.44
C PRO A 285 0.26 4.00 -32.32
N GLN A 286 0.80 4.12 -33.53
CA GLN A 286 0.87 2.99 -34.44
C GLN A 286 2.06 2.09 -34.16
N GLY A 287 3.16 2.64 -33.69
CA GLY A 287 4.34 1.85 -33.38
C GLY A 287 5.54 2.74 -33.23
N ALA A 288 6.66 2.13 -32.92
CA ALA A 288 7.88 2.90 -32.78
C ALA A 288 8.46 3.24 -34.15
N ILE A 289 9.34 4.23 -34.19
CA ILE A 289 9.99 4.66 -35.42
C ILE A 289 11.48 4.82 -35.17
N ASN A 290 12.30 4.17 -36.00
CA ASN A 290 13.77 4.25 -35.89
C ASN A 290 14.12 5.51 -36.66
N SER A 291 13.87 6.64 -36.00
CA SER A 291 14.03 7.99 -36.50
C SER A 291 15.37 8.42 -37.05
N SER A 292 15.45 8.53 -38.35
CA SER A 292 16.63 9.05 -39.03
C SER A 292 16.23 10.06 -40.09
N LEU A 293 15.08 9.83 -40.75
CA LEU A 293 14.56 10.70 -41.80
C LEU A 293 13.96 11.97 -41.21
N PRO A 294 13.84 13.04 -42.02
CA PRO A 294 13.29 14.29 -41.48
C PRO A 294 11.78 14.34 -41.40
N PHE A 295 11.06 13.45 -42.07
CA PHE A 295 9.62 13.45 -42.07
C PHE A 295 9.10 12.07 -41.73
N GLN A 296 7.79 11.97 -41.50
CA GLN A 296 7.16 10.69 -41.21
C GLN A 296 5.68 10.81 -41.56
N ASN A 297 5.05 9.64 -41.82
CA ASN A 297 3.62 9.62 -42.14
C ASN A 297 2.87 8.46 -41.49
N VAL A 298 3.38 7.86 -40.42
CA VAL A 298 2.61 6.79 -39.81
C VAL A 298 1.56 7.37 -38.87
N HIS A 299 1.92 8.43 -38.10
CA HIS A 299 0.97 9.05 -37.17
C HIS A 299 1.31 10.46 -36.72
N PRO A 300 0.32 11.37 -36.65
CA PRO A 300 0.61 12.73 -36.16
C PRO A 300 0.94 12.79 -34.66
N VAL A 301 0.36 11.89 -33.84
CA VAL A 301 0.67 11.82 -32.42
C VAL A 301 2.05 11.21 -32.29
N THR A 302 2.89 11.77 -31.42
CA THR A 302 4.25 11.25 -31.33
C THR A 302 4.84 11.45 -29.92
N ILE A 303 5.78 10.57 -29.54
CA ILE A 303 6.45 10.60 -28.25
C ILE A 303 7.93 10.35 -28.43
N GLY A 304 8.75 11.18 -27.75
CA GLY A 304 10.19 11.12 -27.82
C GLY A 304 10.68 12.12 -28.84
N GLU A 305 11.82 11.87 -29.47
CA GLU A 305 12.36 12.73 -30.52
C GLU A 305 12.05 12.02 -31.84
N CYS A 306 11.17 12.60 -32.65
CA CYS A 306 10.68 11.96 -33.85
C CYS A 306 10.70 12.81 -35.10
N PRO A 307 10.48 12.21 -36.28
CA PRO A 307 10.43 12.99 -37.51
C PRO A 307 9.09 13.71 -37.65
N LYS A 308 9.13 14.89 -38.28
CA LYS A 308 7.93 15.71 -38.46
C LYS A 308 6.88 14.91 -39.20
N TYR A 309 5.64 14.97 -38.73
CA TYR A 309 4.59 14.20 -39.38
C TYR A 309 4.00 14.97 -40.56
N VAL A 310 3.85 14.29 -41.70
CA VAL A 310 3.26 14.89 -42.90
C VAL A 310 2.34 13.90 -43.59
N ARG A 311 1.38 14.44 -44.32
CA ARG A 311 0.43 13.61 -45.02
C ARG A 311 1.01 13.01 -46.29
N SER A 312 2.20 13.45 -46.71
CA SER A 312 2.83 12.97 -47.93
C SER A 312 3.02 11.46 -48.03
N ALA A 313 3.12 10.99 -49.26
CA ALA A 313 3.36 9.60 -49.59
C ALA A 313 4.73 9.35 -50.17
N LYS A 314 5.30 10.28 -50.97
CA LYS A 314 6.60 10.01 -51.58
C LYS A 314 7.84 10.71 -51.02
N LEU A 315 7.98 12.02 -51.28
CA LEU A 315 9.15 12.80 -50.87
C LEU A 315 10.49 12.11 -51.21
N ARG A 316 10.81 12.00 -52.52
CA ARG A 316 12.04 11.32 -52.96
C ARG A 316 13.33 12.16 -52.99
N MET A 317 13.37 13.30 -53.69
CA MET A 317 14.61 14.09 -53.70
C MET A 317 15.85 13.44 -54.33
N VAL A 318 15.96 13.48 -55.65
CA VAL A 318 17.13 12.93 -56.34
C VAL A 318 18.44 13.53 -55.86
N THR A 319 19.46 12.70 -55.86
CA THR A 319 20.83 13.09 -55.57
C THR A 319 21.68 12.94 -56.81
N GLY A 320 21.46 11.88 -57.57
CA GLY A 320 22.21 11.63 -58.79
C GLY A 320 21.57 12.34 -59.95
N LEU A 321 21.73 11.77 -61.15
CA LEU A 321 21.25 12.35 -62.39
C LEU A 321 20.42 11.36 -63.19
N ARG A 322 19.89 11.87 -64.33
CA ARG A 322 19.03 11.08 -65.20
C ARG A 322 19.71 9.77 -65.61
N ASN A 323 18.91 8.70 -65.75
CA ASN A 323 19.42 7.38 -66.10
C ASN A 323 19.17 7.06 -67.56
N ILE A 324 20.25 6.94 -68.35
CA ILE A 324 20.15 6.61 -69.78
C ILE A 324 21.06 5.44 -70.12
N PRO A 325 20.57 4.20 -69.96
CA PRO A 325 21.32 2.97 -70.27
C PRO A 325 21.37 2.60 -71.75
N SER A 326 21.69 1.32 -72.02
CA SER A 326 21.79 0.68 -73.33
C SER A 326 22.95 0.99 -74.27
N ILE A 327 24.09 0.37 -74.00
CA ILE A 327 25.32 0.41 -74.81
C ILE A 327 24.94 0.21 -76.28
N GLY B 1 18.12 19.20 -70.59
CA GLY B 1 16.92 19.94 -70.22
C GLY B 1 17.13 21.45 -70.12
N LEU B 2 17.70 21.92 -69.00
CA LEU B 2 17.91 23.37 -68.87
C LEU B 2 19.18 23.76 -69.59
N PHE B 3 20.21 22.93 -69.46
CA PHE B 3 21.47 23.08 -70.18
C PHE B 3 21.38 22.07 -71.33
N GLY B 4 22.12 22.31 -72.39
CA GLY B 4 21.99 21.42 -73.55
C GLY B 4 22.65 20.05 -73.51
N ALA B 5 23.30 19.63 -72.42
CA ALA B 5 24.02 18.36 -72.43
C ALA B 5 23.10 17.14 -72.35
N ILE B 6 22.40 16.95 -71.22
CA ILE B 6 21.60 15.75 -71.06
C ILE B 6 20.42 15.73 -72.00
N ALA B 7 20.26 14.61 -72.71
CA ALA B 7 19.21 14.39 -73.69
C ALA B 7 19.27 15.39 -74.84
N GLY B 8 20.32 16.22 -74.87
CA GLY B 8 20.50 17.22 -75.91
C GLY B 8 21.58 16.81 -76.88
N PHE B 9 22.77 17.38 -76.81
CA PHE B 9 23.78 16.93 -77.76
C PHE B 9 24.56 15.72 -77.25
N ILE B 10 24.32 15.30 -76.01
CA ILE B 10 24.85 14.05 -75.45
C ILE B 10 23.60 13.37 -74.93
N GLU B 11 22.96 12.60 -75.79
CA GLU B 11 21.69 11.97 -75.50
C GLU B 11 21.79 10.78 -74.56
N GLY B 12 22.93 10.47 -73.95
CA GLY B 12 22.91 9.30 -73.08
C GLY B 12 24.07 9.15 -72.13
N GLY B 13 23.87 8.22 -71.18
CA GLY B 13 24.85 7.89 -70.18
C GLY B 13 25.39 6.50 -70.45
N TRP B 14 26.49 6.17 -69.76
CA TRP B 14 27.19 4.90 -69.95
C TRP B 14 27.11 3.99 -68.74
N THR B 15 26.38 2.88 -68.87
CA THR B 15 26.31 1.87 -67.81
C THR B 15 27.71 1.39 -67.45
N GLY B 16 28.59 1.33 -68.43
CA GLY B 16 29.95 0.90 -68.19
C GLY B 16 30.67 1.77 -67.19
N MET B 17 30.42 3.08 -67.22
CA MET B 17 31.11 3.98 -66.32
C MET B 17 30.58 3.90 -64.89
N VAL B 18 31.49 3.61 -63.96
CA VAL B 18 31.26 3.59 -62.53
C VAL B 18 32.38 4.43 -61.90
N ASP B 19 32.40 4.48 -60.57
CA ASP B 19 33.44 5.20 -59.82
C ASP B 19 33.35 6.74 -59.97
N GLY B 20 32.18 7.27 -60.31
CA GLY B 20 31.99 8.69 -60.46
C GLY B 20 30.75 9.02 -61.27
N TRP B 21 30.38 10.29 -61.25
CA TRP B 21 29.19 10.72 -62.00
C TRP B 21 29.50 11.16 -63.42
N TYR B 22 30.67 11.75 -63.65
CA TYR B 22 31.10 12.22 -64.96
C TYR B 22 32.44 11.60 -65.33
N GLY B 23 32.79 11.70 -66.61
CA GLY B 23 34.05 11.11 -67.04
C GLY B 23 34.15 11.06 -68.56
N TYR B 24 34.94 10.10 -69.03
CA TYR B 24 35.19 9.95 -70.45
C TYR B 24 35.15 8.49 -70.90
N HIS B 25 35.01 8.32 -72.22
CA HIS B 25 35.00 7.02 -72.90
C HIS B 25 35.97 7.19 -74.06
N HIS B 26 37.25 6.99 -73.79
CA HIS B 26 38.26 7.11 -74.82
C HIS B 26 38.28 5.86 -75.68
N GLN B 27 38.42 6.06 -76.98
CA GLN B 27 38.46 4.96 -77.94
C GLN B 27 39.84 5.09 -78.57
N ASN B 28 40.83 4.47 -77.92
CA ASN B 28 42.22 4.51 -78.34
C ASN B 28 42.65 3.16 -78.91
N GLU B 29 43.75 3.19 -79.64
CA GLU B 29 44.29 1.97 -80.23
C GLU B 29 44.98 1.11 -79.19
N GLN B 30 45.33 1.70 -78.04
CA GLN B 30 45.97 1.05 -76.90
C GLN B 30 44.95 0.64 -75.85
N GLY B 31 43.76 0.33 -76.32
CA GLY B 31 42.75 -0.06 -75.36
C GLY B 31 41.72 1.02 -75.13
N SER B 32 40.51 0.61 -74.84
CA SER B 32 39.46 1.55 -74.54
C SER B 32 39.01 1.30 -73.10
N GLY B 33 38.12 2.15 -72.62
CA GLY B 33 37.65 2.01 -71.26
C GLY B 33 37.00 3.28 -70.80
N TYR B 34 36.32 3.16 -69.66
CA TYR B 34 35.57 4.26 -69.06
C TYR B 34 36.33 4.84 -67.87
N ALA B 35 37.26 5.76 -68.16
CA ALA B 35 38.02 6.43 -67.11
C ALA B 35 37.12 7.52 -66.53
N ALA B 36 36.61 7.30 -65.32
CA ALA B 36 35.69 8.23 -64.68
C ALA B 36 36.40 9.45 -64.09
N ASP B 37 35.82 10.63 -64.32
CA ASP B 37 36.38 11.89 -63.81
C ASP B 37 36.47 11.84 -62.28
N GLN B 38 37.35 12.67 -61.72
CA GLN B 38 37.58 12.72 -60.28
C GLN B 38 37.23 14.07 -59.66
N LYS B 39 37.80 15.16 -60.21
CA LYS B 39 37.62 16.50 -59.66
C LYS B 39 36.16 16.95 -59.71
N SER B 40 35.56 16.92 -60.90
CA SER B 40 34.17 17.37 -61.02
C SER B 40 33.19 16.45 -60.29
N THR B 41 33.49 15.16 -60.17
CA THR B 41 32.58 14.25 -59.47
C THR B 41 32.55 14.53 -57.96
N GLN B 42 33.71 14.45 -57.30
CA GLN B 42 33.73 14.68 -55.87
C GLN B 42 33.29 16.09 -55.52
N ASN B 43 33.51 17.06 -56.43
CA ASN B 43 33.04 18.41 -56.16
C ASN B 43 31.52 18.44 -56.18
N ALA B 44 30.91 17.70 -57.10
CA ALA B 44 29.45 17.62 -57.16
C ALA B 44 28.91 16.86 -55.95
N ILE B 45 29.64 15.81 -55.53
CA ILE B 45 29.24 15.04 -54.35
C ILE B 45 29.25 15.93 -53.11
N ASN B 46 30.29 16.78 -52.98
CA ASN B 46 30.35 17.70 -51.84
C ASN B 46 29.11 18.59 -51.82
N GLY B 47 28.78 19.19 -52.98
CA GLY B 47 27.64 20.09 -53.08
C GLY B 47 26.29 19.44 -52.82
N ILE B 48 26.04 18.26 -53.41
CA ILE B 48 24.73 17.64 -53.19
C ILE B 48 24.63 17.14 -51.76
N THR B 49 25.75 16.68 -51.17
CA THR B 49 25.71 16.24 -49.77
C THR B 49 25.41 17.44 -48.89
N ASN B 50 25.98 18.60 -49.22
CA ASN B 50 25.65 19.78 -48.42
C ASN B 50 24.21 20.18 -48.67
N LYS B 51 23.74 20.07 -49.92
CA LYS B 51 22.33 20.36 -50.24
C LYS B 51 21.40 19.59 -49.33
N VAL B 52 21.56 18.26 -49.32
CA VAL B 52 20.73 17.38 -48.50
C VAL B 52 20.89 17.71 -47.02
N ASN B 53 22.13 17.71 -46.51
CA ASN B 53 22.33 18.01 -45.10
C ASN B 53 21.80 19.40 -44.77
N SER B 54 21.93 20.34 -45.68
CA SER B 54 21.42 21.69 -45.42
C SER B 54 19.88 21.73 -45.49
N VAL B 55 19.25 20.71 -46.06
CA VAL B 55 17.78 20.68 -46.13
C VAL B 55 17.18 20.04 -44.90
N ILE B 56 17.71 18.90 -44.46
CA ILE B 56 17.13 18.30 -43.28
C ILE B 56 17.55 19.07 -42.03
N GLU B 57 18.66 19.82 -42.06
CA GLU B 57 19.05 20.62 -40.90
C GLU B 57 17.97 21.61 -40.53
N LYS B 58 17.30 22.16 -41.53
CA LYS B 58 16.24 23.13 -41.44
C LYS B 58 14.92 22.50 -41.00
N MET B 59 14.95 21.29 -40.45
CA MET B 59 13.74 20.57 -40.01
C MET B 59 13.91 20.01 -38.59
N ASN B 60 13.40 20.74 -37.60
CA ASN B 60 13.49 20.29 -36.20
C ASN B 60 12.76 18.99 -35.96
N THR B 61 13.29 18.19 -35.04
CA THR B 61 12.70 16.92 -34.64
C THR B 61 11.41 17.14 -33.85
N GLN B 62 10.30 16.55 -34.30
CA GLN B 62 9.01 16.71 -33.61
C GLN B 62 9.02 16.00 -32.25
N PHE B 63 9.17 16.79 -31.19
CA PHE B 63 9.15 16.30 -29.83
C PHE B 63 7.68 16.03 -29.47
N THR B 64 7.48 15.35 -28.35
CA THR B 64 6.13 15.00 -27.89
C THR B 64 5.08 16.06 -28.19
N ALA B 65 4.05 15.62 -28.91
CA ALA B 65 2.83 16.33 -29.26
C ALA B 65 1.73 15.29 -29.09
N VAL B 66 0.82 15.44 -28.11
CA VAL B 66 -0.24 14.44 -27.93
C VAL B 66 -1.65 15.07 -27.95
N GLY B 67 -2.66 14.19 -28.14
CA GLY B 67 -4.06 14.62 -28.15
C GLY B 67 -4.45 15.38 -26.90
N LYS B 68 -5.57 16.12 -26.98
CA LYS B 68 -5.90 16.91 -25.82
C LYS B 68 -7.23 16.68 -25.12
N GLU B 69 -8.12 15.82 -25.62
CA GLU B 69 -9.31 15.54 -24.80
C GLU B 69 -10.10 16.73 -24.23
N PHE B 70 -10.98 17.36 -25.03
CA PHE B 70 -11.81 18.45 -24.53
C PHE B 70 -13.15 17.89 -24.06
N ASN B 71 -13.85 18.68 -23.28
CA ASN B 71 -15.12 18.34 -22.63
C ASN B 71 -16.38 18.61 -23.50
N LYS B 72 -17.55 18.17 -22.99
CA LYS B 72 -18.82 18.33 -23.71
C LYS B 72 -19.28 19.77 -23.89
N LEU B 73 -18.82 20.73 -23.09
CA LEU B 73 -19.20 22.12 -23.29
C LEU B 73 -18.04 22.87 -23.89
N GLU B 74 -17.14 22.12 -24.53
CA GLU B 74 -15.95 22.66 -25.13
C GLU B 74 -15.81 22.27 -26.60
N ARG B 75 -16.90 22.27 -27.37
CA ARG B 75 -16.74 21.91 -28.77
C ARG B 75 -15.84 22.91 -29.48
N ARG B 76 -16.05 24.21 -29.17
CA ARG B 76 -15.28 25.30 -29.76
C ARG B 76 -13.79 25.14 -29.55
N MET B 77 -13.35 24.97 -28.29
CA MET B 77 -11.91 24.77 -28.02
C MET B 77 -11.41 23.45 -28.63
N GLU B 78 -12.30 22.45 -28.76
CA GLU B 78 -11.95 21.20 -29.40
C GLU B 78 -11.72 21.42 -30.89
N ASN B 79 -12.60 22.22 -31.53
CA ASN B 79 -12.43 22.50 -32.96
C ASN B 79 -11.23 23.42 -33.20
N LEU B 80 -11.05 24.44 -32.36
CA LEU B 80 -9.87 25.30 -32.51
C LEU B 80 -8.59 24.49 -32.41
N ASN B 81 -8.54 23.56 -31.45
CA ASN B 81 -7.35 22.72 -31.32
C ASN B 81 -7.10 21.94 -32.62
N LYS B 82 -8.14 21.29 -33.16
CA LYS B 82 -7.99 20.54 -34.41
C LYS B 82 -7.60 21.48 -35.56
N LYS B 83 -8.12 22.73 -35.56
CA LYS B 83 -7.78 23.69 -36.61
C LYS B 83 -6.27 23.98 -36.60
N VAL B 84 -5.65 24.04 -35.41
CA VAL B 84 -4.22 24.31 -35.27
C VAL B 84 -3.40 23.13 -35.75
N ASP B 85 -3.67 21.95 -35.17
CA ASP B 85 -2.98 20.71 -35.48
C ASP B 85 -2.98 20.46 -36.99
N ASP B 86 -4.17 20.55 -37.61
CA ASP B 86 -4.31 20.34 -39.05
C ASP B 86 -3.60 21.45 -39.83
N GLY B 87 -3.83 22.70 -39.44
CA GLY B 87 -3.16 23.81 -40.10
C GLY B 87 -1.65 23.69 -40.12
N PHE B 88 -1.05 23.22 -39.04
CA PHE B 88 0.40 23.11 -39.06
C PHE B 88 0.82 21.91 -39.89
N ILE B 89 0.06 20.83 -39.82
CA ILE B 89 0.37 19.68 -40.65
C ILE B 89 0.27 20.11 -42.12
N ASP B 90 -0.79 20.83 -42.46
CA ASP B 90 -0.96 21.32 -43.83
C ASP B 90 0.25 22.14 -44.26
N VAL B 91 0.72 23.03 -43.37
CA VAL B 91 1.85 23.89 -43.72
C VAL B 91 3.13 23.09 -43.89
N TRP B 92 3.39 22.13 -43.02
CA TRP B 92 4.63 21.38 -43.16
C TRP B 92 4.57 20.42 -44.33
N THR B 93 3.40 19.83 -44.59
CA THR B 93 3.31 18.97 -45.77
C THR B 93 3.64 19.77 -47.03
N TYR B 94 2.92 20.88 -47.27
CA TYR B 94 3.19 21.72 -48.43
C TYR B 94 4.65 22.19 -48.45
N ASN B 95 5.16 22.69 -47.32
CA ASN B 95 6.57 23.12 -47.34
C ASN B 95 7.49 21.99 -47.75
N ALA B 96 7.23 20.77 -47.24
CA ALA B 96 8.06 19.60 -47.54
C ALA B 96 7.96 19.14 -48.99
N GLU B 97 6.74 18.94 -49.48
CA GLU B 97 6.54 18.47 -50.85
C GLU B 97 6.96 19.51 -51.87
N LEU B 98 6.63 20.78 -51.62
CA LEU B 98 6.98 21.81 -52.58
C LEU B 98 8.48 22.00 -52.68
N LEU B 99 9.22 21.65 -51.61
CA LEU B 99 10.68 21.78 -51.60
C LEU B 99 11.34 20.71 -52.47
N VAL B 100 10.95 19.43 -52.29
CA VAL B 100 11.56 18.38 -53.11
C VAL B 100 11.22 18.58 -54.58
N LEU B 101 9.94 18.90 -54.88
CA LEU B 101 9.51 19.16 -56.25
C LEU B 101 10.33 20.25 -56.91
N LEU B 102 10.44 21.40 -56.27
CA LEU B 102 11.21 22.48 -56.87
C LEU B 102 12.69 22.15 -56.87
N GLU B 103 13.20 21.65 -55.74
CA GLU B 103 14.63 21.36 -55.69
C GLU B 103 15.03 20.19 -56.55
N ASN B 104 14.08 19.39 -57.07
CA ASN B 104 14.46 18.30 -57.95
C ASN B 104 14.93 18.83 -59.30
N GLU B 105 14.16 19.74 -59.91
CA GLU B 105 14.60 20.30 -61.17
C GLU B 105 15.93 21.03 -60.99
N ARG B 106 16.12 21.72 -59.87
CA ARG B 106 17.38 22.41 -59.66
C ARG B 106 18.54 21.42 -59.54
N THR B 107 18.32 20.27 -58.87
CA THR B 107 19.39 19.30 -58.73
C THR B 107 19.76 18.68 -60.07
N LEU B 108 18.77 18.32 -60.88
CA LEU B 108 19.05 17.74 -62.19
C LEU B 108 19.80 18.73 -63.07
N ASP B 109 19.30 19.95 -63.16
CA ASP B 109 19.96 20.96 -63.96
C ASP B 109 21.37 21.26 -63.43
N PHE B 110 21.60 21.03 -62.14
CA PHE B 110 22.93 21.24 -61.58
C PHE B 110 23.92 20.28 -62.22
N HIS B 111 23.51 19.01 -62.36
CA HIS B 111 24.36 18.02 -63.02
C HIS B 111 24.53 18.38 -64.48
N ASP B 112 23.46 18.91 -65.10
CA ASP B 112 23.49 19.34 -66.50
C ASP B 112 24.63 20.34 -66.68
N SER B 113 24.68 21.34 -65.80
CA SER B 113 25.73 22.34 -65.82
C SER B 113 27.10 21.70 -65.66
N ASN B 114 27.22 20.76 -64.72
CA ASN B 114 28.50 20.11 -64.47
C ASN B 114 29.00 19.39 -65.72
N VAL B 115 28.10 18.69 -66.41
CA VAL B 115 28.51 17.99 -67.63
C VAL B 115 28.85 18.99 -68.73
N LYS B 116 27.96 19.97 -68.97
CA LYS B 116 28.24 20.99 -69.99
C LYS B 116 29.50 21.77 -69.66
N ASN B 117 29.82 21.88 -68.38
CA ASN B 117 31.05 22.54 -67.97
C ASN B 117 32.24 21.63 -68.23
N LEU B 118 32.01 20.33 -68.35
CA LEU B 118 33.09 19.38 -68.64
C LEU B 118 33.26 19.24 -70.14
N TYR B 119 32.19 19.46 -70.90
CA TYR B 119 32.27 19.42 -72.36
C TYR B 119 33.19 20.52 -72.83
N GLU B 120 33.22 21.63 -72.09
CA GLU B 120 34.14 22.73 -72.26
C GLU B 120 35.36 22.35 -71.42
N LYS B 121 36.37 23.22 -71.34
CA LYS B 121 37.59 22.93 -70.60
C LYS B 121 38.33 21.80 -71.32
N VAL B 122 37.67 21.18 -72.30
CA VAL B 122 38.26 20.20 -73.19
C VAL B 122 38.11 20.66 -74.63
N LYS B 123 37.00 21.30 -74.95
CA LYS B 123 36.82 21.97 -76.22
C LYS B 123 37.69 23.22 -76.21
N SER B 124 37.87 23.79 -75.01
CA SER B 124 38.69 24.96 -74.73
C SER B 124 40.19 24.65 -74.68
N GLN B 125 40.56 23.38 -74.46
CA GLN B 125 41.94 22.90 -74.43
C GLN B 125 42.37 22.42 -75.82
N LEU B 126 41.48 21.64 -76.45
CA LEU B 126 41.68 21.14 -77.81
C LEU B 126 41.09 22.15 -78.79
N LYS B 127 41.66 23.36 -78.73
CA LYS B 127 41.20 24.48 -79.55
C LYS B 127 41.20 24.11 -81.02
N ASN B 128 42.34 23.64 -81.53
CA ASN B 128 42.48 23.23 -82.92
C ASN B 128 43.06 21.82 -83.01
N ASN B 129 43.12 21.11 -81.89
CA ASN B 129 43.75 19.81 -81.81
C ASN B 129 42.79 18.63 -81.95
N ALA B 130 41.51 18.85 -82.21
CA ALA B 130 40.62 17.70 -82.35
C ALA B 130 39.35 18.12 -83.07
N LYS B 131 38.71 17.14 -83.70
CA LYS B 131 37.49 17.35 -84.46
C LYS B 131 36.28 17.23 -83.54
N GLU B 132 35.43 18.25 -83.53
CA GLU B 132 34.24 18.26 -82.68
C GLU B 132 33.01 17.79 -83.45
N ILE B 133 32.53 16.58 -83.13
CA ILE B 133 31.33 16.01 -83.74
C ILE B 133 30.17 16.31 -82.78
N GLY B 134 29.00 16.65 -83.33
CA GLY B 134 27.88 17.06 -82.49
C GLY B 134 27.17 16.06 -81.60
N ASN B 135 27.88 14.99 -81.25
CA ASN B 135 27.38 13.96 -80.35
C ASN B 135 28.13 13.99 -79.03
N GLY B 136 28.79 15.11 -78.73
CA GLY B 136 29.55 15.23 -77.50
C GLY B 136 30.91 14.57 -77.53
N CYS B 137 31.38 14.15 -78.71
CA CYS B 137 32.64 13.46 -78.87
C CYS B 137 33.65 14.30 -79.64
N PHE B 138 34.93 13.96 -79.44
CA PHE B 138 36.05 14.63 -80.09
C PHE B 138 36.95 13.61 -80.75
N GLU B 139 37.08 13.70 -82.08
CA GLU B 139 37.96 12.82 -82.86
C GLU B 139 39.33 13.47 -82.93
N PHE B 140 40.34 12.79 -82.38
CA PHE B 140 41.70 13.32 -82.42
C PHE B 140 42.32 13.13 -83.78
N TYR B 141 43.01 14.17 -84.28
CA TYR B 141 43.77 13.89 -85.48
C TYR B 141 45.02 13.18 -84.99
N HIS B 142 45.35 13.48 -83.73
CA HIS B 142 46.37 12.83 -82.95
C HIS B 142 45.94 11.39 -82.75
N LYS B 143 46.86 10.59 -82.29
CA LYS B 143 46.60 9.21 -81.90
C LYS B 143 46.85 9.16 -80.40
N CYS B 144 46.35 10.20 -79.70
CA CYS B 144 46.58 10.45 -78.27
C CYS B 144 46.53 9.19 -77.43
N ASN B 145 47.72 8.82 -76.93
CA ASN B 145 47.97 7.63 -76.13
C ASN B 145 47.52 7.84 -74.68
N ASP B 146 47.84 6.85 -73.85
CA ASP B 146 47.46 6.90 -72.45
C ASP B 146 48.32 7.84 -71.62
N GLU B 147 49.15 8.68 -72.25
CA GLU B 147 49.95 9.68 -71.55
C GLU B 147 49.34 11.06 -71.70
N CYS B 148 49.00 11.43 -72.94
CA CYS B 148 48.33 12.69 -73.20
C CYS B 148 46.86 12.59 -72.85
N MET B 149 46.35 11.36 -72.74
CA MET B 149 44.95 11.17 -72.38
C MET B 149 44.70 11.62 -70.96
N GLU B 150 45.58 11.22 -70.02
CA GLU B 150 45.46 11.73 -68.67
C GLU B 150 45.94 13.17 -68.60
N SER B 151 46.37 13.70 -69.74
CA SER B 151 46.80 15.07 -69.90
C SER B 151 45.72 15.95 -70.49
N VAL B 152 44.46 15.51 -70.45
CA VAL B 152 43.35 16.33 -70.89
C VAL B 152 42.70 16.96 -69.65
N LYS B 153 42.94 16.37 -68.47
CA LYS B 153 42.46 16.95 -67.22
C LYS B 153 43.22 18.23 -66.90
N ASN B 154 44.52 18.25 -67.23
CA ASN B 154 45.50 19.33 -67.10
C ASN B 154 46.19 19.44 -68.45
N GLY B 155 47.43 19.94 -68.48
CA GLY B 155 48.14 20.00 -69.74
C GLY B 155 49.17 21.07 -70.02
N THR B 156 50.35 20.57 -70.36
CA THR B 156 51.56 21.31 -70.78
C THR B 156 51.86 20.48 -72.03
N TYR B 157 51.21 20.86 -73.12
CA TYR B 157 51.14 20.16 -74.38
C TYR B 157 52.32 20.24 -75.33
N ASP B 158 52.51 19.13 -76.05
CA ASP B 158 53.41 19.02 -77.21
C ASP B 158 52.52 19.72 -78.23
N TYR B 159 52.34 21.00 -77.95
CA TYR B 159 51.36 21.86 -78.59
C TYR B 159 51.37 21.97 -80.11
N PRO B 160 52.50 22.04 -80.81
CA PRO B 160 52.44 22.21 -82.26
C PRO B 160 51.49 21.26 -82.98
N LYS B 161 50.61 21.83 -83.77
CA LYS B 161 49.66 21.07 -84.56
C LYS B 161 50.36 20.36 -85.71
N TYR B 162 50.01 19.10 -85.93
CA TYR B 162 50.53 18.41 -87.09
C TYR B 162 49.37 18.40 -88.09
N SER B 163 49.68 18.63 -89.36
CA SER B 163 48.66 18.77 -90.41
C SER B 163 47.86 17.53 -90.75
N GLU B 164 46.54 17.75 -90.84
CA GLU B 164 45.51 16.82 -91.29
C GLU B 164 44.47 17.62 -92.10
N GLU B 165 44.86 18.79 -92.59
CA GLU B 165 44.04 19.73 -93.34
C GLU B 165 44.39 19.75 -94.83
N ILE C 7 -45.51 -18.22 71.98
CA ILE C 7 -44.33 -17.85 71.21
C ILE C 7 -43.61 -19.12 70.73
N CYS C 8 -43.27 -19.17 69.44
CA CYS C 8 -42.59 -20.32 68.84
C CYS C 8 -41.39 -19.88 68.01
N ILE C 9 -40.36 -20.72 67.98
CA ILE C 9 -39.16 -20.46 67.20
C ILE C 9 -39.09 -21.50 66.07
N GLY C 10 -38.93 -21.03 64.84
CA GLY C 10 -38.87 -21.89 63.67
C GLY C 10 -38.01 -21.26 62.58
N TYR C 11 -38.29 -21.62 61.32
CA TYR C 11 -37.51 -21.10 60.21
C TYR C 11 -38.37 -20.88 58.96
N HIS C 12 -37.78 -20.15 58.01
CA HIS C 12 -38.35 -19.74 56.74
C HIS C 12 -38.46 -20.91 55.75
N ALA C 13 -39.22 -20.68 54.67
CA ALA C 13 -39.44 -21.63 53.59
C ALA C 13 -39.93 -20.81 52.41
N ASN C 14 -39.66 -21.30 51.18
CA ASN C 14 -40.05 -20.62 49.94
C ASN C 14 -40.53 -21.64 48.92
N ASN C 15 -40.72 -21.16 47.68
CA ASN C 15 -41.15 -21.98 46.55
C ASN C 15 -39.97 -22.49 45.74
N SER C 16 -38.74 -22.13 46.12
CA SER C 16 -37.53 -22.54 45.40
C SER C 16 -37.38 -24.05 45.27
N THR C 17 -37.11 -24.49 44.04
CA THR C 17 -36.86 -25.88 43.71
C THR C 17 -35.37 -26.14 43.46
N ASP C 18 -34.52 -25.28 44.02
CA ASP C 18 -33.07 -25.33 43.84
C ASP C 18 -32.44 -26.52 44.55
N THR C 19 -32.07 -27.55 43.77
CA THR C 19 -31.36 -28.70 44.31
C THR C 19 -29.89 -28.31 44.55
N VAL C 20 -29.21 -28.96 45.51
CA VAL C 20 -27.81 -28.55 45.73
C VAL C 20 -26.81 -29.66 46.02
N ASP C 21 -27.27 -30.85 46.39
CA ASP C 21 -26.30 -31.91 46.63
C ASP C 21 -25.24 -31.61 47.68
N THR C 22 -25.57 -31.81 48.95
CA THR C 22 -24.62 -31.59 50.02
C THR C 22 -23.65 -32.78 50.12
N VAL C 23 -22.70 -32.73 51.06
CA VAL C 23 -21.72 -33.79 51.18
C VAL C 23 -22.28 -35.05 51.81
N LEU C 24 -23.57 -35.09 52.09
CA LEU C 24 -24.13 -36.28 52.70
C LEU C 24 -25.50 -36.59 52.15
N GLU C 25 -25.98 -35.83 51.17
CA GLU C 25 -27.27 -36.12 50.58
C GLU C 25 -27.33 -35.44 49.23
N LYS C 26 -27.89 -36.13 48.26
CA LYS C 26 -28.10 -35.58 46.94
C LYS C 26 -29.51 -34.98 46.94
N ASN C 27 -29.91 -34.40 45.81
CA ASN C 27 -31.27 -33.86 45.64
C ASN C 27 -31.77 -33.00 46.81
N VAL C 28 -30.87 -32.22 47.41
CA VAL C 28 -31.26 -31.40 48.57
C VAL C 28 -31.92 -30.11 48.10
N THR C 29 -33.23 -29.98 48.36
CA THR C 29 -33.95 -28.76 47.99
C THR C 29 -33.60 -27.66 48.98
N VAL C 30 -33.46 -26.42 48.48
CA VAL C 30 -33.06 -25.28 49.31
C VAL C 30 -33.78 -24.02 48.84
N THR C 31 -33.92 -23.06 49.77
CA THR C 31 -34.61 -21.79 49.52
C THR C 31 -33.79 -20.80 48.69
N HIS C 32 -32.50 -20.67 48.96
CA HIS C 32 -31.66 -19.71 48.24
C HIS C 32 -30.32 -20.32 47.85
N SER C 33 -29.78 -19.87 46.72
CA SER C 33 -28.50 -20.36 46.21
C SER C 33 -27.93 -19.32 45.24
N VAL C 34 -26.90 -19.72 44.48
CA VAL C 34 -26.25 -18.90 43.47
C VAL C 34 -25.63 -19.85 42.46
N ASN C 35 -25.78 -19.55 41.16
CA ASN C 35 -25.29 -20.48 40.15
C ASN C 35 -23.76 -20.63 40.15
N LEU C 36 -23.02 -19.57 40.51
CA LEU C 36 -21.56 -19.56 40.63
C LEU C 36 -20.77 -20.12 39.44
N LEU C 37 -21.46 -20.67 38.44
CA LEU C 37 -20.82 -21.26 37.26
C LEU C 37 -21.60 -20.87 36.03
N GLU C 38 -20.91 -20.28 35.07
CA GLU C 38 -21.51 -19.83 33.82
C GLU C 38 -21.58 -20.95 32.80
N ASP C 39 -22.75 -21.14 32.20
CA ASP C 39 -22.93 -22.16 31.19
C ASP C 39 -23.34 -21.61 29.85
N SER C 40 -24.13 -20.54 29.81
CA SER C 40 -24.57 -19.94 28.56
C SER C 40 -23.59 -18.87 28.06
N HIS C 41 -23.56 -18.68 26.73
CA HIS C 41 -22.66 -17.71 26.10
C HIS C 41 -23.36 -17.00 24.95
N ASN C 42 -22.69 -15.93 24.50
CA ASN C 42 -23.15 -15.03 23.45
C ASN C 42 -23.27 -15.66 22.05
N GLY C 43 -22.51 -16.71 21.75
CA GLY C 43 -22.64 -17.31 20.44
C GLY C 43 -22.00 -16.58 19.27
N LYS C 44 -21.41 -15.42 19.49
CA LYS C 44 -20.82 -14.62 18.41
C LYS C 44 -19.44 -14.11 18.77
N LEU C 45 -18.67 -13.75 17.73
CA LEU C 45 -17.35 -13.13 17.85
C LEU C 45 -17.54 -11.62 18.06
N CYS C 46 -17.45 -11.13 19.28
CA CYS C 46 -17.66 -9.72 19.60
C CYS C 46 -16.38 -8.89 19.61
N LEU C 47 -16.54 -7.59 19.93
CA LEU C 47 -15.41 -6.72 20.13
C LEU C 47 -14.92 -7.02 21.54
N LEU C 48 -13.86 -6.39 22.00
CA LEU C 48 -13.35 -6.66 23.34
C LEU C 48 -13.04 -5.33 24.00
N LYS C 49 -13.92 -4.87 24.88
CA LYS C 49 -13.76 -3.57 25.50
C LYS C 49 -13.53 -2.54 24.41
N GLY C 50 -14.39 -2.63 23.39
CA GLY C 50 -14.35 -1.73 22.26
C GLY C 50 -13.50 -2.13 21.11
N ILE C 51 -12.29 -2.65 21.37
CA ILE C 51 -11.39 -3.00 20.28
C ILE C 51 -11.85 -4.27 19.58
N ALA C 52 -11.71 -4.28 18.20
CA ALA C 52 -12.12 -5.31 17.27
C ALA C 52 -11.00 -6.27 16.93
N PRO C 53 -11.35 -7.51 16.61
CA PRO C 53 -10.33 -8.50 16.24
C PRO C 53 -10.00 -8.56 14.75
N LEU C 54 -8.76 -8.96 14.48
CA LEU C 54 -8.26 -9.14 13.12
C LEU C 54 -8.86 -10.43 12.62
N GLN C 55 -9.89 -10.32 11.79
CA GLN C 55 -10.54 -11.51 11.27
C GLN C 55 -9.83 -11.88 9.99
N LEU C 56 -9.17 -13.03 9.99
CA LEU C 56 -8.34 -13.52 8.89
C LEU C 56 -9.12 -14.13 7.73
N GLY C 57 -10.40 -14.43 7.90
CA GLY C 57 -11.14 -15.04 6.80
C GLY C 57 -10.54 -16.38 6.33
N ASN C 58 -10.49 -16.56 5.00
CA ASN C 58 -9.97 -17.79 4.41
C ASN C 58 -8.46 -17.87 4.54
N CYS C 59 -7.81 -16.86 5.13
CA CYS C 59 -6.37 -16.88 5.27
C CYS C 59 -5.95 -17.41 6.63
N SER C 60 -4.77 -18.04 6.61
CA SER C 60 -4.00 -18.59 7.72
C SER C 60 -2.91 -17.57 8.08
N VAL C 61 -2.28 -17.75 9.24
CA VAL C 61 -1.22 -16.81 9.63
C VAL C 61 -0.12 -16.74 8.58
N ALA C 62 0.28 -17.87 8.02
CA ALA C 62 1.34 -17.83 7.00
C ALA C 62 0.97 -16.89 5.84
N GLY C 63 -0.27 -16.97 5.31
CA GLY C 63 -0.66 -16.11 4.19
C GLY C 63 -0.85 -14.62 4.53
N TRP C 64 -1.42 -14.33 5.70
CA TRP C 64 -1.60 -12.94 6.11
C TRP C 64 -0.25 -12.23 6.26
N ILE C 65 0.67 -12.86 6.97
CA ILE C 65 1.93 -12.18 7.18
C ILE C 65 2.80 -12.26 5.93
N LEU C 66 2.53 -13.17 4.97
CA LEU C 66 3.34 -13.17 3.73
C LEU C 66 2.73 -12.33 2.64
N GLY C 67 1.44 -12.04 2.74
CA GLY C 67 0.73 -11.26 1.74
C GLY C 67 0.27 -12.10 0.57
N ASN C 68 -0.42 -13.19 0.88
CA ASN C 68 -1.00 -14.06 -0.12
C ASN C 68 -1.99 -13.25 -0.95
N PRO C 69 -1.84 -13.19 -2.28
CA PRO C 69 -2.75 -12.37 -3.09
C PRO C 69 -4.19 -12.52 -2.68
N GLU C 70 -4.57 -13.68 -2.16
CA GLU C 70 -5.95 -13.79 -1.73
C GLU C 70 -6.23 -13.04 -0.42
N CYS C 71 -5.19 -12.57 0.28
CA CYS C 71 -5.37 -11.89 1.58
C CYS C 71 -5.32 -10.38 1.48
N GLU C 72 -5.85 -9.93 0.34
CA GLU C 72 -5.93 -8.51 -0.07
C GLU C 72 -6.53 -7.64 1.01
N LEU C 73 -7.75 -7.96 1.43
CA LEU C 73 -8.53 -7.21 2.39
C LEU C 73 -7.98 -7.28 3.80
N LEU C 74 -7.02 -8.17 4.08
CA LEU C 74 -6.41 -8.27 5.41
C LEU C 74 -5.24 -7.29 5.59
N ILE C 75 -4.63 -6.82 4.50
CA ILE C 75 -3.50 -5.91 4.56
C ILE C 75 -3.84 -4.59 5.24
N SER C 76 -5.11 -4.20 5.24
CA SER C 76 -5.50 -2.94 5.87
C SER C 76 -5.27 -2.95 7.37
N LYS C 77 -5.92 -3.87 8.08
CA LYS C 77 -5.88 -3.88 9.55
C LYS C 77 -4.48 -4.00 10.08
N GLU C 78 -4.13 -3.06 10.98
CA GLU C 78 -2.79 -3.07 11.57
C GLU C 78 -2.77 -2.91 13.09
N SER C 79 -3.92 -3.03 13.77
CA SER C 79 -3.98 -2.99 15.23
C SER C 79 -5.19 -3.83 15.60
N TRP C 80 -5.16 -4.50 16.76
CA TRP C 80 -6.27 -5.38 17.10
C TRP C 80 -6.19 -5.91 18.53
N SER C 81 -7.34 -6.33 19.05
CA SER C 81 -7.44 -6.87 20.40
C SER C 81 -7.10 -8.36 20.47
N TYR C 82 -7.45 -9.13 19.45
CA TYR C 82 -7.10 -10.55 19.37
C TYR C 82 -7.21 -10.95 17.89
N ILE C 83 -6.86 -12.21 17.60
CA ILE C 83 -6.87 -12.69 16.22
C ILE C 83 -7.75 -13.94 16.11
N VAL C 84 -8.44 -14.09 14.97
CA VAL C 84 -9.29 -15.25 14.71
C VAL C 84 -8.83 -15.93 13.43
N GLU C 85 -8.81 -17.27 13.44
CA GLU C 85 -8.34 -18.07 12.32
C GLU C 85 -9.29 -19.24 12.04
N LYS C 86 -9.46 -19.57 10.78
CA LYS C 86 -10.30 -20.71 10.48
C LYS C 86 -9.54 -22.00 10.79
N PRO C 87 -10.22 -23.07 11.24
CA PRO C 87 -9.52 -24.32 11.58
C PRO C 87 -8.64 -24.86 10.45
N ASN C 88 -9.07 -24.75 9.21
CA ASN C 88 -8.29 -25.26 8.07
C ASN C 88 -8.23 -24.18 7.00
N PRO C 89 -7.47 -23.11 7.26
CA PRO C 89 -7.42 -21.97 6.31
C PRO C 89 -6.75 -22.33 5.01
N GLU C 90 -7.48 -22.12 3.91
CA GLU C 90 -7.05 -22.48 2.57
C GLU C 90 -6.20 -21.45 1.85
N ASN C 91 -5.89 -20.31 2.44
CA ASN C 91 -5.07 -19.33 1.72
C ASN C 91 -3.82 -19.02 2.51
N GLY C 92 -2.83 -19.91 2.38
CA GLY C 92 -1.55 -19.79 3.06
C GLY C 92 -0.36 -19.58 2.14
N THR C 93 0.59 -20.52 2.18
CA THR C 93 1.79 -20.46 1.35
C THR C 93 1.47 -20.99 -0.04
N CYS C 94 0.83 -20.12 -0.83
CA CYS C 94 0.41 -20.46 -2.19
C CYS C 94 1.53 -21.06 -3.03
N TYR C 95 2.79 -20.71 -2.76
CA TYR C 95 3.88 -21.38 -3.47
C TYR C 95 4.36 -22.36 -2.41
N PRO C 96 4.40 -23.64 -2.67
CA PRO C 96 4.76 -24.62 -1.63
C PRO C 96 6.15 -24.51 -1.04
N GLY C 97 6.25 -24.84 0.23
CA GLY C 97 7.56 -24.79 0.83
C GLY C 97 7.46 -24.88 2.34
N HIS C 98 8.65 -24.94 2.94
CA HIS C 98 8.78 -25.01 4.39
C HIS C 98 8.82 -23.59 4.89
N PHE C 99 8.02 -23.35 5.92
CA PHE C 99 7.96 -22.05 6.57
C PHE C 99 8.85 -22.17 7.80
N ALA C 100 10.00 -21.55 7.73
CA ALA C 100 10.91 -21.61 8.85
C ALA C 100 10.22 -21.26 10.15
N ASP C 101 10.15 -22.23 11.04
CA ASP C 101 9.67 -22.02 12.41
C ASP C 101 8.35 -21.29 12.46
N TYR C 102 7.43 -21.69 11.62
CA TYR C 102 6.13 -21.05 11.59
C TYR C 102 5.54 -20.87 12.99
N GLU C 103 5.58 -21.93 13.81
CA GLU C 103 4.94 -21.92 15.13
C GLU C 103 5.45 -20.82 16.03
N GLU C 104 6.74 -20.54 15.95
CA GLU C 104 7.35 -19.49 16.73
C GLU C 104 6.97 -18.14 16.21
N LEU C 105 6.81 -18.01 14.89
CA LEU C 105 6.36 -16.73 14.34
C LEU C 105 4.97 -16.41 14.84
N ARG C 106 4.12 -17.44 14.98
CA ARG C 106 2.77 -17.25 15.47
C ARG C 106 2.76 -16.75 16.91
N GLU C 107 3.54 -17.39 17.79
CA GLU C 107 3.53 -16.92 19.16
C GLU C 107 4.09 -15.51 19.24
N GLN C 108 4.94 -15.14 18.29
CA GLN C 108 5.46 -13.78 18.23
C GLN C 108 4.34 -12.79 17.92
N LEU C 109 3.51 -13.12 16.93
CA LEU C 109 2.40 -12.27 16.52
C LEU C 109 1.32 -12.25 17.58
N SER C 110 1.28 -13.26 18.45
CA SER C 110 0.29 -13.27 19.52
C SER C 110 0.56 -12.18 20.55
N SER C 111 1.78 -11.67 20.60
CA SER C 111 2.18 -10.61 21.50
C SER C 111 2.05 -9.24 20.89
N VAL C 112 1.92 -9.15 19.56
CA VAL C 112 1.80 -7.88 18.84
C VAL C 112 0.47 -7.21 19.13
N SER C 113 0.52 -5.90 19.43
CA SER C 113 -0.68 -5.10 19.66
C SER C 113 -0.90 -4.10 18.54
N SER C 114 0.09 -3.95 17.66
CA SER C 114 0.08 -2.98 16.60
C SER C 114 1.19 -3.30 15.60
N PHE C 115 0.95 -2.95 14.35
CA PHE C 115 1.83 -3.05 13.19
C PHE C 115 2.20 -1.71 12.64
N GLU C 116 3.18 -1.77 11.77
CA GLU C 116 3.54 -0.69 10.91
C GLU C 116 4.14 -1.39 9.71
N ARG C 117 3.28 -1.82 8.79
CA ARG C 117 3.78 -2.48 7.59
C ARG C 117 4.33 -1.42 6.65
N PHE C 118 5.58 -1.60 6.21
CA PHE C 118 6.24 -0.63 5.36
C PHE C 118 7.08 -1.35 4.33
N GLU C 119 7.30 -0.71 3.18
CA GLU C 119 8.04 -1.32 2.09
C GLU C 119 9.51 -1.08 2.35
N ILE C 120 10.14 -2.06 3.03
CA ILE C 120 11.57 -2.00 3.37
C ILE C 120 12.43 -1.85 2.12
N PHE C 121 12.15 -2.67 1.09
CA PHE C 121 12.91 -2.65 -0.16
C PHE C 121 11.82 -2.46 -1.20
N PRO C 122 11.47 -1.19 -1.50
CA PRO C 122 10.39 -0.87 -2.45
C PRO C 122 10.60 -1.40 -3.86
N LYS C 123 9.57 -2.06 -4.39
CA LYS C 123 9.63 -2.70 -5.71
C LYS C 123 10.26 -1.78 -6.77
N GLU C 124 9.68 -0.61 -6.97
CA GLU C 124 10.25 0.33 -7.92
C GLU C 124 11.47 0.96 -7.24
N SER C 125 12.62 0.96 -7.91
CA SER C 125 13.90 1.54 -7.48
C SER C 125 14.72 0.69 -6.48
N SER C 126 14.21 -0.39 -5.90
CA SER C 126 15.11 -1.16 -5.04
C SER C 126 16.03 -2.02 -5.87
N TRP C 127 15.49 -2.64 -6.91
CA TRP C 127 16.27 -3.55 -7.72
C TRP C 127 16.46 -3.16 -9.18
N PRO C 128 17.33 -2.20 -9.46
CA PRO C 128 17.68 -1.95 -10.85
C PRO C 128 18.56 -3.12 -11.24
N ASN C 129 18.75 -3.33 -12.52
CA ASN C 129 19.59 -4.42 -13.02
C ASN C 129 19.03 -5.83 -12.75
N HIS C 130 17.85 -5.99 -12.11
CA HIS C 130 17.18 -7.28 -11.90
C HIS C 130 15.70 -7.12 -12.23
N THR C 131 15.12 -8.06 -12.97
CA THR C 131 13.70 -7.93 -13.26
C THR C 131 12.93 -8.32 -12.01
N VAL C 132 11.98 -7.48 -11.60
CA VAL C 132 11.23 -7.73 -10.38
C VAL C 132 9.81 -8.14 -10.71
N THR C 133 9.57 -8.47 -11.97
CA THR C 133 8.30 -9.00 -12.38
C THR C 133 8.32 -10.44 -11.90
N GLY C 134 7.30 -11.19 -12.20
CA GLY C 134 7.37 -12.55 -11.75
C GLY C 134 6.30 -12.85 -10.75
N VAL C 135 5.42 -13.70 -11.21
CA VAL C 135 4.28 -14.17 -10.49
C VAL C 135 4.18 -15.68 -10.74
N SER C 136 3.23 -16.31 -10.09
CA SER C 136 3.08 -17.73 -10.30
C SER C 136 1.60 -18.04 -10.43
N ALA C 137 1.28 -19.01 -11.28
CA ALA C 137 -0.09 -19.45 -11.39
C ALA C 137 -0.55 -20.06 -10.06
N SER C 138 0.42 -20.42 -9.21
CA SER C 138 0.18 -20.98 -7.89
C SER C 138 -0.39 -19.96 -6.95
N CYS C 139 0.03 -18.71 -7.09
CA CYS C 139 -0.39 -17.57 -6.29
C CYS C 139 -1.24 -16.62 -7.11
N SER C 140 -2.22 -17.17 -7.81
CA SER C 140 -3.10 -16.43 -8.70
C SER C 140 -4.12 -15.62 -7.95
N HIS C 141 -4.38 -14.43 -8.45
CA HIS C 141 -5.37 -13.56 -7.83
C HIS C 141 -6.26 -12.95 -8.89
N ASN C 142 -7.56 -13.15 -8.73
CA ASN C 142 -8.54 -12.58 -9.64
C ASN C 142 -8.26 -12.99 -11.08
N GLY C 143 -8.10 -14.31 -11.28
CA GLY C 143 -7.89 -14.88 -12.61
C GLY C 143 -6.50 -14.81 -13.17
N LYS C 144 -5.69 -13.86 -12.75
CA LYS C 144 -4.34 -13.71 -13.25
C LYS C 144 -3.36 -14.29 -12.24
N SER C 145 -2.16 -14.65 -12.70
CA SER C 145 -1.13 -15.09 -11.78
C SER C 145 -0.71 -13.87 -10.92
N SER C 146 -0.34 -14.13 -9.68
CA SER C 146 0.08 -13.02 -8.83
C SER C 146 1.19 -13.52 -7.90
N PHE C 147 1.46 -12.75 -6.84
CA PHE C 147 2.52 -13.10 -5.90
C PHE C 147 2.22 -12.52 -4.54
N TYR C 148 3.09 -12.82 -3.60
CA TYR C 148 2.90 -12.33 -2.25
C TYR C 148 2.95 -10.82 -2.28
N LYS C 149 2.18 -10.19 -1.41
CA LYS C 149 2.32 -8.75 -1.46
C LYS C 149 3.62 -8.31 -0.77
N ASN C 150 4.12 -9.07 0.24
CA ASN C 150 5.28 -8.69 1.02
C ASN C 150 6.62 -9.20 0.50
N LEU C 151 6.65 -10.22 -0.34
CA LEU C 151 7.91 -10.67 -0.91
C LEU C 151 8.04 -10.14 -2.34
N LEU C 152 9.12 -10.50 -3.03
CA LEU C 152 9.31 -10.01 -4.39
C LEU C 152 10.27 -10.98 -5.06
N TRP C 153 9.93 -11.44 -6.27
CA TRP C 153 10.69 -12.44 -7.00
C TRP C 153 11.73 -11.84 -7.94
N LEU C 154 12.99 -11.83 -7.51
CA LEU C 154 14.04 -11.29 -8.36
C LEU C 154 14.57 -12.39 -9.27
N THR C 155 14.63 -12.09 -10.57
CA THR C 155 15.10 -13.00 -11.60
C THR C 155 16.06 -12.27 -12.54
N GLY C 156 16.77 -13.01 -13.37
CA GLY C 156 17.74 -12.38 -14.27
C GLY C 156 17.10 -11.43 -15.27
N LYS C 157 17.81 -10.35 -15.54
CA LYS C 157 17.40 -9.27 -16.43
C LYS C 157 18.54 -9.00 -17.40
N ASN C 158 18.27 -9.16 -18.71
CA ASN C 158 19.28 -9.01 -19.76
C ASN C 158 20.35 -10.10 -19.62
N GLY C 159 19.89 -11.34 -19.42
CA GLY C 159 20.73 -12.53 -19.28
C GLY C 159 21.74 -12.49 -18.16
N LEU C 160 21.47 -11.71 -17.11
CA LEU C 160 22.36 -11.55 -15.99
C LEU C 160 21.60 -11.38 -14.68
N TYR C 161 22.14 -11.99 -13.61
CA TYR C 161 21.66 -11.86 -12.24
C TYR C 161 22.91 -11.38 -11.49
N PRO C 162 23.27 -10.10 -11.63
CA PRO C 162 24.51 -9.58 -11.02
C PRO C 162 24.56 -9.71 -9.50
N ASN C 163 25.79 -9.77 -8.95
CA ASN C 163 25.98 -9.89 -7.50
C ASN C 163 25.15 -8.80 -6.82
N LEU C 164 24.34 -9.23 -5.86
CA LEU C 164 23.37 -8.42 -5.15
C LEU C 164 23.74 -8.20 -3.69
N SER C 165 23.53 -6.98 -3.20
CA SER C 165 23.80 -6.69 -1.79
C SER C 165 22.87 -5.56 -1.33
N LYS C 166 21.84 -5.88 -0.55
CA LYS C 166 20.91 -4.85 -0.09
C LYS C 166 20.87 -4.86 1.43
N SER C 167 21.08 -3.68 2.02
CA SER C 167 21.13 -3.52 3.46
C SER C 167 20.08 -2.53 3.91
N TYR C 168 19.50 -2.77 5.07
CA TYR C 168 18.49 -1.92 5.70
C TYR C 168 18.88 -1.70 7.15
N ALA C 169 18.80 -0.45 7.61
CA ALA C 169 19.13 -0.05 8.97
C ALA C 169 17.84 0.25 9.73
N ASN C 170 17.62 -0.41 10.86
CA ASN C 170 16.41 -0.26 11.65
C ASN C 170 16.31 1.06 12.41
N ASN C 171 15.72 2.07 11.76
CA ASN C 171 15.53 3.39 12.34
C ASN C 171 14.10 3.55 12.86
N LYS C 172 13.38 2.46 12.99
CA LYS C 172 12.00 2.49 13.46
C LYS C 172 11.90 2.45 14.97
N GLU C 173 13.02 2.21 15.67
CA GLU C 173 13.06 2.11 17.14
C GLU C 173 11.98 1.14 17.66
N LYS C 174 11.82 0.04 16.93
CA LYS C 174 10.89 -1.02 17.23
C LYS C 174 11.48 -2.28 16.60
N GLU C 175 11.06 -3.46 17.08
CA GLU C 175 11.59 -4.68 16.47
C GLU C 175 10.92 -4.83 15.10
N VAL C 176 11.73 -5.03 14.07
CA VAL C 176 11.22 -5.11 12.70
C VAL C 176 11.20 -6.55 12.26
N LEU C 177 9.99 -7.09 12.05
CA LEU C 177 9.79 -8.46 11.57
C LEU C 177 10.11 -8.48 10.10
N VAL C 178 11.27 -9.00 9.70
CA VAL C 178 11.64 -9.05 8.30
C VAL C 178 11.40 -10.46 7.77
N LEU C 179 10.79 -10.58 6.58
CA LEU C 179 10.51 -11.86 5.96
C LEU C 179 11.18 -11.96 4.60
N TRP C 180 11.44 -13.18 4.17
CA TRP C 180 12.06 -13.41 2.86
C TRP C 180 11.96 -14.90 2.55
N GLY C 181 12.38 -15.27 1.36
CA GLY C 181 12.30 -16.66 0.97
C GLY C 181 13.44 -17.00 0.04
N VAL C 182 13.67 -18.31 -0.14
CA VAL C 182 14.68 -18.82 -1.06
C VAL C 182 13.94 -19.77 -1.99
N HIS C 183 14.25 -19.71 -3.28
CA HIS C 183 13.57 -20.51 -4.28
C HIS C 183 14.41 -21.66 -4.80
N HIS C 184 13.84 -22.85 -4.80
CA HIS C 184 14.52 -24.06 -5.25
C HIS C 184 13.84 -24.63 -6.48
N PRO C 185 14.39 -24.42 -7.67
CA PRO C 185 13.78 -24.95 -8.94
C PRO C 185 13.87 -26.47 -9.07
N PRO C 186 13.04 -27.08 -9.89
CA PRO C 186 13.13 -28.55 -10.04
C PRO C 186 14.21 -29.00 -11.02
N ASN C 187 14.49 -28.24 -12.08
CA ASN C 187 15.52 -28.58 -13.05
C ASN C 187 16.76 -27.77 -12.84
N ILE C 188 17.82 -28.18 -13.51
CA ILE C 188 18.98 -27.32 -13.53
C ILE C 188 18.68 -26.30 -14.63
N GLY C 189 17.81 -26.69 -15.57
CA GLY C 189 17.42 -25.81 -16.65
C GLY C 189 16.81 -24.51 -16.15
N ASP C 190 15.79 -24.62 -15.29
CA ASP C 190 15.15 -23.42 -14.75
C ASP C 190 16.15 -22.58 -13.99
N GLN C 191 17.09 -23.24 -13.28
CA GLN C 191 18.10 -22.55 -12.46
C GLN C 191 19.04 -21.71 -13.32
N ARG C 192 19.56 -22.30 -14.41
CA ARG C 192 20.47 -21.57 -15.29
C ARG C 192 19.71 -20.51 -16.09
N ALA C 193 18.49 -20.83 -16.54
CA ALA C 193 17.69 -19.90 -17.33
C ALA C 193 17.09 -18.76 -16.50
N LEU C 194 16.77 -19.00 -15.24
CA LEU C 194 16.16 -17.97 -14.39
C LEU C 194 17.20 -17.12 -13.65
N TYR C 195 18.24 -17.76 -13.11
CA TYR C 195 19.23 -17.05 -12.30
C TYR C 195 20.62 -16.96 -12.87
N HIS C 196 20.93 -17.64 -13.99
CA HIS C 196 22.23 -17.54 -14.66
C HIS C 196 23.41 -17.96 -13.80
N THR C 197 23.27 -19.07 -13.09
CA THR C 197 24.35 -19.59 -12.26
C THR C 197 23.88 -20.88 -11.62
N GLU C 198 24.85 -21.69 -11.23
CA GLU C 198 24.61 -22.94 -10.51
C GLU C 198 25.14 -22.87 -9.08
N ASN C 199 25.96 -21.86 -8.76
CA ASN C 199 26.52 -21.65 -7.44
C ASN C 199 25.40 -21.20 -6.53
N ALA C 200 24.85 -20.00 -6.77
CA ALA C 200 23.70 -19.52 -6.03
C ALA C 200 23.68 -19.55 -4.49
N TYR C 201 24.15 -18.50 -3.83
CA TYR C 201 24.05 -18.40 -2.37
C TYR C 201 22.98 -17.33 -2.04
N VAL C 202 22.66 -17.22 -0.76
CA VAL C 202 21.79 -16.19 -0.22
C VAL C 202 22.35 -15.91 1.19
N SER C 203 22.97 -14.79 1.38
CA SER C 203 23.50 -14.47 2.68
C SER C 203 22.51 -13.55 3.38
N VAL C 204 22.04 -13.93 4.57
CA VAL C 204 21.13 -13.07 5.33
C VAL C 204 21.81 -12.95 6.67
N VAL C 205 22.34 -11.76 6.97
CA VAL C 205 23.12 -11.54 8.18
C VAL C 205 22.78 -10.22 8.88
N SER C 206 22.38 -10.31 10.15
CA SER C 206 22.19 -9.18 11.03
C SER C 206 23.33 -9.25 12.04
N SER C 207 23.29 -8.42 13.09
CA SER C 207 24.36 -8.54 14.05
C SER C 207 24.08 -9.67 15.01
N HIS C 208 22.81 -10.11 15.07
CA HIS C 208 22.41 -11.21 15.92
C HIS C 208 21.69 -12.35 15.19
N TYR C 209 21.77 -12.37 13.86
CA TYR C 209 21.20 -13.41 12.99
C TYR C 209 22.15 -13.60 11.81
N SER C 210 22.59 -14.83 11.57
CA SER C 210 23.44 -15.12 10.41
C SER C 210 23.07 -16.51 9.92
N ARG C 211 22.97 -16.66 8.61
CA ARG C 211 22.58 -17.88 7.91
C ARG C 211 22.95 -17.71 6.46
N LYS C 212 23.46 -18.76 5.85
CA LYS C 212 23.80 -18.80 4.43
C LYS C 212 22.86 -19.77 3.76
N PHE C 213 22.21 -19.34 2.68
CA PHE C 213 21.25 -20.22 2.01
C PHE C 213 21.77 -20.67 0.67
N THR C 214 21.53 -21.96 0.39
CA THR C 214 21.95 -22.58 -0.85
C THR C 214 20.77 -23.38 -1.40
N PRO C 215 20.55 -23.31 -2.70
CA PRO C 215 19.42 -24.03 -3.31
C PRO C 215 19.69 -25.50 -3.55
N GLU C 216 18.73 -26.31 -3.17
CA GLU C 216 18.76 -27.73 -3.39
C GLU C 216 17.77 -27.99 -4.53
N ILE C 217 18.29 -28.33 -5.71
CA ILE C 217 17.49 -28.63 -6.89
C ILE C 217 17.18 -30.13 -6.96
N ALA C 218 15.92 -30.45 -7.20
CA ALA C 218 15.47 -31.82 -7.34
C ALA C 218 14.01 -31.79 -7.80
N LYS C 219 13.57 -32.92 -8.40
CA LYS C 219 12.18 -33.03 -8.84
C LYS C 219 11.37 -33.59 -7.67
N ARG C 220 10.21 -33.00 -7.43
CA ARG C 220 9.36 -33.30 -6.28
C ARG C 220 7.92 -33.55 -6.69
N PRO C 221 7.12 -34.14 -5.81
CA PRO C 221 5.72 -34.33 -6.16
C PRO C 221 5.09 -32.96 -6.36
N LYS C 222 4.30 -32.84 -7.41
CA LYS C 222 3.64 -31.59 -7.72
C LYS C 222 2.58 -31.24 -6.68
N VAL C 223 2.73 -30.09 -6.04
CA VAL C 223 1.73 -29.53 -5.12
C VAL C 223 1.36 -28.17 -5.68
N ARG C 224 0.06 -27.93 -5.82
CA ARG C 224 -0.42 -26.72 -6.46
C ARG C 224 0.24 -26.60 -7.82
N ASP C 225 0.22 -27.74 -8.54
CA ASP C 225 0.74 -27.91 -9.89
C ASP C 225 2.20 -27.45 -9.98
N GLN C 226 2.87 -27.35 -8.83
CA GLN C 226 4.24 -26.88 -8.77
C GLN C 226 5.24 -27.93 -8.26
N GLU C 227 6.33 -28.10 -8.99
CA GLU C 227 7.40 -28.99 -8.61
C GLU C 227 8.47 -28.26 -7.83
N GLY C 228 8.63 -26.97 -8.05
CA GLY C 228 9.59 -26.19 -7.31
C GLY C 228 9.03 -25.94 -5.93
N ARG C 229 9.80 -25.21 -5.13
CA ARG C 229 9.41 -24.86 -3.76
C ARG C 229 10.05 -23.53 -3.42
N ILE C 230 9.50 -22.85 -2.42
CA ILE C 230 10.08 -21.62 -1.92
C ILE C 230 10.11 -21.71 -0.40
N ASN C 231 11.30 -21.72 0.19
CA ASN C 231 11.39 -21.79 1.64
C ASN C 231 11.36 -20.38 2.21
N TYR C 232 10.49 -20.16 3.18
CA TYR C 232 10.27 -18.86 3.78
C TYR C 232 10.95 -18.78 5.14
N TYR C 233 11.83 -17.79 5.30
CA TYR C 233 12.56 -17.61 6.54
C TYR C 233 12.19 -16.25 7.09
N TRP C 234 12.62 -15.91 8.31
CA TRP C 234 12.23 -14.64 8.91
C TRP C 234 13.04 -14.31 10.15
N THR C 235 13.08 -13.02 10.48
CA THR C 235 13.78 -12.63 11.71
C THR C 235 13.34 -11.28 12.22
N LEU C 236 13.32 -11.13 13.52
CA LEU C 236 13.05 -9.83 14.09
C LEU C 236 14.42 -9.13 14.19
N LEU C 237 14.45 -7.84 13.88
CA LEU C 237 15.66 -7.02 13.82
C LEU C 237 15.54 -5.93 14.87
N GLU C 238 16.41 -5.96 15.88
CA GLU C 238 16.32 -5.01 16.98
C GLU C 238 16.71 -3.58 16.56
N PRO C 239 16.20 -2.57 17.27
CA PRO C 239 16.48 -1.17 16.91
C PRO C 239 17.96 -0.85 16.82
N GLY C 240 18.32 -0.14 15.76
CA GLY C 240 19.68 0.25 15.52
C GLY C 240 20.39 -0.74 14.66
N ASP C 241 19.96 -1.99 14.77
CA ASP C 241 20.56 -3.08 14.03
C ASP C 241 20.38 -2.91 12.53
N THR C 242 21.30 -3.49 11.77
CA THR C 242 21.30 -3.48 10.32
C THR C 242 21.17 -4.90 9.84
N ILE C 243 20.43 -5.11 8.73
CA ILE C 243 20.24 -6.44 8.14
C ILE C 243 20.68 -6.37 6.68
N ILE C 244 21.57 -7.26 6.29
CA ILE C 244 22.12 -7.27 4.93
C ILE C 244 21.72 -8.56 4.19
N PHE C 245 21.05 -8.43 3.04
CA PHE C 245 20.70 -9.57 2.21
C PHE C 245 21.63 -9.55 1.00
N GLU C 246 22.37 -10.62 0.76
CA GLU C 246 23.26 -10.75 -0.38
C GLU C 246 22.91 -12.01 -1.16
N ALA C 247 23.13 -12.00 -2.48
CA ALA C 247 22.76 -13.19 -3.25
C ALA C 247 23.32 -13.23 -4.67
N ASN C 248 23.52 -14.44 -5.16
CA ASN C 248 23.95 -14.77 -6.51
C ASN C 248 22.75 -15.12 -7.39
N GLY C 249 21.63 -15.31 -6.75
CA GLY C 249 20.41 -15.73 -7.39
C GLY C 249 19.60 -16.42 -6.32
N ASN C 250 18.43 -16.89 -6.73
CA ASN C 250 17.53 -17.66 -5.90
C ASN C 250 16.94 -16.91 -4.71
N LEU C 251 17.16 -15.61 -4.60
CA LEU C 251 16.57 -14.87 -3.49
C LEU C 251 15.23 -14.23 -3.89
N ILE C 252 14.22 -14.52 -3.07
CA ILE C 252 12.91 -13.91 -3.11
C ILE C 252 13.10 -12.82 -2.08
N ALA C 253 13.46 -11.60 -2.52
CA ALA C 253 13.80 -10.51 -1.59
C ALA C 253 12.59 -10.04 -0.79
N PRO C 254 12.83 -9.39 0.36
CA PRO C 254 11.71 -8.87 1.15
C PRO C 254 11.24 -7.62 0.46
N ARG C 255 9.94 -7.38 0.47
CA ARG C 255 9.46 -6.14 -0.09
C ARG C 255 8.85 -5.29 1.00
N TYR C 256 7.86 -5.78 1.71
CA TYR C 256 7.24 -5.06 2.82
C TYR C 256 7.59 -5.79 4.09
N ALA C 257 7.83 -5.05 5.16
CA ALA C 257 8.14 -5.60 6.47
C ALA C 257 7.06 -5.14 7.44
N PHE C 258 7.22 -5.45 8.72
CA PHE C 258 6.30 -5.01 9.78
C PHE C 258 7.06 -4.51 11.01
N ALA C 259 6.75 -3.26 11.44
CA ALA C 259 7.35 -2.65 12.62
C ALA C 259 6.39 -2.92 13.77
N LEU C 260 6.72 -3.91 14.59
CA LEU C 260 5.84 -4.35 15.66
C LEU C 260 5.87 -3.51 16.92
N SER C 261 4.69 -3.36 17.52
CA SER C 261 4.50 -2.80 18.84
C SER C 261 3.82 -3.92 19.60
N ARG C 262 4.47 -4.40 20.66
CA ARG C 262 3.93 -5.53 21.38
C ARG C 262 2.94 -5.05 22.41
N GLY C 263 2.14 -5.97 22.91
CA GLY C 263 1.11 -5.63 23.85
C GLY C 263 0.80 -6.75 24.82
N PHE C 264 -0.32 -6.61 25.50
CA PHE C 264 -0.74 -7.56 26.51
C PHE C 264 -1.71 -8.57 25.92
N GLY C 265 -2.34 -9.38 26.78
CA GLY C 265 -3.20 -10.48 26.37
C GLY C 265 -4.10 -10.37 25.16
N SER C 266 -3.58 -11.03 24.12
CA SER C 266 -4.17 -11.19 22.80
C SER C 266 -3.86 -12.61 22.41
N GLY C 267 -4.42 -13.07 21.32
CA GLY C 267 -4.11 -14.43 20.94
C GLY C 267 -4.80 -14.76 19.65
N ILE C 268 -4.41 -15.91 19.10
CA ILE C 268 -4.99 -16.43 17.88
C ILE C 268 -5.99 -17.50 18.30
N ILE C 269 -7.23 -17.36 17.90
CA ILE C 269 -8.20 -18.37 18.29
C ILE C 269 -8.82 -18.92 17.01
N ASN C 270 -9.29 -20.17 17.09
CA ASN C 270 -9.95 -20.83 15.97
C ASN C 270 -11.44 -20.80 16.29
N SER C 271 -12.23 -20.28 15.37
CA SER C 271 -13.65 -20.17 15.64
C SER C 271 -14.45 -19.94 14.36
N ASN C 272 -15.64 -20.54 14.30
CA ASN C 272 -16.57 -20.38 13.19
C ASN C 272 -17.78 -19.55 13.58
N ALA C 273 -17.75 -18.98 14.78
CA ALA C 273 -18.85 -18.16 15.23
C ALA C 273 -18.88 -16.87 14.41
N PRO C 274 -20.07 -16.30 14.23
CA PRO C 274 -20.20 -15.09 13.41
C PRO C 274 -19.85 -13.81 14.16
N MET C 275 -19.66 -12.75 13.39
CA MET C 275 -19.39 -11.41 13.88
C MET C 275 -20.68 -10.65 14.18
N ASP C 276 -20.62 -9.79 15.21
CA ASP C 276 -21.69 -8.90 15.69
C ASP C 276 -21.03 -7.62 16.19
N GLU C 277 -21.79 -6.80 16.92
CA GLU C 277 -21.26 -5.55 17.48
C GLU C 277 -21.21 -5.49 19.01
N CYS C 278 -21.48 -6.58 19.71
CA CYS C 278 -21.41 -6.65 21.17
C CYS C 278 -20.04 -6.23 21.71
N ASP C 279 -19.99 -5.74 22.96
CA ASP C 279 -18.69 -5.30 23.48
C ASP C 279 -17.94 -6.43 24.17
N ALA C 280 -18.61 -7.32 24.91
CA ALA C 280 -17.90 -8.48 25.47
C ALA C 280 -16.67 -8.39 26.37
N LYS C 281 -16.81 -8.32 27.69
CA LYS C 281 -15.62 -8.31 28.56
C LYS C 281 -14.75 -9.54 28.35
N CYS C 282 -15.35 -10.66 27.94
CA CYS C 282 -14.64 -11.91 27.69
C CYS C 282 -15.07 -12.56 26.38
N GLN C 283 -14.10 -13.12 25.67
CA GLN C 283 -14.37 -13.79 24.41
C GLN C 283 -13.80 -15.20 24.43
N THR C 284 -14.54 -16.16 23.88
CA THR C 284 -14.14 -17.56 23.78
C THR C 284 -14.44 -17.99 22.35
N PRO C 285 -13.85 -19.10 21.89
CA PRO C 285 -14.13 -19.56 20.52
C PRO C 285 -15.58 -19.89 20.28
N GLN C 286 -16.35 -20.19 21.33
CA GLN C 286 -17.76 -20.56 21.20
C GLN C 286 -18.69 -19.34 21.12
N GLY C 287 -18.38 -18.26 21.86
CA GLY C 287 -19.15 -17.02 21.90
C GLY C 287 -18.70 -16.16 23.06
N ALA C 288 -19.22 -14.94 23.13
CA ALA C 288 -18.83 -14.06 24.23
C ALA C 288 -19.51 -14.43 25.55
N ILE C 289 -18.98 -13.91 26.66
CA ILE C 289 -19.53 -14.19 27.98
C ILE C 289 -19.75 -12.90 28.79
N ASN C 290 -21.01 -12.62 29.15
CA ASN C 290 -21.42 -11.47 29.99
C ASN C 290 -21.64 -11.97 31.41
N SER C 291 -20.54 -12.22 32.13
CA SER C 291 -20.67 -12.74 33.48
C SER C 291 -19.68 -12.11 34.43
N SER C 292 -19.94 -12.34 35.70
CA SER C 292 -19.10 -11.93 36.80
C SER C 292 -18.90 -13.10 37.73
N LEU C 293 -19.42 -14.28 37.36
CA LEU C 293 -19.29 -15.48 38.15
C LEU C 293 -17.83 -15.94 38.13
N PRO C 294 -17.41 -16.71 39.14
CA PRO C 294 -16.00 -17.12 39.18
C PRO C 294 -15.64 -18.30 38.30
N PHE C 295 -16.59 -19.10 37.84
CA PHE C 295 -16.25 -20.23 37.01
C PHE C 295 -17.10 -20.26 35.74
N GLN C 296 -16.61 -21.00 34.75
CA GLN C 296 -17.29 -21.15 33.46
C GLN C 296 -16.93 -22.50 32.88
N ASN C 297 -17.79 -22.99 31.99
CA ASN C 297 -17.52 -24.30 31.39
C ASN C 297 -17.80 -24.31 29.88
N VAL C 298 -17.71 -23.17 29.22
CA VAL C 298 -17.92 -23.19 27.77
C VAL C 298 -16.62 -23.55 27.05
N HIS C 299 -15.49 -22.94 27.45
CA HIS C 299 -14.26 -23.25 26.74
C HIS C 299 -13.01 -22.91 27.51
N PRO C 300 -11.98 -23.78 27.47
CA PRO C 300 -10.70 -23.44 28.13
C PRO C 300 -9.97 -22.31 27.41
N VAL C 301 -10.18 -22.14 26.10
CA VAL C 301 -9.55 -21.02 25.39
C VAL C 301 -10.29 -19.75 25.82
N THR C 302 -9.55 -18.71 26.18
CA THR C 302 -10.18 -17.52 26.71
C THR C 302 -9.40 -16.26 26.37
N ILE C 303 -10.14 -15.17 26.18
CA ILE C 303 -9.56 -13.89 25.85
C ILE C 303 -10.30 -12.81 26.63
N GLY C 304 -9.55 -11.89 27.25
CA GLY C 304 -10.08 -10.80 28.05
C GLY C 304 -10.08 -11.07 29.55
N GLU C 305 -11.04 -10.51 30.27
CA GLU C 305 -11.19 -10.72 31.71
C GLU C 305 -12.26 -11.82 31.76
N CYS C 306 -11.89 -13.02 32.19
CA CYS C 306 -12.88 -14.06 32.10
C CYS C 306 -12.92 -14.94 33.36
N PRO C 307 -13.98 -15.74 33.53
CA PRO C 307 -14.03 -16.65 34.67
C PRO C 307 -13.23 -17.91 34.37
N LYS C 308 -12.60 -18.45 35.42
CA LYS C 308 -11.75 -19.63 35.29
C LYS C 308 -12.52 -20.80 34.71
N TYR C 309 -11.85 -21.56 33.87
CA TYR C 309 -12.47 -22.70 33.22
C TYR C 309 -12.41 -23.97 34.07
N VAL C 310 -13.55 -24.65 34.19
CA VAL C 310 -13.62 -25.91 34.91
C VAL C 310 -14.55 -26.81 34.13
N ARG C 311 -14.31 -28.12 34.23
CA ARG C 311 -15.15 -29.09 33.55
C ARG C 311 -16.46 -29.30 34.30
N SER C 312 -16.59 -28.69 35.47
CA SER C 312 -17.78 -28.82 36.29
C SER C 312 -19.02 -28.42 35.52
N ALA C 313 -20.14 -29.01 35.92
CA ALA C 313 -21.43 -28.71 35.30
C ALA C 313 -22.35 -27.89 36.19
N LYS C 314 -22.33 -28.10 37.53
CA LYS C 314 -23.25 -27.40 38.43
C LYS C 314 -22.74 -26.24 39.29
N LEU C 315 -21.91 -26.54 40.29
CA LEU C 315 -21.35 -25.55 41.24
C LEU C 315 -22.45 -24.60 41.79
N ARG C 316 -23.39 -25.16 42.57
CA ARG C 316 -24.53 -24.39 43.11
C ARG C 316 -24.25 -23.62 44.40
N MET C 317 -23.77 -24.27 45.46
CA MET C 317 -23.51 -23.50 46.69
C MET C 317 -24.70 -22.85 47.40
N VAL C 318 -25.45 -23.61 48.21
CA VAL C 318 -26.56 -23.03 48.97
C VAL C 318 -26.13 -21.87 49.84
N THR C 319 -27.02 -20.89 49.92
CA THR C 319 -26.88 -19.72 50.77
C THR C 319 -27.91 -19.73 51.89
N GLY C 320 -29.13 -20.17 51.58
CA GLY C 320 -30.23 -20.26 52.52
C GLY C 320 -30.23 -21.57 53.27
N LEU C 321 -31.43 -22.06 53.59
CA LEU C 321 -31.59 -23.29 54.35
C LEU C 321 -32.57 -24.23 53.66
N ARG C 322 -32.70 -25.43 54.24
CA ARG C 322 -33.56 -26.48 53.69
C ARG C 322 -34.99 -25.99 53.51
N ASN C 323 -35.66 -26.48 52.46
CA ASN C 323 -37.01 -26.07 52.13
C ASN C 323 -38.03 -27.10 52.57
N ILE C 324 -38.93 -26.69 53.48
CA ILE C 324 -39.98 -27.56 53.99
C ILE C 324 -41.35 -26.90 53.85
N PRO C 325 -42.00 -27.07 52.71
CA PRO C 325 -43.35 -26.52 52.52
C PRO C 325 -44.36 -27.50 53.13
N SER C 326 -45.67 -27.28 52.89
CA SER C 326 -46.72 -28.18 53.38
C SER C 326 -46.72 -28.30 54.91
N ILE C 327 -47.05 -27.18 55.55
CA ILE C 327 -47.12 -27.13 57.01
C ILE C 327 -48.25 -28.01 57.53
N GLY D 1 -30.29 -31.81 60.83
CA GLY D 1 -29.24 -32.70 60.37
C GLY D 1 -28.14 -32.88 61.40
N LEU D 2 -27.23 -31.90 61.48
CA LEU D 2 -26.15 -32.03 62.45
C LEU D 2 -26.60 -31.58 63.84
N PHE D 3 -27.35 -30.49 63.92
CA PHE D 3 -27.92 -30.05 65.19
C PHE D 3 -29.35 -30.59 65.21
N GLY D 4 -29.90 -30.78 66.40
CA GLY D 4 -31.24 -31.35 66.39
C GLY D 4 -32.40 -30.44 66.02
N ALA D 5 -32.17 -29.16 65.69
CA ALA D 5 -33.27 -28.21 65.44
C ALA D 5 -34.00 -28.33 64.11
N ILE D 6 -33.34 -28.05 63.00
CA ILE D 6 -34.04 -28.07 61.72
C ILE D 6 -34.30 -29.51 61.32
N ALA D 7 -35.54 -29.80 60.92
CA ALA D 7 -36.01 -31.13 60.55
C ALA D 7 -35.96 -32.12 61.71
N GLY D 8 -35.61 -31.65 62.92
CA GLY D 8 -35.52 -32.47 64.13
C GLY D 8 -36.68 -32.20 65.07
N PHE D 9 -36.46 -31.44 66.14
CA PHE D 9 -37.57 -31.14 67.04
C PHE D 9 -38.39 -29.95 66.56
N ILE D 10 -37.98 -29.36 65.44
CA ILE D 10 -38.73 -28.32 64.73
C ILE D 10 -38.80 -28.89 63.31
N GLU D 11 -39.80 -29.74 63.05
CA GLU D 11 -39.88 -30.46 61.78
C GLU D 11 -40.36 -29.64 60.59
N GLY D 12 -40.57 -28.33 60.72
CA GLY D 12 -41.01 -27.61 59.55
C GLY D 12 -40.81 -26.12 59.64
N GLY D 13 -40.84 -25.48 58.48
CA GLY D 13 -40.67 -24.05 58.38
C GLY D 13 -41.96 -23.36 58.01
N TRP D 14 -41.97 -22.05 58.17
CA TRP D 14 -43.17 -21.26 57.90
C TRP D 14 -43.00 -20.37 56.70
N THR D 15 -43.64 -20.80 55.60
CA THR D 15 -43.67 -20.01 54.38
C THR D 15 -44.30 -18.65 54.68
N GLY D 16 -45.23 -18.61 55.64
CA GLY D 16 -45.84 -17.36 56.05
C GLY D 16 -44.80 -16.37 56.49
N MET D 17 -43.75 -16.86 57.16
CA MET D 17 -42.68 -15.99 57.62
C MET D 17 -41.80 -15.56 56.45
N VAL D 18 -41.78 -14.26 56.19
CA VAL D 18 -40.96 -13.62 55.16
C VAL D 18 -40.20 -12.62 56.01
N ASP D 19 -39.42 -11.74 55.39
CA ASP D 19 -38.66 -10.66 56.05
C ASP D 19 -37.63 -11.19 57.05
N GLY D 20 -37.14 -12.41 56.84
CA GLY D 20 -36.12 -12.99 57.71
C GLY D 20 -36.04 -14.48 57.54
N TRP D 21 -34.95 -15.04 58.10
CA TRP D 21 -34.73 -16.49 58.04
C TRP D 21 -35.29 -17.20 59.29
N TYR D 22 -35.22 -16.53 60.44
CA TYR D 22 -35.70 -17.04 61.72
C TYR D 22 -36.71 -16.05 62.29
N GLY D 23 -37.44 -16.49 63.32
CA GLY D 23 -38.43 -15.61 63.89
C GLY D 23 -39.38 -16.32 64.83
N TYR D 24 -40.59 -15.78 64.93
CA TYR D 24 -41.61 -16.34 65.80
C TYR D 24 -42.99 -16.34 65.14
N HIS D 25 -43.89 -17.14 65.71
CA HIS D 25 -45.29 -17.23 65.29
C HIS D 25 -46.16 -17.22 66.54
N HIS D 26 -46.45 -16.03 67.04
CA HIS D 26 -47.31 -15.87 68.20
C HIS D 26 -48.77 -15.87 67.79
N GLN D 27 -49.62 -16.46 68.62
CA GLN D 27 -51.05 -16.44 68.32
C GLN D 27 -51.69 -16.42 69.71
N ASN D 28 -51.80 -15.23 70.24
CA ASN D 28 -52.32 -14.92 71.57
C ASN D 28 -53.59 -14.08 71.44
N GLU D 29 -54.29 -13.82 72.55
CA GLU D 29 -55.49 -12.99 72.43
C GLU D 29 -54.98 -11.59 72.12
N GLN D 30 -55.73 -10.88 71.27
CA GLN D 30 -55.52 -9.53 70.74
C GLN D 30 -54.55 -9.53 69.54
N GLY D 31 -53.94 -10.66 69.18
CA GLY D 31 -53.04 -10.72 68.03
C GLY D 31 -52.23 -11.97 67.78
N SER D 32 -52.10 -12.32 66.50
CA SER D 32 -51.33 -13.44 66.00
C SER D 32 -50.47 -12.91 64.85
N GLY D 33 -49.56 -13.73 64.35
CA GLY D 33 -48.73 -13.26 63.25
C GLY D 33 -47.38 -13.95 63.20
N TYR D 34 -46.66 -13.68 62.12
CA TYR D 34 -45.32 -14.22 61.88
C TYR D 34 -44.29 -13.10 62.04
N ALA D 35 -43.86 -12.87 63.28
CA ALA D 35 -42.84 -11.87 63.60
C ALA D 35 -41.47 -12.49 63.37
N ALA D 36 -40.81 -12.12 62.27
CA ALA D 36 -39.50 -12.66 61.94
C ALA D 36 -38.40 -11.98 62.74
N ASP D 37 -37.46 -12.77 63.24
CA ASP D 37 -36.35 -12.26 64.04
C ASP D 37 -35.56 -11.21 63.25
N GLN D 38 -34.85 -10.36 63.98
CA GLN D 38 -34.08 -9.28 63.35
C GLN D 38 -32.58 -9.39 63.59
N LYS D 39 -32.16 -9.50 64.85
CA LYS D 39 -30.74 -9.58 65.17
C LYS D 39 -30.07 -10.79 64.52
N SER D 40 -30.63 -11.99 64.76
CA SER D 40 -30.05 -13.22 64.22
C SER D 40 -30.10 -13.31 62.70
N THR D 41 -31.11 -12.75 62.05
CA THR D 41 -31.17 -12.83 60.59
C THR D 41 -30.08 -11.99 59.94
N GLN D 42 -29.99 -10.70 60.28
CA GLN D 42 -28.96 -9.85 59.69
C GLN D 42 -27.56 -10.35 60.04
N ASN D 43 -27.38 -10.95 61.21
CA ASN D 43 -26.08 -11.48 61.55
C ASN D 43 -25.71 -12.63 60.62
N ALA D 44 -26.69 -13.49 60.33
CA ALA D 44 -26.45 -14.63 59.43
C ALA D 44 -26.27 -14.15 58.00
N ILE D 45 -27.04 -13.15 57.57
CA ILE D 45 -26.88 -12.64 56.21
C ILE D 45 -25.48 -12.08 56.03
N ASN D 46 -25.01 -11.33 57.04
CA ASN D 46 -23.66 -10.78 56.98
C ASN D 46 -22.62 -11.88 56.80
N GLY D 47 -22.74 -12.94 57.62
CA GLY D 47 -21.80 -14.04 57.55
C GLY D 47 -21.83 -14.80 56.24
N ILE D 48 -23.03 -15.08 55.71
CA ILE D 48 -23.10 -15.81 54.45
C ILE D 48 -22.65 -14.91 53.30
N THR D 49 -22.96 -13.62 53.37
CA THR D 49 -22.48 -12.73 52.33
C THR D 49 -20.96 -12.68 52.37
N ASN D 50 -20.40 -12.69 53.58
CA ASN D 50 -18.96 -12.70 53.72
C ASN D 50 -18.38 -14.05 53.24
N LYS D 51 -19.02 -15.17 53.57
CA LYS D 51 -18.52 -16.47 53.10
C LYS D 51 -18.41 -16.50 51.58
N VAL D 52 -19.54 -16.29 50.90
CA VAL D 52 -19.58 -16.33 49.45
C VAL D 52 -18.60 -15.32 48.85
N ASN D 53 -18.71 -14.05 49.25
CA ASN D 53 -17.78 -13.07 48.69
C ASN D 53 -16.33 -13.44 49.01
N SER D 54 -16.06 -14.00 50.20
CA SER D 54 -14.69 -14.40 50.55
C SER D 54 -14.25 -15.66 49.80
N VAL D 55 -15.19 -16.39 49.21
CA VAL D 55 -14.84 -17.59 48.45
C VAL D 55 -14.51 -17.24 47.02
N ILE D 56 -15.36 -16.42 46.38
CA ILE D 56 -15.07 -16.00 45.02
C ILE D 56 -13.94 -14.98 44.99
N GLU D 57 -13.68 -14.29 46.11
CA GLU D 57 -12.56 -13.35 46.15
C GLU D 57 -11.24 -14.08 45.94
N LYS D 58 -11.14 -15.29 46.46
CA LYS D 58 -9.96 -16.11 46.34
C LYS D 58 -9.79 -16.66 44.94
N MET D 59 -10.60 -16.21 43.97
CA MET D 59 -10.49 -16.63 42.57
C MET D 59 -10.58 -15.38 41.68
N ASN D 60 -9.45 -14.71 41.47
CA ASN D 60 -9.42 -13.51 40.63
C ASN D 60 -9.62 -13.89 39.16
N THR D 61 -9.73 -12.85 38.34
CA THR D 61 -9.93 -13.00 36.91
C THR D 61 -8.77 -13.75 36.30
N GLN D 62 -9.06 -14.75 35.46
CA GLN D 62 -7.96 -15.52 34.88
C GLN D 62 -7.07 -14.61 34.02
N PHE D 63 -7.34 -14.54 32.70
CA PHE D 63 -6.75 -13.66 31.69
C PHE D 63 -6.54 -14.48 30.41
N THR D 64 -6.30 -13.82 29.27
CA THR D 64 -6.04 -14.47 27.98
C THR D 64 -5.18 -15.72 28.10
N ALA D 65 -5.74 -16.87 27.69
CA ALA D 65 -5.08 -18.17 27.63
C ALA D 65 -5.49 -18.81 26.31
N VAL D 66 -4.56 -18.97 25.35
CA VAL D 66 -4.92 -19.51 24.04
C VAL D 66 -4.14 -20.79 23.70
N GLY D 67 -4.65 -21.53 22.70
CA GLY D 67 -3.98 -22.73 22.24
C GLY D 67 -2.58 -22.44 21.73
N LYS D 68 -1.73 -23.48 21.59
CA LYS D 68 -0.35 -23.19 21.17
C LYS D 68 0.15 -23.79 19.86
N GLU D 69 -0.56 -24.73 19.22
CA GLU D 69 -0.19 -25.23 17.87
C GLU D 69 1.28 -25.59 17.55
N PHE D 70 1.76 -26.76 17.97
CA PHE D 70 3.13 -27.18 17.70
C PHE D 70 3.20 -27.99 16.41
N ASN D 71 4.43 -28.25 15.91
CA ASN D 71 4.59 -28.98 14.64
C ASN D 71 4.81 -30.50 14.77
N LYS D 72 4.90 -31.17 13.62
CA LYS D 72 5.04 -32.63 13.48
C LYS D 72 6.34 -33.18 14.08
N LEU D 73 7.30 -32.32 14.36
CA LEU D 73 8.53 -32.77 15.01
C LEU D 73 8.53 -32.31 16.44
N GLU D 74 7.41 -31.78 16.91
CA GLU D 74 7.25 -31.30 18.27
C GLU D 74 6.11 -32.01 18.97
N ARG D 75 5.94 -33.31 18.71
CA ARG D 75 4.88 -34.06 19.40
C ARG D 75 5.11 -34.07 20.91
N ARG D 76 6.35 -34.34 21.34
CA ARG D 76 6.62 -34.38 22.77
C ARG D 76 6.14 -33.12 23.46
N MET D 77 6.56 -31.95 22.97
CA MET D 77 6.15 -30.67 23.57
C MET D 77 4.66 -30.42 23.40
N GLU D 78 4.02 -30.97 22.37
CA GLU D 78 2.58 -30.76 22.27
C GLU D 78 1.88 -31.48 23.41
N ASN D 79 2.40 -32.66 23.77
CA ASN D 79 1.82 -33.46 24.85
C ASN D 79 2.13 -32.82 26.20
N LEU D 80 3.39 -32.42 26.41
CA LEU D 80 3.74 -31.79 27.68
C LEU D 80 2.86 -30.58 27.90
N ASN D 81 2.59 -29.81 26.84
CA ASN D 81 1.69 -28.66 26.92
C ASN D 81 0.26 -29.10 27.20
N LYS D 82 -0.24 -30.12 26.50
CA LYS D 82 -1.60 -30.57 26.79
C LYS D 82 -1.69 -31.13 28.21
N LYS D 83 -0.64 -31.82 28.68
CA LYS D 83 -0.61 -32.36 30.05
C LYS D 83 -0.74 -31.26 31.11
N VAL D 84 -0.14 -30.07 30.85
CA VAL D 84 -0.16 -28.92 31.77
C VAL D 84 -1.55 -28.30 31.89
N ASP D 85 -2.14 -27.93 30.75
CA ASP D 85 -3.46 -27.30 30.73
C ASP D 85 -4.52 -28.21 31.34
N ASP D 86 -4.52 -29.48 30.94
CA ASP D 86 -5.50 -30.42 31.50
C ASP D 86 -5.22 -30.63 33.00
N GLY D 87 -3.95 -30.86 33.35
CA GLY D 87 -3.57 -31.04 34.75
C GLY D 87 -4.03 -29.89 35.65
N PHE D 88 -4.00 -28.66 35.13
CA PHE D 88 -4.46 -27.51 35.91
C PHE D 88 -5.97 -27.44 35.88
N ILE D 89 -6.58 -27.82 34.74
CA ILE D 89 -8.03 -27.89 34.68
C ILE D 89 -8.51 -28.90 35.71
N ASP D 90 -7.83 -30.05 35.78
CA ASP D 90 -8.17 -31.10 36.76
C ASP D 90 -8.19 -30.56 38.17
N VAL D 91 -7.16 -29.80 38.53
CA VAL D 91 -7.04 -29.29 39.89
C VAL D 91 -8.11 -28.27 40.20
N TRP D 92 -8.36 -27.34 39.27
CA TRP D 92 -9.36 -26.34 39.59
C TRP D 92 -10.75 -26.93 39.56
N THR D 93 -11.05 -27.85 38.63
CA THR D 93 -12.38 -28.46 38.63
C THR D 93 -12.62 -29.13 39.98
N TYR D 94 -11.69 -29.99 40.41
CA TYR D 94 -11.80 -30.67 41.71
C TYR D 94 -11.96 -29.67 42.84
N ASN D 95 -11.08 -28.66 42.91
CA ASN D 95 -11.17 -27.70 43.99
C ASN D 95 -12.56 -27.06 44.07
N ALA D 96 -13.12 -26.70 42.93
CA ALA D 96 -14.43 -26.06 42.93
C ALA D 96 -15.54 -27.01 43.36
N GLU D 97 -15.65 -28.17 42.72
CA GLU D 97 -16.74 -29.07 43.08
C GLU D 97 -16.62 -29.55 44.53
N LEU D 98 -15.41 -29.92 44.96
CA LEU D 98 -15.28 -30.41 46.33
C LEU D 98 -15.57 -29.32 47.34
N LEU D 99 -15.31 -28.06 47.00
CA LEU D 99 -15.55 -26.96 47.94
C LEU D 99 -17.04 -26.74 48.15
N VAL D 100 -17.83 -26.68 47.07
CA VAL D 100 -19.27 -26.49 47.24
C VAL D 100 -19.86 -27.69 47.98
N LEU D 101 -19.40 -28.90 47.65
CA LEU D 101 -19.86 -30.10 48.34
C LEU D 101 -19.63 -29.99 49.85
N LEU D 102 -18.39 -29.64 50.25
CA LEU D 102 -18.05 -29.52 51.67
C LEU D 102 -18.73 -28.32 52.33
N GLU D 103 -18.64 -27.14 51.72
CA GLU D 103 -19.26 -25.97 52.34
C GLU D 103 -20.78 -26.00 52.28
N ASN D 104 -21.39 -26.90 51.50
CA ASN D 104 -22.84 -26.97 51.50
C ASN D 104 -23.35 -27.52 52.83
N GLU D 105 -22.77 -28.65 53.28
CA GLU D 105 -23.17 -29.19 54.58
C GLU D 105 -22.91 -28.19 55.69
N ARG D 106 -21.79 -27.47 55.61
CA ARG D 106 -21.49 -26.49 56.66
C ARG D 106 -22.56 -25.42 56.70
N THR D 107 -23.01 -24.95 55.53
CA THR D 107 -24.05 -23.92 55.50
C THR D 107 -25.37 -24.48 56.04
N LEU D 108 -25.72 -25.71 55.66
CA LEU D 108 -26.95 -26.29 56.16
C LEU D 108 -26.88 -26.43 57.68
N ASP D 109 -25.78 -26.97 58.19
CA ASP D 109 -25.58 -27.10 59.64
C ASP D 109 -25.43 -25.75 60.34
N PHE D 110 -24.96 -24.72 59.62
CA PHE D 110 -24.84 -23.38 60.21
C PHE D 110 -26.21 -22.82 60.56
N HIS D 111 -27.17 -22.96 59.64
CA HIS D 111 -28.54 -22.52 59.91
C HIS D 111 -29.17 -23.40 60.98
N ASP D 112 -28.79 -24.68 61.02
CA ASP D 112 -29.26 -25.60 62.06
C ASP D 112 -28.89 -25.08 63.45
N SER D 113 -27.61 -24.72 63.62
CA SER D 113 -27.13 -24.15 64.88
C SER D 113 -27.85 -22.83 65.19
N ASN D 114 -28.07 -22.00 64.17
CA ASN D 114 -28.76 -20.73 64.37
C ASN D 114 -30.16 -20.95 64.92
N VAL D 115 -30.87 -21.95 64.39
CA VAL D 115 -32.22 -22.25 64.88
C VAL D 115 -32.16 -22.77 66.30
N LYS D 116 -31.27 -23.74 66.56
CA LYS D 116 -31.12 -24.28 67.91
C LYS D 116 -30.62 -23.21 68.88
N ASN D 117 -29.90 -22.20 68.38
CA ASN D 117 -29.43 -21.12 69.24
C ASN D 117 -30.54 -20.14 69.62
N LEU D 118 -31.65 -20.11 68.87
CA LEU D 118 -32.78 -19.24 69.20
C LEU D 118 -33.78 -19.96 70.10
N TYR D 119 -33.84 -21.29 70.01
CA TYR D 119 -34.69 -22.07 70.91
C TYR D 119 -34.19 -21.91 72.33
N GLU D 120 -32.87 -21.78 72.47
CA GLU D 120 -32.19 -21.46 73.71
C GLU D 120 -32.18 -19.93 73.81
N LYS D 121 -31.51 -19.38 74.82
CA LYS D 121 -31.45 -17.92 75.02
C LYS D 121 -32.81 -17.37 75.45
N VAL D 122 -33.84 -18.21 75.37
CA VAL D 122 -35.20 -17.92 75.83
C VAL D 122 -35.51 -19.01 76.85
N LYS D 123 -34.94 -20.21 76.64
CA LYS D 123 -35.07 -21.26 77.65
C LYS D 123 -34.23 -20.88 78.86
N SER D 124 -33.10 -20.19 78.61
CA SER D 124 -32.22 -19.72 79.67
C SER D 124 -32.81 -18.51 80.38
N GLN D 125 -33.79 -17.84 79.75
CA GLN D 125 -34.48 -16.69 80.32
C GLN D 125 -35.79 -17.07 81.01
N LEU D 126 -36.66 -17.79 80.29
CA LEU D 126 -37.96 -18.20 80.83
C LEU D 126 -37.84 -19.56 81.53
N LYS D 127 -36.93 -19.61 82.51
CA LYS D 127 -36.67 -20.85 83.26
C LYS D 127 -37.93 -21.34 83.95
N ASN D 128 -38.55 -20.49 84.77
CA ASN D 128 -39.77 -20.81 85.51
C ASN D 128 -40.84 -19.75 85.27
N ASN D 129 -40.96 -19.30 84.01
CA ASN D 129 -41.93 -18.28 83.61
C ASN D 129 -42.77 -18.76 82.43
N ALA D 130 -42.48 -19.95 81.89
CA ALA D 130 -43.21 -20.51 80.75
C ALA D 130 -42.90 -22.00 80.63
N LYS D 131 -43.79 -22.69 79.92
CA LYS D 131 -43.71 -24.13 79.68
C LYS D 131 -42.88 -24.46 78.43
N GLU D 132 -41.87 -25.32 78.58
CA GLU D 132 -41.04 -25.72 77.45
C GLU D 132 -41.59 -26.99 76.81
N ILE D 133 -42.18 -26.86 75.63
CA ILE D 133 -42.65 -28.00 74.86
C ILE D 133 -41.56 -28.28 73.82
N GLY D 134 -41.26 -29.56 73.59
CA GLY D 134 -40.18 -29.91 72.68
C GLY D 134 -40.43 -29.73 71.20
N ASN D 135 -41.30 -28.77 70.86
CA ASN D 135 -41.64 -28.43 69.48
C ASN D 135 -41.07 -27.06 69.13
N GLY D 136 -40.10 -26.60 69.91
CA GLY D 136 -39.49 -25.30 69.70
C GLY D 136 -40.33 -24.17 70.20
N CYS D 137 -41.40 -24.48 70.93
CA CYS D 137 -42.35 -23.50 71.41
C CYS D 137 -42.31 -23.38 72.93
N PHE D 138 -42.78 -22.23 73.40
CA PHE D 138 -42.88 -21.90 74.82
C PHE D 138 -44.28 -21.36 75.10
N GLU D 139 -45.05 -22.11 75.90
CA GLU D 139 -46.41 -21.71 76.27
C GLU D 139 -46.39 -20.87 77.55
N PHE D 140 -46.89 -19.64 77.44
CA PHE D 140 -46.97 -18.77 78.58
C PHE D 140 -48.18 -19.08 79.47
N TYR D 141 -47.95 -19.13 80.79
CA TYR D 141 -49.12 -19.17 81.65
C TYR D 141 -49.56 -17.73 81.79
N HIS D 142 -48.61 -16.82 81.53
CA HIS D 142 -48.87 -15.41 81.40
C HIS D 142 -49.82 -15.27 80.22
N LYS D 143 -50.45 -14.12 80.10
CA LYS D 143 -51.30 -13.83 78.97
C LYS D 143 -50.54 -12.77 78.18
N CYS D 144 -49.23 -13.01 78.04
CA CYS D 144 -48.25 -12.08 77.48
C CYS D 144 -48.82 -11.34 76.28
N ASN D 145 -49.03 -10.05 76.53
CA ASN D 145 -49.60 -9.09 75.61
C ASN D 145 -48.57 -8.66 74.57
N ASP D 146 -48.99 -7.72 73.73
CA ASP D 146 -48.18 -7.17 72.65
C ASP D 146 -47.16 -6.12 73.14
N GLU D 147 -46.92 -6.06 74.45
CA GLU D 147 -45.91 -5.23 75.10
C GLU D 147 -44.77 -6.09 75.60
N CYS D 148 -45.09 -7.19 76.30
CA CYS D 148 -44.10 -8.14 76.78
C CYS D 148 -43.66 -9.10 75.69
N MET D 149 -44.47 -9.25 74.64
CA MET D 149 -44.08 -10.14 73.56
C MET D 149 -42.89 -9.56 72.79
N GLU D 150 -42.86 -8.24 72.58
CA GLU D 150 -41.66 -7.74 71.95
C GLU D 150 -40.50 -7.75 72.92
N SER D 151 -40.77 -8.15 74.16
CA SER D 151 -39.75 -8.28 75.19
C SER D 151 -39.25 -9.71 75.24
N VAL D 152 -39.46 -10.45 74.15
CA VAL D 152 -38.91 -11.79 74.01
C VAL D 152 -37.58 -11.57 73.33
N LYS D 153 -37.39 -10.40 72.70
CA LYS D 153 -36.10 -10.05 72.11
C LYS D 153 -35.09 -9.84 73.23
N ASN D 154 -35.53 -9.25 74.36
CA ASN D 154 -34.66 -9.06 75.52
C ASN D 154 -35.20 -9.80 76.74
N GLY D 155 -36.21 -9.26 77.42
CA GLY D 155 -36.81 -9.96 78.56
C GLY D 155 -36.48 -9.50 79.97
N THR D 156 -37.37 -8.71 80.59
CA THR D 156 -37.24 -8.25 81.98
C THR D 156 -38.63 -8.54 82.54
N TYR D 157 -38.83 -9.79 82.95
CA TYR D 157 -40.12 -10.28 83.38
C TYR D 157 -40.49 -10.09 84.84
N ASP D 158 -41.81 -10.01 85.04
CA ASP D 158 -42.52 -9.96 86.31
C ASP D 158 -42.35 -11.40 86.80
N TYR D 159 -41.17 -11.66 87.34
CA TYR D 159 -40.75 -13.01 87.68
C TYR D 159 -41.68 -13.86 88.55
N PRO D 160 -42.34 -13.38 89.61
CA PRO D 160 -43.18 -14.29 90.42
C PRO D 160 -44.12 -15.13 89.57
N LYS D 161 -44.07 -16.45 89.79
CA LYS D 161 -44.89 -17.40 89.05
C LYS D 161 -46.37 -17.36 89.41
N TYR D 162 -47.21 -17.49 88.37
CA TYR D 162 -48.64 -17.58 88.56
C TYR D 162 -48.92 -19.07 88.62
N SER D 163 -49.77 -19.46 89.57
CA SER D 163 -50.05 -20.85 89.83
C SER D 163 -50.87 -21.56 88.76
N GLU D 164 -50.33 -22.71 88.31
CA GLU D 164 -50.92 -23.68 87.39
C GLU D 164 -50.46 -25.08 87.79
N GLU D 165 -49.97 -25.23 89.03
CA GLU D 165 -49.42 -26.45 89.57
C GLU D 165 -50.37 -27.19 90.48
N ILE E 7 -33.71 -47.12 80.20
CA ILE E 7 -33.35 -46.63 78.88
C ILE E 7 -32.04 -45.84 78.98
N CYS E 8 -31.10 -46.17 78.09
CA CYS E 8 -29.78 -45.55 78.06
C CYS E 8 -29.40 -45.15 76.64
N ILE E 9 -28.64 -44.07 76.52
CA ILE E 9 -28.15 -43.58 75.25
C ILE E 9 -26.64 -43.79 75.22
N GLY E 10 -26.17 -44.48 74.20
CA GLY E 10 -24.75 -44.73 74.05
C GLY E 10 -24.38 -44.98 72.62
N TYR E 11 -23.24 -45.64 72.41
CA TYR E 11 -22.80 -45.91 71.06
C TYR E 11 -21.99 -47.21 71.03
N HIS E 12 -21.83 -47.73 69.81
CA HIS E 12 -21.12 -48.96 69.53
C HIS E 12 -19.61 -48.82 69.71
N ALA E 13 -18.94 -49.96 69.81
CA ALA E 13 -17.49 -50.09 69.93
C ALA E 13 -17.13 -51.56 69.69
N ASN E 14 -15.93 -51.80 69.19
CA ASN E 14 -15.48 -53.17 68.95
C ASN E 14 -13.99 -53.25 69.24
N ASN E 15 -13.36 -54.35 68.81
CA ASN E 15 -11.94 -54.60 69.02
C ASN E 15 -11.07 -54.05 67.89
N SER E 16 -11.68 -53.32 66.94
CA SER E 16 -10.97 -52.77 65.78
C SER E 16 -9.73 -51.98 66.20
N THR E 17 -8.59 -52.31 65.58
CA THR E 17 -7.31 -51.66 65.81
C THR E 17 -6.95 -50.66 64.71
N ASP E 18 -7.97 -50.14 64.02
CA ASP E 18 -7.82 -49.22 62.89
C ASP E 18 -7.31 -47.86 63.34
N THR E 19 -6.00 -47.62 63.14
CA THR E 19 -5.40 -46.34 63.47
C THR E 19 -5.79 -45.29 62.42
N VAL E 20 -5.94 -44.03 62.85
CA VAL E 20 -6.31 -42.93 61.97
C VAL E 20 -5.74 -41.60 62.51
N ASP E 21 -5.16 -40.79 61.63
CA ASP E 21 -4.64 -39.49 62.01
C ASP E 21 -5.70 -38.40 61.80
N THR E 22 -6.13 -37.76 62.89
CA THR E 22 -7.10 -36.65 62.82
C THR E 22 -6.32 -35.34 62.99
N VAL E 23 -7.04 -34.21 62.92
CA VAL E 23 -6.37 -32.91 63.02
C VAL E 23 -6.04 -32.46 64.43
N LEU E 24 -6.44 -33.23 65.46
CA LEU E 24 -6.16 -32.83 66.83
C LEU E 24 -5.62 -33.97 67.69
N GLU E 25 -5.43 -35.15 67.11
CA GLU E 25 -4.90 -36.31 67.82
C GLU E 25 -4.39 -37.31 66.80
N LYS E 26 -3.18 -37.80 66.99
CA LYS E 26 -2.65 -38.79 66.08
C LYS E 26 -2.96 -40.17 66.67
N ASN E 27 -2.60 -41.23 65.95
CA ASN E 27 -2.73 -42.62 66.44
C ASN E 27 -4.11 -42.90 67.08
N VAL E 28 -5.16 -42.30 66.52
CA VAL E 28 -6.52 -42.42 67.06
C VAL E 28 -7.17 -43.73 66.62
N THR E 29 -7.40 -44.65 67.57
CA THR E 29 -8.06 -45.89 67.20
C THR E 29 -9.53 -45.61 66.92
N VAL E 30 -10.11 -46.31 65.95
CA VAL E 30 -11.49 -46.09 65.50
C VAL E 30 -12.13 -47.43 65.13
N THR E 31 -13.47 -47.46 65.16
CA THR E 31 -14.21 -48.70 64.91
C THR E 31 -14.18 -49.12 63.43
N HIS E 32 -14.44 -48.20 62.50
CA HIS E 32 -14.50 -48.53 61.09
C HIS E 32 -13.78 -47.50 60.23
N SER E 33 -13.28 -47.94 59.09
CA SER E 33 -12.57 -47.05 58.16
C SER E 33 -12.61 -47.68 56.76
N VAL E 34 -11.78 -47.16 55.85
CA VAL E 34 -11.66 -47.64 54.47
C VAL E 34 -10.25 -47.29 54.00
N ASN E 35 -9.65 -48.17 53.17
CA ASN E 35 -8.26 -48.00 52.77
C ASN E 35 -8.01 -46.72 51.97
N LEU E 36 -8.82 -46.46 50.94
CA LEU E 36 -8.69 -45.24 50.12
C LEU E 36 -7.33 -45.06 49.43
N LEU E 37 -6.37 -45.97 49.65
CA LEU E 37 -5.06 -45.89 49.01
C LEU E 37 -4.60 -47.29 48.65
N GLU E 38 -4.23 -47.49 47.40
CA GLU E 38 -3.75 -48.78 46.95
C GLU E 38 -2.25 -48.88 47.14
N ASP E 39 -1.81 -49.97 47.77
CA ASP E 39 -0.38 -50.17 47.98
C ASP E 39 0.14 -51.48 47.39
N SER E 40 -0.66 -52.55 47.38
CA SER E 40 -0.23 -53.83 46.84
C SER E 40 -0.52 -53.92 45.35
N HIS E 41 0.32 -54.66 44.64
CA HIS E 41 0.17 -54.84 43.20
C HIS E 41 0.49 -56.27 42.80
N ASN E 42 0.02 -56.61 41.60
CA ASN E 42 0.14 -57.94 41.03
C ASN E 42 1.60 -58.37 40.78
N GLY E 43 2.54 -57.45 40.67
CA GLY E 43 3.93 -57.81 40.48
C GLY E 43 4.32 -58.33 39.11
N LYS E 44 3.40 -58.49 38.17
CA LYS E 44 3.76 -59.03 36.87
C LYS E 44 3.18 -58.18 35.75
N LEU E 45 3.77 -58.34 34.56
CA LEU E 45 3.35 -57.68 33.33
C LEU E 45 2.13 -58.44 32.80
N CYS E 46 0.95 -57.88 33.04
CA CYS E 46 -0.28 -58.52 32.63
C CYS E 46 -0.70 -58.05 31.26
N LEU E 47 -1.80 -58.63 30.79
CA LEU E 47 -2.44 -58.24 29.55
C LEU E 47 -3.22 -56.96 29.85
N LEU E 48 -3.92 -56.42 28.88
CA LEU E 48 -4.71 -55.21 29.11
C LEU E 48 -6.06 -55.48 28.47
N LYS E 49 -7.03 -55.90 29.29
CA LYS E 49 -8.36 -56.21 28.78
C LYS E 49 -8.24 -57.21 27.62
N GLY E 50 -7.35 -58.19 27.76
CA GLY E 50 -7.14 -59.19 26.72
C GLY E 50 -6.00 -58.97 25.73
N ILE E 51 -5.80 -57.74 25.25
CA ILE E 51 -4.73 -57.47 24.28
C ILE E 51 -3.38 -57.50 24.99
N ALA E 52 -2.32 -58.11 24.28
CA ALA E 52 -1.00 -58.29 24.86
C ALA E 52 -0.02 -57.15 24.53
N PRO E 53 0.94 -56.92 25.42
CA PRO E 53 1.95 -55.90 25.18
C PRO E 53 3.11 -56.41 24.35
N LEU E 54 3.73 -55.45 23.66
CA LEU E 54 4.90 -55.69 22.83
C LEU E 54 6.06 -55.85 23.79
N GLN E 55 6.50 -57.07 24.05
CA GLN E 55 7.65 -57.24 24.93
C GLN E 55 8.86 -57.21 24.00
N LEU E 56 9.65 -56.15 24.12
CA LEU E 56 10.77 -55.85 23.24
C LEU E 56 12.05 -56.63 23.54
N GLY E 57 12.14 -57.33 24.68
CA GLY E 57 13.36 -58.06 24.99
C GLY E 57 14.59 -57.16 25.08
N ASN E 58 15.69 -57.61 24.46
CA ASN E 58 16.98 -56.91 24.41
C ASN E 58 17.01 -55.79 23.40
N CYS E 59 15.93 -55.60 22.64
CA CYS E 59 15.85 -54.57 21.61
C CYS E 59 15.33 -53.26 22.15
N SER E 60 15.84 -52.19 21.57
CA SER E 60 15.38 -50.85 21.82
C SER E 60 14.43 -50.49 20.68
N VAL E 61 13.64 -49.44 20.91
CA VAL E 61 12.74 -48.98 19.85
C VAL E 61 13.52 -48.80 18.56
N ALA E 62 14.75 -48.27 18.65
CA ALA E 62 15.59 -48.07 17.47
C ALA E 62 15.81 -49.37 16.73
N GLY E 63 16.15 -50.44 17.45
CA GLY E 63 16.38 -51.71 16.78
C GLY E 63 15.09 -52.33 16.28
N TRP E 64 14.04 -52.23 17.11
CA TRP E 64 12.74 -52.78 16.71
C TRP E 64 12.24 -52.10 15.44
N ILE E 65 12.36 -50.79 15.34
CA ILE E 65 11.84 -50.17 14.14
C ILE E 65 12.82 -50.28 12.96
N LEU E 66 14.11 -50.43 13.21
CA LEU E 66 15.05 -50.57 12.11
C LEU E 66 15.24 -52.02 11.71
N GLY E 67 14.82 -52.94 12.58
CA GLY E 67 14.99 -54.33 12.26
C GLY E 67 16.37 -54.81 12.58
N ASN E 68 16.79 -54.63 13.81
CA ASN E 68 18.06 -55.17 14.19
C ASN E 68 17.94 -56.68 14.06
N PRO E 69 18.79 -57.34 13.26
CA PRO E 69 18.64 -58.80 13.10
C PRO E 69 18.47 -59.48 14.42
N GLU E 70 18.95 -58.93 15.52
CA GLU E 70 18.66 -59.69 16.73
C GLU E 70 17.20 -59.52 17.17
N CYS E 71 16.41 -58.67 16.50
CA CYS E 71 15.00 -58.52 16.86
C CYS E 71 14.06 -59.32 15.95
N GLU E 72 14.58 -60.36 15.29
CA GLU E 72 13.79 -61.15 14.37
C GLU E 72 12.49 -61.67 15.02
N LEU E 73 12.53 -61.97 16.31
CA LEU E 73 11.36 -62.52 16.97
C LEU E 73 10.26 -61.50 17.17
N LEU E 74 10.59 -60.20 17.16
CA LEU E 74 9.61 -59.12 17.31
C LEU E 74 8.96 -58.70 16.01
N ILE E 75 9.60 -59.00 14.87
CA ILE E 75 9.12 -58.63 13.54
C ILE E 75 7.73 -59.21 13.27
N SER E 76 7.35 -60.27 13.97
CA SER E 76 6.03 -60.86 13.76
C SER E 76 4.91 -59.93 14.24
N LYS E 77 4.94 -59.60 15.54
CA LYS E 77 3.86 -58.84 16.20
C LYS E 77 3.63 -57.48 15.58
N GLU E 78 2.36 -57.24 15.24
CA GLU E 78 1.94 -55.98 14.62
C GLU E 78 0.72 -55.38 15.31
N SER E 79 0.41 -55.82 16.52
CA SER E 79 -0.68 -55.28 17.32
C SER E 79 -0.24 -55.40 18.77
N TRP E 80 -0.70 -54.47 19.62
CA TRP E 80 -0.27 -54.52 21.01
C TRP E 80 -1.02 -53.46 21.82
N SER E 81 -1.07 -53.66 23.14
CA SER E 81 -1.75 -52.76 24.09
C SER E 81 -0.86 -51.64 24.70
N TYR E 82 0.42 -51.91 24.95
CA TYR E 82 1.42 -50.97 25.47
C TYR E 82 2.79 -51.50 25.04
N ILE E 83 3.84 -50.77 25.35
CA ILE E 83 5.17 -51.21 24.94
C ILE E 83 6.05 -51.33 26.17
N VAL E 84 6.82 -52.43 26.25
CA VAL E 84 7.71 -52.69 27.37
C VAL E 84 9.11 -52.77 26.82
N GLU E 85 10.04 -52.05 27.46
CA GLU E 85 11.44 -51.93 27.06
C GLU E 85 12.36 -52.08 28.24
N LYS E 86 13.51 -52.73 28.03
CA LYS E 86 14.50 -52.81 29.08
C LYS E 86 15.18 -51.45 29.23
N PRO E 87 15.51 -51.02 30.44
CA PRO E 87 16.13 -49.69 30.59
C PRO E 87 17.33 -49.41 29.69
N ASN E 88 18.19 -50.40 29.46
CA ASN E 88 19.37 -50.21 28.63
C ASN E 88 19.52 -51.32 27.59
N PRO E 89 18.67 -51.30 26.58
CA PRO E 89 18.65 -52.35 25.56
C PRO E 89 19.88 -52.38 24.67
N GLU E 90 20.48 -53.58 24.60
CA GLU E 90 21.70 -53.92 23.90
C GLU E 90 21.52 -54.14 22.40
N ASN E 91 20.30 -54.09 21.86
CA ASN E 91 20.04 -54.32 20.42
C ASN E 91 19.28 -53.15 19.77
N GLY E 92 20.02 -52.10 19.42
CA GLY E 92 19.50 -50.90 18.80
C GLY E 92 20.15 -50.56 17.47
N THR E 93 20.91 -49.46 17.52
CA THR E 93 21.67 -48.87 16.43
C THR E 93 22.92 -49.68 16.11
N CYS E 94 22.79 -51.00 15.88
CA CYS E 94 23.93 -51.91 15.60
C CYS E 94 25.05 -51.25 14.78
N TYR E 95 24.70 -50.30 13.80
CA TYR E 95 25.80 -49.61 13.12
C TYR E 95 25.85 -48.24 13.73
N PRO E 96 27.01 -47.79 14.23
CA PRO E 96 27.06 -46.48 14.90
C PRO E 96 26.51 -45.32 14.05
N GLY E 97 25.81 -44.39 14.69
CA GLY E 97 25.22 -43.28 13.98
C GLY E 97 24.13 -42.62 14.81
N HIS E 98 23.66 -41.47 14.29
CA HIS E 98 22.63 -40.69 14.95
C HIS E 98 21.26 -40.96 14.34
N PHE E 99 20.25 -41.17 15.20
CA PHE E 99 18.87 -41.46 14.80
C PHE E 99 18.04 -40.18 14.81
N ALA E 100 17.75 -39.64 13.63
CA ALA E 100 16.98 -38.40 13.51
C ALA E 100 15.72 -38.28 14.35
N ASP E 101 15.71 -37.38 15.31
CA ASP E 101 14.54 -37.14 16.16
C ASP E 101 14.02 -38.43 16.79
N TYR E 102 14.95 -39.23 17.34
CA TYR E 102 14.62 -40.51 17.99
C TYR E 102 13.54 -40.36 19.06
N GLU E 103 13.68 -39.34 19.92
CA GLU E 103 12.71 -39.14 20.98
C GLU E 103 11.33 -38.88 20.43
N GLU E 104 11.24 -38.19 19.28
CA GLU E 104 9.95 -37.93 18.64
C GLU E 104 9.34 -39.21 18.09
N LEU E 105 10.17 -40.06 17.45
CA LEU E 105 9.69 -41.32 16.88
C LEU E 105 9.14 -42.23 17.96
N ARG E 106 9.70 -42.12 19.17
CA ARG E 106 9.17 -42.91 20.27
C ARG E 106 7.76 -42.44 20.60
N GLU E 107 7.58 -41.11 20.64
CA GLU E 107 6.27 -40.55 20.93
C GLU E 107 5.29 -40.88 19.84
N GLN E 108 5.76 -40.94 18.60
CA GLN E 108 4.87 -41.27 17.52
C GLN E 108 4.40 -42.72 17.65
N LEU E 109 5.33 -43.66 17.85
CA LEU E 109 4.94 -45.06 17.94
C LEU E 109 4.14 -45.32 19.21
N SER E 110 4.30 -44.48 20.23
CA SER E 110 3.48 -44.68 21.42
C SER E 110 2.02 -44.36 21.13
N SER E 111 1.73 -43.64 20.02
CA SER E 111 0.34 -43.37 19.64
C SER E 111 -0.18 -44.54 18.84
N VAL E 112 0.75 -45.24 18.19
CA VAL E 112 0.41 -46.33 17.28
C VAL E 112 -0.20 -47.48 18.05
N SER E 113 -1.32 -47.96 17.55
CA SER E 113 -2.03 -49.08 18.10
C SER E 113 -1.91 -50.31 17.23
N SER E 114 -1.39 -50.16 16.01
CA SER E 114 -1.25 -51.22 15.03
C SER E 114 -0.33 -50.75 13.89
N PHE E 115 0.36 -51.70 13.28
CA PHE E 115 1.24 -51.58 12.12
C PHE E 115 0.67 -52.44 10.99
N GLU E 116 1.21 -52.23 9.81
CA GLU E 116 0.99 -53.08 8.65
C GLU E 116 2.37 -53.02 8.02
N ARG E 117 3.29 -53.87 8.46
CA ARG E 117 4.64 -53.77 7.92
C ARG E 117 4.68 -54.34 6.50
N PHE E 118 5.27 -53.57 5.59
CA PHE E 118 5.38 -53.94 4.19
C PHE E 118 6.69 -53.39 3.62
N GLU E 119 7.10 -53.99 2.49
CA GLU E 119 8.33 -53.68 1.75
C GLU E 119 8.06 -52.61 0.67
N ILE E 120 8.27 -51.31 0.97
CA ILE E 120 7.99 -50.28 -0.05
C ILE E 120 8.88 -50.45 -1.27
N PHE E 121 10.15 -50.78 -1.08
CA PHE E 121 11.06 -50.98 -2.20
C PHE E 121 11.59 -52.40 -1.98
N PRO E 122 10.92 -53.40 -2.55
CA PRO E 122 11.31 -54.82 -2.34
C PRO E 122 12.73 -55.12 -2.81
N LYS E 123 13.52 -55.74 -1.91
CA LYS E 123 14.94 -56.05 -2.16
C LYS E 123 15.18 -56.65 -3.55
N GLU E 124 14.53 -57.79 -3.85
CA GLU E 124 14.64 -58.40 -5.17
C GLU E 124 13.87 -57.56 -6.16
N SER E 125 14.54 -57.11 -7.22
CA SER E 125 13.96 -56.32 -8.30
C SER E 125 13.76 -54.81 -8.03
N SER E 126 13.90 -54.29 -6.81
CA SER E 126 13.69 -52.83 -6.68
C SER E 126 14.85 -52.06 -7.26
N TRP E 127 16.06 -52.50 -6.99
CA TRP E 127 17.28 -51.82 -7.39
C TRP E 127 18.11 -52.61 -8.38
N PRO E 128 17.78 -52.52 -9.66
CA PRO E 128 18.64 -53.12 -10.67
C PRO E 128 19.85 -52.19 -10.81
N ASN E 129 20.90 -52.70 -11.44
CA ASN E 129 22.10 -51.92 -11.67
C ASN E 129 22.85 -51.57 -10.38
N HIS E 130 22.40 -52.06 -9.19
CA HIS E 130 23.04 -51.86 -7.88
C HIS E 130 23.19 -53.15 -7.09
N THR E 131 24.35 -53.34 -6.44
CA THR E 131 24.54 -54.50 -5.59
C THR E 131 23.88 -54.22 -4.24
N VAL E 132 23.10 -55.19 -3.73
CA VAL E 132 22.36 -54.98 -2.50
C VAL E 132 22.74 -55.94 -1.39
N THR E 133 23.86 -56.66 -1.55
CA THR E 133 24.31 -57.68 -0.58
C THR E 133 24.93 -57.11 0.70
N GLY E 134 25.26 -55.84 0.74
CA GLY E 134 25.87 -55.24 1.91
C GLY E 134 25.43 -55.69 3.29
N VAL E 135 26.40 -56.07 4.13
CA VAL E 135 26.18 -56.45 5.52
C VAL E 135 27.30 -55.82 6.33
N SER E 136 27.18 -55.88 7.65
CA SER E 136 28.25 -55.36 8.48
C SER E 136 28.49 -56.35 9.61
N ALA E 137 29.77 -56.51 9.96
CA ALA E 137 30.12 -57.36 11.07
C ALA E 137 29.51 -56.80 12.34
N SER E 138 29.27 -55.48 12.36
CA SER E 138 28.66 -54.81 13.50
C SER E 138 27.26 -55.30 13.75
N CYS E 139 26.55 -55.63 12.69
CA CYS E 139 25.17 -56.05 12.81
C CYS E 139 25.06 -57.55 12.58
N SER E 140 25.95 -58.30 13.24
CA SER E 140 26.02 -59.75 13.11
C SER E 140 24.97 -60.48 13.93
N HIS E 141 24.42 -61.53 13.34
CA HIS E 141 23.42 -62.39 13.94
C HIS E 141 23.72 -63.83 13.61
N ASN E 142 23.62 -64.70 14.63
CA ASN E 142 23.84 -66.14 14.48
C ASN E 142 25.22 -66.43 13.87
N GLY E 143 26.23 -65.75 14.40
CA GLY E 143 27.58 -65.95 13.95
C GLY E 143 27.92 -65.28 12.63
N LYS E 144 26.94 -65.05 11.77
CA LYS E 144 27.23 -64.43 10.49
C LYS E 144 26.97 -62.93 10.51
N SER E 145 27.73 -62.21 9.69
CA SER E 145 27.50 -60.77 9.55
C SER E 145 26.15 -60.54 8.89
N SER E 146 25.47 -59.47 9.30
CA SER E 146 24.17 -59.19 8.70
C SER E 146 23.98 -57.67 8.62
N PHE E 147 22.72 -57.25 8.47
CA PHE E 147 22.33 -55.85 8.36
C PHE E 147 20.89 -55.72 8.87
N TYR E 148 20.40 -54.48 8.89
CA TYR E 148 19.02 -54.25 9.32
C TYR E 148 18.01 -54.88 8.34
N LYS E 149 16.89 -55.36 8.89
CA LYS E 149 15.86 -55.93 8.05
C LYS E 149 15.02 -54.89 7.35
N ASN E 150 14.89 -53.69 7.95
CA ASN E 150 14.02 -52.65 7.40
C ASN E 150 14.75 -51.65 6.51
N LEU E 151 16.07 -51.51 6.65
CA LEU E 151 16.90 -50.66 5.81
C LEU E 151 17.59 -51.57 4.79
N LEU E 152 18.38 -50.97 3.90
CA LEU E 152 19.08 -51.76 2.87
C LEU E 152 20.27 -50.96 2.34
N TRP E 153 21.42 -51.62 2.30
CA TRP E 153 22.67 -51.00 1.92
C TRP E 153 22.90 -51.08 0.41
N LEU E 154 22.72 -49.96 -0.30
CA LEU E 154 22.97 -49.94 -1.73
C LEU E 154 24.44 -49.62 -1.97
N THR E 155 25.05 -50.33 -2.90
CA THR E 155 26.46 -50.12 -3.20
C THR E 155 26.72 -50.19 -4.70
N GLY E 156 27.93 -49.82 -5.11
CA GLY E 156 28.26 -49.89 -6.53
C GLY E 156 28.22 -51.32 -7.03
N LYS E 157 27.80 -51.47 -8.30
CA LYS E 157 27.64 -52.75 -8.99
C LYS E 157 28.31 -52.64 -10.35
N ASN E 158 29.27 -53.54 -10.62
CA ASN E 158 30.06 -53.53 -11.86
C ASN E 158 30.89 -52.23 -11.92
N GLY E 159 31.54 -51.91 -10.79
CA GLY E 159 32.35 -50.72 -10.76
C GLY E 159 31.56 -49.48 -11.12
N LEU E 160 30.26 -49.51 -10.86
CA LEU E 160 29.40 -48.38 -11.19
C LEU E 160 28.27 -48.26 -10.18
N TYR E 161 27.92 -47.02 -9.84
CA TYR E 161 26.77 -46.71 -8.98
C TYR E 161 25.97 -45.71 -9.78
N PRO E 162 25.17 -46.17 -10.74
CA PRO E 162 24.39 -45.24 -11.59
C PRO E 162 23.38 -44.42 -10.79
N ASN E 163 23.04 -43.22 -11.33
CA ASN E 163 22.07 -42.29 -10.73
C ASN E 163 20.82 -43.00 -10.24
N LEU E 164 20.40 -42.69 -9.02
CA LEU E 164 19.22 -43.32 -8.46
C LEU E 164 18.05 -42.34 -8.26
N SER E 165 16.84 -42.83 -8.56
CA SER E 165 15.60 -42.08 -8.37
C SER E 165 14.51 -43.10 -8.16
N LYS E 166 13.98 -43.20 -6.94
CA LYS E 166 12.93 -44.16 -6.64
C LYS E 166 11.73 -43.45 -6.04
N SER E 167 10.53 -43.82 -6.47
CA SER E 167 9.31 -43.21 -5.93
C SER E 167 8.37 -44.28 -5.42
N TYR E 168 7.57 -43.92 -4.43
CA TYR E 168 6.53 -44.75 -3.83
C TYR E 168 5.27 -43.90 -3.71
N ALA E 169 4.12 -44.45 -4.09
CA ALA E 169 2.89 -43.70 -4.01
C ALA E 169 2.10 -44.22 -2.83
N ASN E 170 1.84 -43.39 -1.83
CA ASN E 170 1.12 -43.91 -0.67
C ASN E 170 -0.36 -44.19 -0.84
N ASN E 171 -0.67 -45.37 -1.33
CA ASN E 171 -2.05 -45.80 -1.50
C ASN E 171 -2.51 -46.69 -0.36
N LYS E 172 -1.87 -46.58 0.81
CA LYS E 172 -2.21 -47.39 1.97
C LYS E 172 -3.40 -46.88 2.73
N GLU E 173 -4.06 -45.81 2.28
CA GLU E 173 -5.23 -45.26 2.95
C GLU E 173 -4.99 -45.10 4.46
N LYS E 174 -3.72 -44.94 4.81
CA LYS E 174 -3.17 -44.78 6.14
C LYS E 174 -1.82 -44.08 5.98
N GLU E 175 -1.35 -43.49 7.05
CA GLU E 175 -0.06 -42.83 7.05
C GLU E 175 1.09 -43.86 7.10
N VAL E 176 2.13 -43.67 6.29
CA VAL E 176 3.26 -44.62 6.27
C VAL E 176 4.55 -43.99 6.82
N LEU E 177 5.05 -44.51 7.96
CA LEU E 177 6.33 -44.07 8.52
C LEU E 177 7.40 -44.70 7.68
N VAL E 178 8.13 -43.93 6.90
CA VAL E 178 9.22 -44.46 6.06
C VAL E 178 10.55 -44.25 6.78
N LEU E 179 11.42 -45.29 6.82
CA LEU E 179 12.72 -45.18 7.48
C LEU E 179 13.83 -45.44 6.48
N TRP E 180 14.96 -44.76 6.65
CA TRP E 180 16.11 -44.92 5.76
C TRP E 180 17.30 -44.29 6.45
N GLY E 181 18.47 -44.41 5.82
CA GLY E 181 19.67 -43.87 6.38
C GLY E 181 20.62 -43.35 5.32
N VAL E 182 21.63 -42.61 5.81
CA VAL E 182 22.69 -42.08 4.98
C VAL E 182 23.93 -42.72 5.53
N HIS E 183 24.86 -43.12 4.66
CA HIS E 183 26.10 -43.75 5.11
C HIS E 183 27.29 -42.81 4.93
N HIS E 184 28.11 -42.67 5.99
CA HIS E 184 29.29 -41.81 6.03
C HIS E 184 30.55 -42.66 6.19
N PRO E 185 31.31 -42.88 5.12
CA PRO E 185 32.54 -43.70 5.22
C PRO E 185 33.63 -43.00 6.01
N PRO E 186 34.61 -43.75 6.54
CA PRO E 186 35.70 -43.09 7.27
C PRO E 186 36.80 -42.59 6.33
N ASN E 187 37.11 -43.32 5.25
CA ASN E 187 38.12 -42.90 4.28
C ASN E 187 37.47 -42.35 3.04
N ILE E 188 38.28 -41.71 2.21
CA ILE E 188 37.79 -41.33 0.91
C ILE E 188 37.94 -42.56 0.03
N GLY E 189 38.81 -43.49 0.44
CA GLY E 189 38.98 -44.74 -0.29
C GLY E 189 37.72 -45.57 -0.27
N ASP E 190 37.16 -45.78 0.93
CA ASP E 190 35.93 -46.54 1.06
C ASP E 190 34.83 -45.87 0.26
N GLN E 191 34.80 -44.55 0.29
CA GLN E 191 33.77 -43.80 -0.45
C GLN E 191 33.91 -44.05 -1.94
N ARG E 192 35.13 -43.95 -2.46
CA ARG E 192 35.36 -44.15 -3.89
C ARG E 192 35.14 -45.60 -4.32
N ALA E 193 35.54 -46.56 -3.48
CA ALA E 193 35.40 -47.97 -3.85
C ALA E 193 33.95 -48.47 -3.74
N LEU E 194 33.21 -47.98 -2.77
CA LEU E 194 31.85 -48.45 -2.50
C LEU E 194 30.81 -47.78 -3.39
N TYR E 195 30.93 -46.46 -3.57
CA TYR E 195 29.98 -45.67 -4.33
C TYR E 195 30.51 -45.07 -5.62
N HIS E 196 31.82 -45.16 -5.89
CA HIS E 196 32.41 -44.71 -7.15
C HIS E 196 32.08 -43.25 -7.45
N THR E 197 32.31 -42.39 -6.45
CA THR E 197 32.06 -40.98 -6.63
C THR E 197 32.49 -40.20 -5.38
N GLU E 198 32.78 -38.91 -5.59
CA GLU E 198 33.17 -38.01 -4.52
C GLU E 198 32.05 -37.03 -4.22
N ASN E 199 31.13 -36.85 -5.19
CA ASN E 199 29.98 -35.97 -5.19
C ASN E 199 29.01 -36.36 -4.10
N ALA E 200 28.40 -37.51 -4.26
CA ALA E 200 27.53 -38.05 -3.23
C ALA E 200 26.40 -37.16 -2.71
N TYR E 201 25.29 -37.05 -3.43
CA TYR E 201 24.14 -36.35 -2.85
C TYR E 201 23.13 -37.45 -2.56
N VAL E 202 22.15 -37.14 -1.71
CA VAL E 202 21.05 -38.06 -1.39
C VAL E 202 19.85 -37.16 -1.15
N SER E 203 18.89 -37.17 -2.06
CA SER E 203 17.71 -36.35 -1.91
C SER E 203 16.53 -37.21 -1.48
N VAL E 204 15.76 -36.72 -0.48
CA VAL E 204 14.52 -37.35 0.00
C VAL E 204 13.49 -36.23 0.07
N VAL E 205 12.40 -36.36 -0.71
CA VAL E 205 11.36 -35.34 -0.81
C VAL E 205 9.92 -35.85 -0.91
N SER E 206 9.05 -35.40 0.01
CA SER E 206 7.61 -35.57 0.04
C SER E 206 7.00 -34.25 -0.48
N SER E 207 5.70 -34.08 -0.25
CA SER E 207 5.04 -32.83 -0.57
C SER E 207 5.26 -31.85 0.57
N HIS E 208 5.64 -32.39 1.73
CA HIS E 208 5.88 -31.64 2.94
C HIS E 208 7.23 -31.94 3.57
N TYR E 209 8.10 -32.65 2.85
CA TYR E 209 9.42 -32.99 3.39
C TYR E 209 10.42 -32.83 2.27
N SER E 210 11.46 -32.05 2.52
CA SER E 210 12.53 -31.88 1.56
C SER E 210 13.79 -31.84 2.37
N ARG E 211 14.81 -32.54 1.91
CA ARG E 211 16.06 -32.59 2.62
C ARG E 211 17.14 -33.06 1.66
N LYS E 212 18.30 -32.42 1.74
CA LYS E 212 19.43 -32.78 0.91
C LYS E 212 20.49 -33.28 1.85
N PHE E 213 20.98 -34.48 1.59
CA PHE E 213 22.00 -35.06 2.42
C PHE E 213 23.29 -35.13 1.60
N THR E 214 24.42 -34.86 2.27
CA THR E 214 25.75 -34.88 1.69
C THR E 214 26.62 -35.62 2.70
N PRO E 215 27.41 -36.59 2.24
CA PRO E 215 28.26 -37.42 3.13
C PRO E 215 29.53 -36.72 3.58
N GLU E 216 29.74 -36.66 4.89
CA GLU E 216 30.93 -36.08 5.51
C GLU E 216 31.84 -37.23 5.88
N ILE E 217 33.01 -37.30 5.22
CA ILE E 217 34.02 -38.32 5.51
C ILE E 217 34.99 -37.76 6.55
N ALA E 218 35.30 -38.56 7.56
CA ALA E 218 36.22 -38.14 8.61
C ALA E 218 36.59 -39.36 9.46
N LYS E 219 37.76 -39.30 10.11
CA LYS E 219 38.20 -40.41 10.96
C LYS E 219 37.57 -40.22 12.33
N ARG E 220 37.03 -41.29 12.89
CA ARG E 220 36.30 -41.18 14.14
C ARG E 220 36.64 -42.28 15.12
N PRO E 221 36.29 -42.09 16.39
CA PRO E 221 36.49 -43.14 17.39
C PRO E 221 35.61 -44.32 17.03
N LYS E 222 36.16 -45.52 17.17
CA LYS E 222 35.42 -46.74 16.86
C LYS E 222 34.28 -47.00 17.84
N VAL E 223 33.04 -47.12 17.34
CA VAL E 223 31.92 -47.56 18.13
C VAL E 223 31.51 -48.87 17.46
N ARG E 224 31.48 -49.96 18.25
CA ARG E 224 31.16 -51.30 17.75
C ARG E 224 32.07 -51.72 16.59
N ASP E 225 33.37 -51.55 16.77
CA ASP E 225 34.44 -51.90 15.82
C ASP E 225 34.34 -51.21 14.47
N GLN E 226 33.47 -50.19 14.31
CA GLN E 226 33.36 -49.46 13.05
C GLN E 226 33.75 -48.00 13.23
N GLU E 227 34.58 -47.49 12.31
CA GLU E 227 35.03 -46.10 12.33
C GLU E 227 34.07 -45.17 11.58
N GLY E 228 33.34 -45.73 10.60
CA GLY E 228 32.33 -45.04 9.84
C GLY E 228 31.04 -45.00 10.63
N ARG E 229 30.03 -44.37 10.05
CA ARG E 229 28.73 -44.22 10.70
C ARG E 229 27.63 -44.27 9.65
N ILE E 230 26.38 -44.49 10.10
CA ILE E 230 25.15 -44.49 9.27
C ILE E 230 24.09 -43.68 10.03
N ASN E 231 23.72 -42.50 9.53
CA ASN E 231 22.71 -41.65 10.17
C ASN E 231 21.34 -42.08 9.65
N TYR E 232 20.42 -42.26 10.59
CA TYR E 232 19.06 -42.73 10.36
C TYR E 232 18.06 -41.59 10.42
N TYR E 233 17.29 -41.41 9.35
CA TYR E 233 16.27 -40.38 9.29
C TYR E 233 14.92 -41.02 9.04
N TRP E 234 13.87 -40.20 9.13
CA TRP E 234 12.54 -40.77 8.91
C TRP E 234 11.52 -39.65 8.83
N THR E 235 10.45 -39.93 8.09
CA THR E 235 9.35 -39.01 7.90
C THR E 235 8.06 -39.76 7.78
N LEU E 236 6.99 -39.12 8.20
CA LEU E 236 5.66 -39.65 8.03
C LEU E 236 5.19 -39.14 6.66
N LEU E 237 4.44 -39.96 5.93
CA LEU E 237 3.95 -39.60 4.60
C LEU E 237 2.44 -39.81 4.60
N GLU E 238 1.66 -38.73 4.51
CA GLU E 238 0.20 -38.85 4.58
C GLU E 238 -0.42 -39.52 3.34
N PRO E 239 -1.62 -40.10 3.49
CA PRO E 239 -2.24 -40.84 2.37
C PRO E 239 -2.26 -40.09 1.06
N GLY E 240 -1.90 -40.81 -0.01
CA GLY E 240 -1.83 -40.31 -1.35
C GLY E 240 -0.48 -39.71 -1.68
N ASP E 241 0.17 -39.16 -0.67
CA ASP E 241 1.45 -38.49 -0.84
C ASP E 241 2.44 -39.42 -1.52
N THR E 242 3.40 -38.83 -2.21
CA THR E 242 4.46 -39.52 -2.92
C THR E 242 5.80 -39.14 -2.33
N ILE E 243 6.77 -40.08 -2.24
CA ILE E 243 8.09 -39.77 -1.70
C ILE E 243 9.17 -40.20 -2.70
N ILE E 244 10.06 -39.29 -3.09
CA ILE E 244 11.07 -39.61 -4.11
C ILE E 244 12.48 -39.63 -3.50
N PHE E 245 13.12 -40.80 -3.57
CA PHE E 245 14.48 -40.96 -3.12
C PHE E 245 15.42 -40.91 -4.32
N GLU E 246 16.33 -39.94 -4.30
CA GLU E 246 17.36 -39.80 -5.31
C GLU E 246 18.70 -39.66 -4.61
N ALA E 247 19.75 -40.23 -5.23
CA ALA E 247 21.10 -40.17 -4.70
C ALA E 247 22.08 -40.68 -5.75
N ASN E 248 23.32 -40.21 -5.64
CA ASN E 248 24.42 -40.63 -6.49
C ASN E 248 25.20 -41.78 -5.86
N GLY E 249 24.85 -42.10 -4.63
CA GLY E 249 25.49 -43.11 -3.82
C GLY E 249 25.29 -42.69 -2.38
N ASN E 250 25.82 -43.51 -1.48
CA ASN E 250 25.79 -43.24 -0.05
C ASN E 250 24.41 -43.31 0.56
N LEU E 251 23.44 -43.89 -0.12
CA LEU E 251 22.10 -44.01 0.44
C LEU E 251 21.90 -45.34 1.15
N ILE E 252 21.47 -45.29 2.41
CA ILE E 252 21.04 -46.49 3.11
C ILE E 252 19.55 -46.44 2.82
N ALA E 253 19.14 -47.18 1.77
CA ALA E 253 17.80 -47.14 1.23
C ALA E 253 16.76 -47.81 2.12
N PRO E 254 15.50 -47.40 2.00
CA PRO E 254 14.41 -48.04 2.74
C PRO E 254 13.99 -49.32 2.03
N ARG E 255 13.81 -50.36 2.83
CA ARG E 255 13.34 -51.66 2.34
C ARG E 255 11.94 -51.96 2.84
N TYR E 256 11.73 -51.91 4.15
CA TYR E 256 10.43 -52.07 4.76
C TYR E 256 10.03 -50.76 5.46
N ALA E 257 8.75 -50.37 5.33
CA ALA E 257 8.13 -49.19 5.96
C ALA E 257 6.94 -49.66 6.80
N PHE E 258 6.18 -48.73 7.39
CA PHE E 258 5.03 -49.12 8.23
C PHE E 258 3.78 -48.27 7.99
N ALA E 259 2.65 -48.93 7.72
CA ALA E 259 1.36 -48.24 7.54
C ALA E 259 0.74 -48.17 8.94
N LEU E 260 0.90 -47.01 9.58
CA LEU E 260 0.50 -46.84 10.98
C LEU E 260 -0.98 -46.72 11.21
N SER E 261 -1.42 -47.32 12.30
CA SER E 261 -2.80 -47.21 12.75
C SER E 261 -2.69 -46.69 14.16
N ARG E 262 -3.29 -45.56 14.40
CA ARG E 262 -3.19 -44.93 15.71
C ARG E 262 -4.37 -45.26 16.60
N GLY E 263 -4.16 -45.07 17.89
CA GLY E 263 -5.12 -45.33 18.94
C GLY E 263 -4.77 -44.46 20.14
N PHE E 264 -5.31 -44.82 21.30
CA PHE E 264 -5.03 -44.10 22.53
C PHE E 264 -4.66 -45.11 23.61
N GLY E 265 -4.30 -44.61 24.79
CA GLY E 265 -3.98 -45.49 25.90
C GLY E 265 -2.60 -46.16 25.94
N SER E 266 -1.80 -46.13 24.86
CA SER E 266 -0.51 -46.82 24.95
C SER E 266 0.61 -45.85 25.25
N GLY E 267 1.75 -46.45 25.58
CA GLY E 267 2.94 -45.70 25.91
C GLY E 267 4.04 -46.70 26.19
N ILE E 268 5.26 -46.20 26.34
CA ILE E 268 6.40 -47.06 26.61
C ILE E 268 6.71 -47.04 28.09
N ILE E 269 6.93 -48.24 28.67
CA ILE E 269 7.28 -48.38 30.08
C ILE E 269 8.54 -49.22 30.15
N ASN E 270 9.34 -48.99 31.20
CA ASN E 270 10.55 -49.75 31.45
C ASN E 270 10.26 -50.70 32.60
N SER E 271 10.50 -51.98 32.37
CA SER E 271 10.12 -52.90 33.43
C SER E 271 10.85 -54.22 33.36
N ASN E 272 11.05 -54.80 34.53
CA ASN E 272 11.65 -56.10 34.70
C ASN E 272 10.61 -57.11 35.12
N ALA E 273 9.35 -56.70 35.21
CA ALA E 273 8.30 -57.61 35.63
C ALA E 273 8.04 -58.63 34.53
N PRO E 274 7.72 -59.86 34.92
CA PRO E 274 7.49 -60.93 33.95
C PRO E 274 6.09 -60.89 33.38
N MET E 275 5.91 -61.68 32.34
CA MET E 275 4.63 -61.84 31.66
C MET E 275 3.77 -62.85 32.41
N ASP E 276 2.46 -62.64 32.38
CA ASP E 276 1.48 -63.54 32.96
C ASP E 276 0.28 -63.53 32.02
N GLU E 277 -0.81 -64.17 32.42
CA GLU E 277 -2.01 -64.18 31.60
C GLU E 277 -3.14 -63.36 32.24
N CYS E 278 -2.84 -62.66 33.34
CA CYS E 278 -3.83 -61.81 34.00
C CYS E 278 -4.36 -60.75 33.04
N ASP E 279 -5.66 -60.48 33.13
CA ASP E 279 -6.36 -59.55 32.26
C ASP E 279 -6.52 -58.16 32.88
N ALA E 280 -5.53 -57.74 33.68
CA ALA E 280 -5.50 -56.45 34.39
C ALA E 280 -5.96 -55.22 33.59
N LYS E 281 -6.77 -54.39 34.26
CA LYS E 281 -7.26 -53.13 33.71
C LYS E 281 -6.21 -52.03 33.73
N CYS E 282 -5.29 -52.11 34.70
CA CYS E 282 -4.22 -51.14 34.91
C CYS E 282 -2.88 -51.83 35.01
N GLN E 283 -1.89 -51.28 34.32
CA GLN E 283 -0.55 -51.85 34.29
C GLN E 283 0.49 -50.80 34.66
N THR E 284 1.49 -51.21 35.42
CA THR E 284 2.59 -50.38 35.89
C THR E 284 3.92 -51.10 35.67
N PRO E 285 5.04 -50.38 35.75
CA PRO E 285 6.33 -51.07 35.62
C PRO E 285 6.52 -52.11 36.72
N GLN E 286 5.86 -51.89 37.87
CA GLN E 286 5.99 -52.77 39.01
C GLN E 286 5.07 -53.98 38.92
N GLY E 287 3.86 -53.80 38.40
CA GLY E 287 2.94 -54.89 38.26
C GLY E 287 1.54 -54.37 38.02
N ALA E 288 0.62 -55.30 37.84
CA ALA E 288 -0.75 -54.89 37.63
C ALA E 288 -1.37 -54.45 38.97
N ILE E 289 -2.51 -53.78 38.88
CA ILE E 289 -3.18 -53.30 40.09
C ILE E 289 -4.59 -53.85 40.10
N ASN E 290 -4.90 -54.71 41.08
CA ASN E 290 -6.20 -55.35 41.24
C ASN E 290 -7.05 -54.57 42.26
N SER E 291 -7.51 -53.38 41.86
CA SER E 291 -8.26 -52.58 42.81
C SER E 291 -9.18 -51.60 42.11
N SER E 292 -10.04 -50.93 42.91
CA SER E 292 -10.96 -49.90 42.42
C SER E 292 -10.93 -48.67 43.33
N LEU E 293 -9.80 -48.44 44.03
CA LEU E 293 -9.61 -47.30 44.91
C LEU E 293 -9.33 -46.03 44.11
N PRO E 294 -9.52 -44.85 44.72
CA PRO E 294 -9.23 -43.62 43.97
C PRO E 294 -7.75 -43.22 43.99
N PHE E 295 -6.94 -43.73 44.92
CA PHE E 295 -5.52 -43.39 44.98
C PHE E 295 -4.66 -44.65 45.01
N GLN E 296 -3.37 -44.44 44.72
CA GLN E 296 -2.38 -45.51 44.70
C GLN E 296 -1.02 -44.87 44.89
N ASN E 297 -0.05 -45.69 45.29
CA ASN E 297 1.30 -45.17 45.48
C ASN E 297 2.38 -46.14 45.00
N VAL E 298 2.06 -47.04 44.07
CA VAL E 298 3.06 -47.99 43.60
C VAL E 298 3.98 -47.35 42.56
N HIS E 299 3.42 -46.58 41.60
CA HIS E 299 4.24 -45.99 40.56
C HIS E 299 3.56 -44.81 39.87
N PRO E 300 4.29 -43.75 39.55
CA PRO E 300 3.66 -42.67 38.81
C PRO E 300 3.36 -43.11 37.39
N VAL E 301 4.22 -43.97 36.81
CA VAL E 301 3.96 -44.47 35.47
C VAL E 301 2.77 -45.41 35.54
N THR E 302 1.80 -45.19 34.67
CA THR E 302 0.59 -45.96 34.71
C THR E 302 0.03 -46.05 33.31
N ILE E 303 -0.68 -47.13 33.02
CA ILE E 303 -1.27 -47.35 31.71
C ILE E 303 -2.66 -47.95 31.90
N GLY E 304 -3.67 -47.41 31.20
CA GLY E 304 -5.04 -47.89 31.31
C GLY E 304 -5.90 -47.10 32.28
N GLU E 305 -6.89 -47.74 32.91
CA GLU E 305 -7.74 -47.07 33.88
C GLU E 305 -7.09 -47.32 35.23
N CYS E 306 -6.52 -46.27 35.82
CA CYS E 306 -5.80 -46.49 37.06
C CYS E 306 -6.09 -45.38 38.06
N PRO E 307 -5.82 -45.62 39.35
CA PRO E 307 -6.06 -44.56 40.35
C PRO E 307 -4.94 -43.53 40.40
N LYS E 308 -5.32 -42.27 40.67
CA LYS E 308 -4.36 -41.17 40.70
C LYS E 308 -3.23 -41.48 41.68
N TYR E 309 -1.99 -41.26 41.25
CA TYR E 309 -0.83 -41.56 42.08
C TYR E 309 -0.51 -40.43 43.07
N VAL E 310 -0.22 -40.80 44.31
CA VAL E 310 0.13 -39.86 45.38
C VAL E 310 1.29 -40.44 46.19
N ARG E 311 2.08 -39.55 46.80
CA ARG E 311 3.23 -39.98 47.61
C ARG E 311 2.84 -40.39 49.03
N SER E 312 1.61 -40.13 49.46
CA SER E 312 1.12 -40.46 50.79
C SER E 312 1.31 -41.93 51.13
N ALA E 313 1.27 -42.25 52.42
CA ALA E 313 1.38 -43.63 52.89
C ALA E 313 0.06 -44.20 53.40
N LYS E 314 -0.78 -43.42 54.09
CA LYS E 314 -2.02 -43.98 54.62
C LYS E 314 -3.35 -43.65 53.93
N LEU E 315 -3.79 -42.39 53.96
CA LEU E 315 -5.10 -42.00 53.42
C LEU E 315 -6.20 -42.92 53.99
N ARG E 316 -6.42 -42.78 55.31
CA ARG E 316 -7.34 -43.65 56.04
C ARG E 316 -8.83 -43.28 55.98
N MET E 317 -9.21 -42.07 56.38
CA MET E 317 -10.64 -41.69 56.32
C MET E 317 -11.63 -42.52 57.17
N VAL E 318 -11.74 -42.21 58.47
CA VAL E 318 -12.68 -42.91 59.36
C VAL E 318 -14.12 -42.83 58.85
N THR E 319 -14.86 -43.92 59.09
CA THR E 319 -16.28 -44.02 58.81
C THR E 319 -17.10 -44.11 60.08
N GLY E 320 -16.59 -44.81 61.09
CA GLY E 320 -17.25 -44.93 62.39
C GLY E 320 -16.82 -43.83 63.34
N LEU E 321 -16.77 -44.17 64.63
CA LEU E 321 -16.39 -43.24 65.69
C LEU E 321 -15.32 -43.88 66.58
N ARG E 322 -14.85 -43.11 67.58
CA ARG E 322 -13.80 -43.56 68.48
C ARG E 322 -14.15 -44.87 69.19
N ASN E 323 -13.10 -45.65 69.49
CA ASN E 323 -13.21 -46.94 70.18
C ASN E 323 -12.78 -46.78 71.64
N ILE E 324 -13.71 -47.01 72.57
CA ILE E 324 -13.40 -46.86 73.99
C ILE E 324 -13.75 -48.10 74.82
N PRO E 325 -12.83 -49.06 74.92
CA PRO E 325 -13.08 -50.24 75.77
C PRO E 325 -12.82 -49.88 77.23
N SER E 326 -12.73 -50.88 78.12
CA SER E 326 -12.45 -50.68 79.55
C SER E 326 -13.53 -49.95 80.36
N ILE E 327 -14.68 -50.60 80.53
CA ILE E 327 -15.79 -50.07 81.32
C ILE E 327 -15.33 -49.78 82.75
N GLY F 1 -16.05 -34.81 71.57
CA GLY F 1 -15.13 -33.78 71.11
C GLY F 1 -15.77 -32.41 70.94
N LEU F 2 -16.51 -32.25 69.82
CA LEU F 2 -17.20 -31.01 69.50
C LEU F 2 -18.52 -30.94 70.24
N PHE F 3 -19.22 -32.06 70.29
CA PHE F 3 -20.47 -32.20 71.01
C PHE F 3 -20.18 -32.98 72.29
N GLY F 4 -21.01 -32.80 73.31
CA GLY F 4 -20.71 -33.49 74.56
C GLY F 4 -21.01 -34.97 74.66
N ALA F 5 -21.51 -35.64 73.62
CA ALA F 5 -21.90 -37.05 73.75
C ALA F 5 -20.77 -38.09 73.75
N ILE F 6 -20.07 -38.27 72.64
CA ILE F 6 -19.05 -39.32 72.56
C ILE F 6 -17.80 -38.93 73.35
N ALA F 7 -17.31 -39.88 74.16
CA ALA F 7 -16.15 -39.75 75.04
C ALA F 7 -16.35 -38.68 76.11
N GLY F 8 -17.56 -38.14 76.20
CA GLY F 8 -17.93 -37.11 77.16
C GLY F 8 -18.79 -37.65 78.28
N PHE F 9 -20.10 -37.43 78.23
CA PHE F 9 -20.97 -37.92 79.30
C PHE F 9 -21.39 -39.37 79.11
N ILE F 10 -20.94 -40.01 78.02
CA ILE F 10 -21.15 -41.45 77.78
C ILE F 10 -19.72 -41.92 77.50
N GLU F 11 -18.99 -42.30 78.55
CA GLU F 11 -17.57 -42.66 78.51
C GLU F 11 -17.27 -43.96 77.85
N GLY F 12 -18.14 -44.71 77.21
CA GLY F 12 -17.65 -45.96 76.63
C GLY F 12 -18.62 -46.49 75.61
N GLY F 13 -18.15 -47.51 74.88
CA GLY F 13 -18.99 -48.13 73.88
C GLY F 13 -19.40 -49.49 74.41
N TRP F 14 -20.41 -50.09 73.82
CA TRP F 14 -20.92 -51.36 74.34
C TRP F 14 -20.65 -52.49 73.36
N THR F 15 -19.70 -53.35 73.72
CA THR F 15 -19.40 -54.54 72.91
C THR F 15 -20.66 -55.39 72.71
N GLY F 16 -21.55 -55.40 73.71
CA GLY F 16 -22.79 -56.15 73.60
C GLY F 16 -23.66 -55.70 72.43
N MET F 17 -23.69 -54.39 72.17
CA MET F 17 -24.51 -53.83 71.10
C MET F 17 -23.92 -54.12 69.72
N VAL F 18 -24.71 -54.79 68.88
CA VAL F 18 -24.36 -55.07 67.49
C VAL F 18 -25.58 -54.52 66.75
N ASP F 19 -25.62 -54.68 65.43
CA ASP F 19 -26.74 -54.26 64.61
C ASP F 19 -26.91 -52.73 64.55
N GLY F 20 -25.86 -51.96 64.80
CA GLY F 20 -26.02 -50.52 64.71
C GLY F 20 -24.93 -49.77 65.46
N TRP F 21 -24.91 -48.45 65.20
CA TRP F 21 -23.93 -47.57 65.83
C TRP F 21 -24.43 -46.97 67.14
N TYR F 22 -25.74 -46.71 67.23
CA TYR F 22 -26.36 -46.13 68.42
C TYR F 22 -27.47 -47.06 68.92
N GLY F 23 -27.94 -46.81 70.13
CA GLY F 23 -29.01 -47.66 70.66
C GLY F 23 -29.23 -47.45 72.14
N TYR F 24 -29.83 -48.46 72.77
CA TYR F 24 -30.19 -48.45 74.18
C TYR F 24 -29.85 -49.78 74.84
N HIS F 25 -29.87 -49.77 76.17
CA HIS F 25 -29.63 -50.94 77.02
C HIS F 25 -30.79 -50.93 78.02
N HIS F 26 -31.91 -51.53 77.63
CA HIS F 26 -33.07 -51.55 78.52
C HIS F 26 -32.84 -52.58 79.62
N GLN F 27 -33.29 -52.24 80.83
CA GLN F 27 -33.13 -53.11 81.99
C GLN F 27 -34.49 -53.47 82.59
N ASN F 28 -35.10 -54.52 82.06
CA ASN F 28 -36.39 -55.04 82.50
C ASN F 28 -36.16 -56.39 83.17
N GLU F 29 -37.13 -56.84 83.97
CA GLU F 29 -36.99 -58.14 84.62
C GLU F 29 -37.29 -59.29 83.67
N GLN F 30 -37.84 -59.00 82.47
CA GLN F 30 -38.14 -60.01 81.44
C GLN F 30 -37.05 -60.05 80.38
N GLY F 31 -35.84 -59.77 80.83
CA GLY F 31 -34.67 -59.75 79.99
C GLY F 31 -34.20 -58.35 79.72
N SER F 32 -32.88 -58.21 79.67
CA SER F 32 -32.23 -56.96 79.37
C SER F 32 -31.39 -57.17 78.11
N GLY F 33 -30.75 -56.12 77.65
CA GLY F 33 -29.96 -56.25 76.45
C GLY F 33 -29.69 -54.91 75.83
N TYR F 34 -28.86 -54.94 74.81
CA TYR F 34 -28.45 -53.74 74.09
C TYR F 34 -29.26 -53.64 72.82
N ALA F 35 -30.43 -53.03 72.92
CA ALA F 35 -31.33 -52.83 71.79
C ALA F 35 -30.77 -51.68 70.95
N ALA F 36 -30.19 -52.01 69.80
CA ALA F 36 -29.58 -51.03 68.92
C ALA F 36 -30.63 -50.28 68.10
N ASP F 37 -30.49 -48.95 68.05
CA ASP F 37 -31.39 -48.07 67.32
C ASP F 37 -31.40 -48.42 65.83
N GLN F 38 -32.47 -48.03 65.15
CA GLN F 38 -32.64 -48.30 63.73
C GLN F 38 -32.69 -47.05 62.85
N LYS F 39 -33.57 -46.10 63.17
CA LYS F 39 -33.74 -44.91 62.35
C LYS F 39 -32.49 -44.07 62.28
N SER F 40 -31.96 -43.63 63.43
CA SER F 40 -30.76 -42.79 63.39
C SER F 40 -29.53 -43.55 62.90
N THR F 41 -29.46 -44.86 63.12
CA THR F 41 -28.30 -45.63 62.67
C THR F 41 -28.22 -45.73 61.15
N GLN F 42 -29.29 -46.23 60.51
CA GLN F 42 -29.24 -46.34 59.05
C GLN F 42 -29.13 -44.95 58.40
N ASN F 43 -29.63 -43.91 59.07
CA ASN F 43 -29.50 -42.55 58.55
C ASN F 43 -28.04 -42.11 58.53
N ALA F 44 -27.29 -42.45 59.58
CA ALA F 44 -25.88 -42.11 59.63
C ALA F 44 -25.08 -42.91 58.61
N ILE F 45 -25.43 -44.19 58.43
CA ILE F 45 -24.74 -45.03 57.45
C ILE F 45 -24.94 -44.46 56.05
N ASN F 46 -26.16 -44.00 55.73
CA ASN F 46 -26.41 -43.40 54.41
C ASN F 46 -25.51 -42.19 54.18
N GLY F 47 -25.47 -41.27 55.14
CA GLY F 47 -24.67 -40.08 55.00
C GLY F 47 -23.18 -40.39 54.85
N ILE F 48 -22.68 -41.33 55.63
CA ILE F 48 -21.27 -41.67 55.54
C ILE F 48 -20.99 -42.42 54.24
N THR F 49 -21.92 -43.28 53.80
CA THR F 49 -21.72 -43.99 52.54
C THR F 49 -21.75 -43.00 51.37
N ASN F 50 -22.63 -42.00 51.44
CA ASN F 50 -22.66 -40.98 50.40
C ASN F 50 -21.38 -40.14 50.46
N LYS F 51 -20.95 -39.77 51.68
CA LYS F 51 -19.72 -39.01 51.87
C LYS F 51 -18.53 -39.64 51.16
N VAL F 52 -18.25 -40.89 51.51
CA VAL F 52 -17.14 -41.64 50.94
C VAL F 52 -17.29 -41.78 49.43
N ASN F 53 -18.43 -42.32 48.98
CA ASN F 53 -18.65 -42.52 47.56
C ASN F 53 -18.67 -41.21 46.78
N SER F 54 -19.22 -40.14 47.35
CA SER F 54 -19.25 -38.87 46.62
C SER F 54 -17.86 -38.25 46.51
N VAL F 55 -16.92 -38.69 47.34
CA VAL F 55 -15.55 -38.19 47.30
C VAL F 55 -14.71 -38.98 46.32
N ILE F 56 -14.81 -40.31 46.30
CA ILE F 56 -14.05 -41.10 45.35
C ILE F 56 -14.63 -40.90 43.95
N GLU F 57 -15.90 -40.48 43.86
CA GLU F 57 -16.51 -40.18 42.55
C GLU F 57 -15.80 -39.01 41.86
N LYS F 58 -15.37 -38.01 42.64
CA LYS F 58 -14.69 -36.83 42.12
C LYS F 58 -13.24 -37.07 41.73
N MET F 59 -12.76 -38.32 41.70
CA MET F 59 -11.39 -38.63 41.29
C MET F 59 -11.54 -39.85 40.40
N ASN F 60 -11.78 -39.62 39.11
CA ASN F 60 -12.02 -40.71 38.17
C ASN F 60 -10.90 -41.70 37.84
N THR F 61 -9.93 -41.29 37.02
CA THR F 61 -8.87 -42.17 36.56
C THR F 61 -7.74 -41.49 35.81
N GLN F 62 -6.50 -41.73 36.21
CA GLN F 62 -5.36 -41.15 35.51
C GLN F 62 -5.33 -41.83 34.14
N PHE F 63 -4.84 -41.13 33.13
CA PHE F 63 -4.80 -41.76 31.81
C PHE F 63 -3.41 -41.85 31.17
N THR F 64 -2.86 -43.05 31.32
CA THR F 64 -1.58 -43.51 30.80
C THR F 64 -0.48 -42.44 30.78
N ALA F 65 -0.03 -42.00 31.94
CA ALA F 65 1.06 -41.03 32.02
C ALA F 65 2.34 -41.83 32.17
N VAL F 66 3.20 -41.77 31.15
CA VAL F 66 4.47 -42.50 31.15
C VAL F 66 5.62 -41.50 30.97
N GLY F 67 6.84 -41.94 31.31
CA GLY F 67 8.04 -41.14 31.18
C GLY F 67 8.19 -40.58 29.78
N LYS F 68 9.10 -39.63 29.53
CA LYS F 68 9.09 -39.12 28.16
C LYS F 68 10.41 -39.18 27.39
N GLU F 69 11.53 -39.55 27.99
CA GLU F 69 12.74 -39.70 27.19
C GLU F 69 13.22 -38.52 26.32
N PHE F 70 13.96 -37.58 26.90
CA PHE F 70 14.51 -36.43 26.19
C PHE F 70 15.93 -36.72 25.69
N ASN F 71 16.47 -35.83 24.87
CA ASN F 71 17.80 -36.05 24.31
C ASN F 71 18.90 -35.40 25.16
N LYS F 72 20.15 -35.59 24.71
CA LYS F 72 21.33 -35.06 25.40
C LYS F 72 21.39 -33.54 25.38
N LEU F 73 20.67 -32.91 24.46
CA LEU F 73 20.62 -31.47 24.31
C LEU F 73 19.25 -30.94 24.68
N GLU F 74 18.41 -31.74 25.34
CA GLU F 74 17.06 -31.33 25.70
C GLU F 74 16.89 -31.36 27.21
N ARG F 75 17.92 -30.94 27.95
CA ARG F 75 17.82 -30.92 29.39
C ARG F 75 16.68 -30.01 29.83
N ARG F 76 16.60 -28.79 29.27
CA ARG F 76 15.56 -27.85 29.65
C ARG F 76 14.19 -28.51 29.60
N MET F 77 13.82 -29.02 28.44
CA MET F 77 12.52 -29.65 28.39
C MET F 77 12.45 -30.84 29.31
N GLU F 78 13.57 -31.53 29.55
CA GLU F 78 13.45 -32.67 30.45
C GLU F 78 13.06 -32.22 31.84
N ASN F 79 13.63 -31.11 32.30
CA ASN F 79 13.28 -30.61 33.62
C ASN F 79 11.84 -30.12 33.62
N LEU F 80 11.44 -29.41 32.57
CA LEU F 80 10.07 -28.90 32.50
C LEU F 80 9.07 -30.04 32.64
N ASN F 81 9.36 -31.20 32.06
CA ASN F 81 8.44 -32.31 32.21
C ASN F 81 8.43 -32.76 33.68
N LYS F 82 9.62 -32.93 34.26
CA LYS F 82 9.67 -33.37 35.64
C LYS F 82 9.04 -32.32 36.54
N LYS F 83 9.24 -31.04 36.24
CA LYS F 83 8.58 -30.03 37.07
C LYS F 83 7.06 -30.17 37.00
N VAL F 84 6.51 -30.45 35.79
CA VAL F 84 5.06 -30.60 35.66
C VAL F 84 4.60 -31.86 36.38
N ASP F 85 5.22 -32.99 36.09
CA ASP F 85 4.81 -34.23 36.74
C ASP F 85 4.90 -34.14 38.26
N ASP F 86 6.03 -33.65 38.79
CA ASP F 86 6.18 -33.56 40.24
C ASP F 86 5.22 -32.55 40.86
N GLY F 87 5.21 -31.34 40.34
CA GLY F 87 4.34 -30.34 40.89
C GLY F 87 2.92 -30.83 41.03
N PHE F 88 2.45 -31.63 40.07
CA PHE F 88 1.08 -32.11 40.15
C PHE F 88 0.96 -33.22 41.18
N ILE F 89 1.96 -34.10 41.24
CA ILE F 89 1.92 -35.13 42.27
C ILE F 89 1.87 -34.46 43.63
N ASP F 90 2.62 -33.37 43.79
CA ASP F 90 2.61 -32.59 45.01
C ASP F 90 1.19 -32.11 45.29
N VAL F 91 0.53 -31.60 44.26
CA VAL F 91 -0.81 -31.07 44.41
C VAL F 91 -1.79 -32.16 44.79
N TRP F 92 -1.74 -33.32 44.13
CA TRP F 92 -2.73 -34.35 44.46
C TRP F 92 -2.42 -35.03 45.79
N THR F 93 -1.15 -35.28 46.10
CA THR F 93 -0.85 -35.90 47.39
C THR F 93 -1.41 -35.02 48.51
N TYR F 94 -1.13 -33.72 48.44
CA TYR F 94 -1.66 -32.78 49.42
C TYR F 94 -3.17 -32.93 49.53
N ASN F 95 -3.85 -32.92 48.38
CA ASN F 95 -5.30 -33.04 48.36
C ASN F 95 -5.80 -34.27 49.12
N ALA F 96 -5.23 -35.42 48.81
CA ALA F 96 -5.69 -36.66 49.43
C ALA F 96 -5.46 -36.64 50.93
N GLU F 97 -4.25 -36.27 51.34
CA GLU F 97 -3.95 -36.26 52.76
C GLU F 97 -4.75 -35.19 53.51
N LEU F 98 -4.85 -33.98 52.97
CA LEU F 98 -5.59 -32.95 53.69
C LEU F 98 -7.08 -33.26 53.71
N LEU F 99 -7.58 -33.98 52.73
CA LEU F 99 -8.99 -34.31 52.71
C LEU F 99 -9.36 -35.30 53.80
N VAL F 100 -8.62 -36.41 53.88
CA VAL F 100 -8.93 -37.43 54.90
C VAL F 100 -8.75 -36.88 56.30
N LEU F 101 -7.68 -36.11 56.52
CA LEU F 101 -7.41 -35.53 57.82
C LEU F 101 -8.59 -34.69 58.32
N LEU F 102 -9.05 -33.74 57.49
CA LEU F 102 -10.16 -32.85 57.85
C LEU F 102 -11.50 -33.55 57.91
N GLU F 103 -11.85 -34.35 56.90
CA GLU F 103 -13.17 -34.95 57.01
C GLU F 103 -13.25 -36.03 58.08
N ASN F 104 -12.11 -36.49 58.63
CA ASN F 104 -12.21 -37.45 59.73
C ASN F 104 -12.77 -36.74 60.95
N GLU F 105 -12.23 -35.56 61.27
CA GLU F 105 -12.76 -34.79 62.38
C GLU F 105 -14.22 -34.45 62.12
N ARG F 106 -14.55 -34.14 60.88
CA ARG F 106 -15.95 -33.84 60.54
C ARG F 106 -16.82 -35.07 60.74
N THR F 107 -16.30 -36.25 60.40
CA THR F 107 -17.06 -37.49 60.57
C THR F 107 -17.30 -37.80 62.04
N LEU F 108 -16.28 -37.60 62.88
CA LEU F 108 -16.43 -37.84 64.31
C LEU F 108 -17.43 -36.88 64.93
N ASP F 109 -17.30 -35.57 64.64
CA ASP F 109 -18.23 -34.58 65.16
C ASP F 109 -19.64 -34.89 64.69
N PHE F 110 -19.76 -35.57 63.54
CA PHE F 110 -21.04 -36.01 63.00
C PHE F 110 -21.62 -37.11 63.89
N HIS F 111 -20.78 -38.08 64.30
CA HIS F 111 -21.24 -39.12 65.22
C HIS F 111 -21.52 -38.50 66.59
N ASP F 112 -20.69 -37.53 66.99
CA ASP F 112 -20.87 -36.81 68.24
C ASP F 112 -22.23 -36.13 68.29
N SER F 113 -22.54 -35.35 67.26
CA SER F 113 -23.82 -34.65 67.17
C SER F 113 -24.99 -35.64 67.13
N ASN F 114 -24.83 -36.74 66.39
CA ASN F 114 -25.92 -37.71 66.27
C ASN F 114 -26.31 -38.28 67.63
N VAL F 115 -25.32 -38.65 68.45
CA VAL F 115 -25.62 -39.19 69.78
C VAL F 115 -26.30 -38.12 70.63
N LYS F 116 -25.74 -36.90 70.62
CA LYS F 116 -26.35 -35.81 71.37
C LYS F 116 -27.75 -35.53 70.84
N ASN F 117 -27.99 -35.82 69.57
CA ASN F 117 -29.33 -35.66 68.97
C ASN F 117 -30.26 -36.78 69.42
N LEU F 118 -29.70 -37.88 69.90
CA LEU F 118 -30.50 -38.99 70.41
C LEU F 118 -30.72 -38.85 71.91
N TYR F 119 -29.81 -38.17 72.62
CA TYR F 119 -29.99 -37.93 74.05
C TYR F 119 -31.20 -37.00 74.24
N GLU F 120 -31.42 -36.13 73.26
CA GLU F 120 -32.60 -35.29 73.12
C GLU F 120 -33.62 -36.19 72.39
N LYS F 121 -34.80 -35.67 72.05
CA LYS F 121 -35.82 -36.47 71.35
C LYS F 121 -36.38 -37.56 72.27
N VAL F 122 -35.78 -37.73 73.44
CA VAL F 122 -36.24 -38.64 74.49
C VAL F 122 -36.47 -37.73 75.68
N LYS F 123 -35.67 -36.64 75.77
CA LYS F 123 -35.92 -35.63 76.79
C LYS F 123 -37.23 -34.93 76.47
N SER F 124 -37.54 -34.82 75.18
CA SER F 124 -38.79 -34.25 74.69
C SER F 124 -39.93 -35.25 74.85
N GLN F 125 -39.60 -36.54 75.00
CA GLN F 125 -40.54 -37.65 75.19
C GLN F 125 -40.75 -37.96 76.67
N LEU F 126 -39.66 -38.20 77.41
CA LEU F 126 -39.72 -38.50 78.85
C LEU F 126 -39.60 -37.20 79.65
N LYS F 127 -40.60 -36.33 79.44
CA LYS F 127 -40.62 -35.02 80.09
C LYS F 127 -40.57 -35.14 81.62
N ASN F 128 -41.49 -35.90 82.21
CA ASN F 128 -41.54 -36.09 83.66
C ASN F 128 -41.57 -37.57 84.05
N ASN F 129 -41.26 -38.46 83.13
CA ASN F 129 -41.38 -39.90 83.35
C ASN F 129 -40.10 -40.58 83.83
N ALA F 130 -38.99 -39.85 83.99
CA ALA F 130 -37.77 -40.52 84.45
C ALA F 130 -36.75 -39.51 84.94
N LYS F 131 -35.80 -40.04 85.73
CA LYS F 131 -34.71 -39.31 86.35
C LYS F 131 -33.48 -39.31 85.45
N GLU F 132 -32.93 -38.12 85.18
CA GLU F 132 -31.75 -37.97 84.32
C GLU F 132 -30.44 -38.01 85.09
N ILE F 133 -29.66 -39.07 84.87
CA ILE F 133 -28.31 -39.15 85.42
C ILE F 133 -27.41 -38.79 84.23
N GLY F 134 -26.35 -38.03 84.49
CA GLY F 134 -25.51 -37.61 83.39
C GLY F 134 -24.62 -38.66 82.75
N ASN F 135 -25.05 -39.92 82.77
CA ASN F 135 -24.32 -41.03 82.19
C ASN F 135 -25.00 -41.53 80.92
N GLY F 136 -25.89 -40.72 80.34
CA GLY F 136 -26.63 -41.09 79.16
C GLY F 136 -27.81 -42.00 79.41
N CYS F 137 -28.14 -42.25 80.66
CA CYS F 137 -29.23 -43.14 81.05
C CYS F 137 -30.34 -42.37 81.75
N PHE F 138 -31.54 -42.97 81.72
CA PHE F 138 -32.73 -42.41 82.33
C PHE F 138 -33.37 -43.49 83.21
N GLU F 139 -33.39 -43.27 84.52
CA GLU F 139 -34.03 -44.22 85.42
C GLU F 139 -35.49 -43.85 85.57
N PHE F 140 -36.37 -44.74 85.12
CA PHE F 140 -37.79 -44.49 85.26
C PHE F 140 -38.26 -44.79 86.67
N TYR F 141 -39.10 -43.92 87.20
CA TYR F 141 -39.74 -44.26 88.46
C TYR F 141 -40.90 -45.18 88.12
N HIS F 142 -41.36 -45.06 86.88
CA HIS F 142 -42.36 -45.89 86.22
C HIS F 142 -41.86 -47.33 86.15
N LYS F 143 -42.76 -48.22 85.81
CA LYS F 143 -42.48 -49.64 85.63
C LYS F 143 -42.61 -50.02 84.16
N CYS F 144 -42.10 -49.16 83.26
CA CYS F 144 -42.25 -49.34 81.82
C CYS F 144 -42.02 -50.80 81.40
N ASN F 145 -43.10 -51.43 80.95
CA ASN F 145 -43.16 -52.82 80.51
C ASN F 145 -42.57 -52.99 79.11
N ASP F 146 -42.65 -54.22 78.59
CA ASP F 146 -42.12 -54.54 77.27
C ASP F 146 -43.01 -54.05 76.11
N GLU F 147 -43.99 -53.20 76.41
CA GLU F 147 -44.83 -52.55 75.42
C GLU F 147 -44.50 -51.07 75.29
N CYS F 148 -44.36 -50.35 76.43
CA CYS F 148 -44.01 -48.94 76.38
C CYS F 148 -42.52 -48.73 76.13
N MET F 149 -41.67 -49.72 76.43
CA MET F 149 -40.25 -49.52 76.16
C MET F 149 -40.01 -49.56 74.66
N GLU F 150 -40.66 -50.49 73.95
CA GLU F 150 -40.53 -50.48 72.51
C GLU F 150 -41.33 -49.33 71.91
N SER F 151 -41.94 -48.54 72.79
CA SER F 151 -42.69 -47.33 72.45
C SER F 151 -41.83 -46.09 72.58
N VAL F 152 -40.51 -46.26 72.52
CA VAL F 152 -39.57 -45.15 72.51
C VAL F 152 -39.36 -44.79 71.04
N LYS F 153 -39.73 -45.71 70.12
CA LYS F 153 -39.69 -45.44 68.70
C LYS F 153 -40.82 -44.48 68.31
N ASN F 154 -42.01 -44.61 68.92
CA ASN F 154 -43.13 -43.71 68.65
C ASN F 154 -43.54 -42.97 69.93
N GLY F 155 -44.23 -43.61 70.87
CA GLY F 155 -44.59 -42.95 72.12
C GLY F 155 -46.02 -42.52 72.42
N THR F 156 -46.75 -43.34 73.19
CA THR F 156 -48.12 -43.05 73.68
C THR F 156 -48.00 -43.45 75.15
N TYR F 157 -47.51 -42.52 75.97
CA TYR F 157 -47.17 -42.75 77.37
C TYR F 157 -48.27 -42.59 78.42
N ASP F 158 -48.17 -43.42 79.47
CA ASP F 158 -49.00 -43.33 80.68
C ASP F 158 -48.35 -42.21 81.50
N TYR F 159 -48.58 -41.00 80.99
CA TYR F 159 -47.93 -39.78 81.44
C TYR F 159 -47.99 -39.36 82.92
N PRO F 160 -49.11 -39.47 83.65
CA PRO F 160 -49.14 -38.98 85.03
C PRO F 160 -47.95 -39.42 85.91
N LYS F 161 -47.33 -38.43 86.55
CA LYS F 161 -46.19 -38.66 87.42
C LYS F 161 -46.57 -39.33 88.74
N TYR F 162 -45.76 -40.30 89.14
CA TYR F 162 -45.87 -41.00 90.40
C TYR F 162 -44.79 -40.46 91.33
N SER F 163 -45.14 -40.25 92.60
CA SER F 163 -44.20 -39.70 93.56
C SER F 163 -43.15 -40.71 94.03
N GLU F 164 -41.87 -40.33 93.88
CA GLU F 164 -40.71 -41.08 94.33
C GLU F 164 -39.62 -40.14 94.85
N GLU F 165 -40.00 -38.89 95.16
CA GLU F 165 -39.08 -37.84 95.58
C GLU F 165 -39.07 -37.58 97.09
N ILE G 7 18.23 31.11 -92.54
CA ILE G 7 17.60 30.47 -91.39
C ILE G 7 17.89 31.33 -90.14
N CYS G 8 16.85 31.60 -89.35
CA CYS G 8 17.01 32.41 -88.15
C CYS G 8 16.36 31.76 -86.94
N ILE G 9 16.96 31.96 -85.77
CA ILE G 9 16.47 31.42 -84.51
C ILE G 9 15.92 32.57 -83.70
N GLY G 10 14.65 32.47 -83.30
CA GLY G 10 14.05 33.53 -82.53
C GLY G 10 12.90 33.02 -81.72
N TYR G 11 12.01 33.93 -81.32
CA TYR G 11 10.89 33.53 -80.49
C TYR G 11 9.64 34.34 -80.82
N HIS G 12 8.52 33.81 -80.32
CA HIS G 12 7.16 34.31 -80.50
C HIS G 12 6.95 35.62 -79.77
N ALA G 13 5.90 36.34 -80.19
CA ALA G 13 5.56 37.60 -79.55
C ALA G 13 4.18 38.02 -80.04
N ASN G 14 3.48 38.78 -79.19
CA ASN G 14 2.16 39.32 -79.49
C ASN G 14 2.06 40.71 -78.84
N ASN G 15 0.86 41.28 -78.81
CA ASN G 15 0.63 42.59 -78.21
C ASN G 15 0.16 42.53 -76.76
N SER G 16 0.06 41.34 -76.17
CA SER G 16 -0.45 41.19 -74.81
C SER G 16 0.23 42.12 -73.82
N THR G 17 -0.60 42.76 -73.00
CA THR G 17 -0.17 43.69 -71.95
C THR G 17 -0.21 43.06 -70.57
N ASP G 18 -0.04 41.75 -70.50
CA ASP G 18 -0.12 41.01 -69.23
C ASP G 18 1.07 41.35 -68.32
N THR G 19 0.79 42.17 -67.29
CA THR G 19 1.82 42.55 -66.31
C THR G 19 2.12 41.40 -65.36
N VAL G 20 3.39 41.30 -64.95
CA VAL G 20 3.85 40.26 -64.03
C VAL G 20 5.06 40.77 -63.25
N ASP G 21 5.09 40.47 -61.96
CA ASP G 21 6.23 40.83 -61.13
C ASP G 21 7.16 39.62 -61.04
N THR G 22 8.40 39.76 -61.55
CA THR G 22 9.39 38.70 -61.49
C THR G 22 10.29 39.02 -60.30
N VAL G 23 11.31 38.18 -60.06
CA VAL G 23 12.13 38.46 -58.88
C VAL G 23 13.10 39.63 -59.12
N LEU G 24 13.61 39.81 -60.34
CA LEU G 24 14.54 40.90 -60.54
C LEU G 24 13.90 42.10 -61.22
N GLU G 25 12.61 42.03 -61.54
CA GLU G 25 11.95 43.13 -62.24
C GLU G 25 10.45 43.08 -62.06
N LYS G 26 9.86 44.22 -61.74
CA LYS G 26 8.42 44.30 -61.59
C LYS G 26 7.86 44.71 -62.95
N ASN G 27 6.52 44.83 -63.06
CA ASN G 27 5.87 45.31 -64.28
C ASN G 27 6.41 44.65 -65.56
N VAL G 28 6.74 43.36 -65.48
CA VAL G 28 7.31 42.65 -66.64
C VAL G 28 6.21 42.21 -67.59
N THR G 29 6.17 42.79 -68.80
CA THR G 29 5.16 42.36 -69.76
C THR G 29 5.52 40.99 -70.32
N VAL G 30 4.50 40.15 -70.51
CA VAL G 30 4.71 38.77 -70.95
C VAL G 30 3.61 38.39 -71.95
N THR G 31 3.92 37.39 -72.77
CA THR G 31 3.01 36.96 -73.82
C THR G 31 1.75 36.30 -73.24
N HIS G 32 1.93 35.39 -72.28
CA HIS G 32 0.78 34.69 -71.70
C HIS G 32 0.96 34.52 -70.19
N SER G 33 -0.16 34.51 -69.48
CA SER G 33 -0.15 34.33 -68.03
C SER G 33 -1.54 33.83 -67.63
N VAL G 34 -1.81 33.79 -66.32
CA VAL G 34 -3.12 33.34 -65.81
C VAL G 34 -3.41 33.87 -64.41
N ASN G 35 -4.61 34.41 -64.20
CA ASN G 35 -4.89 34.92 -62.85
C ASN G 35 -5.04 33.70 -61.96
N LEU G 36 -4.02 33.43 -61.15
CA LEU G 36 -4.04 32.28 -60.25
C LEU G 36 -4.90 32.52 -59.01
N LEU G 37 -5.48 33.72 -58.88
CA LEU G 37 -6.27 34.11 -57.72
C LEU G 37 -7.66 34.54 -58.12
N GLU G 38 -8.67 34.01 -57.43
CA GLU G 38 -10.03 34.39 -57.75
C GLU G 38 -10.34 35.71 -57.07
N ASP G 39 -10.88 36.67 -57.82
CA ASP G 39 -11.21 37.98 -57.27
C ASP G 39 -12.68 38.33 -57.36
N SER G 40 -13.40 37.85 -58.38
CA SER G 40 -14.81 38.15 -58.54
C SER G 40 -15.68 37.11 -57.82
N HIS G 41 -16.86 37.56 -57.37
CA HIS G 41 -17.78 36.67 -56.67
C HIS G 41 -19.21 36.89 -57.16
N ASN G 42 -20.07 35.93 -56.82
CA ASN G 42 -21.45 35.91 -57.27
C ASN G 42 -22.33 37.03 -56.71
N GLY G 43 -21.98 37.58 -55.54
CA GLY G 43 -22.78 38.64 -54.96
C GLY G 43 -24.07 38.24 -54.29
N LYS G 44 -24.47 36.98 -54.33
CA LYS G 44 -25.72 36.52 -53.73
C LYS G 44 -25.51 35.26 -52.91
N LEU G 45 -26.44 35.02 -51.98
CA LEU G 45 -26.41 33.81 -51.17
C LEU G 45 -26.97 32.68 -52.02
N CYS G 46 -26.12 31.90 -52.64
CA CYS G 46 -26.58 30.84 -53.50
C CYS G 46 -26.76 29.52 -52.75
N LEU G 47 -27.26 28.51 -53.47
CA LEU G 47 -27.43 27.18 -52.90
C LEU G 47 -26.07 26.52 -52.87
N LEU G 48 -26.02 25.30 -52.34
CA LEU G 48 -24.73 24.63 -52.25
C LEU G 48 -24.98 23.21 -52.74
N LYS G 49 -24.61 22.98 -54.00
CA LYS G 49 -24.82 21.71 -54.67
C LYS G 49 -26.30 21.31 -54.61
N GLY G 50 -27.18 22.28 -54.88
CA GLY G 50 -28.61 22.05 -54.87
C GLY G 50 -29.38 22.32 -53.58
N ILE G 51 -28.81 21.98 -52.42
CA ILE G 51 -29.50 22.16 -51.15
C ILE G 51 -29.42 23.62 -50.69
N ALA G 52 -30.49 24.06 -50.04
CA ALA G 52 -30.62 25.43 -49.58
C ALA G 52 -30.16 25.60 -48.14
N PRO G 53 -29.66 26.80 -47.83
CA PRO G 53 -29.24 27.10 -46.47
C PRO G 53 -30.38 27.59 -45.60
N LEU G 54 -30.24 27.35 -44.30
CA LEU G 54 -31.24 27.77 -43.30
C LEU G 54 -31.14 29.26 -43.18
N GLN G 55 -32.09 29.99 -43.76
CA GLN G 55 -32.08 31.46 -43.71
C GLN G 55 -32.87 31.91 -42.48
N LEU G 56 -32.16 32.41 -41.48
CA LEU G 56 -32.74 32.78 -40.19
C LEU G 56 -33.46 34.09 -40.20
N GLY G 57 -33.30 34.90 -41.26
CA GLY G 57 -33.97 36.19 -41.29
C GLY G 57 -33.56 37.07 -40.12
N ASN G 58 -34.54 37.72 -39.50
CA ASN G 58 -34.34 38.61 -38.35
C ASN G 58 -34.13 37.90 -37.05
N CYS G 59 -34.11 36.57 -37.08
CA CYS G 59 -33.93 35.80 -35.87
C CYS G 59 -32.45 35.46 -35.70
N SER G 60 -32.04 35.36 -34.44
CA SER G 60 -30.72 34.94 -34.00
C SER G 60 -30.84 33.47 -33.64
N VAL G 61 -29.71 32.78 -33.53
CA VAL G 61 -29.79 31.37 -33.16
C VAL G 61 -30.64 31.21 -31.89
N ALA G 62 -30.48 32.13 -30.92
CA ALA G 62 -31.21 32.08 -29.64
C ALA G 62 -32.70 31.94 -29.84
N GLY G 63 -33.27 32.70 -30.78
CA GLY G 63 -34.69 32.66 -31.09
C GLY G 63 -35.18 31.46 -31.89
N TRP G 64 -34.40 31.10 -32.92
CA TRP G 64 -34.76 29.97 -33.75
C TRP G 64 -34.81 28.68 -32.94
N ILE G 65 -33.81 28.43 -32.09
CA ILE G 65 -33.83 27.17 -31.34
C ILE G 65 -34.79 27.21 -30.15
N LEU G 66 -35.13 28.38 -29.63
CA LEU G 66 -36.07 28.41 -28.53
C LEU G 66 -37.49 28.55 -29.06
N GLY G 67 -37.62 29.01 -30.30
CA GLY G 67 -38.89 29.23 -30.96
C GLY G 67 -39.56 30.55 -30.65
N ASN G 68 -38.83 31.66 -30.87
CA ASN G 68 -39.37 33.00 -30.67
C ASN G 68 -40.59 33.11 -31.59
N PRO G 69 -41.79 33.33 -31.05
CA PRO G 69 -42.98 33.31 -31.89
C PRO G 69 -42.79 34.12 -33.11
N GLU G 70 -41.96 35.16 -33.05
CA GLU G 70 -41.68 36.02 -34.19
C GLU G 70 -40.82 35.31 -35.24
N CYS G 71 -40.43 34.07 -34.96
CA CYS G 71 -39.71 33.23 -35.90
C CYS G 71 -40.65 32.18 -36.46
N GLU G 72 -41.92 32.58 -36.63
CA GLU G 72 -42.94 31.69 -37.12
C GLU G 72 -42.42 30.89 -38.30
N LEU G 73 -41.79 31.57 -39.25
CA LEU G 73 -41.34 30.92 -40.48
C LEU G 73 -40.10 30.03 -40.38
N LEU G 74 -39.27 30.12 -39.36
CA LEU G 74 -38.11 29.22 -39.38
C LEU G 74 -38.41 27.80 -38.91
N ILE G 75 -39.46 27.59 -38.13
CA ILE G 75 -39.81 26.29 -37.58
C ILE G 75 -39.99 25.19 -38.65
N SER G 76 -40.37 25.52 -39.88
CA SER G 76 -40.53 24.44 -40.87
C SER G 76 -39.22 23.81 -41.27
N LYS G 77 -38.24 24.63 -41.68
CA LYS G 77 -37.02 24.06 -42.23
C LYS G 77 -36.30 23.17 -41.21
N GLU G 78 -35.97 21.94 -41.64
CA GLU G 78 -35.31 20.99 -40.74
C GLU G 78 -34.10 20.28 -41.37
N SER G 79 -33.62 20.76 -42.50
CA SER G 79 -32.46 20.22 -43.20
C SER G 79 -31.81 21.40 -43.87
N TRP G 80 -30.49 21.39 -44.04
CA TRP G 80 -29.88 22.57 -44.66
C TRP G 80 -28.38 22.41 -44.87
N SER G 81 -27.83 23.17 -45.82
CA SER G 81 -26.40 23.12 -46.11
C SER G 81 -25.58 24.06 -45.23
N TYR G 82 -26.09 25.24 -44.90
CA TYR G 82 -25.39 26.19 -44.01
C TYR G 82 -26.42 27.13 -43.40
N ILE G 83 -25.98 28.01 -42.50
CA ILE G 83 -26.88 28.91 -41.79
C ILE G 83 -26.47 30.35 -41.97
N VAL G 84 -27.43 31.22 -42.14
CA VAL G 84 -27.13 32.63 -42.31
C VAL G 84 -27.79 33.36 -41.18
N GLU G 85 -27.07 34.29 -40.58
CA GLU G 85 -27.54 35.05 -39.43
C GLU G 85 -27.25 36.53 -39.63
N LYS G 86 -28.17 37.37 -39.22
CA LYS G 86 -27.88 38.79 -39.32
C LYS G 86 -26.89 39.15 -38.22
N PRO G 87 -25.90 40.03 -38.49
CA PRO G 87 -24.94 40.36 -37.44
C PRO G 87 -25.58 40.80 -36.13
N ASN G 88 -26.69 41.53 -36.20
CA ASN G 88 -27.41 42.04 -35.03
C ASN G 88 -28.87 41.66 -35.16
N PRO G 89 -29.19 40.37 -35.00
CA PRO G 89 -30.56 39.85 -35.18
C PRO G 89 -31.51 40.31 -34.09
N GLU G 90 -32.59 41.00 -34.50
CA GLU G 90 -33.55 41.64 -33.60
C GLU G 90 -34.53 40.71 -32.91
N ASN G 91 -34.42 39.39 -32.92
CA ASN G 91 -35.45 38.67 -32.17
C ASN G 91 -34.90 37.83 -31.02
N GLY G 92 -34.12 36.79 -31.29
CA GLY G 92 -33.52 35.99 -30.23
C GLY G 92 -34.25 35.56 -28.98
N THR G 93 -33.78 36.06 -27.84
CA THR G 93 -34.33 35.65 -26.54
C THR G 93 -35.74 36.22 -26.30
N CYS G 94 -35.87 37.54 -26.27
CA CYS G 94 -37.06 38.37 -26.03
C CYS G 94 -37.43 38.37 -24.56
N TYR G 95 -37.10 37.30 -23.82
CA TYR G 95 -37.36 37.38 -22.40
C TYR G 95 -35.99 37.45 -21.80
N PRO G 96 -35.63 38.55 -21.15
CA PRO G 96 -34.26 38.72 -20.63
C PRO G 96 -33.73 37.62 -19.72
N GLY G 97 -32.44 37.40 -19.85
CA GLY G 97 -31.77 36.41 -19.03
C GLY G 97 -30.48 35.98 -19.69
N HIS G 98 -29.87 34.97 -19.09
CA HIS G 98 -28.66 34.35 -19.60
C HIS G 98 -28.99 33.06 -20.38
N PHE G 99 -28.35 32.90 -21.53
CA PHE G 99 -28.47 31.66 -22.29
C PHE G 99 -27.23 30.83 -21.95
N ALA G 100 -27.35 30.01 -20.90
CA ALA G 100 -26.24 29.17 -20.47
C ALA G 100 -25.55 28.50 -21.65
N ASP G 101 -24.28 28.84 -21.86
CA ASP G 101 -23.46 28.24 -22.93
C ASP G 101 -24.02 28.54 -24.31
N TYR G 102 -24.42 29.78 -24.56
CA TYR G 102 -24.99 30.09 -25.87
C TYR G 102 -24.05 29.69 -27.01
N GLU G 103 -22.82 30.18 -26.96
CA GLU G 103 -21.85 30.01 -28.03
C GLU G 103 -21.53 28.57 -28.34
N GLU G 104 -21.62 27.67 -27.36
CA GLU G 104 -21.36 26.26 -27.65
C GLU G 104 -22.51 25.67 -28.47
N LEU G 105 -23.76 25.98 -28.05
CA LEU G 105 -24.95 25.51 -28.73
C LEU G 105 -24.94 25.98 -30.18
N ARG G 106 -24.39 27.18 -30.44
CA ARG G 106 -24.26 27.60 -31.83
C ARG G 106 -23.35 26.61 -32.54
N GLU G 107 -22.23 26.25 -31.88
CA GLU G 107 -21.28 25.31 -32.45
C GLU G 107 -21.87 23.92 -32.54
N GLN G 108 -22.79 23.57 -31.64
CA GLN G 108 -23.41 22.26 -31.74
C GLN G 108 -24.22 22.18 -33.01
N LEU G 109 -25.04 23.19 -33.29
CA LEU G 109 -25.84 23.19 -34.49
C LEU G 109 -24.99 23.37 -35.76
N SER G 110 -23.76 23.88 -35.61
CA SER G 110 -22.88 24.01 -36.78
C SER G 110 -22.49 22.65 -37.31
N SER G 111 -22.66 21.59 -36.52
CA SER G 111 -22.41 20.20 -36.88
C SER G 111 -23.63 19.53 -37.47
N VAL G 112 -24.82 20.03 -37.12
CA VAL G 112 -26.11 19.47 -37.51
C VAL G 112 -26.41 19.65 -38.98
N SER G 113 -26.91 18.56 -39.59
CA SER G 113 -27.33 18.48 -40.98
C SER G 113 -28.85 18.35 -41.14
N SER G 114 -29.57 18.06 -40.06
CA SER G 114 -31.01 17.89 -40.14
C SER G 114 -31.59 17.82 -38.73
N PHE G 115 -32.84 18.22 -38.62
CA PHE G 115 -33.62 18.20 -37.39
C PHE G 115 -34.83 17.28 -37.50
N GLU G 116 -35.39 17.02 -36.34
CA GLU G 116 -36.67 16.36 -36.22
C GLU G 116 -37.22 17.04 -34.99
N ARG G 117 -37.78 18.22 -35.13
CA ARG G 117 -38.30 18.84 -33.94
C ARG G 117 -39.55 18.07 -33.49
N PHE G 118 -39.61 17.70 -32.22
CA PHE G 118 -40.75 16.94 -31.75
C PHE G 118 -41.13 17.46 -30.38
N GLU G 119 -42.41 17.30 -30.01
CA GLU G 119 -42.92 17.81 -28.73
C GLU G 119 -42.66 16.84 -27.59
N ILE G 120 -41.48 16.94 -26.96
CA ILE G 120 -41.13 16.04 -25.86
C ILE G 120 -42.20 16.01 -24.80
N PHE G 121 -42.75 17.16 -24.47
CA PHE G 121 -43.78 17.23 -23.44
C PHE G 121 -44.92 18.02 -24.06
N PRO G 122 -45.88 17.35 -24.67
CA PRO G 122 -47.00 18.07 -25.31
C PRO G 122 -47.70 18.98 -24.33
N LYS G 123 -47.88 20.24 -24.73
CA LYS G 123 -48.53 21.22 -23.86
C LYS G 123 -49.83 20.66 -23.28
N GLU G 124 -50.76 20.23 -24.16
CA GLU G 124 -52.02 19.59 -23.75
C GLU G 124 -51.73 18.17 -23.28
N SER G 125 -52.16 17.83 -22.07
CA SER G 125 -52.01 16.54 -21.39
C SER G 125 -50.64 16.32 -20.72
N SER G 126 -49.64 17.19 -20.93
CA SER G 126 -48.38 16.98 -20.21
C SER G 126 -48.51 17.47 -18.77
N TRP G 127 -49.18 18.60 -18.59
CA TRP G 127 -49.31 19.19 -17.26
C TRP G 127 -50.74 19.46 -16.80
N PRO G 128 -51.44 18.45 -16.30
CA PRO G 128 -52.72 18.68 -15.67
C PRO G 128 -52.36 19.21 -14.30
N ASN G 129 -53.33 19.79 -13.60
CA ASN G 129 -53.03 20.31 -12.26
C ASN G 129 -52.00 21.45 -12.25
N HIS G 130 -51.49 21.83 -13.41
CA HIS G 130 -50.57 22.97 -13.57
C HIS G 130 -51.12 23.83 -14.70
N THR G 131 -51.15 25.13 -14.48
CA THR G 131 -51.63 26.01 -15.53
C THR G 131 -50.51 26.16 -16.54
N VAL G 132 -50.84 26.03 -17.83
CA VAL G 132 -49.83 26.12 -18.87
C VAL G 132 -50.10 27.27 -19.83
N THR G 133 -51.12 28.06 -19.56
CA THR G 133 -51.51 29.19 -20.39
C THR G 133 -50.74 30.45 -20.00
N GLY G 134 -49.44 30.45 -20.29
CA GLY G 134 -48.65 31.62 -19.90
C GLY G 134 -47.88 32.33 -21.00
N VAL G 135 -48.10 33.63 -21.15
CA VAL G 135 -47.44 34.43 -22.18
C VAL G 135 -46.89 35.72 -21.57
N SER G 136 -46.14 36.44 -22.38
CA SER G 136 -45.54 37.71 -21.95
C SER G 136 -45.63 38.80 -23.02
N ALA G 137 -45.84 40.05 -22.57
CA ALA G 137 -45.84 41.14 -23.52
C ALA G 137 -44.44 41.31 -24.12
N SER G 138 -43.39 40.92 -23.37
CA SER G 138 -42.00 41.00 -23.83
C SER G 138 -41.79 40.08 -25.02
N CYS G 139 -42.51 38.95 -25.07
CA CYS G 139 -42.49 37.97 -26.16
C CYS G 139 -43.77 38.01 -27.00
N SER G 140 -44.12 39.18 -27.51
CA SER G 140 -45.34 39.40 -28.28
C SER G 140 -45.24 39.06 -29.76
N HIS G 141 -46.31 38.45 -30.30
CA HIS G 141 -46.40 38.10 -31.72
C HIS G 141 -47.78 38.46 -32.27
N ASN G 142 -47.80 39.21 -33.40
CA ASN G 142 -49.03 39.65 -34.04
C ASN G 142 -49.90 40.44 -33.08
N GLY G 143 -49.29 41.38 -32.35
CA GLY G 143 -49.99 42.23 -31.40
C GLY G 143 -50.34 41.66 -30.03
N LYS G 144 -50.47 40.34 -29.96
CA LYS G 144 -50.82 39.67 -28.72
C LYS G 144 -49.58 39.20 -27.97
N SER G 145 -49.74 39.09 -26.65
CA SER G 145 -48.65 38.57 -25.86
C SER G 145 -48.48 37.09 -26.18
N SER G 146 -47.24 36.62 -26.19
CA SER G 146 -47.00 35.22 -26.50
C SER G 146 -45.79 34.76 -25.67
N PHE G 147 -45.21 33.65 -26.08
CA PHE G 147 -44.08 33.01 -25.43
C PHE G 147 -43.39 32.18 -26.50
N TYR G 148 -42.32 31.51 -26.11
CA TYR G 148 -41.60 30.68 -27.07
C TYR G 148 -42.47 29.52 -27.55
N LYS G 149 -42.23 29.10 -28.81
CA LYS G 149 -42.98 27.96 -29.30
C LYS G 149 -42.48 26.65 -28.70
N ASN G 150 -41.16 26.53 -28.36
CA ASN G 150 -40.54 25.29 -27.87
C ASN G 150 -40.46 25.11 -26.34
N LEU G 151 -40.50 26.18 -25.54
CA LEU G 151 -40.48 26.06 -24.08
C LEU G 151 -41.92 26.22 -23.59
N LEU G 152 -42.10 26.23 -22.28
CA LEU G 152 -43.45 26.32 -21.73
C LEU G 152 -43.38 26.77 -20.28
N TRP G 153 -44.15 27.76 -19.96
CA TRP G 153 -44.18 28.36 -18.64
C TRP G 153 -45.29 27.75 -17.78
N LEU G 154 -44.92 26.93 -16.82
CA LEU G 154 -45.91 26.34 -15.92
C LEU G 154 -46.15 27.26 -14.73
N THR G 155 -47.41 27.38 -14.32
CA THR G 155 -47.81 28.26 -13.24
C THR G 155 -48.73 27.49 -12.26
N GLY G 156 -48.99 28.09 -11.10
CA GLY G 156 -49.87 27.45 -10.15
C GLY G 156 -51.27 27.32 -10.71
N LYS G 157 -51.96 26.26 -10.32
CA LYS G 157 -53.31 25.98 -10.78
C LYS G 157 -54.16 25.72 -9.56
N ASN G 158 -55.21 26.52 -9.39
CA ASN G 158 -56.11 26.45 -8.26
C ASN G 158 -55.33 26.75 -6.97
N GLY G 159 -54.49 27.79 -7.04
CA GLY G 159 -53.69 28.15 -5.89
C GLY G 159 -52.77 27.05 -5.43
N LEU G 160 -52.37 26.16 -6.35
CA LEU G 160 -51.52 25.02 -6.02
C LEU G 160 -50.55 24.76 -7.16
N TYR G 161 -49.28 24.52 -6.80
CA TYR G 161 -48.20 24.14 -7.72
C TYR G 161 -47.72 22.80 -7.17
N PRO G 162 -48.43 21.73 -7.50
CA PRO G 162 -48.06 20.41 -6.97
C PRO G 162 -46.66 19.98 -7.40
N ASN G 163 -46.07 19.12 -6.56
CA ASN G 163 -44.74 18.59 -6.83
C ASN G 163 -44.66 18.11 -8.27
N LEU G 164 -43.63 18.51 -8.98
CA LEU G 164 -43.48 18.16 -10.40
C LEU G 164 -42.36 17.17 -10.66
N SER G 165 -42.66 16.16 -11.47
CA SER G 165 -41.68 15.15 -11.89
C SER G 165 -42.15 14.60 -13.23
N LYS G 166 -41.44 14.99 -14.30
CA LYS G 166 -41.74 14.56 -15.66
C LYS G 166 -40.47 13.96 -16.19
N SER G 167 -40.55 12.80 -16.82
CA SER G 167 -39.36 12.14 -17.35
C SER G 167 -39.49 11.87 -18.83
N TYR G 168 -38.37 11.88 -19.54
CA TYR G 168 -38.36 11.51 -20.95
C TYR G 168 -37.19 10.55 -21.17
N ALA G 169 -37.45 9.42 -21.86
CA ALA G 169 -36.45 8.40 -22.20
C ALA G 169 -36.22 8.41 -23.71
N ASN G 170 -34.98 8.57 -24.15
CA ASN G 170 -34.66 8.69 -25.58
C ASN G 170 -34.72 7.47 -26.52
N ASN G 171 -35.87 7.29 -27.18
CA ASN G 171 -36.05 6.19 -28.13
C ASN G 171 -35.92 6.66 -29.58
N LYS G 172 -35.33 7.84 -29.79
CA LYS G 172 -35.15 8.40 -31.12
C LYS G 172 -33.84 7.98 -31.76
N GLU G 173 -32.98 7.25 -31.04
CA GLU G 173 -31.69 6.73 -31.52
C GLU G 173 -30.91 7.75 -32.34
N LYS G 174 -30.97 8.97 -31.82
CA LYS G 174 -30.32 10.17 -32.29
C LYS G 174 -30.20 10.99 -31.02
N GLU G 175 -29.23 11.90 -30.99
CA GLU G 175 -29.09 12.72 -29.80
C GLU G 175 -30.23 13.75 -29.80
N VAL G 176 -30.84 13.94 -28.64
CA VAL G 176 -31.99 14.84 -28.49
C VAL G 176 -31.56 16.10 -27.72
N LEU G 177 -31.60 17.26 -28.38
CA LEU G 177 -31.24 18.52 -27.76
C LEU G 177 -32.39 18.94 -26.86
N VAL G 178 -32.25 18.78 -25.55
CA VAL G 178 -33.33 19.15 -24.63
C VAL G 178 -33.10 20.56 -24.12
N LEU G 179 -34.10 21.43 -24.26
CA LEU G 179 -34.01 22.80 -23.80
C LEU G 179 -35.03 23.09 -22.70
N TRP G 180 -34.69 24.00 -21.81
CA TRP G 180 -35.57 24.37 -20.70
C TRP G 180 -35.01 25.66 -20.12
N GLY G 181 -35.72 26.19 -19.15
CA GLY G 181 -35.27 27.42 -18.56
C GLY G 181 -35.82 27.52 -17.16
N VAL G 182 -35.23 28.43 -16.39
CA VAL G 182 -35.66 28.73 -15.03
C VAL G 182 -35.99 30.22 -15.03
N HIS G 183 -37.09 30.59 -14.34
CA HIS G 183 -37.60 31.96 -14.26
C HIS G 183 -37.35 32.60 -12.91
N HIS G 184 -36.90 33.87 -12.93
CA HIS G 184 -36.62 34.65 -11.72
C HIS G 184 -37.46 35.91 -11.53
N PRO G 185 -38.48 35.86 -10.66
CA PRO G 185 -39.35 37.03 -10.45
C PRO G 185 -38.59 38.17 -9.78
N PRO G 186 -39.11 39.41 -9.90
CA PRO G 186 -38.49 40.56 -9.21
C PRO G 186 -38.99 40.75 -7.76
N ASN G 187 -40.27 40.48 -7.49
CA ASN G 187 -40.82 40.60 -6.13
C ASN G 187 -40.89 39.24 -5.50
N ILE G 188 -41.16 39.23 -4.20
CA ILE G 188 -41.42 37.98 -3.50
C ILE G 188 -42.88 37.64 -3.76
N GLY G 189 -43.68 38.68 -4.05
CA GLY G 189 -45.08 38.50 -4.38
C GLY G 189 -45.27 37.70 -5.64
N ASP G 190 -44.57 38.10 -6.72
CA ASP G 190 -44.68 37.37 -7.99
C ASP G 190 -44.27 35.93 -7.81
N GLN G 191 -43.23 35.69 -7.01
CA GLN G 191 -42.82 34.32 -6.77
C GLN G 191 -43.92 33.55 -6.03
N ARG G 192 -44.43 34.15 -4.95
CA ARG G 192 -45.47 33.52 -4.15
C ARG G 192 -46.80 33.45 -4.90
N ALA G 193 -47.17 34.52 -5.61
CA ALA G 193 -48.44 34.57 -6.31
C ALA G 193 -48.49 33.63 -7.51
N LEU G 194 -47.35 33.38 -8.14
CA LEU G 194 -47.25 32.54 -9.33
C LEU G 194 -47.00 31.06 -9.04
N TYR G 195 -46.11 30.74 -8.10
CA TYR G 195 -45.76 29.34 -7.83
C TYR G 195 -46.15 28.76 -6.46
N HIS G 196 -46.68 29.57 -5.55
CA HIS G 196 -47.18 29.07 -4.25
C HIS G 196 -46.11 28.39 -3.40
N THR G 197 -44.96 29.06 -3.30
CA THR G 197 -43.84 28.63 -2.48
C THR G 197 -42.69 29.59 -2.67
N GLU G 198 -41.85 29.75 -1.66
CA GLU G 198 -40.72 30.65 -1.83
C GLU G 198 -39.39 29.93 -1.87
N ASN G 199 -39.32 28.65 -1.45
CA ASN G 199 -38.05 27.91 -1.52
C ASN G 199 -37.75 27.49 -2.95
N ALA G 200 -38.75 26.96 -3.68
CA ALA G 200 -38.59 26.66 -5.10
C ALA G 200 -37.38 25.89 -5.65
N TYR G 201 -37.44 24.58 -5.80
CA TYR G 201 -36.32 23.91 -6.43
C TYR G 201 -36.65 23.60 -7.91
N VAL G 202 -35.59 23.31 -8.68
CA VAL G 202 -35.70 22.90 -10.08
C VAL G 202 -34.52 21.96 -10.29
N SER G 203 -34.81 20.68 -10.43
CA SER G 203 -33.80 19.65 -10.67
C SER G 203 -33.88 19.13 -12.09
N VAL G 204 -32.75 18.97 -12.76
CA VAL G 204 -32.69 18.42 -14.11
C VAL G 204 -31.56 17.39 -14.09
N VAL G 205 -31.88 16.08 -14.19
CA VAL G 205 -30.86 15.02 -14.08
C VAL G 205 -30.97 13.91 -15.13
N SER G 206 -29.90 13.74 -15.92
CA SER G 206 -29.62 12.71 -16.90
C SER G 206 -28.51 11.79 -16.38
N SER G 207 -28.02 10.90 -17.24
CA SER G 207 -26.89 10.07 -16.88
C SER G 207 -25.57 10.77 -17.17
N HIS G 208 -25.63 11.89 -17.92
CA HIS G 208 -24.45 12.68 -18.23
C HIS G 208 -24.64 14.14 -17.82
N TYR G 209 -25.77 14.48 -17.20
CA TYR G 209 -26.02 15.87 -16.82
C TYR G 209 -26.83 15.95 -15.55
N SER G 210 -26.36 16.69 -14.57
CA SER G 210 -27.18 16.86 -13.37
C SER G 210 -26.91 18.25 -12.87
N ARG G 211 -27.98 18.99 -12.55
CA ARG G 211 -27.86 20.37 -12.10
C ARG G 211 -29.10 20.76 -11.32
N LYS G 212 -28.92 21.39 -10.17
CA LYS G 212 -30.07 21.79 -9.37
C LYS G 212 -30.14 23.29 -9.44
N PHE G 213 -31.30 23.80 -9.81
CA PHE G 213 -31.50 25.22 -9.97
C PHE G 213 -32.38 25.75 -8.84
N THR G 214 -32.05 26.96 -8.37
CA THR G 214 -32.78 27.60 -7.31
C THR G 214 -32.98 29.05 -7.77
N PRO G 215 -34.15 29.63 -7.51
CA PRO G 215 -34.44 31.01 -7.95
C PRO G 215 -33.88 32.10 -7.04
N GLU G 216 -33.22 33.10 -7.67
CA GLU G 216 -32.68 34.28 -6.99
C GLU G 216 -33.62 35.46 -7.27
N ILE G 217 -34.33 35.94 -6.24
CA ILE G 217 -35.24 37.08 -6.36
C ILE G 217 -34.51 38.39 -6.03
N ALA G 218 -34.63 39.40 -6.90
CA ALA G 218 -33.99 40.69 -6.68
C ALA G 218 -34.45 41.67 -7.75
N LYS G 219 -34.22 42.97 -7.53
CA LYS G 219 -34.63 43.95 -8.52
C LYS G 219 -33.52 44.13 -9.56
N ARG G 220 -33.91 44.22 -10.82
CA ARG G 220 -32.98 44.34 -11.93
C ARG G 220 -33.38 45.45 -12.89
N PRO G 221 -32.44 45.97 -13.68
CA PRO G 221 -32.79 47.02 -14.63
C PRO G 221 -33.77 46.46 -15.66
N LYS G 222 -34.73 47.30 -16.04
CA LYS G 222 -35.73 46.90 -17.00
C LYS G 222 -35.10 46.67 -18.37
N VAL G 223 -35.21 45.44 -18.86
CA VAL G 223 -34.86 45.04 -20.22
C VAL G 223 -36.12 44.42 -20.81
N ARG G 224 -36.50 44.93 -22.00
CA ARG G 224 -37.74 44.59 -22.70
C ARG G 224 -38.94 44.77 -21.76
N ASP G 225 -38.92 45.89 -21.02
CA ASP G 225 -39.94 46.30 -20.06
C ASP G 225 -40.21 45.24 -18.99
N GLN G 226 -39.26 44.33 -18.77
CA GLN G 226 -39.38 43.25 -17.79
C GLN G 226 -38.36 43.43 -16.67
N GLU G 227 -38.81 43.23 -15.43
CA GLU G 227 -37.92 43.30 -14.28
C GLU G 227 -37.39 41.89 -13.91
N GLY G 228 -38.14 40.83 -14.23
CA GLY G 228 -37.74 39.45 -14.03
C GLY G 228 -36.78 39.00 -15.13
N ARG G 229 -36.37 37.71 -15.07
CA ARG G 229 -35.46 37.10 -16.05
C ARG G 229 -35.75 35.61 -16.13
N ILE G 230 -35.41 34.98 -17.26
CA ILE G 230 -35.59 33.53 -17.44
C ILE G 230 -34.28 32.99 -17.97
N ASN G 231 -33.60 32.16 -17.16
CA ASN G 231 -32.30 31.63 -17.57
C ASN G 231 -32.54 30.37 -18.38
N TYR G 232 -31.94 30.34 -19.57
CA TYR G 232 -32.11 29.31 -20.57
C TYR G 232 -30.97 28.32 -20.58
N TYR G 233 -31.27 27.05 -20.31
CA TYR G 233 -30.30 25.97 -20.27
C TYR G 233 -30.56 24.94 -21.36
N TRP G 234 -29.67 23.95 -21.45
CA TRP G 234 -29.83 22.90 -22.45
C TRP G 234 -28.79 21.80 -22.37
N THR G 235 -29.13 20.60 -22.84
CA THR G 235 -28.16 19.50 -22.92
C THR G 235 -28.59 18.51 -23.97
N LEU G 236 -27.59 17.87 -24.57
CA LEU G 236 -27.79 16.78 -25.51
C LEU G 236 -27.91 15.50 -24.67
N LEU G 237 -28.87 14.63 -25.05
CA LEU G 237 -29.20 13.37 -24.39
C LEU G 237 -29.00 12.23 -25.37
N GLU G 238 -27.95 11.41 -25.13
CA GLU G 238 -27.53 10.32 -26.02
C GLU G 238 -28.53 9.13 -26.05
N PRO G 239 -28.50 8.36 -27.12
CA PRO G 239 -29.43 7.24 -27.25
C PRO G 239 -29.49 6.34 -26.03
N GLY G 240 -30.72 6.02 -25.62
CA GLY G 240 -31.02 5.18 -24.49
C GLY G 240 -31.23 5.93 -23.19
N ASP G 241 -30.52 7.04 -23.01
CA ASP G 241 -30.56 7.84 -21.79
C ASP G 241 -31.94 8.47 -21.52
N THR G 242 -32.17 8.79 -20.25
CA THR G 242 -33.37 9.43 -19.75
C THR G 242 -33.05 10.76 -19.07
N ILE G 243 -33.94 11.73 -19.15
CA ILE G 243 -33.76 13.01 -18.48
C ILE G 243 -34.96 13.23 -17.59
N ILE G 244 -34.73 13.54 -16.30
CA ILE G 244 -35.77 13.76 -15.30
C ILE G 244 -35.82 15.22 -14.84
N PHE G 245 -36.98 15.88 -15.07
CA PHE G 245 -37.20 17.25 -14.62
C PHE G 245 -38.08 17.24 -13.38
N GLU G 246 -37.56 17.77 -12.27
CA GLU G 246 -38.34 17.90 -11.06
C GLU G 246 -38.19 19.34 -10.59
N ALA G 247 -39.27 19.90 -10.05
CA ALA G 247 -39.26 21.27 -9.55
C ALA G 247 -40.47 21.53 -8.69
N ASN G 248 -40.30 22.43 -7.73
CA ASN G 248 -41.36 22.89 -6.83
C ASN G 248 -42.02 24.16 -7.34
N GLY G 249 -41.50 24.69 -8.44
CA GLY G 249 -41.90 25.93 -9.08
C GLY G 249 -40.73 26.46 -9.87
N ASN G 250 -41.00 27.51 -10.64
CA ASN G 250 -40.03 28.24 -11.45
C ASN G 250 -39.52 27.46 -12.66
N LEU G 251 -40.14 26.34 -13.03
CA LEU G 251 -39.68 25.63 -14.20
C LEU G 251 -40.43 26.07 -15.45
N ILE G 252 -39.66 26.47 -16.46
CA ILE G 252 -40.12 26.73 -17.83
C ILE G 252 -39.85 25.38 -18.49
N ALA G 253 -40.87 24.53 -18.52
CA ALA G 253 -40.69 23.16 -18.99
C ALA G 253 -40.44 23.09 -20.48
N PRO G 254 -39.81 22.02 -20.92
CA PRO G 254 -39.62 21.84 -22.36
C PRO G 254 -40.91 21.33 -22.98
N ARG G 255 -41.22 21.86 -24.16
CA ARG G 255 -42.37 21.43 -24.91
C ARG G 255 -41.90 20.69 -26.15
N TYR G 256 -41.06 21.31 -26.97
CA TYR G 256 -40.45 20.70 -28.13
C TYR G 256 -38.93 20.64 -27.92
N ALA G 257 -38.31 19.52 -28.29
CA ALA G 257 -36.86 19.34 -28.26
C ALA G 257 -36.45 18.92 -29.67
N PHE G 258 -35.19 18.60 -29.93
CA PHE G 258 -34.79 18.21 -31.29
C PHE G 258 -33.90 16.97 -31.32
N ALA G 259 -34.22 16.02 -32.19
CA ALA G 259 -33.43 14.81 -32.39
C ALA G 259 -32.42 15.10 -33.51
N LEU G 260 -31.18 15.35 -33.15
CA LEU G 260 -30.15 15.75 -34.11
C LEU G 260 -29.53 14.62 -34.92
N SER G 261 -29.29 14.92 -36.20
CA SER G 261 -28.58 14.07 -37.14
C SER G 261 -27.36 14.90 -37.50
N ARG G 262 -26.17 14.38 -37.22
CA ARG G 262 -24.97 15.16 -37.47
C ARG G 262 -24.40 14.94 -38.87
N GLY G 263 -23.68 15.95 -39.37
CA GLY G 263 -23.08 15.96 -40.69
C GLY G 263 -21.90 16.90 -40.78
N PHE G 264 -21.25 16.84 -41.94
CA PHE G 264 -20.04 17.58 -42.29
C PHE G 264 -20.29 18.76 -43.20
N GLY G 265 -19.49 19.82 -43.05
CA GLY G 265 -19.58 20.98 -43.95
C GLY G 265 -20.53 22.15 -43.72
N SER G 266 -21.40 22.15 -42.71
CA SER G 266 -22.29 23.30 -42.54
C SER G 266 -21.58 24.38 -41.72
N GLY G 267 -22.23 25.51 -41.51
CA GLY G 267 -21.61 26.54 -40.70
C GLY G 267 -22.57 27.70 -40.53
N ILE G 268 -22.22 28.59 -39.62
CA ILE G 268 -23.01 29.80 -39.41
C ILE G 268 -22.18 30.92 -40.01
N ILE G 269 -22.78 31.68 -40.94
CA ILE G 269 -22.13 32.83 -41.58
C ILE G 269 -23.04 34.03 -41.41
N ASN G 270 -22.44 35.22 -41.35
CA ASN G 270 -23.20 36.45 -41.26
C ASN G 270 -23.17 37.12 -42.62
N SER G 271 -24.34 37.42 -43.17
CA SER G 271 -24.34 38.01 -44.49
C SER G 271 -25.61 38.80 -44.75
N ASN G 272 -25.43 39.86 -45.53
CA ASN G 272 -26.50 40.73 -45.97
C ASN G 272 -26.74 40.54 -47.45
N ALA G 273 -26.05 39.59 -48.08
CA ALA G 273 -26.24 39.31 -49.49
C ALA G 273 -27.57 38.58 -49.69
N PRO G 274 -28.24 38.81 -50.80
CA PRO G 274 -29.54 38.19 -51.03
C PRO G 274 -29.43 36.76 -51.53
N MET G 275 -30.56 36.05 -51.42
CA MET G 275 -30.73 34.69 -51.90
C MET G 275 -31.15 34.66 -53.37
N ASP G 276 -30.68 33.63 -54.08
CA ASP G 276 -31.04 33.38 -55.48
C ASP G 276 -31.17 31.88 -55.66
N GLU G 277 -31.35 31.48 -56.92
CA GLU G 277 -31.49 30.07 -57.26
C GLU G 277 -30.23 29.53 -57.90
N CYS G 278 -29.19 30.34 -57.94
CA CYS G 278 -27.89 29.92 -58.44
C CYS G 278 -27.35 28.76 -57.62
N ASP G 279 -26.63 27.85 -58.28
CA ASP G 279 -26.02 26.74 -57.57
C ASP G 279 -24.55 27.09 -57.44
N ALA G 280 -23.92 26.61 -56.37
CA ALA G 280 -22.51 26.95 -56.23
C ALA G 280 -21.76 26.01 -55.31
N LYS G 281 -20.53 25.69 -55.70
CA LYS G 281 -19.65 24.82 -54.92
C LYS G 281 -19.07 25.51 -53.68
N CYS G 282 -18.95 26.83 -53.70
CA CYS G 282 -18.40 27.63 -52.61
C CYS G 282 -19.27 28.82 -52.29
N GLN G 283 -19.48 29.07 -51.00
CA GLN G 283 -20.28 30.20 -50.56
C GLN G 283 -19.50 31.01 -49.53
N THR G 284 -19.60 32.33 -49.62
CA THR G 284 -18.92 33.21 -48.68
C THR G 284 -19.96 34.22 -48.26
N PRO G 285 -19.72 34.94 -47.18
CA PRO G 285 -20.69 35.97 -46.79
C PRO G 285 -20.86 36.99 -47.88
N GLN G 286 -19.84 37.13 -48.76
CA GLN G 286 -19.87 38.12 -49.84
C GLN G 286 -20.69 37.66 -51.03
N GLY G 287 -20.61 36.37 -51.37
CA GLY G 287 -21.35 35.83 -52.49
C GLY G 287 -20.79 34.48 -52.86
N ALA G 288 -21.43 33.82 -53.80
CA ALA G 288 -20.87 32.53 -54.16
C ALA G 288 -19.62 32.72 -55.01
N ILE G 289 -18.82 31.67 -55.10
CA ILE G 289 -17.56 31.66 -55.85
C ILE G 289 -17.52 30.45 -56.77
N ASN G 290 -17.21 30.66 -58.06
CA ASN G 290 -17.16 29.57 -59.05
C ASN G 290 -15.72 29.04 -59.15
N SER G 291 -15.35 28.34 -58.08
CA SER G 291 -14.04 27.76 -57.82
C SER G 291 -13.40 26.80 -58.80
N SER G 292 -12.35 27.28 -59.45
CA SER G 292 -11.51 26.45 -60.30
C SER G 292 -10.06 26.74 -59.98
N LEU G 293 -9.74 27.92 -59.42
CA LEU G 293 -8.43 28.37 -58.99
C LEU G 293 -8.10 27.86 -57.59
N PRO G 294 -6.82 27.81 -57.22
CA PRO G 294 -6.48 27.34 -55.87
C PRO G 294 -6.54 28.44 -54.81
N PHE G 295 -6.50 29.72 -55.22
CA PHE G 295 -6.53 30.84 -54.28
C PHE G 295 -7.71 31.78 -54.59
N GLN G 296 -8.05 32.62 -53.60
CA GLN G 296 -9.12 33.61 -53.65
C GLN G 296 -8.87 34.69 -52.61
N ASN G 297 -9.54 35.84 -52.79
CA ASN G 297 -9.35 36.91 -51.82
C ASN G 297 -10.63 37.66 -51.48
N VAL G 298 -11.81 37.08 -51.70
CA VAL G 298 -13.01 37.84 -51.36
C VAL G 298 -13.31 37.74 -49.87
N HIS G 299 -13.13 36.57 -49.25
CA HIS G 299 -13.43 36.49 -47.82
C HIS G 299 -12.76 35.34 -47.09
N PRO G 300 -12.27 35.57 -45.87
CA PRO G 300 -11.68 34.46 -45.10
C PRO G 300 -12.74 33.45 -44.67
N VAL G 301 -13.97 33.87 -44.40
CA VAL G 301 -15.03 32.91 -44.10
C VAL G 301 -15.44 32.22 -45.39
N THR G 302 -15.60 30.91 -45.36
CA THR G 302 -15.91 30.23 -46.61
C THR G 302 -16.72 28.97 -46.30
N ILE G 303 -17.55 28.53 -47.23
CA ILE G 303 -18.38 27.34 -47.00
C ILE G 303 -18.44 26.45 -48.24
N GLY G 304 -18.23 25.13 -48.06
CA GLY G 304 -18.25 24.19 -49.19
C GLY G 304 -16.84 23.88 -49.66
N GLU G 305 -16.61 23.66 -50.97
CA GLU G 305 -15.28 23.41 -51.52
C GLU G 305 -14.84 24.71 -52.18
N CYS G 306 -13.86 25.37 -51.61
CA CYS G 306 -13.41 26.68 -52.07
C CYS G 306 -11.91 26.78 -52.26
N PRO G 307 -11.46 27.82 -52.92
CA PRO G 307 -10.02 28.02 -53.06
C PRO G 307 -9.51 28.61 -51.74
N LYS G 308 -8.28 28.26 -51.39
CA LYS G 308 -7.72 28.76 -50.13
C LYS G 308 -7.65 30.29 -50.14
N TYR G 309 -8.05 30.91 -49.03
CA TYR G 309 -8.07 32.37 -48.96
C TYR G 309 -6.71 32.99 -48.63
N VAL G 310 -6.39 34.07 -49.35
CA VAL G 310 -5.16 34.82 -49.16
C VAL G 310 -5.48 36.29 -49.30
N ARG G 311 -4.66 37.15 -48.68
CA ARG G 311 -4.84 38.60 -48.74
C ARG G 311 -4.30 39.20 -50.02
N SER G 312 -3.57 38.41 -50.82
CA SER G 312 -2.92 38.81 -52.07
C SER G 312 -3.86 39.50 -53.04
N ALA G 313 -3.29 40.30 -53.93
CA ALA G 313 -4.05 40.98 -54.97
C ALA G 313 -3.81 40.41 -56.35
N LYS G 314 -2.59 39.98 -56.67
CA LYS G 314 -2.36 39.47 -58.02
C LYS G 314 -2.22 37.97 -58.22
N LEU G 315 -1.14 37.35 -57.73
CA LEU G 315 -0.88 35.92 -57.99
C LEU G 315 -1.02 35.65 -59.49
N ARG G 316 -0.07 36.23 -60.25
CA ARG G 316 -0.10 36.19 -61.71
C ARG G 316 0.48 34.94 -62.36
N MET G 317 1.76 34.62 -62.13
CA MET G 317 2.34 33.41 -62.73
C MET G 317 2.42 33.29 -64.26
N VAL G 318 3.42 33.92 -64.88
CA VAL G 318 3.65 33.81 -66.32
C VAL G 318 3.78 32.37 -66.74
N THR G 319 3.37 32.10 -67.98
CA THR G 319 3.52 30.81 -68.61
C THR G 319 4.43 30.89 -69.83
N GLY G 320 4.34 31.99 -70.58
CA GLY G 320 5.14 32.24 -71.76
C GLY G 320 6.46 32.94 -71.47
N LEU G 321 6.90 33.74 -72.44
CA LEU G 321 8.17 34.46 -72.37
C LEU G 321 7.96 35.94 -72.69
N ARG G 322 9.05 36.71 -72.58
CA ARG G 322 8.99 38.16 -72.78
C ARG G 322 8.43 38.53 -74.16
N ASN G 323 7.68 39.64 -74.19
CA ASN G 323 7.02 40.12 -75.40
C ASN G 323 7.75 41.35 -75.97
N ILE G 324 8.28 41.23 -77.19
CA ILE G 324 8.99 42.34 -77.81
C ILE G 324 8.50 42.67 -79.22
N PRO G 325 7.42 43.46 -79.38
CA PRO G 325 6.96 43.83 -80.74
C PRO G 325 7.72 45.03 -81.31
N SER G 326 7.26 45.52 -82.46
CA SER G 326 7.80 46.71 -83.13
C SER G 326 9.31 46.63 -83.39
N ILE G 327 9.66 45.72 -84.30
CA ILE G 327 11.05 45.48 -84.74
C ILE G 327 12.07 45.56 -83.60
N GLY H 1 17.77 36.82 -70.44
CA GLY H 1 17.95 37.16 -69.05
C GLY H 1 19.05 36.35 -68.39
N LEU H 2 18.74 35.12 -68.01
CA LEU H 2 19.79 34.31 -67.40
C LEU H 2 20.66 33.75 -68.50
N PHE H 3 20.04 33.36 -69.60
CA PHE H 3 20.74 32.91 -70.79
C PHE H 3 20.68 34.09 -71.77
N GLY H 4 21.64 34.14 -72.67
CA GLY H 4 21.67 35.30 -73.57
C GLY H 4 20.67 35.43 -74.69
N ALA H 5 19.73 34.49 -74.86
CA ALA H 5 18.84 34.57 -76.02
C ALA H 5 17.79 35.67 -76.02
N ILE H 6 16.84 35.64 -75.09
CA ILE H 6 15.77 36.64 -75.09
C ILE H 6 16.29 37.98 -74.60
N ALA H 7 15.99 39.04 -75.35
CA ALA H 7 16.42 40.42 -75.06
C ALA H 7 17.95 40.58 -75.06
N GLY H 8 18.68 39.52 -75.45
CA GLY H 8 20.13 39.49 -75.52
C GLY H 8 20.62 39.56 -76.96
N PHE H 9 21.03 38.43 -77.55
CA PHE H 9 21.50 38.43 -78.93
C PHE H 9 20.35 38.27 -79.93
N ILE H 10 19.13 38.08 -79.43
CA ILE H 10 17.90 38.07 -80.22
C ILE H 10 17.07 39.11 -79.47
N GLU H 11 17.25 40.37 -79.84
CA GLU H 11 16.70 41.55 -79.18
C GLU H 11 15.19 41.73 -79.36
N GLY H 12 14.49 40.82 -80.01
CA GLY H 12 13.06 41.01 -80.18
C GLY H 12 12.40 39.71 -80.56
N GLY H 13 11.07 39.73 -80.48
CA GLY H 13 10.25 38.58 -80.81
C GLY H 13 9.61 38.81 -82.16
N TRP H 14 9.01 37.76 -82.69
CA TRP H 14 8.39 37.85 -84.01
C TRP H 14 6.88 37.75 -83.93
N THR H 15 6.21 38.90 -84.11
CA THR H 15 4.75 38.93 -84.16
C THR H 15 4.26 38.02 -85.27
N GLY H 16 5.05 37.92 -86.34
CA GLY H 16 4.68 37.07 -87.46
C GLY H 16 4.53 35.61 -87.10
N MET H 17 5.41 35.09 -86.24
CA MET H 17 5.36 33.69 -85.87
C MET H 17 4.25 33.38 -84.88
N VAL H 18 3.37 32.46 -85.27
CA VAL H 18 2.30 31.92 -84.44
C VAL H 18 2.56 30.42 -84.56
N ASP H 19 1.68 29.58 -84.00
CA ASP H 19 1.80 28.12 -84.04
C ASP H 19 2.95 27.60 -83.18
N GLY H 20 3.39 28.37 -82.20
CA GLY H 20 4.47 27.90 -81.35
C GLY H 20 5.17 29.05 -80.66
N TRP H 21 6.04 28.67 -79.71
CA TRP H 21 6.83 29.63 -78.94
C TRP H 21 8.18 29.93 -79.60
N TYR H 22 8.76 28.95 -80.28
CA TYR H 22 10.03 29.11 -80.95
C TYR H 22 9.87 28.72 -82.42
N GLY H 23 10.87 29.05 -83.24
CA GLY H 23 10.79 28.73 -84.65
C GLY H 23 11.89 29.42 -85.44
N TYR H 24 11.64 29.56 -86.74
CA TYR H 24 12.60 30.14 -87.65
C TYR H 24 11.93 31.12 -88.61
N HIS H 25 12.77 31.97 -89.23
CA HIS H 25 12.36 32.93 -90.26
C HIS H 25 13.40 32.77 -91.36
N HIS H 26 13.19 31.79 -92.23
CA HIS H 26 14.13 31.52 -93.31
C HIS H 26 13.99 32.53 -94.45
N GLN H 27 15.13 32.95 -94.96
CA GLN H 27 15.21 33.92 -96.06
C GLN H 27 15.89 33.19 -97.22
N ASN H 28 15.08 32.49 -98.00
CA ASN H 28 15.48 31.73 -99.18
C ASN H 28 14.94 32.41 -100.42
N GLU H 29 15.50 32.04 -101.58
CA GLU H 29 15.02 32.65 -102.82
C GLU H 29 13.65 32.12 -103.21
N GLN H 30 13.27 30.94 -102.70
CA GLN H 30 11.98 30.34 -102.97
C GLN H 30 10.94 30.76 -101.93
N GLY H 31 10.96 32.03 -101.51
CA GLY H 31 9.97 32.46 -100.54
C GLY H 31 10.51 32.49 -99.13
N SER H 32 10.00 33.43 -98.34
CA SER H 32 10.39 33.53 -96.94
C SER H 32 9.11 33.36 -96.10
N GLY H 33 9.27 33.32 -94.78
CA GLY H 33 8.13 33.13 -93.91
C GLY H 33 8.56 32.67 -92.54
N TYR H 34 7.57 32.61 -91.64
CA TYR H 34 7.80 32.22 -90.24
C TYR H 34 7.32 30.79 -89.98
N ALA H 35 8.20 29.82 -90.27
CA ALA H 35 7.90 28.41 -90.02
C ALA H 35 8.13 28.15 -88.53
N ALA H 36 7.06 28.01 -87.76
CA ALA H 36 7.18 27.81 -86.32
C ALA H 36 7.54 26.37 -85.94
N ASP H 37 8.52 26.23 -85.05
CA ASP H 37 8.97 24.92 -84.59
C ASP H 37 7.83 24.18 -83.89
N GLN H 38 7.96 22.86 -83.83
CA GLN H 38 6.97 21.97 -83.22
C GLN H 38 7.49 21.17 -82.04
N LYS H 39 8.61 20.46 -82.23
CA LYS H 39 9.15 19.59 -81.20
C LYS H 39 9.48 20.34 -79.91
N SER H 40 10.34 21.35 -80.00
CA SER H 40 10.68 22.09 -78.78
C SER H 40 9.46 22.83 -78.24
N THR H 41 8.52 23.21 -79.12
CA THR H 41 7.32 23.91 -78.67
C THR H 41 6.40 23.01 -77.85
N GLN H 42 5.96 21.89 -78.42
CA GLN H 42 5.07 21.02 -77.66
C GLN H 42 5.78 20.45 -76.45
N ASN H 43 7.11 20.29 -76.52
CA ASN H 43 7.84 19.80 -75.36
C ASN H 43 7.81 20.84 -74.24
N ALA H 44 7.90 22.12 -74.61
CA ALA H 44 7.86 23.18 -73.61
C ALA H 44 6.47 23.31 -73.00
N ILE H 45 5.42 23.20 -73.82
CA ILE H 45 4.06 23.29 -73.28
C ILE H 45 3.83 22.18 -72.27
N ASN H 46 4.35 20.98 -72.55
CA ASN H 46 4.20 19.88 -71.61
C ASN H 46 4.75 20.27 -70.25
N GLY H 47 5.98 20.79 -70.23
CA GLY H 47 6.61 21.19 -68.98
C GLY H 47 5.89 22.33 -68.26
N ILE H 48 5.49 23.37 -69.00
CA ILE H 48 4.81 24.46 -68.29
C ILE H 48 3.47 23.97 -67.80
N THR H 49 2.81 23.09 -68.56
CA THR H 49 1.54 22.54 -68.08
C THR H 49 1.79 21.71 -66.84
N ASN H 50 2.93 21.00 -66.81
CA ASN H 50 3.27 20.22 -65.62
C ASN H 50 3.58 21.12 -64.44
N LYS H 51 4.41 22.16 -64.65
CA LYS H 51 4.72 23.08 -63.55
C LYS H 51 3.46 23.66 -62.94
N VAL H 52 2.61 24.26 -63.78
CA VAL H 52 1.40 24.89 -63.27
C VAL H 52 0.55 23.88 -62.50
N ASN H 53 0.18 22.78 -63.16
CA ASN H 53 -0.65 21.79 -62.46
C ASN H 53 0.06 21.22 -61.24
N SER H 54 1.38 21.01 -61.33
CA SER H 54 2.07 20.48 -60.16
C SER H 54 2.14 21.50 -59.04
N VAL H 55 1.85 22.76 -59.35
CA VAL H 55 1.86 23.81 -58.34
C VAL H 55 0.45 23.97 -57.74
N ILE H 56 -0.60 23.98 -58.56
CA ILE H 56 -1.91 24.10 -57.96
C ILE H 56 -2.29 22.81 -57.26
N GLU H 57 -1.66 21.68 -57.60
CA GLU H 57 -1.96 20.44 -56.88
C GLU H 57 -1.62 20.59 -55.42
N LYS H 58 -0.54 21.25 -55.13
CA LYS H 58 -0.05 21.40 -53.79
C LYS H 58 -0.89 22.33 -52.97
N MET H 59 -2.09 22.68 -53.44
CA MET H 59 -2.99 23.59 -52.73
C MET H 59 -4.39 22.98 -52.64
N ASN H 60 -4.62 22.29 -51.54
CA ASN H 60 -5.91 21.65 -51.27
C ASN H 60 -6.99 22.72 -51.15
N THR H 61 -8.19 22.42 -51.64
CA THR H 61 -9.28 23.38 -51.55
C THR H 61 -9.53 23.70 -50.07
N GLN H 62 -10.12 24.87 -49.79
CA GLN H 62 -10.29 25.15 -48.37
C GLN H 62 -11.28 24.19 -47.73
N PHE H 63 -12.54 24.61 -47.61
CA PHE H 63 -13.70 23.87 -47.12
C PHE H 63 -14.44 24.91 -46.29
N THR H 64 -15.49 24.51 -45.62
CA THR H 64 -16.14 25.43 -44.71
C THR H 64 -15.13 25.81 -43.63
N ALA H 65 -14.96 27.11 -43.42
CA ALA H 65 -14.11 27.65 -42.36
C ALA H 65 -15.02 28.72 -41.77
N VAL H 66 -15.48 28.55 -40.53
CA VAL H 66 -16.41 29.53 -39.99
C VAL H 66 -15.89 30.22 -38.73
N GLY H 67 -16.41 31.42 -38.48
CA GLY H 67 -16.08 32.22 -37.30
C GLY H 67 -16.43 31.50 -36.02
N LYS H 68 -16.01 32.05 -34.88
CA LYS H 68 -16.36 31.28 -33.69
C LYS H 68 -17.19 32.01 -32.65
N GLU H 69 -17.41 33.30 -32.77
CA GLU H 69 -18.35 33.97 -31.87
C GLU H 69 -18.22 33.70 -30.37
N PHE H 70 -17.28 34.31 -29.65
CA PHE H 70 -17.10 34.13 -28.21
C PHE H 70 -17.91 35.11 -27.36
N ASN H 71 -17.97 34.86 -26.04
CA ASN H 71 -18.74 35.70 -25.13
C ASN H 71 -17.84 36.76 -24.41
N LYS H 72 -18.47 37.64 -23.61
CA LYS H 72 -17.76 38.71 -22.93
C LYS H 72 -16.72 38.26 -21.93
N LEU H 73 -16.71 37.00 -21.52
CA LEU H 73 -15.68 36.59 -20.59
C LEU H 73 -14.66 35.68 -21.24
N GLU H 74 -14.69 35.57 -22.54
CA GLU H 74 -13.78 34.70 -23.24
C GLU H 74 -12.88 35.51 -24.17
N ARG H 75 -12.46 36.69 -23.69
CA ARG H 75 -11.58 37.55 -24.48
C ARG H 75 -10.27 36.85 -24.86
N ARG H 76 -9.58 36.21 -23.88
CA ARG H 76 -8.32 35.52 -24.22
C ARG H 76 -8.51 34.53 -25.35
N MET H 77 -9.49 33.62 -25.20
CA MET H 77 -9.73 32.61 -26.23
C MET H 77 -10.08 33.23 -27.56
N GLU H 78 -10.67 34.42 -27.54
CA GLU H 78 -10.99 35.09 -28.80
C GLU H 78 -9.73 35.52 -29.52
N ASN H 79 -8.78 36.09 -28.78
CA ASN H 79 -7.55 36.54 -29.41
C ASN H 79 -6.77 35.34 -29.93
N LEU H 80 -6.68 34.27 -29.12
CA LEU H 80 -6.01 33.06 -29.58
C LEU H 80 -6.65 32.58 -30.88
N ASN H 81 -7.98 32.63 -30.97
CA ASN H 81 -8.66 32.26 -32.22
C ASN H 81 -8.26 33.23 -33.32
N LYS H 82 -8.29 34.55 -33.02
CA LYS H 82 -7.88 35.50 -34.05
C LYS H 82 -6.41 35.31 -34.38
N LYS H 83 -5.59 34.96 -33.38
CA LYS H 83 -4.16 34.71 -33.62
C LYS H 83 -3.93 33.51 -34.57
N VAL H 84 -4.72 32.43 -34.42
CA VAL H 84 -4.58 31.25 -35.29
C VAL H 84 -5.07 31.53 -36.71
N ASP H 85 -6.34 31.97 -36.84
CA ASP H 85 -6.91 32.27 -38.16
C ASP H 85 -6.05 33.24 -38.97
N ASP H 86 -5.67 34.40 -38.38
CA ASP H 86 -4.83 35.39 -39.05
C ASP H 86 -3.45 34.84 -39.36
N GLY H 87 -2.82 34.20 -38.36
CA GLY H 87 -1.49 33.62 -38.55
C GLY H 87 -1.41 32.67 -39.72
N PHE H 88 -2.47 31.91 -39.97
CA PHE H 88 -2.43 30.98 -41.08
C PHE H 88 -2.67 31.69 -42.39
N ILE H 89 -3.57 32.69 -42.39
CA ILE H 89 -3.84 33.45 -43.61
C ILE H 89 -2.54 34.07 -44.11
N ASP H 90 -1.76 34.63 -43.18
CA ASP H 90 -0.48 35.24 -43.51
C ASP H 90 0.48 34.22 -44.12
N VAL H 91 0.59 33.05 -43.51
CA VAL H 91 1.52 32.04 -44.00
C VAL H 91 1.13 31.63 -45.42
N TRP H 92 -0.17 31.56 -45.70
CA TRP H 92 -0.59 31.21 -47.05
C TRP H 92 -0.48 32.39 -48.01
N THR H 93 -0.86 33.60 -47.58
CA THR H 93 -0.73 34.76 -48.46
C THR H 93 0.72 34.95 -48.88
N TYR H 94 1.63 34.99 -47.92
CA TYR H 94 3.05 35.14 -48.21
C TYR H 94 3.53 34.07 -49.17
N ASN H 95 3.27 32.79 -48.85
CA ASN H 95 3.72 31.70 -49.69
C ASN H 95 3.25 31.84 -51.12
N ALA H 96 1.95 32.13 -51.29
CA ALA H 96 1.38 32.26 -52.62
C ALA H 96 2.04 33.38 -53.41
N GLU H 97 2.18 34.54 -52.79
CA GLU H 97 2.82 35.65 -53.48
C GLU H 97 4.29 35.35 -53.75
N LEU H 98 4.98 34.77 -52.77
CA LEU H 98 6.40 34.48 -52.96
C LEU H 98 6.63 33.38 -53.98
N LEU H 99 5.65 32.48 -54.16
CA LEU H 99 5.80 31.38 -55.12
C LEU H 99 5.80 31.86 -56.56
N VAL H 100 4.79 32.65 -56.95
CA VAL H 100 4.74 33.14 -58.33
C VAL H 100 5.95 34.03 -58.60
N LEU H 101 6.32 34.86 -57.63
CA LEU H 101 7.48 35.73 -57.76
C LEU H 101 8.75 34.93 -58.07
N LEU H 102 9.05 33.92 -57.26
CA LEU H 102 10.24 33.14 -57.52
C LEU H 102 10.08 32.30 -58.78
N GLU H 103 8.97 31.57 -58.89
CA GLU H 103 8.81 30.70 -60.05
C GLU H 103 8.65 31.43 -61.38
N ASN H 104 8.37 32.73 -61.38
CA ASN H 104 8.29 33.42 -62.67
C ASN H 104 9.67 33.56 -63.27
N GLU H 105 10.66 33.96 -62.46
CA GLU H 105 12.01 34.05 -62.99
C GLU H 105 12.45 32.70 -63.54
N ARG H 106 12.01 31.62 -62.89
CA ARG H 106 12.35 30.29 -63.35
C ARG H 106 11.72 29.98 -64.71
N THR H 107 10.45 30.34 -64.90
CA THR H 107 9.82 30.04 -66.19
C THR H 107 10.43 30.88 -67.31
N LEU H 108 10.66 32.18 -67.06
CA LEU H 108 11.25 33.06 -68.08
C LEU H 108 12.61 32.54 -68.50
N ASP H 109 13.43 32.11 -67.54
CA ASP H 109 14.73 31.55 -67.86
C ASP H 109 14.59 30.21 -68.57
N PHE H 110 13.48 29.50 -68.33
CA PHE H 110 13.26 28.21 -68.99
C PHE H 110 13.08 28.41 -70.49
N HIS H 111 12.29 29.41 -70.88
CA HIS H 111 12.11 29.71 -72.30
C HIS H 111 13.44 30.17 -72.89
N ASP H 112 14.22 30.93 -72.11
CA ASP H 112 15.56 31.36 -72.51
C ASP H 112 16.41 30.13 -72.83
N SER H 113 16.41 29.15 -71.93
CA SER H 113 17.14 27.91 -72.12
C SER H 113 16.67 27.22 -73.38
N ASN H 114 15.35 27.14 -73.56
CA ASN H 114 14.77 26.47 -74.72
C ASN H 114 15.19 27.15 -76.01
N VAL H 115 15.13 28.49 -76.04
CA VAL H 115 15.54 29.24 -77.22
C VAL H 115 17.03 29.08 -77.45
N LYS H 116 17.83 29.29 -76.40
CA LYS H 116 19.27 29.10 -76.56
C LYS H 116 19.57 27.64 -76.88
N ASN H 117 18.70 26.72 -76.45
CA ASN H 117 18.95 25.33 -76.81
C ASN H 117 18.64 25.09 -78.29
N LEU H 118 17.79 25.94 -78.88
CA LEU H 118 17.47 25.82 -80.29
C LEU H 118 18.43 26.62 -81.16
N TYR H 119 19.03 27.68 -80.62
CA TYR H 119 20.03 28.40 -81.39
C TYR H 119 21.20 27.46 -81.63
N GLU H 120 21.43 26.55 -80.69
CA GLU H 120 22.39 25.48 -80.84
C GLU H 120 21.62 24.39 -81.58
N LYS H 121 22.23 23.22 -81.83
CA LYS H 121 21.55 22.16 -82.56
C LYS H 121 21.37 22.56 -84.03
N VAL H 122 21.65 23.83 -84.37
CA VAL H 122 21.66 24.28 -85.74
C VAL H 122 23.07 24.74 -86.08
N LYS H 123 23.76 25.32 -85.09
CA LYS H 123 25.18 25.59 -85.21
C LYS H 123 25.90 24.25 -85.18
N SER H 124 25.32 23.28 -84.48
CA SER H 124 25.82 21.93 -84.40
C SER H 124 25.56 21.17 -85.70
N GLN H 125 24.57 21.62 -86.48
CA GLN H 125 24.23 21.01 -87.77
C GLN H 125 24.94 21.75 -88.90
N LEU H 126 24.89 23.08 -88.88
CA LEU H 126 25.56 23.92 -89.88
C LEU H 126 26.99 24.25 -89.41
N LYS H 127 27.79 23.18 -89.24
CA LYS H 127 29.16 23.31 -88.74
C LYS H 127 30.00 24.29 -89.59
N ASN H 128 30.10 24.04 -90.90
CA ASN H 128 30.84 24.89 -91.85
C ASN H 128 29.93 25.29 -93.00
N ASN H 129 28.62 25.10 -92.84
CA ASN H 129 27.60 25.26 -93.84
C ASN H 129 26.99 26.66 -93.91
N ALA H 130 27.38 27.57 -93.02
CA ALA H 130 26.80 28.91 -93.07
C ALA H 130 27.60 29.86 -92.18
N LYS H 131 27.40 31.17 -92.42
CA LYS H 131 28.02 32.24 -91.64
C LYS H 131 27.12 32.56 -90.45
N GLU H 132 27.69 32.53 -89.25
CA GLU H 132 26.93 32.81 -88.04
C GLU H 132 27.00 34.29 -87.67
N ILE H 133 25.89 35.00 -87.85
CA ILE H 133 25.81 36.40 -87.43
C ILE H 133 25.12 36.34 -86.07
N GLY H 134 25.60 37.14 -85.10
CA GLY H 134 25.05 37.06 -83.76
C GLY H 134 23.68 37.64 -83.48
N ASN H 135 22.82 37.67 -84.50
CA ASN H 135 21.46 38.15 -84.36
C ASN H 135 20.50 36.97 -84.36
N GLY H 136 21.02 35.77 -84.11
CA GLY H 136 20.26 34.55 -84.12
C GLY H 136 20.03 33.99 -85.50
N CYS H 137 20.69 34.55 -86.52
CA CYS H 137 20.54 34.16 -87.92
C CYS H 137 21.80 33.55 -88.49
N PHE H 138 21.60 32.78 -89.57
CA PHE H 138 22.69 32.11 -90.28
C PHE H 138 22.56 32.38 -91.77
N GLU H 139 23.54 33.08 -92.36
CA GLU H 139 23.55 33.32 -93.80
C GLU H 139 24.29 32.12 -94.39
N PHE H 140 23.61 31.40 -95.26
CA PHE H 140 24.14 30.19 -95.87
C PHE H 140 25.18 30.38 -96.97
N TYR H 141 26.18 29.48 -96.98
CA TYR H 141 27.12 29.39 -98.08
C TYR H 141 26.46 28.59 -99.18
N HIS H 142 25.65 27.61 -98.76
CA HIS H 142 24.78 26.79 -99.56
C HIS H 142 23.63 27.66 -100.08
N LYS H 143 22.89 27.10 -101.02
CA LYS H 143 21.72 27.76 -101.58
C LYS H 143 20.52 26.96 -101.11
N CYS H 144 20.55 26.53 -99.84
CA CYS H 144 19.57 25.63 -99.26
C CYS H 144 18.14 25.98 -99.68
N ASN H 145 17.56 25.07 -100.48
CA ASN H 145 16.22 25.21 -101.02
C ASN H 145 15.19 24.92 -99.93
N ASP H 146 13.92 25.00 -100.33
CA ASP H 146 12.83 24.75 -99.40
C ASP H 146 12.61 23.25 -99.13
N GLU H 147 13.58 22.43 -99.51
CA GLU H 147 13.61 21.00 -99.24
C GLU H 147 14.60 20.68 -98.14
N CYS H 148 15.82 21.22 -98.25
CA CYS H 148 16.83 21.03 -97.21
C CYS H 148 16.60 21.96 -96.05
N MET H 149 15.86 23.05 -96.28
CA MET H 149 15.57 23.99 -95.20
C MET H 149 14.67 23.34 -94.18
N GLU H 150 13.66 22.61 -94.65
CA GLU H 150 12.83 21.89 -93.68
C GLU H 150 13.57 20.68 -93.13
N SER H 151 14.80 20.47 -93.60
CA SER H 151 15.67 19.41 -93.13
C SER H 151 16.59 19.94 -92.04
N VAL H 152 16.18 21.04 -91.43
CA VAL H 152 16.87 21.60 -90.28
C VAL H 152 16.18 21.02 -89.06
N LYS H 153 14.98 20.48 -89.24
CA LYS H 153 14.28 19.82 -88.15
C LYS H 153 15.03 18.56 -87.78
N ASN H 154 15.59 17.85 -88.77
CA ASN H 154 16.40 16.66 -88.52
C ASN H 154 17.80 16.85 -89.08
N GLY H 155 17.97 16.80 -90.40
CA GLY H 155 19.22 17.01 -91.09
C GLY H 155 19.93 15.76 -91.60
N THR H 156 19.75 15.44 -92.89
CA THR H 156 20.44 14.34 -93.59
C THR H 156 20.90 15.08 -94.84
N TYR H 157 22.01 15.79 -94.67
CA TYR H 157 22.56 16.71 -95.63
C TYR H 157 23.48 16.14 -96.70
N ASP H 158 23.38 16.73 -97.90
CA ASP H 158 24.33 16.53 -98.99
C ASP H 158 25.42 17.50 -98.55
N TYR H 159 26.05 17.10 -97.44
CA TYR H 159 26.95 17.89 -96.62
C TYR H 159 28.18 18.60 -97.20
N PRO H 160 28.94 18.07 -98.18
CA PRO H 160 30.18 18.78 -98.58
C PRO H 160 30.08 20.30 -98.65
N LYS H 161 30.99 20.93 -97.88
CA LYS H 161 31.10 22.37 -97.77
C LYS H 161 31.68 22.99 -99.03
N TYR H 162 31.09 24.11 -99.44
CA TYR H 162 31.58 24.88 -100.56
C TYR H 162 32.33 26.07 -100.01
N SER H 163 33.46 26.37 -100.62
CA SER H 163 34.28 27.49 -100.20
C SER H 163 33.62 28.81 -100.55
N GLU H 164 33.71 29.75 -99.62
CA GLU H 164 33.22 31.12 -99.76
C GLU H 164 34.24 32.09 -99.16
N GLU H 165 35.49 31.64 -99.08
CA GLU H 165 36.60 32.38 -98.52
C GLU H 165 37.44 32.97 -99.64
N ILE I 7 42.51 42.70 -74.09
CA ILE I 7 41.31 42.91 -73.28
C ILE I 7 40.88 41.62 -72.57
N CYS I 8 40.60 41.73 -71.27
CA CYS I 8 40.17 40.58 -70.48
C CYS I 8 38.88 40.96 -69.79
N ILE I 9 37.96 40.01 -69.68
CA ILE I 9 36.66 40.22 -69.07
C ILE I 9 36.64 39.52 -67.72
N GLY I 10 36.29 40.26 -66.67
CA GLY I 10 36.27 39.65 -65.37
C GLY I 10 35.28 40.27 -64.42
N TYR I 11 35.50 40.11 -63.12
CA TYR I 11 34.56 40.63 -62.14
C TYR I 11 35.30 41.16 -60.93
N HIS I 12 34.55 41.90 -60.12
CA HIS I 12 35.00 42.58 -58.92
C HIS I 12 35.32 41.62 -57.78
N ALA I 13 36.09 42.15 -56.83
CA ALA I 13 36.53 41.50 -55.58
C ALA I 13 37.08 42.58 -54.64
N ASN I 14 36.96 42.35 -53.33
CA ASN I 14 37.42 43.31 -52.32
C ASN I 14 38.01 42.55 -51.13
N ASN I 15 38.24 43.26 -50.01
CA ASN I 15 38.82 42.65 -48.82
C ASN I 15 37.78 42.08 -47.87
N SER I 16 36.50 42.11 -48.24
CA SER I 16 35.37 41.63 -47.42
C SER I 16 35.53 40.21 -46.89
N THR I 17 35.27 40.04 -45.58
CA THR I 17 35.28 38.75 -44.90
C THR I 17 33.87 38.26 -44.62
N ASP I 18 32.90 38.76 -45.39
CA ASP I 18 31.48 38.48 -45.22
C ASP I 18 31.16 37.04 -45.60
N THR I 19 31.02 36.19 -44.59
CA THR I 19 30.66 34.79 -44.77
C THR I 19 29.16 34.67 -45.07
N VAL I 20 28.80 33.65 -45.84
CA VAL I 20 27.42 33.40 -46.20
C VAL I 20 27.22 31.90 -46.41
N ASP I 21 26.08 31.37 -45.96
CA ASP I 21 25.74 29.96 -46.13
C ASP I 21 24.78 29.83 -47.31
N THR I 22 25.26 29.25 -48.40
CA THR I 22 24.43 28.98 -49.56
C THR I 22 24.15 27.49 -49.58
N VAL I 23 23.31 27.06 -50.51
CA VAL I 23 23.05 25.63 -50.58
C VAL I 23 24.23 25.05 -51.33
N LEU I 24 24.70 23.86 -50.91
CA LEU I 24 25.85 23.09 -51.43
C LEU I 24 27.21 23.68 -50.99
N GLU I 25 27.27 24.78 -50.25
CA GLU I 25 28.56 25.33 -49.81
C GLU I 25 28.38 26.28 -48.62
N LYS I 26 29.06 25.98 -47.51
CA LYS I 26 29.04 26.80 -46.31
C LYS I 26 30.24 27.74 -46.32
N ASN I 27 30.37 28.56 -45.27
CA ASN I 27 31.51 29.47 -45.07
C ASN I 27 31.90 30.18 -46.37
N VAL I 28 30.93 30.52 -47.23
CA VAL I 28 31.20 31.15 -48.52
C VAL I 28 31.43 32.65 -48.34
N THR I 29 32.67 33.11 -48.55
CA THR I 29 32.94 34.53 -48.45
C THR I 29 32.40 35.21 -49.69
N VAL I 30 31.87 36.43 -49.52
CA VAL I 30 31.21 37.17 -50.60
C VAL I 30 31.59 38.64 -50.50
N THR I 31 31.54 39.34 -51.64
CA THR I 31 31.94 40.74 -51.65
C THR I 31 30.93 41.64 -50.92
N HIS I 32 29.62 41.45 -51.16
CA HIS I 32 28.59 42.28 -50.53
C HIS I 32 27.42 41.42 -50.07
N SER I 33 26.76 41.85 -49.00
CA SER I 33 25.60 41.14 -48.45
C SER I 33 24.79 42.14 -47.64
N VAL I 34 23.84 41.64 -46.84
CA VAL I 34 23.01 42.50 -46.00
C VAL I 34 22.58 41.70 -44.76
N ASN I 35 22.51 42.38 -43.61
CA ASN I 35 22.23 41.75 -42.30
C ASN I 35 20.98 40.91 -42.29
N LEU I 36 19.88 41.44 -42.80
CA LEU I 36 18.58 40.77 -42.91
C LEU I 36 17.98 40.29 -41.58
N LEU I 37 18.71 40.39 -40.45
CA LEU I 37 18.21 39.97 -39.14
C LEU I 37 18.70 40.93 -38.07
N GLU I 38 17.76 41.47 -37.28
CA GLU I 38 18.11 42.40 -36.20
C GLU I 38 18.46 41.61 -34.94
N ASP I 39 19.62 41.90 -34.38
CA ASP I 39 20.04 41.20 -33.17
C ASP I 39 20.33 42.12 -32.00
N SER I 40 20.78 43.35 -32.25
CA SER I 40 21.07 44.26 -31.15
C SER I 40 19.81 45.02 -30.74
N HIS I 41 19.75 45.33 -29.44
CA HIS I 41 18.60 46.06 -28.95
C HIS I 41 19.09 47.09 -27.94
N ASN I 42 18.23 48.09 -27.71
CA ASN I 42 18.50 49.24 -26.86
C ASN I 42 18.73 48.90 -25.39
N GLY I 43 18.28 47.75 -24.89
CA GLY I 43 18.50 47.38 -23.52
C GLY I 43 17.67 48.12 -22.49
N LYS I 44 16.88 49.12 -22.89
CA LYS I 44 16.10 49.89 -21.92
C LYS I 44 14.65 50.04 -22.39
N LEU I 45 13.78 50.26 -21.40
CA LEU I 45 12.34 50.46 -21.59
C LEU I 45 12.04 51.86 -22.11
N CYS I 46 11.75 51.93 -23.42
CA CYS I 46 11.50 53.20 -24.09
C CYS I 46 10.00 53.53 -24.11
N LEU I 47 9.76 54.69 -24.69
CA LEU I 47 8.43 55.24 -24.90
C LEU I 47 7.91 54.60 -26.16
N LEU I 48 6.72 54.97 -26.58
CA LEU I 48 6.18 54.37 -27.79
C LEU I 48 5.56 55.51 -28.59
N LYS I 49 6.33 56.07 -29.53
CA LYS I 49 5.90 57.21 -30.34
C LYS I 49 5.41 58.31 -29.40
N GLY I 50 6.23 58.56 -28.38
CA GLY I 50 6.01 59.55 -27.35
C GLY I 50 5.29 59.14 -26.09
N ILE I 51 4.20 58.38 -26.22
CA ILE I 51 3.42 57.98 -25.06
C ILE I 51 4.21 57.00 -24.23
N ALA I 52 4.11 57.14 -22.84
CA ALA I 52 4.84 56.35 -21.85
C ALA I 52 4.08 55.10 -21.43
N PRO I 53 4.79 54.06 -21.01
CA PRO I 53 4.12 52.84 -20.57
C PRO I 53 3.66 52.92 -19.13
N LEU I 54 2.65 52.10 -18.83
CA LEU I 54 2.15 52.00 -17.47
C LEU I 54 3.15 51.14 -16.72
N GLN I 55 4.10 51.75 -16.00
CA GLN I 55 5.09 50.98 -15.26
C GLN I 55 4.55 50.74 -13.85
N LEU I 56 4.17 49.48 -13.56
CA LEU I 56 3.50 49.07 -12.32
C LEU I 56 4.40 48.86 -11.10
N GLY I 57 5.73 48.77 -11.24
CA GLY I 57 6.55 48.56 -10.05
C GLY I 57 6.22 47.27 -9.28
N ASN I 58 6.14 47.39 -7.95
CA ASN I 58 5.87 46.25 -7.06
C ASN I 58 4.42 45.78 -7.05
N CYS I 59 3.54 46.46 -7.77
CA CYS I 59 2.14 46.11 -7.79
C CYS I 59 1.85 45.20 -8.96
N SER I 60 0.85 44.35 -8.76
CA SER I 60 0.33 43.54 -9.84
C SER I 60 -0.87 44.30 -10.40
N VAL I 61 -1.29 43.96 -11.60
CA VAL I 61 -2.48 44.60 -12.15
C VAL I 61 -3.62 44.55 -11.15
N ALA I 62 -3.75 43.43 -10.44
CA ALA I 62 -4.80 43.27 -9.43
C ALA I 62 -4.73 44.35 -8.37
N GLY I 63 -3.52 44.65 -7.90
CA GLY I 63 -3.26 45.67 -6.89
C GLY I 63 -3.33 47.08 -7.44
N TRP I 64 -2.95 47.25 -8.71
CA TRP I 64 -3.05 48.53 -9.37
C TRP I 64 -4.51 48.96 -9.53
N ILE I 65 -5.35 48.10 -10.09
CA ILE I 65 -6.75 48.45 -10.34
C ILE I 65 -7.61 48.44 -9.07
N LEU I 66 -7.26 47.66 -8.08
CA LEU I 66 -8.01 47.66 -6.84
C LEU I 66 -7.48 48.71 -5.86
N GLY I 67 -6.28 49.22 -6.08
CA GLY I 67 -5.76 50.17 -5.14
C GLY I 67 -5.11 49.52 -3.95
N ASN I 68 -4.06 48.68 -4.15
CA ASN I 68 -3.33 48.16 -3.00
C ASN I 68 -2.73 49.44 -2.44
N PRO I 69 -3.10 49.88 -1.24
CA PRO I 69 -2.62 51.19 -0.76
C PRO I 69 -1.14 51.46 -1.01
N GLU I 70 -0.32 50.42 -1.13
CA GLU I 70 1.10 50.60 -1.43
C GLU I 70 1.32 50.97 -2.90
N CYS I 71 0.26 51.00 -3.68
CA CYS I 71 0.32 51.38 -5.09
C CYS I 71 -0.16 52.82 -5.29
N GLU I 72 0.07 53.67 -4.29
CA GLU I 72 -0.38 55.05 -4.28
C GLU I 72 -0.08 55.82 -5.56
N LEU I 73 1.15 55.69 -6.06
CA LEU I 73 1.54 56.50 -7.21
C LEU I 73 0.92 56.06 -8.55
N LEU I 74 0.47 54.83 -8.68
CA LEU I 74 -0.09 54.40 -9.96
C LEU I 74 -1.50 54.93 -10.19
N ILE I 75 -2.16 55.41 -9.14
CA ILE I 75 -3.52 55.90 -9.19
C ILE I 75 -3.68 57.15 -10.10
N SER I 76 -2.61 57.94 -10.22
CA SER I 76 -2.64 59.16 -11.02
C SER I 76 -2.73 58.89 -12.52
N LYS I 77 -1.78 58.12 -13.07
CA LYS I 77 -1.67 57.89 -14.51
C LYS I 77 -2.92 57.25 -15.11
N GLU I 78 -3.42 57.85 -16.21
CA GLU I 78 -4.65 57.42 -16.87
C GLU I 78 -4.51 57.23 -18.38
N SER I 79 -3.29 57.21 -18.90
CA SER I 79 -3.00 56.99 -20.30
C SER I 79 -1.66 56.26 -20.32
N TRP I 80 -1.41 55.47 -21.36
CA TRP I 80 -0.16 54.74 -21.44
C TRP I 80 -0.14 54.01 -22.77
N SER I 81 1.05 53.67 -23.23
CA SER I 81 1.23 52.93 -24.47
C SER I 81 1.20 51.41 -24.31
N TYR I 82 1.71 50.88 -23.18
CA TYR I 82 1.72 49.47 -22.84
C TYR I 82 1.88 49.35 -21.32
N ILE I 83 1.89 48.11 -20.81
CA ILE I 83 2.00 47.83 -19.39
C ILE I 83 3.20 46.94 -19.12
N VAL I 84 3.93 47.24 -18.07
CA VAL I 84 5.11 46.49 -17.66
C VAL I 84 4.84 46.02 -16.25
N GLU I 85 5.11 44.74 -15.99
CA GLU I 85 4.86 44.14 -14.69
C GLU I 85 6.04 43.30 -14.24
N LYS I 86 6.29 43.31 -12.94
CA LYS I 86 7.33 42.46 -12.41
C LYS I 86 6.82 41.02 -12.44
N PRO I 87 7.70 40.05 -12.68
CA PRO I 87 7.25 38.64 -12.71
C PRO I 87 6.52 38.19 -11.44
N ASN I 88 6.98 38.64 -10.27
CA ASN I 88 6.36 38.26 -9.01
C ASN I 88 6.15 39.48 -8.10
N PRO I 89 5.22 40.37 -8.45
CA PRO I 89 4.96 41.57 -7.66
C PRO I 89 4.24 41.23 -6.36
N GLU I 90 4.82 41.65 -5.24
CA GLU I 90 4.35 41.35 -3.89
C GLU I 90 3.19 42.22 -3.42
N ASN I 91 2.71 43.16 -4.25
CA ASN I 91 1.61 44.05 -3.89
C ASN I 91 0.45 43.80 -4.87
N GLY I 92 -0.63 43.28 -4.34
CA GLY I 92 -1.78 42.95 -5.15
C GLY I 92 -2.92 42.75 -4.19
N THR I 93 -3.53 41.58 -4.23
CA THR I 93 -4.65 41.32 -3.34
C THR I 93 -4.20 41.23 -1.87
N CYS I 94 -3.78 42.37 -1.28
CA CYS I 94 -3.31 42.41 0.11
C CYS I 94 -4.20 41.67 1.12
N TYR I 95 -5.51 41.67 0.89
CA TYR I 95 -6.39 40.90 1.75
C TYR I 95 -6.76 39.67 0.95
N PRO I 96 -6.50 38.47 1.49
CA PRO I 96 -6.73 37.25 0.71
C PRO I 96 -8.14 37.08 0.17
N GLY I 97 -8.18 36.50 -1.02
CA GLY I 97 -9.42 36.21 -1.73
C GLY I 97 -9.11 35.86 -3.15
N HIS I 98 -10.14 35.36 -3.84
CA HIS I 98 -10.01 34.96 -5.24
C HIS I 98 -10.37 36.10 -6.18
N PHE I 99 -9.59 36.27 -7.25
CA PHE I 99 -9.94 37.31 -8.19
C PHE I 99 -10.64 36.66 -9.38
N ALA I 100 -11.97 36.70 -9.37
CA ALA I 100 -12.84 36.16 -10.42
C ALA I 100 -12.44 36.64 -11.81
N ASP I 101 -12.14 35.69 -12.68
CA ASP I 101 -11.73 35.98 -14.06
C ASP I 101 -10.52 36.88 -14.10
N TYR I 102 -9.60 36.80 -13.12
CA TYR I 102 -8.44 37.69 -13.08
C TYR I 102 -7.64 37.74 -14.37
N GLU I 103 -7.31 36.58 -14.93
CA GLU I 103 -6.50 36.61 -16.15
C GLU I 103 -7.23 37.35 -17.28
N GLU I 104 -8.57 37.26 -17.34
CA GLU I 104 -9.35 37.96 -18.38
C GLU I 104 -9.29 39.49 -18.19
N LEU I 105 -9.48 39.98 -16.95
CA LEU I 105 -9.42 41.41 -16.65
C LEU I 105 -8.10 41.98 -17.10
N ARG I 106 -7.06 41.13 -17.13
CA ARG I 106 -5.77 41.53 -17.66
C ARG I 106 -5.93 41.79 -19.15
N GLU I 107 -6.62 40.88 -19.84
CA GLU I 107 -6.87 41.01 -21.27
C GLU I 107 -7.79 42.18 -21.56
N GLN I 108 -8.77 42.41 -20.68
CA GLN I 108 -9.64 43.55 -20.87
C GLN I 108 -8.83 44.80 -20.81
N LEU I 109 -7.99 44.91 -19.75
CA LEU I 109 -7.16 46.09 -19.57
C LEU I 109 -6.04 46.13 -20.58
N SER I 110 -5.58 44.99 -21.08
CA SER I 110 -4.53 45.02 -22.10
C SER I 110 -5.01 45.72 -23.34
N SER I 111 -6.34 45.82 -23.51
CA SER I 111 -6.98 46.49 -24.64
C SER I 111 -7.15 47.97 -24.36
N VAL I 112 -7.26 48.33 -23.08
CA VAL I 112 -7.51 49.70 -22.65
C VAL I 112 -6.33 50.59 -22.97
N SER I 113 -6.63 51.81 -23.44
CA SER I 113 -5.65 52.86 -23.79
C SER I 113 -5.67 54.15 -22.93
N SER I 114 -6.68 54.35 -22.10
CA SER I 114 -6.94 55.54 -21.31
C SER I 114 -7.97 55.22 -20.25
N PHE I 115 -7.91 55.91 -19.13
CA PHE I 115 -8.85 55.76 -18.03
C PHE I 115 -9.58 57.05 -17.71
N GLU I 116 -10.63 56.92 -16.91
CA GLU I 116 -11.28 58.06 -16.28
C GLU I 116 -11.65 57.49 -14.91
N ARG I 117 -10.71 57.51 -13.96
CA ARG I 117 -11.03 56.98 -12.65
C ARG I 117 -11.96 57.96 -11.96
N PHE I 118 -13.09 57.46 -11.49
CA PHE I 118 -14.06 58.33 -10.84
C PHE I 118 -14.71 57.56 -9.72
N GLU I 119 -15.18 58.27 -8.69
CA GLU I 119 -15.80 57.62 -7.52
C GLU I 119 -17.27 57.25 -7.71
N ILE I 120 -17.59 56.01 -8.15
CA ILE I 120 -19.00 55.65 -8.32
C ILE I 120 -19.80 55.91 -7.05
N PHE I 121 -19.29 55.46 -5.93
CA PHE I 121 -20.00 55.60 -4.65
C PHE I 121 -19.10 56.33 -3.67
N PRO I 122 -19.24 57.64 -3.57
CA PRO I 122 -18.38 58.43 -2.67
C PRO I 122 -18.44 57.97 -1.23
N LYS I 123 -17.25 57.79 -0.62
CA LYS I 123 -17.14 57.33 0.77
C LYS I 123 -18.04 58.17 1.69
N GLU I 124 -17.90 59.49 1.65
CA GLU I 124 -18.80 60.35 2.41
C GLU I 124 -20.15 60.37 1.71
N SER I 125 -21.21 60.10 2.45
CA SER I 125 -22.61 60.12 2.03
C SER I 125 -23.11 58.94 1.21
N SER I 126 -22.28 58.02 0.72
CA SER I 126 -22.90 56.93 -0.02
C SER I 126 -23.57 55.96 0.92
N TRP I 127 -22.91 55.68 2.06
CA TRP I 127 -23.38 54.72 3.04
C TRP I 127 -23.60 55.34 4.41
N PRO I 128 -24.68 56.07 4.61
CA PRO I 128 -25.04 56.48 5.95
C PRO I 128 -25.64 55.21 6.56
N ASN I 129 -25.81 55.19 7.87
CA ASN I 129 -26.39 54.02 8.51
C ASN I 129 -25.51 52.77 8.41
N HIS I 130 -24.37 52.86 7.71
CA HIS I 130 -23.39 51.79 7.59
C HIS I 130 -22.01 52.36 7.89
N THR I 131 -21.22 51.66 8.69
CA THR I 131 -19.86 52.15 8.95
C THR I 131 -18.97 51.79 7.78
N VAL I 132 -18.10 52.73 7.40
CA VAL I 132 -17.18 52.53 6.28
C VAL I 132 -15.73 52.67 6.70
N THR I 133 -15.46 52.93 7.97
CA THR I 133 -14.11 53.09 8.51
C THR I 133 -13.53 51.74 8.93
N GLY I 134 -13.28 50.86 7.95
CA GLY I 134 -12.78 49.53 8.28
C GLY I 134 -11.53 49.15 7.52
N VAL I 135 -10.46 48.76 8.23
CA VAL I 135 -9.20 48.36 7.62
C VAL I 135 -8.75 47.01 8.14
N SER I 136 -7.69 46.50 7.53
CA SER I 136 -7.06 45.24 7.89
C SER I 136 -5.55 45.41 7.95
N ALA I 137 -4.91 44.75 8.94
CA ALA I 137 -3.47 44.82 8.99
C ALA I 137 -2.87 44.15 7.76
N SER I 138 -3.67 43.31 7.08
CA SER I 138 -3.19 42.66 5.86
C SER I 138 -2.84 43.68 4.78
N CYS I 139 -3.57 44.80 4.76
CA CYS I 139 -3.44 45.88 3.80
C CYS I 139 -2.75 47.07 4.43
N SER I 140 -1.65 46.80 5.12
CA SER I 140 -0.94 47.85 5.81
C SER I 140 -0.05 48.66 4.89
N HIS I 141 -0.13 50.00 5.05
CA HIS I 141 0.63 51.02 4.34
C HIS I 141 1.13 52.07 5.32
N ASN I 142 2.37 52.51 5.14
CA ASN I 142 2.95 53.57 5.95
C ASN I 142 2.74 53.34 7.46
N GLY I 143 3.07 52.13 7.93
CA GLY I 143 2.96 51.84 9.35
C GLY I 143 1.57 51.64 9.90
N LYS I 144 0.53 52.17 9.26
CA LYS I 144 -0.84 51.99 9.71
C LYS I 144 -1.62 50.96 8.91
N SER I 145 -2.61 50.35 9.56
CA SER I 145 -3.48 49.45 8.83
C SER I 145 -4.26 50.29 7.80
N SER I 146 -4.49 49.72 6.62
CA SER I 146 -5.19 50.45 5.56
C SER I 146 -6.09 49.44 4.84
N PHE I 147 -6.54 49.80 3.65
CA PHE I 147 -7.40 48.98 2.81
C PHE I 147 -7.25 49.49 1.38
N TYR I 148 -7.95 48.84 0.44
CA TYR I 148 -7.89 49.28 -0.95
C TYR I 148 -8.52 50.66 -1.13
N LYS I 149 -7.96 51.46 -2.04
CA LYS I 149 -8.45 52.81 -2.30
C LYS I 149 -9.72 52.86 -3.13
N ASN I 150 -9.94 51.84 -3.98
CA ASN I 150 -11.06 51.76 -4.91
C ASN I 150 -12.26 50.96 -4.40
N LEU I 151 -12.08 50.08 -3.41
CA LEU I 151 -13.21 49.35 -2.82
C LEU I 151 -13.53 49.99 -1.47
N LEU I 152 -14.54 49.45 -0.78
CA LEU I 152 -14.93 50.01 0.51
C LEU I 152 -15.65 48.95 1.33
N TRP I 153 -15.21 48.78 2.58
CA TRP I 153 -15.70 47.75 3.50
C TRP I 153 -16.88 48.26 4.31
N LEU I 154 -18.08 47.80 3.97
CA LEU I 154 -19.27 48.21 4.72
C LEU I 154 -19.39 47.32 5.94
N THR I 155 -19.65 47.96 7.09
CA THR I 155 -19.74 47.31 8.38
C THR I 155 -21.03 47.76 9.08
N GLY I 156 -21.47 47.00 10.08
CA GLY I 156 -22.65 47.38 10.82
C GLY I 156 -22.38 48.63 11.65
N LYS I 157 -23.41 49.47 11.77
CA LYS I 157 -23.32 50.75 12.48
C LYS I 157 -24.43 50.84 13.51
N ASN I 158 -24.04 51.04 14.78
CA ASN I 158 -24.96 51.13 15.91
C ASN I 158 -25.72 49.82 16.08
N GLY I 159 -24.96 48.72 16.09
CA GLY I 159 -25.54 47.40 16.24
C GLY I 159 -26.50 47.00 15.16
N LEU I 160 -26.36 47.55 13.95
CA LEU I 160 -27.24 47.21 12.85
C LEU I 160 -26.56 47.37 11.50
N TYR I 161 -26.84 46.43 10.59
CA TYR I 161 -26.39 46.47 9.21
C TYR I 161 -27.68 46.40 8.41
N PRO I 162 -28.36 47.53 8.22
CA PRO I 162 -29.63 47.54 7.50
C PRO I 162 -29.49 47.13 6.04
N ASN I 163 -30.58 46.57 5.50
CA ASN I 163 -30.66 46.13 4.11
C ASN I 163 -29.97 47.15 3.23
N LEU I 164 -29.14 46.66 2.30
CA LEU I 164 -28.39 47.53 1.41
C LEU I 164 -28.93 47.44 -0.02
N SER I 165 -29.07 48.61 -0.66
CA SER I 165 -29.55 48.69 -2.05
C SER I 165 -29.06 50.00 -2.66
N LYS I 166 -28.12 49.90 -3.60
CA LYS I 166 -27.55 51.05 -4.31
C LYS I 166 -27.54 50.76 -5.81
N SER I 167 -27.84 51.78 -6.61
CA SER I 167 -27.84 51.66 -8.06
C SER I 167 -26.89 52.70 -8.63
N TYR I 168 -26.36 52.44 -9.80
CA TYR I 168 -25.49 53.37 -10.51
C TYR I 168 -25.87 53.42 -11.98
N ALA I 169 -25.91 54.59 -12.58
CA ALA I 169 -26.28 54.71 -14.00
C ALA I 169 -25.08 55.11 -14.84
N ASN I 170 -24.77 54.32 -15.88
CA ASN I 170 -23.62 54.66 -16.72
C ASN I 170 -23.97 55.76 -17.72
N ASN I 171 -23.76 57.00 -17.31
CA ASN I 171 -23.98 58.15 -18.17
C ASN I 171 -22.66 58.69 -18.65
N LYS I 172 -21.60 57.87 -18.60
CA LYS I 172 -20.24 58.19 -19.00
C LYS I 172 -19.96 57.97 -20.48
N GLU I 173 -20.93 57.49 -21.25
CA GLU I 173 -20.76 57.28 -22.69
C GLU I 173 -19.44 56.59 -23.06
N LYS I 174 -19.06 55.64 -22.20
CA LYS I 174 -17.93 54.71 -22.25
C LYS I 174 -18.27 53.55 -21.30
N GLU I 175 -17.65 52.40 -21.55
CA GLU I 175 -17.92 51.27 -20.67
C GLU I 175 -17.21 51.47 -19.32
N VAL I 176 -17.93 51.25 -18.22
CA VAL I 176 -17.41 51.48 -16.88
C VAL I 176 -17.17 50.20 -16.08
N LEU I 177 -15.88 49.87 -15.85
CA LEU I 177 -15.42 48.68 -15.12
C LEU I 177 -15.62 48.84 -13.61
N VAL I 178 -16.60 48.14 -13.06
CA VAL I 178 -16.91 48.18 -11.63
C VAL I 178 -16.38 46.91 -10.98
N LEU I 179 -15.67 47.07 -9.84
CA LEU I 179 -15.12 45.95 -9.08
C LEU I 179 -15.76 45.98 -7.71
N TRP I 180 -15.87 44.82 -7.05
CA TRP I 180 -16.48 44.76 -5.72
C TRP I 180 -16.03 43.46 -5.08
N GLY I 181 -16.38 43.28 -3.82
CA GLY I 181 -15.94 42.06 -3.18
C GLY I 181 -16.95 41.56 -2.17
N VAL I 182 -16.82 40.29 -1.82
CA VAL I 182 -17.67 39.66 -0.82
C VAL I 182 -16.74 39.13 0.26
N HIS I 183 -17.10 39.37 1.51
CA HIS I 183 -16.28 38.97 2.65
C HIS I 183 -16.85 37.74 3.33
N HIS I 184 -15.95 36.83 3.66
CA HIS I 184 -16.30 35.59 4.35
C HIS I 184 -15.56 35.56 5.68
N PRO I 185 -16.24 35.82 6.80
CA PRO I 185 -15.56 35.78 8.09
C PRO I 185 -15.17 34.35 8.44
N PRO I 186 -14.14 34.16 9.27
CA PRO I 186 -13.75 32.78 9.60
C PRO I 186 -14.65 32.13 10.65
N ASN I 187 -15.11 32.93 11.62
CA ASN I 187 -15.99 32.46 12.68
C ASN I 187 -17.42 32.86 12.38
N ILE I 188 -18.35 32.27 13.12
CA ILE I 188 -19.70 32.77 13.04
C ILE I 188 -19.74 33.97 13.96
N GLY I 189 -18.80 34.00 14.92
CA GLY I 189 -18.68 35.12 15.82
C GLY I 189 -18.34 36.40 15.08
N ASP I 190 -17.31 36.33 14.22
CA ASP I 190 -16.91 37.50 13.45
C ASP I 190 -18.04 37.94 12.53
N GLN I 191 -18.75 36.98 11.94
CA GLN I 191 -19.85 37.31 11.04
C GLN I 191 -20.96 38.01 11.79
N ARG I 192 -21.33 37.52 12.97
CA ARG I 192 -22.42 38.15 13.70
C ARG I 192 -22.04 39.55 14.20
N ALA I 193 -20.82 39.71 14.70
CA ALA I 193 -20.42 41.03 15.20
C ALA I 193 -20.20 42.04 14.08
N LEU I 194 -19.82 41.59 12.90
CA LEU I 194 -19.51 42.49 11.80
C LEU I 194 -20.74 42.93 11.02
N TYR I 195 -21.63 42.00 10.69
CA TYR I 195 -22.80 42.39 9.90
C TYR I 195 -24.14 42.16 10.59
N HIS I 196 -24.14 41.55 11.78
CA HIS I 196 -25.35 41.37 12.61
C HIS I 196 -26.44 40.55 11.93
N THR I 197 -26.04 39.42 11.34
CA THR I 197 -26.96 38.51 10.69
C THR I 197 -26.15 37.30 10.23
N GLU I 198 -26.78 36.14 10.11
CA GLU I 198 -26.06 34.95 9.67
C GLU I 198 -26.43 34.46 8.27
N ASN I 199 -27.59 34.85 7.72
CA ASN I 199 -27.92 34.43 6.35
C ASN I 199 -27.11 35.23 5.33
N ALA I 200 -27.26 36.56 5.33
CA ALA I 200 -26.41 37.38 4.48
C ALA I 200 -26.40 37.14 2.97
N TYR I 201 -27.20 37.87 2.22
CA TYR I 201 -27.14 37.76 0.77
C TYR I 201 -26.36 38.98 0.24
N VAL I 202 -25.89 38.88 -1.01
CA VAL I 202 -25.20 39.95 -1.72
C VAL I 202 -25.58 39.83 -3.19
N SER I 203 -26.41 40.74 -3.67
CA SER I 203 -26.88 40.74 -5.05
C SER I 203 -26.21 41.84 -5.86
N VAL I 204 -25.80 41.51 -7.09
CA VAL I 204 -25.19 42.46 -8.04
C VAL I 204 -25.85 42.21 -9.39
N VAL I 205 -26.60 43.21 -9.88
CA VAL I 205 -27.36 43.10 -11.13
C VAL I 205 -27.18 44.32 -12.05
N SER I 206 -26.70 44.05 -13.25
CA SER I 206 -26.53 44.88 -14.43
C SER I 206 -27.71 44.49 -15.31
N SER I 207 -27.72 44.90 -16.59
CA SER I 207 -28.81 44.43 -17.45
C SER I 207 -28.48 43.08 -18.09
N HIS I 208 -27.20 42.71 -18.09
CA HIS I 208 -26.74 41.45 -18.64
C HIS I 208 -25.83 40.68 -17.68
N TYR I 209 -25.78 41.06 -16.40
CA TYR I 209 -24.96 40.39 -15.40
C TYR I 209 -25.76 40.14 -14.14
N SER I 210 -25.75 38.93 -13.63
CA SER I 210 -26.44 38.68 -12.37
C SER I 210 -25.65 37.66 -11.61
N ARG I 211 -25.48 37.88 -10.32
CA ARG I 211 -24.77 36.90 -9.51
C ARG I 211 -25.10 37.19 -8.07
N LYS I 212 -25.49 36.17 -7.35
CA LYS I 212 -25.86 36.28 -5.96
C LYS I 212 -24.79 35.55 -5.20
N PHE I 213 -24.18 36.24 -4.26
CA PHE I 213 -23.11 35.67 -3.48
C PHE I 213 -23.61 35.43 -2.07
N THR I 214 -23.15 34.35 -1.50
CA THR I 214 -23.52 33.99 -0.16
C THR I 214 -22.23 33.63 0.57
N PRO I 215 -22.12 34.02 1.83
CA PRO I 215 -20.88 33.79 2.58
C PRO I 215 -20.73 32.36 3.09
N GLU I 216 -19.59 31.75 2.78
CA GLU I 216 -19.23 30.42 3.24
C GLU I 216 -18.29 30.64 4.39
N ILE I 217 -18.76 30.42 5.61
CA ILE I 217 -17.93 30.58 6.81
C ILE I 217 -17.26 29.25 7.13
N ALA I 218 -15.94 29.28 7.34
CA ALA I 218 -15.17 28.08 7.64
C ALA I 218 -13.75 28.49 8.03
N LYS I 219 -13.04 27.56 8.69
CA LYS I 219 -11.67 27.83 9.09
C LYS I 219 -10.74 27.52 7.92
N ARG I 220 -9.83 28.44 7.62
CA ARG I 220 -8.91 28.35 6.50
C ARG I 220 -7.49 28.70 6.92
N PRO I 221 -6.50 28.22 6.17
CA PRO I 221 -5.11 28.55 6.49
C PRO I 221 -4.87 30.04 6.31
N LYS I 222 -4.20 30.64 7.31
CA LYS I 222 -3.89 32.06 7.32
C LYS I 222 -2.93 32.48 6.22
N VAL I 223 -3.37 33.35 5.32
CA VAL I 223 -2.51 33.94 4.30
C VAL I 223 -2.55 35.45 4.56
N ARG I 224 -1.34 36.05 4.69
CA ARG I 224 -1.10 37.43 5.13
C ARG I 224 -1.74 37.62 6.52
N ASP I 225 -1.49 36.61 7.36
CA ASP I 225 -1.95 36.48 8.75
C ASP I 225 -3.46 36.66 8.88
N GLN I 226 -4.19 36.50 7.80
CA GLN I 226 -5.65 36.63 7.86
C GLN I 226 -6.30 35.28 7.61
N GLU I 227 -7.28 34.93 8.44
CA GLU I 227 -7.99 33.68 8.24
C GLU I 227 -9.21 33.86 7.36
N GLY I 228 -9.78 35.09 7.33
CA GLY I 228 -10.92 35.37 6.49
C GLY I 228 -10.47 35.52 5.05
N ARG I 229 -11.45 35.77 4.17
CA ARG I 229 -11.19 35.96 2.76
C ARG I 229 -12.18 36.94 2.16
N ILE I 230 -11.76 37.59 1.07
CA ILE I 230 -12.60 38.53 0.33
C ILE I 230 -12.49 38.12 -1.14
N ASN I 231 -13.56 37.59 -1.71
CA ASN I 231 -13.49 37.21 -3.11
C ASN I 231 -13.81 38.45 -3.94
N TYR I 232 -12.94 38.76 -4.91
CA TYR I 232 -13.04 39.97 -5.72
C TYR I 232 -13.66 39.69 -7.08
N TYR I 233 -14.76 40.38 -7.38
CA TYR I 233 -15.48 40.30 -8.65
C TYR I 233 -15.47 41.63 -9.41
N TRP I 234 -15.97 41.58 -10.64
CA TRP I 234 -15.99 42.78 -11.47
C TRP I 234 -16.76 42.48 -12.74
N THR I 235 -17.27 43.54 -13.36
CA THR I 235 -18.04 43.45 -14.59
C THR I 235 -17.94 44.72 -15.41
N LEU I 236 -18.14 44.61 -16.73
CA LEU I 236 -18.21 45.80 -17.59
C LEU I 236 -19.66 46.28 -17.64
N LEU I 237 -19.85 47.58 -17.56
CA LEU I 237 -21.18 48.18 -17.58
C LEU I 237 -21.21 49.08 -18.81
N GLU I 238 -21.97 48.68 -19.83
CA GLU I 238 -22.06 49.39 -21.09
C GLU I 238 -22.71 50.75 -20.92
N PRO I 239 -22.46 51.69 -21.85
CA PRO I 239 -23.14 52.98 -21.75
C PRO I 239 -24.64 52.73 -21.71
N GLY I 240 -25.30 53.42 -20.81
CA GLY I 240 -26.71 53.33 -20.57
C GLY I 240 -27.08 52.37 -19.48
N ASP I 241 -26.33 51.28 -19.33
CA ASP I 241 -26.68 50.27 -18.32
C ASP I 241 -26.55 50.79 -16.89
N THR I 242 -27.37 50.20 -16.03
CA THR I 242 -27.39 50.50 -14.60
C THR I 242 -27.08 49.22 -13.84
N ILE I 243 -26.35 49.33 -12.73
CA ILE I 243 -25.99 48.16 -11.96
C ILE I 243 -26.58 48.32 -10.56
N ILE I 244 -27.31 47.29 -10.11
CA ILE I 244 -28.04 47.25 -8.85
C ILE I 244 -27.33 46.38 -7.83
N PHE I 245 -26.98 46.99 -6.69
CA PHE I 245 -26.34 46.34 -5.55
C PHE I 245 -27.31 46.13 -4.40
N GLU I 246 -27.52 44.87 -4.01
CA GLU I 246 -28.33 44.60 -2.83
C GLU I 246 -27.58 43.63 -1.92
N ALA I 247 -27.68 43.83 -0.61
CA ALA I 247 -26.99 42.97 0.34
C ALA I 247 -27.49 43.14 1.78
N ASN I 248 -27.40 42.06 2.52
CA ASN I 248 -27.75 41.99 3.93
C ASN I 248 -26.52 42.13 4.82
N GLY I 249 -25.34 42.13 4.22
CA GLY I 249 -24.06 42.20 4.90
C GLY I 249 -23.01 41.52 4.05
N ASN I 250 -21.75 41.69 4.46
CA ASN I 250 -20.59 41.09 3.79
C ASN I 250 -20.27 41.69 2.43
N LEU I 251 -20.76 42.88 2.11
CA LEU I 251 -20.45 43.48 0.81
C LEU I 251 -19.21 44.34 0.89
N ILE I 252 -18.22 44.06 0.05
CA ILE I 252 -17.07 44.93 -0.11
C ILE I 252 -17.50 45.77 -1.30
N ALA I 253 -18.06 46.96 -1.02
CA ALA I 253 -18.67 47.86 -1.98
C ALA I 253 -17.68 48.55 -2.92
N PRO I 254 -18.13 48.95 -4.11
CA PRO I 254 -17.27 49.69 -5.02
C PRO I 254 -17.19 51.14 -4.57
N ARG I 255 -15.98 51.68 -4.64
CA ARG I 255 -15.77 53.07 -4.28
C ARG I 255 -15.37 53.87 -5.51
N TYR I 256 -14.32 53.44 -6.21
CA TYR I 256 -13.90 54.03 -7.47
C TYR I 256 -14.06 52.99 -8.58
N ALA I 257 -14.56 53.41 -9.74
CA ALA I 257 -14.74 52.55 -10.90
C ALA I 257 -13.92 53.14 -12.04
N PHE I 258 -14.07 52.54 -13.21
CA PHE I 258 -13.31 53.05 -14.35
C PHE I 258 -14.13 53.12 -15.63
N ALA I 259 -14.11 54.28 -16.28
CA ALA I 259 -14.76 54.46 -17.57
C ALA I 259 -13.65 54.13 -18.57
N LEU I 260 -13.74 52.94 -19.15
CA LEU I 260 -12.69 52.44 -20.03
C LEU I 260 -12.73 52.99 -21.45
N SER I 261 -11.56 53.34 -21.99
CA SER I 261 -11.41 53.82 -23.36
C SER I 261 -10.59 52.78 -24.11
N ARG I 262 -11.17 52.18 -25.16
CA ARG I 262 -10.47 51.14 -25.90
C ARG I 262 -9.59 51.72 -26.99
N GLY I 263 -8.58 50.94 -27.38
CA GLY I 263 -7.62 51.37 -28.38
C GLY I 263 -7.03 50.22 -29.18
N PHE I 264 -5.96 50.48 -29.92
CA PHE I 264 -5.32 49.48 -30.76
C PHE I 264 -4.19 48.83 -29.96
N GLY I 265 -3.31 48.09 -30.62
CA GLY I 265 -2.28 47.33 -29.92
C GLY I 265 -1.40 47.81 -28.76
N SER I 266 -1.83 47.36 -27.58
CA SER I 266 -1.21 47.54 -26.29
C SER I 266 -1.07 46.15 -25.71
N GLY I 267 -0.36 46.00 -24.60
CA GLY I 267 -0.22 44.69 -24.00
C GLY I 267 0.59 44.80 -22.74
N ILE I 268 0.58 43.71 -21.97
CA ILE I 268 1.33 43.64 -20.73
C ILE I 268 2.58 42.83 -20.97
N ILE I 269 3.72 43.36 -20.56
CA ILE I 269 4.99 42.67 -20.72
C ILE I 269 5.68 42.59 -19.36
N ASN I 270 6.53 41.59 -19.20
CA ASN I 270 7.32 41.39 -17.98
C ASN I 270 8.75 41.79 -18.28
N SER I 271 9.30 42.68 -17.48
CA SER I 271 10.65 43.08 -17.81
C SER I 271 11.32 43.74 -16.64
N ASN I 272 12.65 43.59 -16.60
CA ASN I 272 13.51 44.18 -15.61
C ASN I 272 14.36 45.29 -16.24
N ALA I 273 14.12 45.60 -17.51
CA ALA I 273 14.88 46.62 -18.21
C ALA I 273 14.51 47.99 -17.67
N PRO I 274 15.45 48.93 -17.64
CA PRO I 274 15.17 50.24 -17.07
C PRO I 274 14.40 51.11 -18.03
N MET I 275 13.84 52.17 -17.47
CA MET I 275 13.14 53.16 -18.25
C MET I 275 14.14 54.19 -18.78
N ASP I 276 13.88 54.69 -19.98
CA ASP I 276 14.71 55.72 -20.58
C ASP I 276 13.82 56.72 -21.31
N GLU I 277 14.44 57.66 -22.01
CA GLU I 277 13.68 58.69 -22.71
C GLU I 277 13.62 58.47 -24.20
N CYS I 278 14.20 57.37 -24.64
CA CYS I 278 14.17 56.96 -26.01
C CYS I 278 12.73 56.81 -26.51
N ASP I 279 12.47 57.24 -27.76
CA ASP I 279 11.16 57.26 -28.42
C ASP I 279 10.94 56.11 -29.42
N ALA I 280 11.50 54.94 -29.13
CA ALA I 280 11.40 53.73 -29.95
C ALA I 280 10.00 53.45 -30.50
N LYS I 281 10.00 52.85 -31.71
CA LYS I 281 8.82 52.40 -32.44
C LYS I 281 8.45 50.95 -32.12
N CYS I 282 9.41 50.16 -31.64
CA CYS I 282 9.17 48.78 -31.21
C CYS I 282 9.85 48.54 -29.88
N GLN I 283 9.12 47.90 -28.93
CA GLN I 283 9.61 47.60 -27.58
C GLN I 283 9.40 46.13 -27.27
N THR I 284 10.38 45.53 -26.61
CA THR I 284 10.39 44.14 -26.19
C THR I 284 10.83 44.10 -24.72
N PRO I 285 10.61 42.99 -24.02
CA PRO I 285 11.03 42.97 -22.60
C PRO I 285 12.51 43.19 -22.44
N GLN I 286 13.29 42.81 -23.45
CA GLN I 286 14.73 43.00 -23.37
C GLN I 286 15.13 44.43 -23.70
N GLY I 287 14.42 45.07 -24.62
CA GLY I 287 14.74 46.44 -24.98
C GLY I 287 14.05 46.85 -26.26
N ALA I 288 14.29 48.12 -26.63
CA ALA I 288 13.73 48.68 -27.85
C ALA I 288 14.51 48.18 -29.08
N ILE I 289 13.90 48.33 -30.23
CA ILE I 289 14.52 47.88 -31.47
C ILE I 289 14.42 48.98 -32.52
N ASN I 290 15.56 49.33 -33.13
CA ASN I 290 15.60 50.36 -34.17
C ASN I 290 15.37 49.58 -35.47
N SER I 291 14.08 49.32 -35.71
CA SER I 291 13.52 48.49 -36.78
C SER I 291 13.66 49.01 -38.20
N SER I 292 14.47 48.29 -38.98
CA SER I 292 14.58 48.52 -40.42
C SER I 292 14.57 47.19 -41.19
N LEU I 293 15.09 46.10 -40.60
CA LEU I 293 15.20 44.73 -41.12
C LEU I 293 13.85 43.97 -41.05
N PRO I 294 13.71 42.83 -41.81
CA PRO I 294 12.46 42.06 -41.78
C PRO I 294 12.34 41.03 -40.66
N PHE I 295 13.47 40.60 -40.08
CA PHE I 295 13.47 39.60 -39.02
C PHE I 295 14.22 40.10 -37.80
N GLN I 296 14.00 39.40 -36.69
CA GLN I 296 14.67 39.78 -35.47
C GLN I 296 14.75 38.55 -34.57
N ASN I 297 15.67 38.60 -33.62
CA ASN I 297 15.77 37.46 -32.72
C ASN I 297 16.05 37.89 -31.28
N VAL I 298 15.65 39.11 -30.88
CA VAL I 298 15.93 39.48 -29.49
C VAL I 298 14.85 38.93 -28.56
N HIS I 299 13.57 39.01 -28.96
CA HIS I 299 12.50 38.52 -28.09
C HIS I 299 11.21 38.23 -28.84
N PRO I 300 10.53 37.13 -28.53
CA PRO I 300 9.23 36.88 -29.19
C PRO I 300 8.18 37.88 -28.74
N VAL I 301 8.22 38.36 -27.49
CA VAL I 301 7.28 39.39 -27.05
C VAL I 301 7.64 40.68 -27.75
N THR I 302 6.65 41.36 -28.31
CA THR I 302 6.88 42.57 -29.07
C THR I 302 5.70 43.53 -28.97
N ILE I 303 5.97 44.85 -29.09
CA ILE I 303 4.95 45.89 -28.97
C ILE I 303 5.13 46.94 -30.05
N GLY I 304 4.08 47.21 -30.84
CA GLY I 304 4.14 48.19 -31.91
C GLY I 304 4.42 47.63 -33.30
N GLU I 305 5.09 48.39 -34.15
CA GLU I 305 5.44 47.95 -35.50
C GLU I 305 6.86 47.39 -35.38
N CYS I 306 6.99 46.07 -35.48
CA CYS I 306 8.25 45.39 -35.27
C CYS I 306 8.54 44.29 -36.29
N PRO I 307 9.80 43.86 -36.41
CA PRO I 307 10.11 42.77 -37.34
C PRO I 307 9.73 41.41 -36.77
N LYS I 308 9.35 40.48 -37.66
CA LYS I 308 8.95 39.13 -37.24
C LYS I 308 10.05 38.47 -36.40
N TYR I 309 9.66 37.85 -35.29
CA TYR I 309 10.67 37.21 -34.44
C TYR I 309 11.01 35.83 -35.00
N VAL I 310 12.30 35.50 -35.01
CA VAL I 310 12.76 34.20 -35.50
C VAL I 310 13.87 33.70 -34.59
N ARG I 311 14.05 32.36 -34.58
CA ARG I 311 15.08 31.70 -33.79
C ARG I 311 16.47 31.76 -34.42
N SER I 312 16.56 32.09 -35.70
CA SER I 312 17.80 32.14 -36.47
C SER I 312 18.90 32.98 -35.85
N ALA I 313 20.12 32.67 -36.27
CA ALA I 313 21.32 33.37 -35.89
C ALA I 313 21.93 34.16 -37.02
N LYS I 314 21.84 33.66 -38.26
CA LYS I 314 22.48 34.31 -39.39
C LYS I 314 21.69 35.13 -40.40
N LEU I 315 20.86 34.50 -41.25
CA LEU I 315 20.15 35.23 -42.30
C LEU I 315 21.10 36.17 -43.08
N ARG I 316 21.98 35.56 -43.88
CA ARG I 316 23.04 36.29 -44.61
C ARG I 316 22.57 37.01 -45.90
N MET I 317 22.10 36.26 -46.90
CA MET I 317 21.61 36.87 -48.16
C MET I 317 22.60 37.73 -48.98
N VAL I 318 23.46 37.09 -49.77
CA VAL I 318 24.41 37.79 -50.63
C VAL I 318 23.71 38.72 -51.61
N THR I 319 24.38 39.82 -51.91
CA THR I 319 23.99 40.81 -52.91
C THR I 319 25.02 40.87 -54.02
N GLY I 320 26.29 40.69 -53.67
CA GLY I 320 27.38 40.68 -54.63
C GLY I 320 27.62 39.28 -55.15
N LEU I 321 28.89 39.00 -55.46
CA LEU I 321 29.37 37.74 -56.03
C LEU I 321 30.57 37.20 -55.22
N ARG I 322 31.05 36.00 -55.60
CA ARG I 322 32.17 35.38 -54.88
C ARG I 322 33.41 36.28 -54.92
N ASN I 323 34.17 36.27 -53.82
CA ASN I 323 35.39 37.07 -53.66
C ASN I 323 36.62 36.17 -53.80
N ILE I 324 37.44 36.41 -54.82
CA ILE I 324 38.62 35.55 -54.98
C ILE I 324 39.91 36.34 -55.17
N PRO I 325 40.61 36.69 -54.09
CA PRO I 325 41.88 37.41 -54.25
C PRO I 325 43.01 36.42 -54.58
N SER I 326 44.23 36.94 -54.65
CA SER I 326 45.41 36.13 -54.94
C SER I 326 45.27 35.34 -56.23
N GLY J 1 30.16 28.48 -61.10
CA GLY J 1 29.38 27.46 -60.42
C GLY J 1 28.37 26.81 -61.36
N LEU J 2 27.25 27.51 -61.60
CA LEU J 2 26.23 26.97 -62.50
C LEU J 2 26.63 27.26 -63.94
N PHE J 3 27.18 28.43 -64.18
CA PHE J 3 27.70 28.82 -65.47
C PHE J 3 29.23 28.68 -65.35
N GLY J 4 29.90 28.49 -66.47
CA GLY J 4 31.31 28.27 -66.30
C GLY J 4 32.23 29.44 -66.01
N ALA J 5 31.74 30.67 -65.89
CA ALA J 5 32.66 31.79 -65.72
C ALA J 5 33.37 31.95 -64.38
N ILE J 6 32.62 32.28 -63.33
CA ILE J 6 33.23 32.54 -62.03
C ILE J 6 33.65 31.20 -61.41
N ALA J 7 34.89 31.15 -60.92
CA ALA J 7 35.56 29.98 -60.35
C ALA J 7 35.76 28.87 -61.39
N GLY J 8 35.45 29.17 -62.67
CA GLY J 8 35.59 28.26 -63.79
C GLY J 8 36.74 28.63 -64.72
N PHE J 9 36.44 29.21 -65.89
CA PHE J 9 37.51 29.60 -66.81
C PHE J 9 38.05 31.00 -66.51
N ILE J 10 37.45 31.67 -65.52
CA ILE J 10 37.94 32.95 -65.00
C ILE J 10 38.03 32.64 -63.51
N GLU J 11 39.22 32.22 -63.09
CA GLU J 11 39.57 31.71 -61.78
C GLU J 11 39.60 32.76 -60.67
N GLY J 12 39.29 34.02 -60.93
CA GLY J 12 39.35 35.00 -59.86
C GLY J 12 38.74 36.32 -60.25
N GLY J 13 38.69 37.21 -59.27
CA GLY J 13 38.19 38.56 -59.43
C GLY J 13 39.42 39.43 -59.36
N TRP J 14 39.27 40.70 -59.66
CA TRP J 14 40.40 41.62 -59.66
C TRP J 14 40.28 42.64 -58.54
N THR J 15 41.15 42.55 -57.52
CA THR J 15 41.12 43.56 -56.47
C THR J 15 41.30 44.93 -57.07
N GLY J 16 42.08 45.01 -58.14
CA GLY J 16 42.29 46.27 -58.81
C GLY J 16 41.00 46.91 -59.27
N MET J 17 40.07 46.11 -59.76
CA MET J 17 38.81 46.66 -60.24
C MET J 17 37.88 47.07 -59.10
N VAL J 18 37.47 48.33 -59.14
CA VAL J 18 36.50 48.94 -58.26
C VAL J 18 35.47 49.60 -59.18
N ASP J 19 34.50 50.33 -58.62
CA ASP J 19 33.52 51.04 -59.44
C ASP J 19 32.56 50.11 -60.19
N GLY J 20 32.34 48.89 -59.76
CA GLY J 20 31.42 48.03 -60.47
C GLY J 20 31.66 46.58 -60.16
N TRP J 21 30.74 45.73 -60.64
CA TRP J 21 30.82 44.28 -60.46
C TRP J 21 31.53 43.56 -61.59
N TYR J 22 31.41 44.05 -62.81
CA TYR J 22 32.03 43.46 -63.99
C TYR J 22 32.86 44.50 -64.73
N GLY J 23 33.72 44.04 -65.63
CA GLY J 23 34.54 44.97 -66.39
C GLY J 23 35.65 44.28 -67.17
N TYR J 24 36.63 45.08 -67.56
CA TYR J 24 37.75 44.62 -68.37
C TYR J 24 39.08 45.17 -67.87
N HIS J 25 40.16 44.53 -68.33
CA HIS J 25 41.55 44.90 -68.04
C HIS J 25 42.27 44.90 -69.39
N HIS J 26 42.22 46.02 -70.11
CA HIS J 26 42.86 46.13 -71.42
C HIS J 26 44.37 46.32 -71.28
N GLN J 27 45.11 45.69 -72.18
CA GLN J 27 46.58 45.78 -72.20
C GLN J 27 46.92 46.45 -73.53
N ASN J 28 46.94 47.78 -73.51
CA ASN J 28 47.22 48.65 -74.65
C ASN J 28 48.52 49.43 -74.51
N GLU J 29 48.98 49.97 -75.65
CA GLU J 29 50.19 50.78 -75.67
C GLU J 29 49.95 52.16 -75.09
N GLN J 30 48.70 52.60 -75.06
CA GLN J 30 48.32 53.88 -74.47
C GLN J 30 47.92 53.70 -73.02
N GLY J 31 48.66 52.89 -72.30
CA GLY J 31 48.31 52.68 -70.90
C GLY J 31 47.31 51.56 -70.74
N SER J 32 47.40 50.87 -69.61
CA SER J 32 46.50 49.78 -69.25
C SER J 32 45.78 50.13 -67.94
N GLY J 33 44.81 49.30 -67.57
CA GLY J 33 44.03 49.53 -66.38
C GLY J 33 42.75 48.73 -66.40
N TYR J 34 42.01 48.82 -65.29
CA TYR J 34 40.76 48.07 -65.09
C TYR J 34 39.53 48.95 -65.33
N ALA J 35 39.10 49.06 -66.58
CA ALA J 35 37.92 49.86 -66.95
C ALA J 35 36.66 49.09 -66.56
N ALA J 36 35.94 49.59 -65.56
CA ALA J 36 34.74 48.92 -65.08
C ALA J 36 33.53 49.12 -66.00
N ASP J 37 32.86 48.01 -66.34
CA ASP J 37 31.68 48.04 -67.20
C ASP J 37 30.57 48.86 -66.55
N GLN J 38 29.62 49.32 -67.37
CA GLN J 38 28.52 50.15 -66.89
C GLN J 38 27.14 49.53 -67.11
N LYS J 39 26.84 49.11 -68.34
CA LYS J 39 25.51 48.59 -68.67
C LYS J 39 25.13 47.36 -67.87
N SER J 40 25.90 46.27 -68.00
CA SER J 40 25.54 45.06 -67.28
C SER J 40 25.67 45.23 -65.77
N THR J 41 26.56 46.12 -65.31
CA THR J 41 26.74 46.33 -63.88
C THR J 41 25.51 46.96 -63.26
N GLN J 42 25.09 48.13 -63.76
CA GLN J 42 23.92 48.74 -63.18
C GLN J 42 22.70 47.84 -63.33
N ASN J 43 22.67 47.03 -64.40
CA ASN J 43 21.54 46.13 -64.61
C ASN J 43 21.48 45.09 -63.49
N ALA J 44 22.66 44.59 -63.09
CA ALA J 44 22.75 43.61 -62.01
C ALA J 44 22.39 44.26 -60.67
N ILE J 45 22.80 45.53 -60.47
CA ILE J 45 22.44 46.25 -59.25
C ILE J 45 20.94 46.46 -59.18
N ASN J 46 20.31 46.80 -60.32
CA ASN J 46 18.86 46.96 -60.35
C ASN J 46 18.18 45.66 -59.93
N GLY J 47 18.59 44.55 -60.54
CA GLY J 47 18.02 43.25 -60.20
C GLY J 47 18.24 42.84 -58.75
N ILE J 48 19.45 43.09 -58.22
CA ILE J 48 19.70 42.71 -56.83
C ILE J 48 18.93 43.59 -55.86
N THR J 49 18.74 44.88 -56.20
CA THR J 49 17.98 45.76 -55.33
C THR J 49 16.52 45.33 -55.26
N ASN J 50 15.97 44.89 -56.40
CA ASN J 50 14.58 44.43 -56.37
C ASN J 50 14.47 43.13 -55.59
N LYS J 51 15.42 42.20 -55.77
CA LYS J 51 15.40 40.94 -55.02
C LYS J 51 15.27 41.21 -53.54
N VAL J 52 16.21 42.00 -53.01
CA VAL J 52 16.20 42.35 -51.60
C VAL J 52 14.88 43.05 -51.23
N ASN J 53 14.57 44.15 -51.91
CA ASN J 53 13.36 44.90 -51.58
C ASN J 53 12.11 44.06 -51.81
N SER J 54 12.08 43.25 -52.87
CA SER J 54 10.89 42.43 -53.12
C SER J 54 10.76 41.31 -52.10
N VAL J 55 11.85 41.01 -51.40
CA VAL J 55 11.84 39.98 -50.38
C VAL J 55 11.48 40.56 -49.01
N ILE J 56 12.04 41.69 -48.61
CA ILE J 56 11.64 42.19 -47.31
C ILE J 56 10.21 42.67 -47.39
N GLU J 57 9.73 43.04 -48.59
CA GLU J 57 8.35 43.48 -48.72
C GLU J 57 7.37 42.39 -48.30
N LYS J 58 7.70 41.13 -48.58
CA LYS J 58 6.82 40.00 -48.28
C LYS J 58 6.80 39.70 -46.80
N MET J 59 7.28 40.62 -45.96
CA MET J 59 7.31 40.35 -44.52
C MET J 59 6.60 41.44 -43.74
N ASN J 60 5.32 41.23 -43.47
CA ASN J 60 4.59 42.25 -42.71
C ASN J 60 5.15 42.31 -41.29
N THR J 61 5.28 43.55 -40.79
CA THR J 61 5.84 43.84 -39.47
C THR J 61 5.01 43.26 -38.32
N GLN J 62 5.68 42.52 -37.44
CA GLN J 62 5.01 41.90 -36.30
C GLN J 62 4.51 42.96 -35.34
N PHE J 63 3.20 43.00 -35.18
CA PHE J 63 2.53 43.92 -34.28
C PHE J 63 2.54 43.24 -32.91
N THR J 64 2.07 43.95 -31.89
CA THR J 64 2.01 43.44 -30.52
C THR J 64 1.62 41.97 -30.43
N ALA J 65 2.55 41.15 -29.93
CA ALA J 65 2.33 39.72 -29.69
C ALA J 65 2.93 39.55 -28.30
N VAL J 66 2.07 39.43 -27.30
CA VAL J 66 2.52 39.29 -25.91
C VAL J 66 1.92 38.01 -25.31
N GLY J 67 2.52 37.58 -24.18
CA GLY J 67 2.13 36.39 -23.43
C GLY J 67 0.65 36.37 -23.05
N LYS J 68 0.10 35.24 -22.58
CA LYS J 68 -1.33 35.29 -22.34
C LYS J 68 -1.80 34.94 -20.93
N GLU J 69 -0.93 34.54 -20.00
CA GLU J 69 -1.41 34.39 -18.63
C GLU J 69 -2.67 33.55 -18.36
N PHE J 70 -2.55 32.21 -18.30
CA PHE J 70 -3.68 31.33 -18.00
C PHE J 70 -3.74 31.03 -16.49
N ASN J 71 -4.88 30.55 -16.03
CA ASN J 71 -4.96 30.32 -14.59
C ASN J 71 -4.65 28.86 -14.24
N LYS J 72 -4.75 28.53 -12.95
CA LYS J 72 -4.42 27.20 -12.43
C LYS J 72 -5.19 26.04 -13.08
N LEU J 73 -6.35 26.30 -13.69
CA LEU J 73 -7.19 25.28 -14.31
C LEU J 73 -7.25 25.38 -15.81
N GLU J 74 -6.30 26.03 -16.45
CA GLU J 74 -6.37 26.12 -17.90
C GLU J 74 -5.09 25.66 -18.57
N ARG J 75 -4.50 24.57 -18.09
CA ARG J 75 -3.27 24.09 -18.71
C ARG J 75 -3.47 23.79 -20.20
N ARG J 76 -4.58 23.12 -20.54
CA ARG J 76 -4.83 22.81 -21.94
C ARG J 76 -4.73 24.06 -22.79
N MET J 77 -5.53 25.07 -22.46
CA MET J 77 -5.50 26.30 -23.22
C MET J 77 -4.13 26.94 -23.13
N GLU J 78 -3.44 26.74 -21.99
CA GLU J 78 -2.11 27.29 -21.85
C GLU J 78 -1.16 26.64 -22.82
N ASN J 79 -1.29 25.32 -23.00
CA ASN J 79 -0.42 24.65 -23.95
C ASN J 79 -0.81 25.02 -25.38
N LEU J 80 -2.12 25.08 -25.65
CA LEU J 80 -2.59 25.44 -26.99
C LEU J 80 -2.02 26.79 -27.42
N ASN J 81 -2.00 27.74 -26.51
CA ASN J 81 -1.40 29.02 -26.87
C ASN J 81 0.05 28.79 -27.26
N LYS J 82 0.80 28.04 -26.44
CA LYS J 82 2.19 27.74 -26.76
C LYS J 82 2.31 26.98 -28.08
N LYS J 83 1.39 26.03 -28.33
CA LYS J 83 1.47 25.29 -29.59
C LYS J 83 1.32 26.25 -30.76
N VAL J 84 0.41 27.23 -30.66
CA VAL J 84 0.24 28.19 -31.74
C VAL J 84 1.46 29.09 -31.82
N ASP J 85 1.82 29.73 -30.70
CA ASP J 85 2.96 30.63 -30.70
C ASP J 85 4.20 29.96 -31.28
N ASP J 86 4.54 28.75 -30.81
CA ASP J 86 5.74 28.06 -31.33
C ASP J 86 5.56 27.53 -32.74
N GLY J 87 4.46 26.84 -33.00
CA GLY J 87 4.24 26.32 -34.33
C GLY J 87 4.42 27.38 -35.39
N PHE J 88 4.02 28.62 -35.10
CA PHE J 88 4.17 29.67 -36.10
C PHE J 88 5.59 30.20 -36.14
N ILE J 89 6.24 30.38 -34.99
CA ILE J 89 7.61 30.84 -35.03
C ILE J 89 8.46 29.84 -35.82
N ASP J 90 8.17 28.54 -35.63
CA ASP J 90 8.86 27.52 -36.41
C ASP J 90 8.67 27.75 -37.90
N VAL J 91 7.43 28.07 -38.33
CA VAL J 91 7.11 28.31 -39.74
C VAL J 91 7.83 29.56 -40.25
N TRP J 92 7.85 30.64 -39.47
CA TRP J 92 8.52 31.82 -39.96
C TRP J 92 10.02 31.65 -39.96
N THR J 93 10.57 30.91 -38.99
CA THR J 93 12.00 30.65 -38.98
C THR J 93 12.41 29.93 -40.27
N TYR J 94 11.76 28.80 -40.56
CA TYR J 94 12.03 28.03 -41.77
C TYR J 94 11.89 28.90 -43.02
N ASN J 95 10.76 29.59 -43.15
CA ASN J 95 10.54 30.45 -44.32
C ASN J 95 11.65 31.47 -44.49
N ALA J 96 12.11 32.07 -43.38
CA ALA J 96 13.17 33.07 -43.38
C ALA J 96 14.53 32.48 -43.71
N GLU J 97 14.90 31.40 -43.00
CA GLU J 97 16.20 30.76 -43.23
C GLU J 97 16.28 30.06 -44.57
N LEU J 98 15.23 29.36 -44.97
CA LEU J 98 15.28 28.65 -46.24
C LEU J 98 15.30 29.62 -47.42
N LEU J 99 14.76 30.82 -47.25
CA LEU J 99 14.75 31.78 -48.35
C LEU J 99 16.15 32.27 -48.69
N VAL J 100 16.91 32.70 -47.69
CA VAL J 100 18.26 33.19 -47.98
C VAL J 100 19.12 32.06 -48.54
N LEU J 101 19.02 30.87 -47.94
CA LEU J 101 19.82 29.73 -48.38
C LEU J 101 19.64 29.40 -49.86
N LEU J 102 18.41 29.19 -50.29
CA LEU J 102 18.19 28.86 -51.69
C LEU J 102 18.44 30.06 -52.60
N GLU J 103 17.87 31.23 -52.26
CA GLU J 103 18.04 32.38 -53.13
C GLU J 103 19.46 32.92 -53.16
N ASN J 104 20.33 32.47 -52.26
CA ASN J 104 21.72 32.90 -52.36
C ASN J 104 22.35 32.20 -53.55
N GLU J 105 22.08 30.88 -53.71
CA GLU J 105 22.60 30.16 -54.86
C GLU J 105 22.10 30.79 -56.15
N ARG J 106 20.83 31.20 -56.17
CA ARG J 106 20.31 31.82 -57.37
C ARG J 106 21.06 33.10 -57.69
N THR J 107 21.38 33.89 -56.65
CA THR J 107 22.07 35.15 -56.87
C THR J 107 23.47 34.93 -57.44
N LEU J 108 24.22 33.97 -56.91
CA LEU J 108 25.53 33.68 -57.47
C LEU J 108 25.37 33.18 -58.89
N ASP J 109 24.46 32.24 -59.10
CA ASP J 109 24.20 31.74 -60.45
C ASP J 109 23.73 32.89 -61.31
N PHE J 110 23.07 33.87 -60.70
CA PHE J 110 22.63 35.03 -61.45
C PHE J 110 23.83 35.86 -61.90
N HIS J 111 24.80 36.10 -61.01
CA HIS J 111 26.00 36.84 -61.41
C HIS J 111 26.82 36.06 -62.41
N ASP J 112 26.93 34.75 -62.23
CA ASP J 112 27.67 33.89 -63.15
C ASP J 112 27.14 34.08 -64.57
N SER J 113 25.81 34.04 -64.70
CA SER J 113 25.19 34.25 -66.00
C SER J 113 25.60 35.59 -66.60
N ASN J 114 25.58 36.64 -65.78
CA ASN J 114 25.90 37.98 -66.27
C ASN J 114 27.32 38.08 -66.78
N VAL J 115 28.29 37.50 -66.06
CA VAL J 115 29.67 37.56 -66.52
C VAL J 115 29.82 36.73 -67.79
N LYS J 116 29.29 35.49 -67.79
CA LYS J 116 29.35 34.64 -68.98
C LYS J 116 28.60 35.27 -70.13
N ASN J 117 27.54 36.02 -69.84
CA ASN J 117 26.81 36.69 -70.89
C ASN J 117 27.60 37.92 -71.36
N LEU J 118 28.55 38.37 -70.56
CA LEU J 118 29.38 39.47 -70.99
C LEU J 118 30.57 38.94 -71.76
N TYR J 119 30.96 37.69 -71.48
CA TYR J 119 32.04 37.06 -72.23
C TYR J 119 31.58 36.92 -73.67
N GLU J 120 30.27 36.73 -73.85
CA GLU J 120 29.63 36.72 -75.14
C GLU J 120 29.36 38.20 -75.44
N LYS J 121 28.72 38.49 -76.55
CA LYS J 121 28.47 39.89 -76.92
C LYS J 121 29.77 40.61 -77.24
N VAL J 122 30.92 39.99 -76.97
CA VAL J 122 32.21 40.50 -77.37
C VAL J 122 32.85 39.50 -78.32
N LYS J 123 32.59 38.20 -78.10
CA LYS J 123 32.98 37.19 -79.06
C LYS J 123 32.12 37.40 -80.30
N SER J 124 30.88 37.88 -80.08
CA SER J 124 29.94 38.24 -81.13
C SER J 124 30.35 39.57 -81.76
N GLN J 125 31.21 40.33 -81.07
CA GLN J 125 31.75 41.60 -81.54
C GLN J 125 33.08 41.36 -82.23
N LEU J 126 34.00 40.67 -81.55
CA LEU J 126 35.32 40.34 -82.08
C LEU J 126 35.21 38.97 -82.77
N LYS J 127 34.41 38.93 -83.84
CA LYS J 127 34.15 37.69 -84.54
C LYS J 127 35.44 36.99 -84.96
N ASN J 128 36.30 37.68 -85.70
CA ASN J 128 37.55 37.10 -86.17
C ASN J 128 38.78 37.93 -85.84
N ASN J 129 38.63 38.97 -85.05
CA ASN J 129 39.65 39.97 -84.80
C ASN J 129 40.57 39.69 -83.61
N ALA J 130 40.46 38.56 -82.92
CA ALA J 130 41.40 38.35 -81.83
C ALA J 130 41.46 36.87 -81.46
N LYS J 131 42.60 36.45 -80.89
CA LYS J 131 42.85 35.08 -80.49
C LYS J 131 42.33 34.92 -79.07
N GLU J 132 41.47 33.94 -78.89
CA GLU J 132 40.84 33.68 -77.61
C GLU J 132 41.59 32.66 -76.77
N ILE J 133 42.14 33.09 -75.69
CA ILE J 133 42.74 32.14 -74.77
C ILE J 133 41.61 31.86 -73.79
N GLY J 134 41.42 30.61 -73.40
CA GLY J 134 40.28 30.29 -72.54
C GLY J 134 40.36 30.79 -71.12
N ASN J 135 41.04 31.92 -70.92
CA ASN J 135 41.19 32.54 -69.61
C ASN J 135 40.33 33.78 -69.48
N GLY J 136 39.35 33.96 -70.36
CA GLY J 136 38.50 35.14 -70.34
C GLY J 136 39.14 36.36 -70.96
N CYS J 137 40.29 36.17 -71.62
CA CYS J 137 41.11 37.19 -72.24
C CYS J 137 41.17 37.07 -73.76
N PHE J 138 41.45 38.20 -74.40
CA PHE J 138 41.58 38.30 -75.84
C PHE J 138 42.83 39.10 -76.21
N GLU J 139 43.80 38.46 -76.89
CA GLU J 139 44.95 39.20 -77.38
C GLU J 139 44.61 39.60 -78.81
N PHE J 140 44.60 40.90 -79.09
CA PHE J 140 44.30 41.38 -80.42
C PHE J 140 45.48 41.22 -81.35
N TYR J 141 45.20 40.81 -82.60
CA TYR J 141 46.28 40.87 -83.56
C TYR J 141 46.37 42.31 -84.01
N HIS J 142 45.22 43.00 -83.90
CA HIS J 142 45.04 44.41 -84.13
C HIS J 142 45.90 45.18 -83.14
N LYS J 143 46.04 46.46 -83.39
CA LYS J 143 46.79 47.29 -82.46
C LYS J 143 45.83 48.29 -81.84
N CYS J 144 44.61 47.80 -81.55
CA CYS J 144 43.50 48.61 -81.05
C CYS J 144 43.94 49.54 -79.93
N ASN J 145 43.91 50.85 -80.25
CA ASN J 145 44.30 51.94 -79.35
C ASN J 145 43.19 52.22 -78.35
N ASP J 146 43.38 53.24 -77.51
CA ASP J 146 42.34 53.53 -76.52
C ASP J 146 41.14 54.25 -77.12
N GLU J 147 41.02 54.27 -78.45
CA GLU J 147 39.87 54.85 -79.13
C GLU J 147 38.94 53.74 -79.59
N CYS J 148 39.49 52.72 -80.25
CA CYS J 148 38.67 51.58 -80.64
C CYS J 148 38.45 50.66 -79.46
N MET J 149 39.32 50.72 -78.45
CA MET J 149 39.13 49.87 -77.29
C MET J 149 37.91 50.36 -76.52
N GLU J 150 37.74 51.69 -76.45
CA GLU J 150 36.55 52.27 -75.84
C GLU J 150 35.35 52.07 -76.75
N SER J 151 35.58 51.45 -77.91
CA SER J 151 34.56 51.10 -78.89
C SER J 151 34.12 49.67 -78.75
N VAL J 152 34.35 49.06 -77.57
CA VAL J 152 33.86 47.72 -77.27
C VAL J 152 32.50 47.89 -76.62
N LYS J 153 32.18 49.13 -76.21
CA LYS J 153 30.86 49.50 -75.70
C LYS J 153 29.84 49.48 -76.84
N ASN J 154 30.24 49.91 -78.03
CA ASN J 154 29.37 49.92 -79.21
C ASN J 154 29.94 49.07 -80.34
N GLY J 155 30.99 49.55 -81.05
CA GLY J 155 31.67 48.84 -82.11
C GLY J 155 31.37 49.29 -83.53
N THR J 156 32.22 50.17 -84.08
CA THR J 156 32.16 50.66 -85.47
C THR J 156 33.64 50.59 -85.85
N TYR J 157 34.05 49.40 -86.27
CA TYR J 157 35.43 49.00 -86.49
C TYR J 157 36.09 49.29 -87.83
N ASP J 158 37.41 49.57 -87.78
CA ASP J 158 38.27 49.65 -88.96
C ASP J 158 38.48 48.16 -89.19
N TYR J 159 37.39 47.58 -89.68
CA TYR J 159 37.19 46.13 -89.77
C TYR J 159 38.22 45.25 -90.48
N PRO J 160 38.86 45.62 -91.59
CA PRO J 160 39.77 44.67 -92.28
C PRO J 160 40.69 43.80 -91.43
N LYS J 161 40.57 42.48 -91.68
CA LYS J 161 41.40 41.51 -90.98
C LYS J 161 42.83 41.57 -91.50
N TYR J 162 43.77 41.42 -90.57
CA TYR J 162 45.17 41.38 -90.94
C TYR J 162 45.55 39.91 -91.05
N SER J 163 46.42 39.59 -92.01
CA SER J 163 46.79 38.21 -92.24
C SER J 163 47.56 37.72 -91.03
N GLU J 164 46.96 36.77 -90.29
CA GLU J 164 47.58 36.18 -89.10
C GLU J 164 47.28 34.68 -88.98
N GLU J 165 46.95 34.01 -90.08
CA GLU J 165 46.56 32.60 -90.07
C GLU J 165 47.68 31.64 -90.50
N ILE K 7 -18.79 -17.76 91.86
CA ILE K 7 -18.08 -18.52 90.84
C ILE K 7 -18.83 -18.44 89.49
N CYS K 8 -18.07 -18.12 88.42
CA CYS K 8 -18.58 -17.95 87.06
C CYS K 8 -17.75 -18.74 86.05
N ILE K 9 -18.39 -19.10 84.93
CA ILE K 9 -17.76 -19.85 83.85
C ILE K 9 -17.52 -18.91 82.68
N GLY K 10 -16.28 -18.83 82.20
CA GLY K 10 -15.92 -17.95 81.11
C GLY K 10 -14.70 -18.41 80.32
N TYR K 11 -14.02 -17.44 79.69
CA TYR K 11 -12.84 -17.69 78.88
C TYR K 11 -11.85 -16.54 79.01
N HIS K 12 -10.62 -16.80 78.57
CA HIS K 12 -9.50 -15.85 78.63
C HIS K 12 -9.71 -14.70 77.65
N ALA K 13 -8.90 -13.65 77.84
CA ALA K 13 -8.83 -12.44 77.02
C ALA K 13 -7.53 -11.70 77.37
N ASN K 14 -6.97 -10.99 76.39
CA ASN K 14 -5.73 -10.24 76.63
C ASN K 14 -5.75 -8.96 75.80
N ASN K 15 -4.59 -8.30 75.73
CA ASN K 15 -4.45 -7.06 74.98
C ASN K 15 -4.00 -7.31 73.54
N SER K 16 -3.86 -8.57 73.13
CA SER K 16 -3.39 -8.92 71.78
C SER K 16 -4.19 -8.23 70.68
N THR K 17 -3.46 -7.60 69.76
CA THR K 17 -3.98 -6.90 68.60
C THR K 17 -3.87 -7.73 67.31
N ASP K 18 -3.78 -9.05 67.45
CA ASP K 18 -3.63 -9.99 66.34
C ASP K 18 -4.92 -10.10 65.54
N THR K 19 -4.97 -9.42 64.39
CA THR K 19 -6.11 -9.46 63.47
C THR K 19 -6.11 -10.76 62.66
N VAL K 20 -7.31 -11.26 62.35
CA VAL K 20 -7.45 -12.49 61.57
C VAL K 20 -8.71 -12.40 60.73
N ASP K 21 -8.67 -13.00 59.53
CA ASP K 21 -9.79 -13.06 58.59
C ASP K 21 -10.40 -14.46 58.60
N THR K 22 -11.65 -14.57 59.02
CA THR K 22 -12.36 -15.85 58.99
C THR K 22 -13.33 -15.83 57.80
N VAL K 23 -14.00 -16.94 57.55
CA VAL K 23 -14.90 -16.99 56.40
C VAL K 23 -16.25 -16.34 56.67
N LEU K 24 -16.40 -15.67 57.80
CA LEU K 24 -17.68 -15.01 58.09
C LEU K 24 -17.48 -13.70 58.84
N GLU K 25 -16.25 -13.28 59.07
CA GLU K 25 -15.96 -12.06 59.80
C GLU K 25 -14.56 -11.58 59.43
N LYS K 26 -14.43 -10.31 59.08
CA LYS K 26 -13.14 -9.73 58.78
C LYS K 26 -12.58 -9.07 60.04
N ASN K 27 -11.36 -8.57 59.94
CA ASN K 27 -10.69 -7.79 60.99
C ASN K 27 -10.89 -8.37 62.40
N VAL K 28 -10.96 -9.69 62.55
CA VAL K 28 -11.22 -10.30 63.85
C VAL K 28 -9.97 -10.34 64.73
N THR K 29 -9.97 -9.53 65.79
CA THR K 29 -8.84 -9.52 66.72
C THR K 29 -8.96 -10.79 67.57
N VAL K 30 -7.81 -11.41 67.88
CA VAL K 30 -7.76 -12.68 68.61
C VAL K 30 -6.57 -12.67 69.57
N THR K 31 -6.65 -13.52 70.61
CA THR K 31 -5.62 -13.58 71.64
C THR K 31 -4.32 -14.23 71.14
N HIS K 32 -4.40 -15.36 70.44
CA HIS K 32 -3.21 -16.08 69.98
C HIS K 32 -3.33 -16.46 68.50
N SER K 33 -2.18 -16.50 67.83
CA SER K 33 -2.11 -16.86 66.41
C SER K 33 -0.68 -17.29 66.08
N VAL K 34 -0.37 -17.35 64.78
CA VAL K 34 0.96 -17.69 64.26
C VAL K 34 1.07 -17.03 62.88
N ASN K 35 2.26 -16.48 62.56
CA ASN K 35 2.41 -15.74 61.29
C ASN K 35 2.15 -16.62 60.07
N LEU K 36 2.63 -17.87 60.09
CA LEU K 36 2.43 -18.86 59.03
C LEU K 36 2.91 -18.42 57.65
N LEU K 37 3.42 -17.20 57.51
CA LEU K 37 3.91 -16.69 56.24
C LEU K 37 5.14 -15.82 56.47
N GLU K 38 6.20 -16.12 55.73
CA GLU K 38 7.44 -15.36 55.83
C GLU K 38 7.39 -14.14 54.93
N ASP K 39 7.73 -12.99 55.48
CA ASP K 39 7.73 -11.76 54.68
C ASP K 39 9.08 -11.02 54.66
N SER K 40 9.83 -11.03 55.75
CA SER K 40 11.12 -10.34 55.83
C SER K 40 12.27 -11.26 55.44
N HIS K 41 13.33 -10.67 54.89
CA HIS K 41 14.52 -11.41 54.46
C HIS K 41 15.79 -10.62 54.77
N ASN K 42 16.92 -11.35 54.79
CA ASN K 42 18.22 -10.77 55.13
C ASN K 42 18.72 -9.73 54.14
N GLY K 43 18.19 -9.70 52.92
CA GLY K 43 18.64 -8.70 51.98
C GLY K 43 20.02 -8.90 51.38
N LYS K 44 20.77 -9.92 51.81
CA LYS K 44 22.13 -10.13 51.32
C LYS K 44 22.34 -11.57 50.84
N LEU K 45 23.29 -11.69 49.92
CA LEU K 45 23.71 -12.98 49.35
C LEU K 45 24.60 -13.69 50.35
N CYS K 46 24.01 -14.69 51.05
CA CYS K 46 24.67 -15.46 52.09
C CYS K 46 25.29 -16.74 51.53
N LEU K 47 25.89 -17.48 52.44
CA LEU K 47 26.48 -18.77 52.15
C LEU K 47 25.34 -19.77 52.15
N LEU K 48 25.62 -21.04 51.90
CA LEU K 48 24.56 -22.05 51.91
C LEU K 48 25.11 -23.28 52.62
N LYS K 49 24.76 -23.43 53.91
CA LYS K 49 25.26 -24.52 54.75
C LYS K 49 26.77 -24.58 54.65
N GLY K 50 27.40 -23.42 54.75
CA GLY K 50 28.82 -23.31 54.68
C GLY K 50 29.39 -23.07 53.29
N ILE K 51 28.90 -23.79 52.26
CA ILE K 51 29.46 -23.60 50.92
C ILE K 51 28.95 -22.29 50.35
N ALA K 52 29.93 -21.44 49.69
CA ALA K 52 29.79 -20.10 49.12
C ALA K 52 29.41 -20.13 47.64
N PRO K 53 28.69 -19.09 47.18
CA PRO K 53 28.27 -19.03 45.77
C PRO K 53 29.30 -18.43 44.81
N LEU K 54 29.17 -18.87 43.56
CA LEU K 54 29.98 -18.39 42.45
C LEU K 54 29.38 -17.06 42.02
N GLN K 55 29.98 -15.98 42.49
CA GLN K 55 29.54 -14.63 42.19
C GLN K 55 30.23 -14.28 40.89
N LEU K 56 29.43 -14.12 39.80
CA LEU K 56 29.97 -13.87 38.45
C LEU K 56 30.41 -12.44 38.14
N GLY K 57 30.06 -11.44 38.95
CA GLY K 57 30.48 -10.09 38.62
C GLY K 57 29.90 -9.61 37.29
N ASN K 58 30.75 -8.97 36.47
CA ASN K 58 30.36 -8.45 35.16
C ASN K 58 30.24 -9.51 34.07
N CYS K 59 30.57 -10.76 34.36
CA CYS K 59 30.52 -11.82 33.35
C CYS K 59 29.23 -12.62 33.34
N SER K 60 28.94 -13.15 32.15
CA SER K 60 27.87 -14.07 31.82
C SER K 60 28.41 -15.51 31.91
N VAL K 61 27.50 -16.48 32.00
CA VAL K 61 27.94 -17.87 32.04
C VAL K 61 28.83 -18.17 30.84
N ALA K 62 28.43 -17.71 29.66
CA ALA K 62 29.28 -17.90 28.48
C ALA K 62 30.61 -17.23 28.68
N GLY K 63 30.59 -16.03 29.25
CA GLY K 63 31.83 -15.29 29.47
C GLY K 63 32.69 -15.93 30.54
N TRP K 64 32.05 -16.48 31.57
CA TRP K 64 32.75 -17.20 32.63
C TRP K 64 33.39 -18.49 32.12
N ILE K 65 32.60 -19.30 31.43
CA ILE K 65 33.04 -20.60 30.97
C ILE K 65 33.95 -20.52 29.74
N LEU K 66 33.94 -19.42 28.98
CA LEU K 66 34.83 -19.25 27.83
C LEU K 66 36.13 -18.59 28.24
N GLY K 67 36.18 -17.97 29.40
CA GLY K 67 37.40 -17.32 29.77
C GLY K 67 37.49 -15.98 29.09
N ASN K 68 36.46 -15.15 29.25
CA ASN K 68 36.45 -13.77 28.74
C ASN K 68 37.52 -13.08 29.56
N PRO K 69 38.64 -12.66 28.99
CA PRO K 69 39.72 -12.08 29.82
C PRO K 69 39.29 -11.18 30.97
N GLU K 70 38.13 -10.53 30.87
CA GLU K 70 37.72 -9.71 32.00
C GLU K 70 37.29 -10.56 33.20
N CYS K 71 37.20 -11.87 33.04
CA CYS K 71 36.77 -12.79 34.09
C CYS K 71 37.94 -13.59 34.71
N GLU K 72 39.13 -13.01 34.91
CA GLU K 72 40.27 -13.81 35.40
C GLU K 72 40.04 -14.50 36.73
N LEU K 73 39.57 -13.74 37.73
CA LEU K 73 39.48 -14.26 39.09
C LEU K 73 38.50 -15.42 39.24
N LEU K 74 37.58 -15.62 38.29
CA LEU K 74 36.65 -16.74 38.33
C LEU K 74 37.28 -18.05 37.90
N ILE K 75 38.46 -17.98 37.26
CA ILE K 75 39.16 -19.18 36.78
C ILE K 75 39.62 -20.07 37.94
N SER K 76 39.90 -19.46 39.09
CA SER K 76 40.33 -20.23 40.24
C SER K 76 39.20 -21.10 40.76
N LYS K 77 38.11 -20.46 41.21
CA LYS K 77 37.01 -21.17 41.85
C LYS K 77 36.51 -22.29 40.98
N GLU K 78 36.47 -23.46 41.61
CA GLU K 78 36.06 -24.72 41.01
C GLU K 78 35.05 -25.44 41.91
N SER K 79 34.53 -24.75 42.93
CA SER K 79 33.51 -25.26 43.83
C SER K 79 32.58 -24.10 44.19
N TRP K 80 31.30 -24.41 44.40
CA TRP K 80 30.34 -23.36 44.71
C TRP K 80 29.02 -24.02 45.06
N SER K 81 28.20 -23.30 45.84
CA SER K 81 26.90 -23.80 46.22
C SER K 81 25.83 -23.44 45.21
N TYR K 82 25.97 -22.30 44.54
CA TYR K 82 25.08 -21.84 43.48
C TYR K 82 25.84 -20.81 42.67
N ILE K 83 25.19 -20.26 41.65
CA ILE K 83 25.81 -19.28 40.77
C ILE K 83 24.93 -18.02 40.74
N VAL K 84 25.57 -16.85 40.82
CA VAL K 84 24.88 -15.56 40.80
C VAL K 84 25.41 -14.72 39.66
N GLU K 85 24.48 -14.18 38.85
CA GLU K 85 24.78 -13.41 37.65
C GLU K 85 24.09 -12.07 37.65
N LYS K 86 24.77 -11.06 37.10
CA LYS K 86 24.17 -9.75 37.02
C LYS K 86 23.05 -9.77 35.98
N PRO K 87 21.99 -9.00 36.20
CA PRO K 87 20.90 -8.96 35.23
C PRO K 87 21.33 -8.61 33.81
N ASN K 88 22.31 -7.73 33.64
CA ASN K 88 22.77 -7.33 32.31
C ASN K 88 24.29 -7.45 32.25
N PRO K 89 24.84 -8.67 32.32
CA PRO K 89 26.31 -8.84 32.32
C PRO K 89 26.95 -8.54 30.98
N GLU K 90 27.87 -7.57 30.99
CA GLU K 90 28.56 -7.02 29.82
C GLU K 90 29.74 -7.85 29.37
N ASN K 91 30.17 -8.82 30.17
CA ASN K 91 31.33 -9.67 29.85
C ASN K 91 30.86 -11.08 29.56
N GLY K 92 31.09 -11.49 28.32
CA GLY K 92 30.65 -12.76 27.81
C GLY K 92 31.30 -12.95 26.48
N THR K 93 30.55 -13.25 25.41
CA THR K 93 31.25 -13.51 24.16
C THR K 93 31.93 -12.31 23.52
N CYS K 94 33.04 -11.85 24.13
CA CYS K 94 33.80 -10.68 23.65
C CYS K 94 34.07 -10.72 22.16
N TYR K 95 34.25 -11.85 21.61
CA TYR K 95 34.34 -11.74 20.17
C TYR K 95 32.98 -12.22 19.70
N PRO K 96 32.25 -11.47 18.86
CA PRO K 96 30.89 -11.89 18.46
C PRO K 96 30.80 -13.20 17.70
N GLY K 97 29.66 -13.86 17.92
CA GLY K 97 29.31 -15.11 17.28
C GLY K 97 28.15 -15.74 18.02
N HIS K 98 27.61 -16.78 17.40
CA HIS K 98 26.47 -17.47 17.98
C HIS K 98 26.91 -18.50 19.00
N PHE K 99 26.24 -18.55 20.15
CA PHE K 99 26.58 -19.55 21.16
C PHE K 99 25.61 -20.73 21.00
N ALA K 100 26.14 -21.80 20.42
CA ALA K 100 25.44 -23.05 20.19
C ALA K 100 24.83 -23.60 21.47
N ASP K 101 23.51 -23.64 21.52
CA ASP K 101 22.76 -24.18 22.65
C ASP K 101 23.19 -23.61 24.01
N TYR K 102 23.46 -22.29 24.02
CA TYR K 102 23.84 -21.61 25.24
C TYR K 102 22.81 -21.85 26.35
N GLU K 103 21.52 -21.88 26.00
CA GLU K 103 20.52 -22.08 27.04
C GLU K 103 20.74 -23.43 27.71
N GLU K 104 21.10 -24.43 26.92
CA GLU K 104 21.34 -25.73 27.49
C GLU K 104 22.65 -25.72 28.26
N LEU K 105 23.64 -24.94 27.79
CA LEU K 105 24.90 -24.91 28.52
C LEU K 105 24.66 -24.39 29.93
N ARG K 106 23.70 -23.48 30.07
CA ARG K 106 23.34 -22.97 31.39
C ARG K 106 22.70 -24.07 32.23
N GLU K 107 21.80 -24.87 31.62
CA GLU K 107 21.09 -25.92 32.35
C GLU K 107 22.03 -27.03 32.81
N GLN K 108 23.07 -27.30 32.03
CA GLN K 108 24.05 -28.30 32.44
C GLN K 108 24.83 -27.83 33.65
N LEU K 109 25.31 -26.58 33.62
CA LEU K 109 26.10 -26.04 34.70
C LEU K 109 25.28 -25.84 35.96
N SER K 110 23.96 -25.69 35.86
CA SER K 110 23.22 -25.54 37.10
C SER K 110 23.31 -26.82 37.92
N SER K 111 23.61 -27.96 37.26
CA SER K 111 23.79 -29.23 37.95
C SER K 111 25.22 -29.38 38.46
N VAL K 112 26.18 -28.76 37.78
CA VAL K 112 27.57 -28.91 38.17
C VAL K 112 27.77 -28.29 39.54
N SER K 113 28.43 -29.04 40.42
CA SER K 113 28.76 -28.61 41.78
C SER K 113 30.25 -28.43 41.98
N SER K 114 31.07 -28.91 41.05
CA SER K 114 32.52 -28.82 41.14
C SER K 114 33.09 -29.10 39.75
N PHE K 115 34.26 -28.52 39.49
CA PHE K 115 35.04 -28.61 38.26
C PHE K 115 36.38 -29.28 38.45
N GLU K 116 37.00 -29.53 37.32
CA GLU K 116 38.40 -29.88 37.23
C GLU K 116 38.82 -29.17 35.93
N ARG K 117 39.14 -27.87 36.04
CA ARG K 117 39.60 -27.10 34.88
C ARG K 117 41.05 -27.45 34.61
N PHE K 118 41.31 -27.98 33.41
CA PHE K 118 42.63 -28.42 33.00
C PHE K 118 42.86 -28.13 31.52
N GLU K 119 44.11 -27.97 31.15
CA GLU K 119 44.44 -27.66 29.77
C GLU K 119 44.40 -28.92 28.89
N ILE K 120 43.27 -29.15 28.22
CA ILE K 120 43.11 -30.31 27.34
C ILE K 120 44.22 -30.32 26.27
N PHE K 121 44.48 -29.18 25.63
CA PHE K 121 45.52 -29.08 24.60
C PHE K 121 46.40 -27.90 24.99
N PRO K 122 47.50 -28.17 25.72
CA PRO K 122 48.39 -27.09 26.23
C PRO K 122 48.93 -26.15 25.16
N LYS K 123 48.77 -24.85 25.40
CA LYS K 123 49.21 -23.84 24.44
C LYS K 123 50.61 -24.14 23.92
N GLU K 124 51.54 -24.28 24.84
CA GLU K 124 52.89 -24.64 24.48
C GLU K 124 52.89 -26.10 24.05
N SER K 125 53.44 -26.39 22.90
CA SER K 125 53.59 -27.76 22.39
C SER K 125 52.33 -28.45 21.81
N SER K 126 51.12 -27.91 21.92
CA SER K 126 50.05 -28.69 21.30
C SER K 126 50.02 -28.53 19.79
N TRP K 127 50.22 -27.31 19.28
CA TRP K 127 50.09 -27.04 17.85
C TRP K 127 51.35 -26.57 17.16
N PRO K 128 52.32 -27.46 16.92
CA PRO K 128 53.47 -27.04 16.12
C PRO K 128 52.95 -26.87 14.69
N ASN K 129 53.74 -26.18 13.88
CA ASN K 129 53.39 -25.93 12.49
C ASN K 129 52.20 -24.96 12.31
N HIS K 130 51.58 -24.47 13.41
CA HIS K 130 50.50 -23.48 13.40
C HIS K 130 50.79 -22.40 14.44
N THR K 131 50.59 -21.13 14.09
CA THR K 131 50.77 -20.02 15.05
C THR K 131 49.55 -19.86 15.95
N VAL K 132 49.78 -19.65 17.25
CA VAL K 132 48.66 -19.53 18.20
C VAL K 132 48.64 -18.20 18.92
N THR K 133 49.55 -17.26 18.58
CA THR K 133 49.60 -15.94 19.22
C THR K 133 48.74 -14.93 18.44
N GLY K 134 47.44 -15.11 18.56
CA GLY K 134 46.52 -14.24 17.86
C GLY K 134 45.49 -13.68 18.81
N VAL K 135 45.33 -12.38 18.85
CA VAL K 135 44.34 -11.78 19.74
C VAL K 135 43.45 -10.84 18.95
N SER K 136 42.41 -10.35 19.63
CA SER K 136 41.45 -9.43 19.06
C SER K 136 41.20 -8.33 20.06
N ALA K 137 41.14 -7.09 19.54
CA ALA K 137 40.84 -5.94 20.40
C ALA K 137 39.44 -6.08 21.01
N SER K 138 38.59 -6.95 20.44
CA SER K 138 37.28 -7.17 21.01
C SER K 138 37.42 -7.79 22.38
N CYS K 139 38.41 -8.66 22.51
CA CYS K 139 38.66 -9.33 23.77
C CYS K 139 39.82 -8.67 24.50
N SER K 140 39.77 -7.33 24.63
CA SER K 140 40.83 -6.54 25.25
C SER K 140 40.75 -6.56 26.76
N HIS K 141 41.89 -6.77 27.40
CA HIS K 141 41.99 -6.80 28.85
C HIS K 141 43.21 -6.00 29.28
N ASN K 142 43.04 -5.17 30.29
CA ASN K 142 44.13 -4.36 30.82
C ASN K 142 44.86 -3.59 29.72
N GLY K 143 44.07 -2.92 28.87
CA GLY K 143 44.65 -2.08 27.86
C GLY K 143 45.24 -2.70 26.65
N LYS K 144 45.68 -3.95 26.73
CA LYS K 144 46.22 -4.61 25.55
C LYS K 144 45.16 -5.58 25.02
N SER K 145 45.19 -5.82 23.71
CA SER K 145 44.26 -6.79 23.14
C SER K 145 44.54 -8.16 23.75
N SER K 146 43.50 -8.98 23.83
CA SER K 146 43.64 -10.31 24.41
C SER K 146 42.74 -11.30 23.67
N PHE K 147 42.50 -12.45 24.30
CA PHE K 147 41.67 -13.51 23.75
C PHE K 147 41.11 -14.30 24.92
N TYR K 148 40.30 -15.30 24.61
CA TYR K 148 39.72 -16.15 25.65
C TYR K 148 40.77 -16.99 26.36
N LYS K 149 40.53 -17.26 27.64
CA LYS K 149 41.53 -18.07 28.36
C LYS K 149 41.38 -19.54 28.08
N ASN K 150 40.16 -19.98 27.78
CA ASN K 150 39.87 -21.38 27.53
C ASN K 150 39.90 -21.75 26.06
N LEU K 151 39.84 -20.79 25.16
CA LEU K 151 39.97 -21.13 23.76
C LEU K 151 41.40 -20.78 23.33
N LEU K 152 41.72 -21.03 22.05
CA LEU K 152 43.06 -20.77 21.54
C LEU K 152 42.95 -20.51 20.03
N TRP K 153 43.51 -19.38 19.54
CA TRP K 153 43.38 -18.98 18.13
C TRP K 153 44.50 -19.51 17.24
N LEU K 154 44.18 -20.56 16.47
CA LEU K 154 45.10 -21.20 15.52
C LEU K 154 45.03 -20.50 14.18
N THR K 155 46.19 -20.06 13.69
CA THR K 155 46.34 -19.35 12.43
C THR K 155 47.52 -19.93 11.63
N GLY K 156 47.74 -19.38 10.44
CA GLY K 156 48.86 -19.83 9.61
C GLY K 156 50.22 -19.46 10.19
N LYS K 157 51.21 -20.32 9.92
CA LYS K 157 52.58 -20.14 10.40
C LYS K 157 53.53 -20.43 9.25
N ASN K 158 54.37 -19.47 8.88
CA ASN K 158 55.30 -19.62 7.75
C ASN K 158 54.55 -19.87 6.44
N GLY K 159 53.52 -19.06 6.20
CA GLY K 159 52.70 -19.10 4.98
C GLY K 159 51.96 -20.39 4.70
N LEU K 160 51.60 -21.15 5.73
CA LEU K 160 50.91 -22.42 5.57
C LEU K 160 50.05 -22.74 6.77
N TYR K 161 48.87 -23.33 6.54
CA TYR K 161 48.00 -23.81 7.61
C TYR K 161 47.78 -25.27 7.26
N PRO K 162 48.73 -26.15 7.62
CA PRO K 162 48.64 -27.58 7.27
C PRO K 162 47.48 -28.33 7.92
N ASN K 163 47.02 -29.39 7.24
CA ASN K 163 45.93 -30.23 7.73
C ASN K 163 46.14 -30.51 9.22
N LEU K 164 45.09 -30.31 10.02
CA LEU K 164 45.14 -30.46 11.47
C LEU K 164 44.32 -31.66 11.98
N SER K 165 44.87 -32.37 12.96
CA SER K 165 44.13 -33.49 13.52
C SER K 165 44.60 -33.73 14.94
N LYS K 166 43.77 -33.45 15.95
CA LYS K 166 44.14 -33.67 17.36
C LYS K 166 43.04 -34.45 18.07
N SER K 167 43.44 -35.45 18.85
CA SER K 167 42.48 -36.30 19.57
C SER K 167 42.75 -36.16 21.05
N TYR K 168 41.71 -36.32 21.84
CA TYR K 168 41.81 -36.29 23.30
C TYR K 168 41.00 -37.45 23.82
N ALA K 169 41.53 -38.14 24.85
CA ALA K 169 40.89 -39.29 25.48
C ALA K 169 40.48 -38.89 26.90
N ASN K 170 39.19 -39.00 27.21
CA ASN K 170 38.66 -38.63 28.52
C ASN K 170 39.01 -39.68 29.53
N ASN K 171 40.15 -39.46 30.17
CA ASN K 171 40.67 -40.33 31.20
C ASN K 171 40.44 -39.76 32.59
N LYS K 172 39.50 -38.83 32.73
CA LYS K 172 39.21 -38.21 34.01
C LYS K 172 38.18 -38.97 34.83
N GLU K 173 37.57 -40.02 34.26
CA GLU K 173 36.49 -40.77 34.90
C GLU K 173 35.33 -39.84 35.32
N LYS K 174 35.13 -38.81 34.51
CA LYS K 174 34.08 -37.79 34.65
C LYS K 174 33.77 -37.28 33.25
N GLU K 175 32.58 -36.68 33.10
CA GLU K 175 32.18 -36.12 31.81
C GLU K 175 33.04 -34.89 31.56
N VAL K 176 33.66 -34.78 30.39
CA VAL K 176 34.50 -33.61 30.11
C VAL K 176 33.83 -32.69 29.09
N LEU K 177 33.47 -31.49 29.57
CA LEU K 177 32.83 -30.42 28.81
C LEU K 177 33.88 -29.72 27.96
N VAL K 178 33.88 -29.97 26.68
CA VAL K 178 34.83 -29.34 25.77
C VAL K 178 34.13 -28.22 25.01
N LEU K 179 34.84 -27.09 24.82
CA LEU K 179 34.34 -25.93 24.09
C LEU K 179 35.30 -25.65 22.95
N TRP K 180 34.82 -24.95 21.93
CA TRP K 180 35.67 -24.61 20.79
C TRP K 180 34.94 -23.56 19.96
N GLY K 181 35.61 -23.06 18.93
CA GLY K 181 35.00 -22.06 18.08
C GLY K 181 35.41 -22.26 16.65
N VAL K 182 34.57 -21.71 15.76
CA VAL K 182 34.76 -21.75 14.32
C VAL K 182 34.82 -20.31 13.90
N HIS K 183 35.80 -19.94 13.10
CA HIS K 183 35.94 -18.54 12.74
C HIS K 183 35.46 -18.29 11.33
N HIS K 184 34.56 -17.32 11.19
CA HIS K 184 33.98 -16.95 9.92
C HIS K 184 34.43 -15.54 9.57
N PRO K 185 35.44 -15.42 8.70
CA PRO K 185 35.98 -14.09 8.28
C PRO K 185 35.00 -13.31 7.40
N PRO K 186 35.16 -11.98 7.34
CA PRO K 186 34.27 -11.17 6.52
C PRO K 186 34.64 -11.16 5.04
N ASN K 187 35.94 -11.15 4.71
CA ASN K 187 36.39 -11.14 3.33
C ASN K 187 36.90 -12.50 2.92
N ILE K 188 37.11 -12.68 1.62
CA ILE K 188 37.81 -13.89 1.22
C ILE K 188 39.28 -13.56 1.38
N GLY K 189 39.60 -12.26 1.42
CA GLY K 189 40.96 -11.83 1.61
C GLY K 189 41.53 -12.30 2.93
N ASP K 190 40.83 -11.97 4.04
CA ASP K 190 41.28 -12.38 5.36
C ASP K 190 41.38 -13.89 5.46
N GLN K 191 40.44 -14.61 4.83
CA GLN K 191 40.46 -16.06 4.86
C GLN K 191 41.74 -16.58 4.22
N ARG K 192 42.12 -16.03 3.07
CA ARG K 192 43.34 -16.48 2.44
C ARG K 192 44.56 -16.11 3.28
N ALA K 193 44.53 -14.92 3.89
CA ALA K 193 45.66 -14.47 4.71
C ALA K 193 45.75 -15.19 6.05
N LEU K 194 44.63 -15.57 6.63
CA LEU K 194 44.61 -16.21 7.95
C LEU K 194 44.78 -17.73 7.89
N TYR K 195 44.09 -18.38 6.97
CA TYR K 195 44.16 -19.83 6.90
C TYR K 195 44.76 -20.33 5.59
N HIS K 196 45.04 -19.46 4.62
CA HIS K 196 45.68 -19.85 3.36
C HIS K 196 44.84 -20.86 2.57
N THR K 197 43.54 -20.57 2.43
CA THR K 197 42.71 -21.51 1.68
C THR K 197 41.29 -20.97 1.59
N GLU K 198 40.57 -21.45 0.56
CA GLU K 198 39.17 -21.15 0.36
C GLU K 198 38.32 -22.39 0.64
N ASN K 199 38.95 -23.58 0.56
CA ASN K 199 38.40 -24.89 0.86
C ASN K 199 38.72 -25.11 2.34
N ALA K 200 37.78 -24.89 3.24
CA ALA K 200 38.21 -25.11 4.62
C ALA K 200 37.12 -25.67 5.50
N TYR K 201 37.44 -26.81 6.12
CA TYR K 201 36.52 -27.44 7.06
C TYR K 201 37.09 -27.41 8.47
N VAL K 202 36.24 -27.83 9.39
CA VAL K 202 36.50 -28.04 10.82
C VAL K 202 35.62 -29.18 11.26
N SER K 203 36.20 -30.35 11.50
CA SER K 203 35.44 -31.51 11.95
C SER K 203 35.70 -31.74 13.44
N VAL K 204 34.64 -32.00 14.21
CA VAL K 204 34.73 -32.33 15.62
C VAL K 204 33.85 -33.54 15.83
N VAL K 205 34.49 -34.65 16.22
CA VAL K 205 33.84 -35.94 16.39
C VAL K 205 34.23 -36.58 17.72
N SER K 206 33.22 -36.94 18.46
CA SER K 206 33.13 -37.69 19.68
C SER K 206 32.74 -39.07 19.18
N SER K 207 32.30 -39.99 20.07
CA SER K 207 31.86 -41.33 19.62
C SER K 207 30.37 -41.41 19.26
N HIS K 208 29.58 -40.47 19.76
CA HIS K 208 28.15 -40.35 19.52
C HIS K 208 27.83 -38.95 19.01
N TYR K 209 28.85 -38.18 18.62
CA TYR K 209 28.75 -36.79 18.16
C TYR K 209 29.56 -36.63 16.88
N SER K 210 28.97 -36.01 15.89
CA SER K 210 29.70 -35.72 14.67
C SER K 210 29.19 -34.39 14.13
N ARG K 211 30.12 -33.57 13.66
CA ARG K 211 29.76 -32.27 13.09
C ARG K 211 30.92 -31.78 12.22
N LYS K 212 30.57 -31.25 11.05
CA LYS K 212 31.50 -30.65 10.10
C LYS K 212 31.08 -29.21 10.00
N PHE K 213 32.03 -28.28 10.20
CA PHE K 213 31.74 -26.84 10.15
C PHE K 213 32.39 -26.26 8.91
N THR K 214 31.70 -25.32 8.27
CA THR K 214 32.34 -24.71 7.11
C THR K 214 32.08 -23.22 7.28
N PRO K 215 33.08 -22.38 6.99
CA PRO K 215 32.96 -20.91 7.20
C PRO K 215 32.13 -20.22 6.14
N GLU K 216 31.12 -19.49 6.60
CA GLU K 216 30.26 -18.74 5.70
C GLU K 216 30.80 -17.32 5.78
N ILE K 217 31.55 -16.95 4.73
CA ILE K 217 32.17 -15.65 4.63
C ILE K 217 31.16 -14.69 4.03
N ALA K 218 31.03 -13.52 4.66
CA ALA K 218 30.11 -12.47 4.24
C ALA K 218 30.41 -11.25 5.10
N LYS K 219 29.99 -10.09 4.60
CA LYS K 219 30.16 -8.83 5.29
C LYS K 219 28.96 -8.66 6.21
N ARG K 220 29.21 -8.26 7.46
CA ARG K 220 28.20 -8.17 8.51
C ARG K 220 28.33 -6.88 9.28
N PRO K 221 27.28 -6.46 10.01
CA PRO K 221 27.39 -5.23 10.82
C PRO K 221 28.39 -5.39 11.96
N LYS K 222 29.28 -4.40 12.13
CA LYS K 222 30.30 -4.45 13.17
C LYS K 222 29.77 -4.40 14.60
N VAL K 223 30.02 -5.47 15.38
CA VAL K 223 29.68 -5.51 16.80
C VAL K 223 31.00 -5.70 17.53
N ARG K 224 31.24 -4.87 18.56
CA ARG K 224 32.51 -4.80 19.26
C ARG K 224 33.57 -4.57 18.20
N ASP K 225 33.22 -3.66 17.28
CA ASP K 225 33.97 -3.22 16.13
C ASP K 225 34.47 -4.38 15.27
N GLN K 226 33.86 -5.55 15.37
CA GLN K 226 34.31 -6.67 14.55
C GLN K 226 33.26 -7.07 13.54
N GLU K 227 33.69 -7.17 12.28
CA GLU K 227 32.81 -7.59 11.21
C GLU K 227 32.80 -9.10 11.07
N GLY K 228 33.85 -9.76 11.55
CA GLY K 228 33.93 -11.20 11.54
C GLY K 228 33.10 -11.80 12.67
N ARG K 229 33.14 -13.13 12.74
CA ARG K 229 32.41 -13.81 13.80
C ARG K 229 33.12 -15.12 14.15
N ILE K 230 32.88 -15.59 15.37
CA ILE K 230 33.40 -16.87 15.88
C ILE K 230 32.22 -17.56 16.51
N ASN K 231 31.79 -18.66 15.93
CA ASN K 231 30.68 -19.38 16.52
C ASN K 231 31.24 -20.37 17.56
N TYR K 232 30.57 -20.43 18.72
CA TYR K 232 31.00 -21.24 19.87
C TYR K 232 30.26 -22.56 20.01
N TYR K 233 30.99 -23.65 20.04
CA TYR K 233 30.37 -24.94 20.21
C TYR K 233 30.92 -25.61 21.47
N TRP K 234 30.26 -26.70 21.88
CA TRP K 234 30.63 -27.46 23.07
C TRP K 234 29.85 -28.76 23.07
N THR K 235 30.45 -29.78 23.70
CA THR K 235 29.79 -31.07 23.81
C THR K 235 30.34 -31.82 25.02
N LEU K 236 29.51 -32.64 25.64
CA LEU K 236 30.01 -33.39 26.78
C LEU K 236 30.74 -34.63 26.30
N LEU K 237 31.85 -34.94 26.93
CA LEU K 237 32.64 -36.08 26.53
C LEU K 237 32.65 -36.98 27.75
N GLU K 238 32.02 -38.13 27.61
CA GLU K 238 31.88 -39.12 28.68
C GLU K 238 33.25 -39.78 28.95
N PRO K 239 33.46 -40.28 30.16
CA PRO K 239 34.72 -40.96 30.49
C PRO K 239 35.00 -42.08 29.50
N GLY K 240 36.23 -42.14 29.02
CA GLY K 240 36.62 -43.15 28.06
C GLY K 240 36.50 -42.69 26.61
N ASP K 241 35.55 -41.81 26.35
CA ASP K 241 35.35 -41.34 24.98
C ASP K 241 36.51 -40.51 24.47
N THR K 242 36.70 -40.57 23.17
CA THR K 242 37.75 -39.85 22.50
C THR K 242 37.08 -38.83 21.61
N ILE K 243 37.67 -37.63 21.48
CA ILE K 243 37.11 -36.56 20.65
C ILE K 243 38.17 -36.19 19.63
N ILE K 244 37.83 -36.27 18.36
CA ILE K 244 38.80 -36.02 17.30
C ILE K 244 38.45 -34.71 16.60
N PHE K 245 39.42 -33.79 16.63
CA PHE K 245 39.35 -32.50 15.98
C PHE K 245 40.19 -32.54 14.72
N GLU K 246 39.57 -32.32 13.56
CA GLU K 246 40.28 -32.22 12.28
C GLU K 246 39.90 -30.89 11.64
N ALA K 247 40.87 -30.25 10.97
CA ALA K 247 40.58 -28.94 10.40
C ALA K 247 41.58 -28.51 9.32
N ASN K 248 41.05 -27.71 8.40
CA ASN K 248 41.78 -27.11 7.29
C ASN K 248 42.16 -25.67 7.59
N GLY K 249 41.52 -25.12 8.59
CA GLY K 249 41.64 -23.75 9.03
C GLY K 249 40.33 -23.31 9.64
N ASN K 250 40.32 -22.13 10.20
CA ASN K 250 39.13 -21.53 10.77
C ASN K 250 38.70 -22.21 12.07
N LEU K 251 39.54 -22.99 12.70
CA LEU K 251 39.18 -23.61 13.97
C LEU K 251 39.70 -22.79 15.14
N ILE K 252 38.81 -22.46 16.07
CA ILE K 252 39.21 -21.85 17.33
C ILE K 252 39.36 -23.07 18.24
N ALA K 253 40.61 -23.53 18.37
CA ALA K 253 40.88 -24.78 19.08
C ALA K 253 40.54 -24.71 20.55
N PRO K 254 40.21 -25.87 21.16
CA PRO K 254 39.94 -25.90 22.61
C PRO K 254 41.24 -25.79 23.33
N ARG K 255 41.28 -25.00 24.39
CA ARG K 255 42.52 -24.88 25.16
C ARG K 255 42.37 -25.49 26.53
N TYR K 256 41.40 -25.04 27.32
CA TYR K 256 41.15 -25.62 28.64
C TYR K 256 39.82 -26.33 28.60
N ALA K 257 39.75 -27.43 29.30
CA ALA K 257 38.52 -28.18 29.34
C ALA K 257 37.97 -28.09 30.75
N PHE K 258 36.88 -28.82 31.01
CA PHE K 258 36.28 -28.86 32.34
C PHE K 258 35.82 -30.29 32.62
N ALA K 259 36.31 -30.87 33.74
CA ALA K 259 35.92 -32.20 34.20
C ALA K 259 34.83 -31.93 35.23
N LEU K 260 33.60 -32.16 34.82
CA LEU K 260 32.43 -31.85 35.61
C LEU K 260 32.07 -32.89 36.66
N SER K 261 31.67 -32.42 37.85
CA SER K 261 31.15 -33.26 38.92
C SER K 261 29.76 -32.71 39.17
N ARG K 262 28.75 -33.56 39.00
CA ARG K 262 27.36 -33.14 39.14
C ARG K 262 26.96 -33.12 40.60
N GLY K 263 25.84 -32.48 40.87
CA GLY K 263 25.40 -32.36 42.25
C GLY K 263 23.91 -32.23 42.50
N PHE K 264 23.61 -31.67 43.66
CA PHE K 264 22.26 -31.47 44.14
C PHE K 264 21.79 -30.07 43.75
N GLY K 265 20.71 -29.60 44.36
CA GLY K 265 20.04 -28.36 44.05
C GLY K 265 20.78 -27.05 44.04
N SER K 266 21.50 -26.86 42.93
CA SER K 266 22.26 -25.67 42.60
C SER K 266 21.52 -24.93 41.48
N GLY K 267 21.93 -23.70 41.21
CA GLY K 267 21.28 -22.95 40.14
C GLY K 267 21.87 -21.57 40.00
N ILE K 268 21.55 -20.94 38.86
CA ILE K 268 22.01 -19.58 38.56
C ILE K 268 20.90 -18.59 38.86
N ILE K 269 21.23 -17.59 39.66
CA ILE K 269 20.22 -16.59 39.99
C ILE K 269 20.77 -15.23 39.59
N ASN K 270 19.84 -14.32 39.32
CA ASN K 270 20.14 -12.95 38.93
C ASN K 270 19.80 -12.12 40.15
N SER K 271 20.77 -11.35 40.64
CA SER K 271 20.50 -10.58 41.83
C SER K 271 21.63 -9.58 42.03
N ASN K 272 21.28 -8.44 42.63
CA ASN K 272 22.21 -7.38 42.95
C ASN K 272 22.47 -7.25 44.45
N ALA K 273 21.98 -8.21 45.26
CA ALA K 273 22.18 -8.16 46.70
C ALA K 273 23.65 -8.39 47.01
N PRO K 274 24.17 -7.78 48.07
CA PRO K 274 25.59 -7.90 48.41
C PRO K 274 25.93 -9.17 49.17
N MET K 275 27.22 -9.44 49.26
CA MET K 275 27.79 -10.56 49.98
C MET K 275 27.95 -10.23 51.45
N ASP K 276 27.76 -11.25 52.30
CA ASP K 276 27.89 -11.13 53.76
C ASP K 276 28.52 -12.42 54.27
N GLU K 277 28.51 -12.61 55.59
CA GLU K 277 29.12 -13.82 56.17
C GLU K 277 28.11 -14.79 56.77
N CYS K 278 26.85 -14.44 56.69
CA CYS K 278 25.71 -15.24 57.13
C CYS K 278 25.68 -16.64 56.52
N ASP K 279 25.17 -17.63 57.28
CA ASP K 279 25.14 -19.01 56.78
C ASP K 279 23.83 -19.28 56.03
N ALA K 280 22.68 -18.86 56.57
CA ALA K 280 21.40 -18.94 55.86
C ALA K 280 20.93 -20.20 55.15
N LYS K 281 20.29 -21.13 55.85
CA LYS K 281 19.75 -22.37 55.27
C LYS K 281 19.01 -22.20 53.93
N CYS K 282 18.48 -21.00 53.66
CA CYS K 282 17.77 -20.71 52.41
C CYS K 282 18.20 -19.38 51.78
N GLN K 283 18.32 -19.36 50.44
CA GLN K 283 18.74 -18.19 49.68
C GLN K 283 17.80 -17.86 48.50
N THR K 284 17.53 -16.54 48.24
CA THR K 284 16.70 -16.05 47.12
C THR K 284 17.38 -14.84 46.48
N PRO K 285 16.99 -14.41 45.28
CA PRO K 285 17.67 -13.23 44.68
C PRO K 285 17.51 -11.96 45.51
N GLN K 286 16.47 -11.88 46.33
CA GLN K 286 16.29 -10.69 47.15
C GLN K 286 17.16 -10.78 48.41
N GLY K 287 17.29 -11.98 48.97
CA GLY K 287 18.10 -12.20 50.14
C GLY K 287 17.78 -13.55 50.75
N ALA K 288 18.53 -13.87 51.81
CA ALA K 288 18.38 -15.13 52.52
C ALA K 288 17.13 -15.11 53.40
N ILE K 289 16.74 -16.28 53.91
CA ILE K 289 15.55 -16.39 54.74
C ILE K 289 15.91 -17.03 56.08
N ASN K 290 15.63 -16.30 57.16
CA ASN K 290 15.86 -16.63 58.57
C ASN K 290 14.65 -17.29 59.22
N SER K 291 13.88 -18.07 58.49
CA SER K 291 12.67 -18.63 59.07
C SER K 291 12.50 -20.11 58.81
N SER K 292 11.45 -20.66 59.44
CA SER K 292 11.03 -22.05 59.30
C SER K 292 9.50 -22.13 59.15
N LEU K 293 8.87 -21.06 58.61
CA LEU K 293 7.44 -20.98 58.37
C LEU K 293 7.06 -21.82 57.14
N PRO K 294 5.79 -22.18 56.98
CA PRO K 294 5.41 -23.00 55.83
C PRO K 294 5.24 -22.24 54.52
N PHE K 295 5.08 -20.93 54.54
CA PHE K 295 4.90 -20.19 53.31
C PHE K 295 5.82 -19.00 53.30
N GLN K 296 5.97 -18.40 52.11
CA GLN K 296 6.82 -17.22 51.95
C GLN K 296 6.29 -16.42 50.77
N ASN K 297 6.63 -15.13 50.76
CA ASN K 297 6.20 -14.28 49.66
C ASN K 297 7.33 -13.31 49.28
N VAL K 298 8.59 -13.69 49.56
CA VAL K 298 9.68 -12.81 49.20
C VAL K 298 10.09 -13.02 47.75
N HIS K 299 10.18 -14.28 47.30
CA HIS K 299 10.58 -14.53 45.91
C HIS K 299 10.26 -15.93 45.47
N PRO K 300 9.78 -16.14 44.24
CA PRO K 300 9.55 -17.51 43.77
C PRO K 300 10.88 -18.21 43.54
N VAL K 301 11.91 -17.47 43.13
CA VAL K 301 13.22 -18.08 42.94
C VAL K 301 13.73 -18.50 44.32
N THR K 302 14.16 -19.74 44.43
CA THR K 302 14.56 -20.28 45.70
C THR K 302 15.74 -21.23 45.58
N ILE K 303 16.62 -21.19 46.59
CA ILE K 303 17.82 -22.02 46.68
C ILE K 303 17.93 -22.55 48.09
N GLY K 304 18.07 -23.87 48.22
CA GLY K 304 18.18 -24.54 49.50
C GLY K 304 16.86 -25.12 49.97
N GLU K 305 16.73 -25.18 51.29
CA GLU K 305 15.53 -25.69 51.94
C GLU K 305 14.64 -24.48 52.15
N CYS K 306 13.51 -24.43 51.45
CA CYS K 306 12.82 -23.16 51.64
C CYS K 306 11.30 -23.27 51.72
N PRO K 307 10.54 -22.24 52.13
CA PRO K 307 9.07 -22.36 52.18
C PRO K 307 8.37 -22.12 50.84
N LYS K 308 7.26 -22.83 50.65
CA LYS K 308 6.49 -22.72 49.42
C LYS K 308 6.15 -21.27 49.18
N TYR K 309 6.37 -20.80 47.95
CA TYR K 309 6.10 -19.40 47.63
C TYR K 309 4.65 -19.21 47.26
N VAL K 310 4.01 -18.18 47.83
CA VAL K 310 2.62 -17.84 47.56
C VAL K 310 2.46 -16.33 47.40
N ARG K 311 1.42 -15.96 46.68
CA ARG K 311 1.11 -14.56 46.43
C ARG K 311 0.45 -13.86 47.62
N SER K 312 0.01 -14.61 48.63
CA SER K 312 -0.64 -14.06 49.82
C SER K 312 0.16 -13.00 50.58
N ALA K 313 -0.55 -12.18 51.35
CA ALA K 313 0.08 -11.17 52.18
C ALA K 313 -0.02 -11.46 53.68
N LYS K 314 -1.12 -12.10 54.13
CA LYS K 314 -1.36 -12.36 55.55
C LYS K 314 -1.18 -13.77 56.12
N LEU K 315 -2.08 -14.71 55.79
CA LEU K 315 -2.04 -16.08 56.31
C LEU K 315 -1.84 -16.12 57.84
N ARG K 316 -2.86 -15.66 58.59
CA ARG K 316 -2.74 -15.56 60.06
C ARG K 316 -3.02 -16.87 60.82
N MET K 317 -4.20 -17.47 60.67
CA MET K 317 -4.48 -18.73 61.39
C MET K 317 -4.49 -18.69 62.92
N VAL K 318 -5.62 -18.28 63.51
CA VAL K 318 -5.76 -18.23 64.97
C VAL K 318 -5.47 -19.57 65.65
N THR K 319 -4.88 -19.47 66.84
CA THR K 319 -4.60 -20.58 67.73
C THR K 319 -5.45 -20.51 68.98
N GLY K 320 -5.61 -19.30 69.53
CA GLY K 320 -6.39 -18.98 70.71
C GLY K 320 -7.83 -18.72 70.36
N LEU K 321 -8.51 -17.81 71.06
CA LEU K 321 -9.92 -17.50 70.83
C LEU K 321 -10.16 -15.98 70.72
N ARG K 322 -11.42 -15.63 70.43
CA ARG K 322 -11.85 -14.25 70.26
C ARG K 322 -11.46 -13.42 71.49
N ASN K 323 -11.16 -12.14 71.28
CA ASN K 323 -10.76 -11.25 72.38
C ASN K 323 -11.90 -10.37 72.84
N ILE K 324 -12.38 -10.61 74.05
CA ILE K 324 -13.44 -9.79 74.67
C ILE K 324 -13.07 -9.54 76.13
N PRO K 325 -12.31 -8.50 76.44
CA PRO K 325 -11.98 -8.23 77.86
C PRO K 325 -13.14 -7.58 78.60
N SER K 326 -12.90 -7.11 79.83
CA SER K 326 -13.91 -6.46 80.66
C SER K 326 -15.08 -7.39 80.97
N GLY L 1 -20.31 -18.03 68.11
CA GLY L 1 -20.81 -18.21 66.75
C GLY L 1 -21.66 -19.45 66.45
N LEU L 2 -21.01 -20.63 66.28
CA LEU L 2 -21.73 -21.86 65.95
C LEU L 2 -22.36 -22.51 67.18
N PHE L 3 -21.68 -22.45 68.33
CA PHE L 3 -22.20 -22.93 69.60
C PHE L 3 -22.64 -21.69 70.38
N GLY L 4 -23.60 -21.86 71.29
CA GLY L 4 -24.04 -20.64 71.93
C GLY L 4 -23.19 -19.98 73.00
N ALA L 5 -22.04 -20.55 73.37
CA ALA L 5 -21.28 -19.99 74.48
C ALA L 5 -20.50 -18.70 74.17
N ILE L 6 -19.46 -18.77 73.33
CA ILE L 6 -18.63 -17.59 73.10
C ILE L 6 -19.42 -16.58 72.27
N ALA L 7 -19.41 -15.32 72.75
CA ALA L 7 -20.13 -14.19 72.16
C ALA L 7 -21.64 -14.40 72.15
N GLY L 8 -22.10 -15.48 72.79
CA GLY L 8 -23.51 -15.83 72.88
C GLY L 8 -24.04 -15.53 74.26
N PHE L 9 -24.21 -16.54 75.12
CA PHE L 9 -24.70 -16.25 76.46
C PHE L 9 -23.58 -15.90 77.43
N ILE L 10 -22.32 -15.94 76.99
CA ILE L 10 -21.18 -15.50 77.79
C ILE L 10 -20.44 -14.54 76.86
N GLU L 11 -20.84 -13.28 76.87
CA GLU L 11 -20.30 -12.26 75.98
C GLU L 11 -18.94 -11.70 76.39
N GLY L 12 -18.19 -12.28 77.32
CA GLY L 12 -16.91 -11.65 77.61
C GLY L 12 -15.87 -12.50 78.29
N GLY L 13 -14.62 -12.01 78.20
CA GLY L 13 -13.47 -12.66 78.80
C GLY L 13 -12.91 -11.81 79.93
N TRP L 14 -12.03 -12.41 80.72
CA TRP L 14 -11.46 -11.77 81.90
C TRP L 14 -9.97 -11.50 81.73
N THR L 15 -9.60 -10.21 81.55
CA THR L 15 -8.19 -9.85 81.45
C THR L 15 -7.40 -10.35 82.65
N GLY L 16 -8.04 -10.34 83.82
CA GLY L 16 -7.38 -10.83 85.01
C GLY L 16 -6.94 -12.28 84.90
N MET L 17 -7.74 -13.09 84.19
CA MET L 17 -7.46 -14.51 84.05
C MET L 17 -6.27 -14.80 83.15
N VAL L 18 -5.28 -15.51 83.71
CA VAL L 18 -4.09 -16.01 83.05
C VAL L 18 -4.05 -17.50 83.41
N ASP L 19 -3.02 -18.21 82.96
CA ASP L 19 -2.82 -19.62 83.28
C ASP L 19 -3.86 -20.56 82.64
N GLY L 20 -4.48 -20.18 81.52
CA GLY L 20 -5.43 -21.05 80.86
C GLY L 20 -6.36 -20.31 79.93
N TRP L 21 -7.09 -21.08 79.11
CA TRP L 21 -8.04 -20.48 78.17
C TRP L 21 -9.42 -20.35 78.81
N TYR L 22 -9.76 -21.28 79.68
CA TYR L 22 -11.03 -21.31 80.39
C TYR L 22 -10.76 -21.35 81.88
N GLY L 23 -11.80 -21.13 82.67
CA GLY L 23 -11.60 -21.16 84.10
C GLY L 23 -12.81 -20.65 84.85
N TYR L 24 -12.55 -20.19 86.07
CA TYR L 24 -13.58 -19.70 86.97
C TYR L 24 -13.12 -18.41 87.64
N HIS L 25 -14.11 -17.69 88.19
CA HIS L 25 -13.91 -16.44 88.95
C HIS L 25 -14.74 -16.57 90.23
N HIS L 26 -14.15 -17.22 91.25
CA HIS L 26 -14.86 -17.40 92.50
C HIS L 26 -14.80 -16.12 93.33
N GLN L 27 -15.93 -15.76 93.92
CA GLN L 27 -16.06 -14.57 94.77
C GLN L 27 -16.50 -15.08 96.12
N ASN L 28 -15.52 -15.49 96.93
CA ASN L 28 -15.76 -16.03 98.26
C ASN L 28 -15.26 -15.02 99.29
N GLU L 29 -15.72 -15.18 100.53
CA GLU L 29 -15.29 -14.25 101.58
C GLU L 29 -13.87 -14.52 102.05
N GLN L 30 -13.27 -15.65 101.65
CA GLN L 30 -11.90 -15.98 101.99
C GLN L 30 -10.95 -15.64 100.86
N GLY L 31 -11.27 -14.60 100.10
CA GLY L 31 -10.42 -14.23 98.99
C GLY L 31 -11.04 -14.59 97.65
N SER L 32 -10.78 -13.76 96.66
CA SER L 32 -11.28 -14.02 95.32
C SER L 32 -10.08 -14.15 94.40
N GLY L 33 -10.34 -14.50 93.15
CA GLY L 33 -9.29 -14.69 92.18
C GLY L 33 -9.79 -15.48 91.00
N TYR L 34 -8.96 -15.54 89.97
CA TYR L 34 -9.29 -16.20 88.70
C TYR L 34 -8.62 -17.56 88.55
N ALA L 35 -9.31 -18.61 89.02
CA ALA L 35 -8.83 -19.99 88.90
C ALA L 35 -9.11 -20.50 87.50
N ALA L 36 -8.06 -20.61 86.68
CA ALA L 36 -8.18 -21.07 85.30
C ALA L 36 -8.28 -22.59 85.26
N ASP L 37 -9.20 -23.10 84.43
CA ASP L 37 -9.41 -24.54 84.30
C ASP L 37 -8.12 -25.25 83.88
N GLN L 38 -8.04 -26.55 84.16
CA GLN L 38 -6.86 -27.37 83.87
C GLN L 38 -7.11 -28.47 82.84
N LYS L 39 -8.12 -29.32 83.03
CA LYS L 39 -8.39 -30.42 82.11
C LYS L 39 -8.73 -29.94 80.70
N SER L 40 -9.77 -29.11 80.57
CA SER L 40 -10.21 -28.65 79.25
C SER L 40 -9.22 -27.69 78.57
N THR L 41 -8.48 -26.87 79.32
CA THR L 41 -7.54 -25.96 78.68
C THR L 41 -6.40 -26.70 78.02
N GLN L 42 -5.71 -27.57 78.76
CA GLN L 42 -4.61 -28.33 78.17
C GLN L 42 -5.11 -29.26 77.07
N ASN L 43 -6.36 -29.74 77.16
CA ASN L 43 -6.91 -30.58 76.11
C ASN L 43 -7.09 -29.77 74.83
N ALA L 44 -7.54 -28.51 74.97
CA ALA L 44 -7.69 -27.63 73.82
C ALA L 44 -6.31 -27.24 73.28
N ILE L 45 -5.34 -27.05 74.18
CA ILE L 45 -3.97 -26.74 73.79
C ILE L 45 -3.37 -27.88 72.98
N ASN L 46 -3.59 -29.12 73.44
CA ASN L 46 -3.11 -30.30 72.72
C ASN L 46 -3.71 -30.37 71.32
N GLY L 47 -5.04 -30.19 71.23
CA GLY L 47 -5.72 -30.27 69.94
C GLY L 47 -5.29 -29.19 68.95
N ILE L 48 -5.11 -27.96 69.43
CA ILE L 48 -4.70 -26.86 68.55
C ILE L 48 -3.24 -27.01 68.13
N THR L 49 -2.38 -27.54 69.01
CA THR L 49 -0.99 -27.73 68.61
C THR L 49 -0.89 -28.78 67.50
N ASN L 50 -1.70 -29.85 67.57
CA ASN L 50 -1.69 -30.84 66.51
C ASN L 50 -2.24 -30.24 65.22
N LYS L 51 -3.29 -29.41 65.31
CA LYS L 51 -3.84 -28.76 64.12
C LYS L 51 -2.75 -28.01 63.36
N VAL L 52 -2.06 -27.10 64.06
CA VAL L 52 -0.98 -26.30 63.47
C VAL L 52 0.14 -27.19 62.93
N ASN L 53 0.71 -28.04 63.79
CA ASN L 53 1.82 -28.89 63.38
C ASN L 53 1.43 -29.87 62.28
N SER L 54 0.20 -30.40 62.32
CA SER L 54 -0.21 -31.34 61.27
C SER L 54 -0.46 -30.61 59.95
N VAL L 55 -0.59 -29.29 60.00
CA VAL L 55 -0.80 -28.50 58.79
C VAL L 55 0.52 -28.10 58.16
N ILE L 56 1.47 -27.62 58.97
CA ILE L 56 2.76 -27.25 58.39
C ILE L 56 3.56 -28.48 57.98
N GLU L 57 3.28 -29.65 58.56
CA GLU L 57 3.96 -30.88 58.16
C GLU L 57 3.64 -31.22 56.71
N LYS L 58 2.39 -30.95 56.30
CA LYS L 58 1.82 -31.18 54.97
C LYS L 58 2.32 -30.19 53.92
N MET L 59 3.42 -29.49 54.18
CA MET L 59 3.95 -28.51 53.24
C MET L 59 5.39 -28.92 52.93
N ASN L 60 5.51 -29.48 51.73
CA ASN L 60 6.70 -30.05 51.13
C ASN L 60 8.03 -29.33 51.31
N THR L 61 8.04 -28.00 51.49
CA THR L 61 9.29 -27.26 51.59
C THR L 61 10.07 -27.51 50.29
N GLN L 62 9.50 -26.93 49.23
CA GLN L 62 10.01 -27.07 47.86
C GLN L 62 11.49 -26.76 47.77
N PHE L 63 12.18 -27.64 47.07
CA PHE L 63 13.59 -27.59 46.80
C PHE L 63 13.82 -26.69 45.59
N THR L 64 15.07 -26.28 45.42
CA THR L 64 15.48 -25.35 44.38
C THR L 64 14.68 -25.35 43.08
N ALA L 65 14.13 -24.16 42.79
CA ALA L 65 13.38 -23.81 41.59
C ALA L 65 13.88 -22.42 41.14
N VAL L 66 14.64 -22.35 40.05
CA VAL L 66 15.16 -21.07 39.57
C VAL L 66 14.73 -20.87 38.11
N GLY L 67 14.91 -19.64 37.62
CA GLY L 67 14.56 -19.28 36.25
C GLY L 67 15.21 -20.24 35.27
N LYS L 68 14.73 -20.28 34.01
CA LYS L 68 15.30 -21.26 33.09
C LYS L 68 15.87 -20.75 31.76
N GLU L 69 15.79 -19.47 31.45
CA GLU L 69 16.49 -18.99 30.26
C GLU L 69 16.26 -19.68 28.89
N PHE L 70 15.20 -19.30 28.16
CA PHE L 70 14.93 -19.81 26.80
C PHE L 70 15.54 -18.88 25.74
N ASN L 71 15.62 -19.39 24.53
CA ASN L 71 16.27 -18.79 23.37
C ASN L 71 15.34 -17.90 22.52
N LYS L 72 15.96 -17.18 21.56
CA LYS L 72 15.24 -16.27 20.66
C LYS L 72 14.21 -17.02 19.84
N LEU L 73 14.40 -18.33 19.69
CA LEU L 73 13.51 -19.22 18.96
C LEU L 73 12.79 -20.18 19.89
N GLU L 74 12.73 -19.86 21.18
CA GLU L 74 12.06 -20.71 22.14
C GLU L 74 11.00 -19.93 22.93
N ARG L 75 10.25 -19.05 22.25
CA ARG L 75 9.21 -18.31 22.95
C ARG L 75 8.17 -19.26 23.49
N ARG L 76 7.80 -20.24 22.69
CA ARG L 76 6.82 -21.23 23.09
C ARG L 76 7.20 -21.88 24.41
N MET L 77 8.43 -22.41 24.47
CA MET L 77 8.86 -23.04 25.72
C MET L 77 9.01 -22.01 26.84
N GLU L 78 9.35 -20.76 26.51
CA GLU L 78 9.44 -19.77 27.59
C GLU L 78 8.06 -19.57 28.21
N ASN L 79 7.01 -19.53 27.37
CA ASN L 79 5.64 -19.36 27.86
C ASN L 79 5.11 -20.62 28.52
N LEU L 80 5.37 -21.80 27.92
CA LEU L 80 4.90 -23.03 28.54
C LEU L 80 5.49 -23.18 29.93
N ASN L 81 6.76 -22.83 30.08
CA ASN L 81 7.39 -22.92 31.38
C ASN L 81 6.73 -21.94 32.35
N LYS L 82 6.56 -20.69 31.94
CA LYS L 82 5.93 -19.72 32.84
C LYS L 82 4.49 -20.14 33.15
N LYS L 83 3.76 -20.68 32.17
CA LYS L 83 2.39 -21.11 32.47
C LYS L 83 2.43 -22.13 33.59
N VAL L 84 3.46 -22.99 33.59
CA VAL L 84 3.61 -24.01 34.63
C VAL L 84 3.91 -23.37 35.97
N ASP L 85 4.95 -22.53 36.03
CA ASP L 85 5.30 -21.89 37.30
C ASP L 85 4.10 -21.27 37.96
N ASP L 86 3.40 -20.42 37.20
CA ASP L 86 2.25 -19.70 37.73
C ASP L 86 1.12 -20.64 38.06
N GLY L 87 0.79 -21.52 37.14
CA GLY L 87 -0.28 -22.46 37.40
C GLY L 87 -0.13 -23.16 38.74
N PHE L 88 1.12 -23.49 39.13
CA PHE L 88 1.31 -24.17 40.41
C PHE L 88 1.27 -23.16 41.55
N ILE L 89 1.90 -22.00 41.37
CA ILE L 89 1.85 -20.98 42.40
C ILE L 89 0.40 -20.63 42.70
N ASP L 90 -0.42 -20.54 41.64
CA ASP L 90 -1.85 -20.32 41.84
C ASP L 90 -2.44 -21.41 42.72
N VAL L 91 -2.06 -22.66 42.45
CA VAL L 91 -2.60 -23.80 43.19
C VAL L 91 -2.18 -23.79 44.66
N TRP L 92 -0.91 -23.52 44.95
CA TRP L 92 -0.53 -23.56 46.37
C TRP L 92 -1.10 -22.36 47.11
N THR L 93 -1.17 -21.22 46.44
CA THR L 93 -1.74 -20.06 47.10
C THR L 93 -3.15 -20.37 47.58
N TYR L 94 -4.03 -20.78 46.65
CA TYR L 94 -5.41 -21.14 47.01
C TYR L 94 -5.41 -22.20 48.13
N ASN L 95 -4.58 -23.24 48.00
CA ASN L 95 -4.50 -24.27 49.03
C ASN L 95 -4.23 -23.66 50.39
N ALA L 96 -3.26 -22.73 50.44
CA ALA L 96 -2.85 -22.08 51.68
C ALA L 96 -3.94 -21.17 52.26
N GLU L 97 -4.47 -20.26 51.46
CA GLU L 97 -5.49 -19.34 51.95
C GLU L 97 -6.80 -20.04 52.28
N LEU L 98 -7.30 -20.92 51.40
CA LEU L 98 -8.57 -21.58 51.69
C LEU L 98 -8.47 -22.46 52.91
N LEU L 99 -7.28 -22.96 53.21
CA LEU L 99 -7.13 -23.80 54.40
C LEU L 99 -7.25 -22.96 55.66
N VAL L 100 -6.55 -21.82 55.74
CA VAL L 100 -6.63 -20.99 56.95
C VAL L 100 -8.03 -20.40 57.12
N LEU L 101 -8.61 -19.88 56.04
CA LEU L 101 -9.93 -19.27 56.11
C LEU L 101 -10.96 -20.23 56.70
N LEU L 102 -11.04 -21.45 56.15
CA LEU L 102 -12.00 -22.45 56.60
C LEU L 102 -11.65 -23.00 57.98
N GLU L 103 -10.39 -23.38 58.18
CA GLU L 103 -10.03 -23.95 59.47
C GLU L 103 -9.95 -22.91 60.59
N ASN L 104 -10.00 -21.61 60.27
CA ASN L 104 -10.04 -20.60 61.33
C ASN L 104 -11.41 -20.63 62.00
N GLU L 105 -12.45 -20.68 61.18
CA GLU L 105 -13.82 -20.78 61.70
C GLU L 105 -13.98 -22.08 62.49
N ARG L 106 -13.40 -23.18 61.99
CA ARG L 106 -13.51 -24.45 62.70
C ARG L 106 -12.84 -24.35 64.07
N THR L 107 -11.70 -23.65 64.15
CA THR L 107 -11.03 -23.50 65.45
C THR L 107 -11.89 -22.66 66.40
N LEU L 108 -12.49 -21.59 65.90
CA LEU L 108 -13.36 -20.78 66.74
C LEU L 108 -14.54 -21.61 67.19
N ASP L 109 -15.19 -22.30 66.25
CA ASP L 109 -16.31 -23.18 66.61
C ASP L 109 -15.83 -24.28 67.54
N PHE L 110 -14.54 -24.65 67.46
CA PHE L 110 -13.97 -25.64 68.35
C PHE L 110 -13.91 -25.08 69.77
N HIS L 111 -13.42 -23.85 69.92
CA HIS L 111 -13.40 -23.23 71.24
C HIS L 111 -14.81 -22.99 71.74
N ASP L 112 -15.72 -22.61 70.84
CA ASP L 112 -17.12 -22.41 71.19
C ASP L 112 -17.68 -23.68 71.82
N SER L 113 -17.38 -24.83 71.21
CA SER L 113 -17.83 -26.11 71.75
C SER L 113 -17.24 -26.35 73.13
N ASN L 114 -15.96 -26.02 73.32
CA ASN L 114 -15.31 -26.27 74.60
C ASN L 114 -15.97 -25.50 75.75
N VAL L 115 -16.28 -24.22 75.55
CA VAL L 115 -16.92 -23.46 76.62
C VAL L 115 -18.32 -24.01 76.89
N LYS L 116 -19.10 -24.26 75.83
CA LYS L 116 -20.43 -24.84 75.99
C LYS L 116 -20.37 -26.24 76.60
N ASN L 117 -19.26 -26.98 76.37
CA ASN L 117 -19.12 -28.31 76.96
C ASN L 117 -18.79 -28.23 78.45
N LEU L 118 -18.30 -27.09 78.93
CA LEU L 118 -18.02 -26.90 80.35
C LEU L 118 -19.27 -26.33 81.03
N TYR L 119 -20.12 -25.64 80.26
CA TYR L 119 -21.39 -25.15 80.79
C TYR L 119 -22.25 -26.36 81.15
N GLU L 120 -22.09 -27.44 80.39
CA GLU L 120 -22.65 -28.75 80.65
C GLU L 120 -21.71 -29.43 81.63
N LYS L 121 -21.95 -30.69 81.98
CA LYS L 121 -21.11 -31.43 82.93
C LYS L 121 -21.25 -30.85 84.34
N VAL L 122 -21.98 -29.74 84.51
CA VAL L 122 -22.29 -29.14 85.80
C VAL L 122 -23.81 -29.28 85.84
N LYS L 123 -24.43 -29.29 84.65
CA LYS L 123 -25.86 -29.55 84.54
C LYS L 123 -26.16 -31.00 84.91
N SER L 124 -25.22 -31.90 84.61
CA SER L 124 -25.29 -33.31 85.00
C SER L 124 -24.81 -33.51 86.43
N GLN L 125 -24.07 -32.54 86.98
CA GLN L 125 -23.52 -32.55 88.33
C GLN L 125 -24.33 -31.73 89.35
N LEU L 126 -24.50 -30.43 89.09
CA LEU L 126 -25.25 -29.52 89.97
C LEU L 126 -26.71 -29.47 89.52
N LYS L 127 -27.35 -30.64 89.54
CA LYS L 127 -28.72 -30.79 89.06
C LYS L 127 -29.70 -29.82 89.72
N ASN L 128 -29.76 -29.82 91.05
CA ASN L 128 -30.68 -28.97 91.80
C ASN L 128 -30.03 -28.09 92.85
N ASN L 129 -28.71 -28.02 92.90
CA ASN L 129 -27.97 -27.36 93.96
C ASN L 129 -27.54 -25.91 93.70
N ALA L 130 -27.96 -25.27 92.61
CA ALA L 130 -27.55 -23.88 92.42
C ALA L 130 -28.48 -23.19 91.44
N LYS L 131 -28.51 -21.85 91.51
CA LYS L 131 -29.35 -21.02 90.64
C LYS L 131 -28.61 -20.72 89.35
N GLU L 132 -29.23 -21.03 88.21
CA GLU L 132 -28.64 -20.78 86.90
C GLU L 132 -29.09 -19.44 86.33
N ILE L 133 -28.15 -18.50 86.22
CA ILE L 133 -28.41 -17.22 85.56
C ILE L 133 -27.90 -17.41 84.14
N GLY L 134 -28.63 -16.89 83.15
CA GLY L 134 -28.20 -17.12 81.78
C GLY L 134 -26.97 -16.36 81.33
N ASN L 135 -26.06 -16.08 82.28
CA ASN L 135 -24.81 -15.38 82.04
C ASN L 135 -23.60 -16.30 82.22
N GLY L 136 -23.81 -17.61 82.28
CA GLY L 136 -22.72 -18.54 82.48
C GLY L 136 -22.26 -18.68 83.92
N CYS L 137 -22.98 -18.08 84.87
CA CYS L 137 -22.62 -18.09 86.29
C CYS L 137 -23.64 -18.93 87.06
N PHE L 138 -23.22 -19.47 88.19
CA PHE L 138 -24.10 -20.27 89.04
C PHE L 138 -23.91 -19.87 90.50
N GLU L 139 -24.94 -19.28 91.11
CA GLU L 139 -24.92 -18.89 92.52
C GLU L 139 -25.47 -20.04 93.36
N PHE L 140 -24.65 -20.55 94.27
CA PHE L 140 -25.09 -21.61 95.16
C PHE L 140 -25.97 -21.10 96.28
N TYR L 141 -27.02 -21.87 96.58
CA TYR L 141 -27.80 -21.55 97.75
C TYR L 141 -27.02 -22.09 98.94
N HIS L 142 -26.19 -23.09 98.65
CA HIS L 142 -25.25 -23.69 99.56
C HIS L 142 -24.25 -22.62 99.98
N LYS L 143 -23.49 -22.94 101.01
CA LYS L 143 -22.45 -22.06 101.51
C LYS L 143 -21.12 -22.71 101.15
N CYS L 144 -21.10 -23.30 99.94
CA CYS L 144 -19.98 -24.07 99.43
C CYS L 144 -18.65 -23.39 99.73
N ASN L 145 -17.89 -24.04 100.62
CA ASN L 145 -16.59 -23.61 101.10
C ASN L 145 -15.50 -23.97 100.09
N ASP L 146 -14.26 -23.73 100.48
CA ASP L 146 -13.11 -24.00 99.61
C ASP L 146 -12.76 -25.50 99.56
N GLU L 147 -13.65 -26.36 100.05
CA GLU L 147 -13.53 -27.82 100.01
C GLU L 147 -14.38 -28.37 98.87
N CYS L 148 -15.66 -27.95 98.82
CA CYS L 148 -16.57 -28.36 97.76
C CYS L 148 -16.41 -27.51 96.50
N MET L 149 -15.88 -26.29 96.61
CA MET L 149 -15.67 -25.50 95.40
C MET L 149 -14.55 -26.12 94.60
N GLU L 150 -13.50 -26.58 95.29
CA GLU L 150 -12.43 -27.27 94.61
C GLU L 150 -12.89 -28.65 94.18
N SER L 151 -14.15 -28.97 94.49
CA SER L 151 -14.81 -30.20 94.08
C SER L 151 -15.70 -29.96 92.86
N VAL L 152 -15.45 -28.86 92.14
CA VAL L 152 -16.14 -28.58 90.90
C VAL L 152 -15.28 -29.21 89.80
N LYS L 153 -14.02 -29.52 90.12
CA LYS L 153 -13.13 -30.22 89.20
C LYS L 153 -13.61 -31.66 89.04
N ASN L 154 -14.07 -32.30 90.12
CA ASN L 154 -14.59 -33.66 90.06
C ASN L 154 -16.05 -33.71 90.50
N GLY L 155 -16.32 -33.67 91.81
CA GLY L 155 -17.68 -33.64 92.30
C GLY L 155 -18.33 -34.88 92.88
N THR L 156 -18.35 -34.99 94.21
CA THR L 156 -19.03 -36.05 94.97
C THR L 156 -19.68 -35.23 96.09
N TYR L 157 -20.86 -34.70 95.81
CA TYR L 157 -21.54 -33.74 96.66
C TYR L 157 -22.36 -34.29 97.83
N ASP L 158 -22.44 -33.43 98.86
CA ASP L 158 -23.26 -33.58 100.06
C ASP L 158 -24.66 -33.33 99.53
N TYR L 159 -25.16 -34.38 98.88
CA TYR L 159 -26.39 -34.37 98.09
C TYR L 159 -27.66 -33.80 98.74
N PRO L 160 -28.00 -34.08 100.01
CA PRO L 160 -29.26 -33.51 100.54
C PRO L 160 -29.40 -32.01 100.30
N LYS L 161 -30.53 -31.63 99.70
CA LYS L 161 -30.81 -30.23 99.40
C LYS L 161 -31.16 -29.40 100.64
N TYR L 162 -30.59 -28.20 100.71
CA TYR L 162 -30.89 -27.23 101.77
C TYR L 162 -31.92 -26.27 101.22
N SER L 163 -32.92 -25.93 102.05
CA SER L 163 -34.03 -25.10 101.62
C SER L 163 -33.72 -23.61 101.46
N GLU L 164 -33.99 -23.13 100.23
CA GLU L 164 -33.96 -21.72 99.81
C GLU L 164 -35.05 -21.56 98.75
N GLU L 165 -36.02 -22.48 98.72
CA GLU L 165 -37.09 -22.55 97.74
C GLU L 165 -38.43 -22.00 98.21
C1 NAG M . -9.16 -6.56 -19.23
C2 NAG M . -8.01 -7.42 -18.72
C3 NAG M . -7.99 -8.72 -19.45
C4 NAG M . -9.23 -9.51 -19.08
C5 NAG M . -10.53 -8.70 -19.24
C6 NAG M . -11.49 -9.06 -18.14
C7 NAG M . -6.15 -6.17 -17.74
C8 NAG M . -6.93 -6.23 -16.46
N2 NAG M . -6.72 -6.75 -18.80
O3 NAG M . -6.84 -9.47 -19.07
O4 NAG M . -9.21 -10.64 -19.95
O5 NAG M . -10.40 -7.28 -19.06
O6 NAG M . -11.12 -8.36 -16.96
O7 NAG M . -5.07 -5.60 -17.81
C1 NAG M . -10.24 -11.64 -20.12
C2 NAG M . -9.53 -12.52 -21.15
C3 NAG M . -9.25 -13.90 -20.59
C4 NAG M . -8.66 -13.77 -19.19
C5 NAG M . -9.75 -13.27 -18.24
C6 NAG M . -9.25 -12.42 -17.09
C7 NAG M . -9.78 -12.11 -23.55
C8 NAG M . -10.63 -12.29 -24.76
N2 NAG M . -10.26 -12.61 -22.40
O3 NAG M . -8.35 -14.61 -21.43
O4 NAG M . -7.87 -14.89 -18.82
O5 NAG M . -10.73 -12.48 -18.97
O6 NAG M . -10.21 -12.32 -16.04
O7 NAG M . -8.69 -11.52 -23.59
C1 BMA M . -8.46 -15.98 -18.06
C2 BMA M . -9.16 -16.97 -18.96
C3 BMA M . -10.17 -17.73 -18.09
C4 BMA M . -9.74 -17.68 -16.52
C5 BMA M . -8.19 -17.73 -16.34
C6 BMA M . -7.67 -19.18 -16.46
O2 BMA M . -8.19 -17.92 -19.48
O3 BMA M . -10.42 -19.13 -18.58
O4 BMA M . -10.28 -16.55 -15.76
O5 BMA M . -7.52 -16.81 -17.30
O6 BMA M . -6.33 -19.20 -16.88
C1 MAN M . -11.57 -19.52 -19.46
C2 MAN M . -11.84 -18.60 -20.80
C3 MAN M . -12.99 -17.50 -20.64
C4 MAN M . -14.13 -17.91 -19.67
C5 MAN M . -13.51 -18.45 -18.36
C6 MAN M . -14.47 -18.77 -17.20
O2 MAN M . -12.09 -19.40 -22.02
O3 MAN M . -13.52 -17.03 -21.89
O4 MAN M . -14.96 -16.78 -19.38
O5 MAN M . -12.80 -19.66 -18.67
O6 MAN M . -13.72 -18.79 -15.95
C1 NAG M . -10.89 -19.13 -22.81
C2 NAG M . -10.35 -20.37 -23.57
C3 NAG M . -9.43 -19.93 -24.71
C4 NAG M . -8.85 -18.53 -24.46
C5 NAG M . -9.95 -17.48 -24.31
C6 NAG M . -10.32 -16.84 -25.63
C7 NAG M . -8.93 -22.34 -23.00
C8 NAG M . -8.31 -23.10 -21.86
N2 NAG M . -9.66 -21.26 -22.64
O3 NAG M . -10.10 -19.97 -25.97
O4 NAG M . -8.02 -18.54 -23.31
O5 NAG M . -11.16 -18.06 -23.78
O6 NAG M . -9.61 -17.45 -26.71
O7 NAG M . -8.78 -22.69 -24.18
C1 MAN M . -5.41 -19.28 -15.74
C2 MAN M . -5.88 -20.19 -14.53
C3 MAN M . -4.71 -20.24 -13.53
C4 MAN M . -4.44 -18.84 -12.94
C5 MAN M . -4.15 -17.83 -14.07
C6 MAN M . -2.72 -17.87 -14.63
O2 MAN M . -6.23 -21.56 -14.87
O3 MAN M . -3.50 -20.76 -14.13
O4 MAN M . -5.54 -18.41 -12.13
O5 MAN M . -5.11 -17.94 -15.23
O6 MAN M . -2.51 -19.07 -15.47
C1 NAG N . -14.18 -3.02 -14.84
C2 NAG N . -15.56 -2.66 -14.31
C3 NAG N . -16.57 -3.76 -14.64
C4 NAG N . -16.56 -4.10 -16.12
C5 NAG N . -15.13 -4.49 -16.51
C6 NAG N . -14.93 -4.84 -17.97
C7 NAG N . -15.29 -1.26 -12.30
C8 NAG N . -15.15 -0.09 -13.22
N2 NAG N . -15.49 -2.45 -12.88
O3 NAG N . -17.87 -3.38 -14.22
O4 NAG N . -17.48 -5.17 -16.31
O5 NAG N . -14.27 -3.38 -16.22
O6 NAG N . -13.82 -5.69 -18.19
O7 NAG N . -15.26 -1.13 -11.08
C1 NAG N . -18.33 -5.23 -17.49
C2 NAG N . -18.87 -6.62 -17.25
C3 NAG N . -20.07 -6.87 -18.11
C4 NAG N . -21.23 -6.00 -17.63
C5 NAG N . -20.76 -4.59 -17.23
C6 NAG N . -20.82 -4.30 -15.74
C7 NAG N . -17.02 -7.67 -18.49
C8 NAG N . -16.01 -8.77 -18.49
N2 NAG N . -17.86 -7.64 -17.44
O3 NAG N . -20.43 -8.24 -17.97
O4 NAG N . -22.21 -5.88 -18.65
O5 NAG N . -19.43 -4.28 -17.70
O6 NAG N . -20.15 -5.27 -14.94
O7 NAG N . -17.08 -6.84 -19.42
C1 BMA N . -23.24 -6.91 -18.65
C2 BMA N . -24.41 -6.51 -17.71
C3 BMA N . -25.72 -7.05 -18.32
C4 BMA N . -25.52 -8.49 -18.90
C5 BMA N . -24.64 -8.40 -20.16
C6 BMA N . -25.43 -8.24 -21.50
O2 BMA N . -24.55 -5.07 -17.60
O3 BMA N . -26.21 -6.14 -19.35
O4 BMA N . -24.90 -9.42 -17.96
O5 BMA N . -23.75 -7.21 -20.00
O6 BMA N . -26.54 -9.13 -21.52
C1 MAN N . -27.65 -5.98 -19.38
C2 MAN N . -28.13 -4.98 -18.23
C3 MAN N . -28.79 -5.88 -17.16
C4 MAN N . -30.11 -6.35 -17.79
C5 MAN N . -29.78 -7.38 -18.92
C6 MAN N . -30.71 -7.33 -20.16
O2 MAN N . -29.28 -4.14 -18.69
O3 MAN N . -28.99 -5.29 -15.87
O4 MAN N . -30.98 -6.90 -16.81
O5 MAN N . -28.34 -7.28 -19.35
O6 MAN N . -31.22 -8.64 -20.38
C1 NAG N . -29.16 -2.81 -19.32
C2 NAG N . -29.25 -1.80 -18.17
C3 NAG N . -29.34 -0.36 -18.72
C4 NAG N . -28.32 -0.09 -19.82
C5 NAG N . -28.10 -1.25 -20.81
C6 NAG N . -26.89 -1.07 -21.72
C7 NAG N . -30.69 -1.47 -16.17
C8 NAG N . -31.92 -1.97 -15.44
N2 NAG N . -30.39 -2.10 -17.31
O3 NAG N . -29.20 0.59 -17.67
O4 NAG N . -28.69 1.08 -20.54
O5 NAG N . -27.98 -2.52 -20.14
O6 NAG N . -27.26 -0.69 -23.04
O7 NAG N . -30.02 -0.52 -15.74
C1 NAG O . -13.65 -17.37 1.07
C2 NAG O . -14.34 -16.01 1.07
C3 NAG O . -15.80 -16.15 0.68
C4 NAG O . -15.99 -17.00 -0.58
C5 NAG O . -15.12 -18.26 -0.60
C6 NAG O . -15.05 -18.94 -1.95
C7 NAG O . -13.41 -14.40 2.69
C8 NAG O . -12.36 -14.06 1.67
N2 NAG O . -14.28 -15.35 2.36
O3 NAG O . -16.38 -14.86 0.59
O4 NAG O . -17.37 -17.36 -0.63
O5 NAG O . -13.77 -17.95 -0.23
O6 NAG O . -14.28 -18.21 -2.89
O7 NAG O . -13.46 -13.86 3.78
C1 NAG O . -17.89 -16.71 -1.83
C2 NAG O . -19.24 -17.33 -2.11
C3 NAG O . -19.98 -16.58 -3.26
C4 NAG O . -19.32 -15.27 -3.71
C5 NAG O . -18.14 -14.73 -2.92
C6 NAG O . -18.19 -13.22 -2.70
C7 NAG O . -18.39 -19.23 -3.45
C8 NAG O . -18.29 -20.72 -3.54
N2 NAG O . -19.09 -18.75 -2.42
O3 NAG O . -21.34 -16.33 -2.87
O4 NAG O . -18.83 -15.41 -5.05
O5 NAG O . -18.05 -15.34 -1.63
O6 NAG O . -19.12 -12.84 -1.70
O7 NAG O . -17.89 -18.50 -4.30
C1 BMA O . -20.02 -15.02 -5.78
C2 BMA O . -19.91 -13.50 -6.21
C3 BMA O . -21.28 -13.05 -6.69
C4 BMA O . -21.95 -14.16 -7.68
C5 BMA O . -21.61 -15.67 -7.21
C6 BMA O . -22.06 -16.84 -8.07
O2 BMA O . -19.01 -13.31 -7.31
O3 BMA O . -21.13 -11.67 -7.18
O4 BMA O . -23.35 -14.05 -7.70
O5 BMA O . -20.23 -15.81 -6.95
O6 BMA O . -22.90 -17.65 -7.22
C1 MAN O . -22.25 -10.91 -7.69
C2 MAN O . -21.50 -9.84 -8.58
C3 MAN O . -21.22 -8.51 -7.83
C4 MAN O . -22.46 -7.90 -7.15
C5 MAN O . -23.65 -8.96 -6.91
C6 MAN O . -24.79 -8.94 -7.97
O2 MAN O . -22.19 -9.51 -9.80
O3 MAN O . -20.64 -7.54 -8.69
O4 MAN O . -22.03 -7.28 -5.93
O5 MAN O . -23.16 -10.36 -6.71
O6 MAN O . -25.22 -7.57 -8.24
C1 NAG P . -6.98 -19.57 -1.83
C2 NAG P . -6.19 -20.52 -2.74
C3 NAG P . -7.12 -21.19 -3.72
C4 NAG P . -8.33 -21.80 -3.05
C5 NAG P . -8.99 -20.78 -2.10
C6 NAG P . -10.09 -21.31 -1.20
C7 NAG P . -4.18 -19.12 -2.85
C8 NAG P . -3.20 -18.46 -3.77
N2 NAG P . -5.14 -19.82 -3.45
O3 NAG P . -6.37 -22.21 -4.39
O4 NAG P . -9.23 -22.13 -4.11
O5 NAG P . -7.99 -20.26 -1.21
O6 NAG P . -10.69 -22.53 -1.68
O7 NAG P . -4.10 -19.03 -1.63
C1 NAG P . -9.10 -23.53 -4.48
C2 NAG P . -10.41 -23.89 -5.17
C3 NAG P . -10.39 -25.35 -5.57
C4 NAG P . -9.17 -25.62 -6.43
C5 NAG P . -7.90 -25.18 -5.72
C6 NAG P . -6.67 -25.31 -6.59
C7 NAG P . -12.12 -22.35 -4.35
C8 NAG P . -13.28 -22.16 -3.41
N2 NAG P . -11.55 -23.57 -4.33
O3 NAG P . -11.56 -25.73 -6.28
O4 NAG P . -9.11 -27.04 -6.50
O5 NAG P . -7.99 -23.80 -5.38
O6 NAG P . -6.03 -24.05 -6.77
O7 NAG P . -11.71 -21.44 -5.08
C1 BMA P . -9.05 -27.58 -7.81
C2 BMA P . -8.33 -28.89 -7.50
C3 BMA P . -7.84 -29.53 -8.68
C4 BMA P . -8.98 -29.59 -9.79
C5 BMA P . -10.32 -28.71 -9.57
C6 BMA P . -11.61 -29.54 -9.38
O2 BMA P . -9.22 -29.86 -6.84
O3 BMA P . -7.33 -30.84 -8.30
O4 BMA P . -8.41 -29.24 -11.08
O5 BMA P . -10.28 -27.77 -8.45
O6 BMA P . -12.08 -30.09 -10.61
C1 MAN P . -5.95 -30.83 -7.82
C2 MAN P . -5.69 -32.37 -7.48
C3 MAN P . -5.24 -32.64 -5.92
C4 MAN P . -5.62 -31.51 -4.79
C5 MAN P . -6.11 -30.14 -5.32
C6 MAN P . -5.72 -28.90 -4.42
O2 MAN P . -4.88 -33.18 -8.57
O3 MAN P . -3.89 -33.00 -5.77
O4 MAN P . -6.53 -32.03 -3.76
O5 MAN P . -5.61 -29.90 -6.71
O6 MAN P . -6.86 -28.42 -3.69
C1 NAG P . -3.44 -32.94 -8.66
C2 NAG P . -2.85 -32.80 -10.07
C3 NAG P . -1.33 -32.79 -9.98
C4 NAG P . -0.82 -31.97 -8.79
C5 NAG P . -1.88 -31.06 -8.13
C6 NAG P . -2.18 -29.79 -8.90
C7 NAG P . -2.94 -33.84 -12.30
C8 NAG P . -3.49 -34.96 -13.13
N2 NAG P . -3.31 -33.81 -11.01
O3 NAG P . -0.77 -32.30 -11.20
O4 NAG P . -0.27 -32.86 -7.81
O5 NAG P . -3.12 -31.74 -7.86
O6 NAG P . -3.43 -29.81 -9.60
O7 NAG P . -2.18 -32.99 -12.79
C1 NAG Q . 18.64 -61.20 25.58
C2 NAG Q . 17.69 -62.36 25.28
C3 NAG Q . 17.97 -63.54 26.17
C4 NAG Q . 19.45 -63.92 26.13
C5 NAG Q . 20.35 -62.70 26.36
C6 NAG Q . 21.82 -62.95 26.10
C7 NAG Q . 15.42 -62.06 24.38
C8 NAG Q . 16.00 -62.50 23.07
N2 NAG Q . 16.29 -61.97 25.39
O3 NAG Q . 17.15 -64.63 25.79
O4 NAG Q . 19.65 -64.87 27.17
O5 NAG Q . 19.98 -61.64 25.46
O6 NAG Q . 22.63 -62.04 26.85
O7 NAG Q . 14.24 -61.79 24.51
C1 NAG Q . 20.19 -66.06 26.55
C2 NAG Q . 20.79 -66.93 27.65
C3 NAG Q . 21.53 -68.08 27.01
C4 NAG Q . 20.54 -68.89 26.18
C5 NAG Q . 19.70 -68.02 25.21
C6 NAG Q . 18.45 -68.74 24.73
C7 NAG Q . 22.72 -65.53 28.32
C8 NAG Q . 23.35 -64.79 29.47
N2 NAG Q . 21.59 -66.18 28.61
O3 NAG Q . 22.13 -68.92 28.00
O4 NAG Q . 21.30 -69.81 25.38
O5 NAG Q . 19.21 -66.83 25.84
O6 NAG Q . 17.34 -68.48 25.57
O7 NAG Q . 23.23 -65.56 27.21
C1 BMA Q . 20.92 -71.10 25.92
C2 BMA Q . 21.12 -72.22 24.79
C3 BMA Q . 21.46 -73.63 25.38
C4 BMA Q . 22.43 -73.66 26.60
C5 BMA Q . 22.86 -72.25 27.11
C6 BMA Q . 24.07 -71.61 26.32
O2 BMA Q . 22.10 -71.82 23.79
O3 BMA Q . 22.06 -74.41 24.34
O4 BMA Q . 21.79 -74.42 27.66
O5 BMA Q . 21.67 -71.41 27.20
O6 BMA Q . 24.63 -70.56 27.08
C1 MAN Q . 21.09 -75.32 23.77
C2 MAN Q . 20.86 -74.96 22.22
C3 MAN Q . 19.81 -75.92 21.59
C4 MAN Q . 19.21 -76.86 22.69
C5 MAN Q . 18.75 -76.03 23.91
C6 MAN Q . 18.16 -76.88 24.99
O2 MAN Q . 22.07 -75.04 21.39
O3 MAN Q . 20.29 -76.64 20.39
O4 MAN Q . 18.13 -77.61 22.19
O5 MAN Q . 19.86 -75.33 24.53
O6 MAN Q . 18.31 -78.24 24.59
C1 NAG R . 22.39 -57.60 20.23
C2 NAG R . 23.54 -57.03 19.47
C3 NAG R . 24.80 -57.77 19.81
C4 NAG R . 25.01 -57.88 21.30
C5 NAG R . 23.74 -58.35 22.00
C6 NAG R . 23.82 -58.27 23.50
C7 NAG R . 23.50 -56.14 17.21
C8 NAG R . 23.93 -54.86 17.84
N2 NAG R . 23.29 -57.16 18.04
O3 NAG R . 25.90 -57.07 19.22
O4 NAG R . 25.93 -58.94 21.44
O5 NAG R . 22.65 -57.52 21.59
O6 NAG R . 22.54 -58.49 24.07
O7 NAG R . 23.32 -56.25 16.01
C1 NAG R . 26.96 -58.30 22.12
C2 NAG R . 27.49 -59.40 22.96
C3 NAG R . 28.51 -58.83 23.92
C4 NAG R . 29.56 -58.05 23.13
C5 NAG R . 29.01 -57.17 21.98
C6 NAG R . 30.06 -56.72 20.97
C7 NAG R . 26.51 -61.38 24.08
C8 NAG R . 25.27 -61.95 24.70
N2 NAG R . 26.42 -60.11 23.66
O3 NAG R . 29.16 -59.84 24.68
O4 NAG R . 30.15 -57.15 24.05
O5 NAG R . 27.96 -57.83 21.26
O6 NAG R . 29.65 -56.90 19.62
O7 NAG R . 27.55 -62.04 23.98
C1 BMA R . 31.48 -57.51 23.76
C2 BMA R . 32.29 -56.38 24.33
C3 BMA R . 33.64 -56.60 23.72
C4 BMA R . 34.20 -58.08 24.03
C5 BMA R . 33.11 -59.27 24.20
C6 BMA R . 33.34 -60.07 25.41
O2 BMA R . 32.35 -56.45 25.78
O3 BMA R . 34.52 -55.58 24.15
O4 BMA R . 35.16 -58.46 23.04
O5 BMA R . 31.76 -58.78 24.36
O6 BMA R . 32.70 -59.30 26.44
C1 MAN R . 35.52 -55.12 23.19
C2 MAN R . 35.32 -53.59 23.10
C3 MAN R . 36.71 -53.03 22.82
C4 MAN R . 37.48 -53.95 21.77
C5 MAN R . 36.44 -54.82 20.90
C6 MAN R . 37.09 -55.79 19.87
O2 MAN R . 34.77 -53.00 24.31
O3 MAN R . 37.48 -52.89 24.02
O4 MAN R . 38.38 -53.16 20.96
O5 MAN R . 35.52 -55.62 21.81
O6 MAN R . 37.78 -55.05 18.83
C1 NAG S . -37.28 41.51 -40.69
C2 NAG S . -38.49 40.91 -41.37
C3 NAG S . -39.10 41.93 -42.25
C4 NAG S . -39.61 43.11 -41.47
C5 NAG S . -38.56 43.68 -40.51
C6 NAG S . -39.16 44.39 -39.30
C7 NAG S . -38.49 38.51 -41.92
C8 NAG S . -39.30 38.30 -40.67
N2 NAG S . -38.10 39.75 -42.17
O3 NAG S . -40.18 41.31 -42.95
O4 NAG S . -39.75 44.06 -42.50
O5 NAG S . -37.65 42.71 -39.98
O6 NAG S . -38.15 45.09 -38.58
O7 NAG S . -38.18 37.57 -42.66
C1 NAG S . -41.11 44.52 -42.65
C2 NAG S . -41.08 45.24 -43.98
C3 NAG S . -42.39 45.97 -44.19
C4 NAG S . -43.62 45.15 -43.74
C5 NAG S . -43.34 44.06 -42.68
C6 NAG S . -44.34 42.92 -42.62
C7 NAG S . -39.71 47.09 -43.14
C8 NAG S . -38.47 47.89 -43.35
N2 NAG S . -39.95 46.15 -44.05
O3 NAG S . -42.50 46.39 -45.55
O4 NAG S . -44.57 46.01 -43.11
O5 NAG S . -42.03 43.48 -42.73
O6 NAG S . -44.36 42.42 -41.30
O7 NAG S . -40.47 47.32 -42.20
C1 BMA S . -45.79 46.37 -43.84
C2 BMA S . -45.38 47.10 -45.14
C3 BMA S . -46.46 48.04 -45.44
C4 BMA S . -47.65 47.10 -45.96
C5 BMA S . -47.95 45.76 -45.01
C6 BMA S . -48.56 44.56 -45.78
O2 BMA S . -45.32 46.12 -46.25
O3 BMA S . -45.99 49.15 -46.38
O4 BMA S . -48.86 47.83 -46.18
O5 BMA S . -46.73 45.29 -44.21
O6 BMA S . -48.41 44.81 -47.20
C1 MAN S . -45.35 50.44 -45.97
C2 MAN S . -43.91 50.34 -45.20
C3 MAN S . -44.19 50.26 -43.71
C4 MAN S . -44.70 51.61 -43.21
C5 MAN S . -45.97 52.15 -43.99
C6 MAN S . -45.93 53.70 -44.26
O2 MAN S . -43.18 51.62 -45.23
O3 MAN S . -43.02 50.05 -42.94
O4 MAN S . -44.96 51.50 -41.77
O5 MAN S . -46.32 51.34 -45.26
O6 MAN S . -45.69 54.45 -43.02
C1 NAG S . -41.98 52.01 -46.03
C2 NAG S . -40.78 50.99 -45.96
C3 NAG S . -39.79 51.27 -47.10
C4 NAG S . -40.43 50.99 -48.45
C5 NAG S . -41.67 51.84 -48.72
C6 NAG S . -42.71 51.07 -49.48
C7 NAG S . -38.88 50.97 -44.26
C8 NAG S . -38.58 51.30 -42.83
N2 NAG S . -40.16 51.17 -44.64
O3 NAG S . -38.64 50.44 -47.00
O4 NAG S . -39.49 51.28 -49.48
O5 NAG S . -42.34 52.33 -47.55
O6 NAG S . -43.14 49.94 -48.71
O7 NAG S . -38.02 50.52 -45.02
C1 MAN S . -49.43 44.20 -48.08
C2 MAN S . -50.80 43.69 -47.36
C3 MAN S . -50.72 42.16 -47.05
C4 MAN S . -50.54 41.31 -48.37
C5 MAN S . -49.72 42.08 -49.45
C6 MAN S . -50.54 42.64 -50.73
O2 MAN S . -52.04 43.90 -48.19
O3 MAN S . -51.83 41.70 -46.20
O4 MAN S . -49.87 40.09 -48.07
O5 MAN S . -48.81 43.11 -48.83
O6 MAN S . -51.07 44.00 -50.60
C1 NAG T . -38.63 40.93 -33.16
C2 NAG T . -39.00 41.15 -31.72
C3 NAG T . -39.74 42.48 -31.55
C4 NAG T . -38.93 43.64 -32.13
C5 NAG T . -38.62 43.31 -33.59
C6 NAG T . -37.73 44.31 -34.29
C7 NAG T . -40.11 39.76 -30.01
C8 NAG T . -40.95 38.54 -29.78
N2 NAG T . -39.81 40.03 -31.29
O3 NAG T . -39.99 42.68 -30.17
O4 NAG T . -39.70 44.85 -32.09
O5 NAG T . -37.91 42.06 -33.64
O6 NAG T . -37.39 43.83 -35.59
O7 NAG T . -39.76 40.48 -29.10
C1 NAG T . -39.14 46.17 -31.71
C2 NAG T . -40.10 47.28 -32.06
C3 NAG T . -39.43 48.61 -31.82
C4 NAG T . -39.00 48.71 -30.35
C5 NAG T . -38.44 47.43 -29.74
C6 NAG T . -38.82 47.32 -28.28
C7 NAG T . -39.87 47.16 -34.51
C8 NAG T . -40.61 47.04 -35.81
N2 NAG T . -40.62 47.18 -33.42
O3 NAG T . -40.34 49.66 -32.16
O4 NAG T . -38.05 49.77 -30.15
O5 NAG T . -38.92 46.20 -30.32
O6 NAG T . -40.15 46.83 -28.16
O7 NAG T . -38.65 47.25 -34.46
C1 BMA T . -38.82 50.77 -29.41
C2 BMA T . -38.18 51.23 -28.01
C3 BMA T . -39.36 51.77 -27.22
C4 BMA T . -40.24 52.77 -28.14
C5 BMA T . -40.32 52.45 -29.73
C6 BMA T . -40.88 53.61 -30.60
O2 BMA T . -37.23 52.34 -28.14
O3 BMA T . -38.92 52.54 -26.09
O4 BMA T . -41.56 52.90 -27.63
O5 BMA T . -39.06 51.99 -30.19
O6 BMA T . -40.11 53.77 -31.81
C1 MAN T . -38.87 52.08 -24.68
C2 MAN T . -39.07 50.54 -24.31
C3 MAN T . -39.39 50.44 -22.74
C4 MAN T . -39.08 51.76 -21.91
C5 MAN T . -39.56 53.04 -22.62
C6 MAN T . -38.52 54.18 -22.62
O2 MAN T . -37.90 49.76 -24.53
O3 MAN T . -38.75 49.32 -22.07
O4 MAN T . -39.65 51.67 -20.58
O5 MAN T . -39.92 52.78 -23.98
O6 MAN T . -37.18 53.68 -22.92
C1 NAG U . 9.11 48.41 -4.30
C2 NAG U . 8.96 49.87 -4.01
C3 NAG U . 10.30 50.42 -3.58
C4 NAG U . 10.90 49.62 -2.43
C5 NAG U . 10.59 48.11 -2.42
C6 NAG U . 10.39 47.58 -1.01
C7 NAG U . 7.22 51.17 -5.17
C8 NAG U . 6.38 51.00 -3.93
N2 NAG U . 8.44 50.60 -5.15
O3 NAG U . 10.14 51.80 -3.23
O4 NAG U . 12.31 49.78 -2.50
O5 NAG U . 9.40 47.74 -3.13
O6 NAG U . 9.13 46.94 -0.86
O7 NAG U . 6.81 51.80 -6.16
C1 NAG U . 12.46 50.79 -1.48
C2 NAG U . 13.78 50.69 -0.78
C3 NAG U . 13.72 51.63 0.41
C4 NAG U . 13.48 53.06 -0.05
C5 NAG U . 12.47 53.23 -1.22
C6 NAG U . 12.77 54.44 -2.10
C7 NAG U . 14.97 48.56 -1.08
C8 NAG U . 15.60 49.18 -2.30
N2 NAG U . 14.11 49.34 -0.40
O3 NAG U . 14.92 51.58 1.16
O4 NAG U . 13.03 53.82 1.07
O5 NAG U . 12.36 52.10 -2.10
O6 NAG U . 13.56 54.14 -3.25
O7 NAG U . 15.23 47.41 -0.74
C1 BMA U . 14.25 54.55 1.37
C2 BMA U . 14.09 55.93 2.09
C3 BMA U . 15.40 56.72 1.79
C4 BMA U . 16.51 55.76 1.40
C5 BMA U . 16.46 54.38 2.27
C6 BMA U . 17.03 54.46 3.74
O2 BMA U . 13.96 55.78 3.51
O3 BMA U . 15.87 57.59 2.86
O4 BMA U . 16.47 55.52 -0.06
O5 BMA U . 15.09 53.81 2.27
O6 BMA U . 17.15 53.11 4.32
C1 MAN U . 16.42 58.92 2.49
C2 MAN U . 15.86 59.85 3.61
C3 MAN U . 14.44 60.26 3.22
C4 MAN U . 14.34 61.01 1.83
C5 MAN U . 15.59 60.87 0.96
C6 MAN U . 16.67 62.04 1.16
O2 MAN U . 16.67 61.05 3.87
O3 MAN U . 13.79 60.96 4.27
O4 MAN U . 13.31 60.42 1.11
O5 MAN U . 16.13 59.45 1.12
O6 MAN U . 17.56 62.22 0.05
C1 NAG V . 3.45 45.45 -0.35
C2 NAG V . 2.78 44.79 0.86
C3 NAG V . 3.79 44.56 2.00
C4 NAG V . 5.04 43.86 1.52
C5 NAG V . 5.62 44.65 0.35
C6 NAG V . 6.86 44.05 -0.27
C7 NAG V . 0.43 45.40 1.03
C8 NAG V . 0.18 44.20 0.15
N2 NAG V . 1.70 45.63 1.34
O3 NAG V . 3.21 43.75 3.00
O4 NAG V . 5.90 43.91 2.65
O5 NAG V . 4.63 44.73 -0.69
O6 NAG V . 7.64 45.09 -0.87
O7 NAG V . -0.47 46.08 1.46
C1 NAG V . 6.41 42.63 3.14
C2 NAG V . 7.53 42.93 4.15
C3 NAG V . 8.20 41.62 4.55
C4 NAG V . 7.15 40.62 5.07
C5 NAG V . 5.88 40.54 4.20
C6 NAG V . 4.72 39.86 4.91
C7 NAG V . 9.42 43.70 2.71
C8 NAG V . 10.26 44.90 2.36
N2 NAG V . 8.49 43.91 3.65
O3 NAG V . 9.18 41.91 5.55
O4 NAG V . 7.71 39.31 5.18
O5 NAG V . 5.41 41.84 3.78
O6 NAG V . 3.65 39.48 4.05
O7 NAG V . 9.60 42.59 2.16
C1 BMA V . 7.76 39.05 6.60
C2 BMA V . 7.27 37.63 6.91
C3 BMA V . 7.11 37.49 8.45
C4 BMA V . 8.36 38.10 9.25
C5 BMA V . 9.10 39.32 8.60
C6 BMA V . 10.54 39.53 9.19
O2 BMA V . 8.25 36.62 6.50
O3 BMA V . 6.94 36.11 8.84
O4 BMA V . 8.01 38.50 10.57
O5 BMA V . 9.10 39.22 7.14
O6 BMA V . 11.56 38.76 8.46
C1 MAN V . 5.76 35.79 9.65
C2 MAN V . 4.73 35.19 8.64
C3 MAN V . 3.44 34.88 9.43
C4 MAN V . 2.75 36.20 9.65
C5 MAN V . 3.68 37.27 10.40
C6 MAN V . 3.11 37.69 11.80
O2 MAN V . 5.21 34.04 7.70
O3 MAN V . 3.63 34.23 10.71
O4 MAN V . 2.31 36.74 8.37
O5 MAN V . 5.19 36.92 10.48
O6 MAN V . 4.13 37.70 12.77
C1 NAG V . 5.73 32.83 8.34
C2 NAG V . 4.59 31.78 8.71
C3 NAG V . 4.54 30.62 7.72
C4 NAG V . 5.01 31.03 6.34
C5 NAG V . 6.49 31.40 6.35
C6 NAG V . 6.91 32.25 5.17
C7 NAG V . 3.59 31.01 10.82
C8 NAG V . 3.85 30.54 12.23
N2 NAG V . 4.68 31.31 10.08
O3 NAG V . 3.19 30.12 7.64
O4 NAG V . 4.85 29.94 5.43
O5 NAG V . 6.82 32.14 7.54
O6 NAG V . 8.05 31.75 4.49
O7 NAG V . 2.46 31.08 10.35
C1 MAN V . 11.82 37.49 9.14
C2 MAN V . 12.65 37.72 10.39
C3 MAN V . 14.02 38.28 9.91
C4 MAN V . 14.76 37.36 8.81
C5 MAN V . 13.77 36.90 7.70
C6 MAN V . 14.31 35.77 6.78
O2 MAN V . 12.88 36.48 11.09
O3 MAN V . 14.89 38.59 11.02
O4 MAN V . 15.93 38.03 8.22
O5 MAN V . 12.48 36.48 8.29
O6 MAN V . 14.39 34.59 7.56
C1 NAG W . 32.79 -4.44 36.49
C2 NAG W . 33.53 -4.73 37.80
C3 NAG W . 33.57 -3.48 38.67
C4 NAG W . 34.14 -2.28 37.90
C5 NAG W . 33.41 -2.08 36.57
C6 NAG W . 34.01 -1.00 35.69
C7 NAG W . 33.54 -6.97 38.76
C8 NAG W . 34.91 -7.11 38.17
N2 NAG W . 32.91 -5.81 38.53
O3 NAG W . 34.37 -3.77 39.83
O4 NAG W . 34.02 -1.13 38.72
O5 NAG W . 33.44 -3.30 35.80
O6 NAG W . 34.47 -1.51 34.44
O7 NAG W . 33.02 -7.89 39.40
C1 NAG W . 35.37 -0.63 38.89
C2 NAG W . 35.31 0.89 39.01
C3 NAG W . 36.72 1.43 39.10
C4 NAG W . 37.44 0.82 40.31
C5 NAG W . 37.34 -0.71 40.30
C6 NAG W . 37.83 -1.39 41.56
C7 NAG W . 33.46 2.17 37.99
C8 NAG W . 32.88 2.70 36.72
N2 NAG W . 34.61 1.49 37.88
O3 NAG W . 36.68 2.85 39.17
O4 NAG W . 38.82 1.17 40.25
O5 NAG W . 35.99 -1.18 40.07
O6 NAG W . 36.78 -1.65 42.48
O7 NAG W . 32.92 2.36 39.09
C1 BMA W . 39.37 1.68 41.48
C2 BMA W . 40.85 1.90 41.16
C3 BMA W . 41.50 3.15 41.92
C4 BMA W . 40.60 4.41 42.04
C5 BMA W . 39.18 4.20 41.51
C6 BMA W . 39.01 4.42 39.94
O2 BMA W . 41.00 2.07 39.72
O3 BMA W . 42.76 3.54 41.31
O4 BMA W . 40.55 4.85 43.44
O5 BMA W . 38.67 2.87 41.96
O6 BMA W . 39.18 5.78 39.57
C1 NAG X . 33.70 -6.41 29.81
C2 NAG X . 33.94 -6.06 28.37
C3 NAG X . 34.28 -4.57 28.24
C4 NAG X . 33.34 -3.70 29.06
C5 NAG X . 33.15 -4.29 30.44
C6 NAG X . 32.19 -3.53 31.32
C7 NAG X . 34.87 -8.03 27.20
C8 NAG X . 33.44 -8.45 26.94
N2 NAG X . 35.03 -6.87 27.86
O3 NAG X . 34.23 -4.17 26.88
O4 NAG X . 34.00 -2.47 29.31
O5 NAG X . 32.69 -5.63 30.31
O6 NAG X . 32.81 -3.09 32.52
O7 NAG X . 35.82 -8.68 26.81
C1 NAG X . 33.33 -1.63 28.35
C2 NAG X . 33.31 -0.20 28.84
C3 NAG X . 32.52 0.66 27.86
C4 NAG X . 33.08 0.48 26.44
C5 NAG X . 33.32 -1.00 26.09
C6 NAG X . 34.09 -1.21 24.80
C7 NAG X . 33.43 0.60 31.14
C8 NAG X . 32.78 0.64 32.49
N2 NAG X . 32.78 -0.07 30.19
O3 NAG X . 32.61 2.01 28.30
O4 NAG X . 32.11 0.93 25.50
O5 NAG X . 34.03 -1.69 27.11
O6 NAG X . 34.85 -2.41 24.86
O7 NAG X . 34.49 1.18 30.91
C1 BMA X . 32.02 2.37 25.38
C2 BMA X . 31.89 2.77 23.85
C3 BMA X . 30.43 2.49 23.26
C4 BMA X . 29.45 1.96 24.35
C5 BMA X . 29.58 2.77 25.67
C6 BMA X . 28.70 2.21 26.74
O2 BMA X . 32.89 2.15 23.02
O3 BMA X . 30.38 1.64 22.05
O4 BMA X . 28.10 2.02 23.90
O5 BMA X . 30.95 2.84 26.20
O6 BMA X . 29.06 2.81 27.95
C1 MAN X . 29.45 2.10 21.02
C2 MAN X . 28.29 1.06 20.72
C3 MAN X . 27.24 1.77 19.82
C4 MAN X . 27.97 2.59 18.73
C5 MAN X . 29.38 2.05 18.55
C6 MAN X . 30.16 2.57 17.32
O2 MAN X . 27.61 0.50 21.89
O3 MAN X . 26.33 2.61 20.55
O4 MAN X . 27.30 2.50 17.49
O5 MAN X . 30.11 2.43 19.77
O6 MAN X . 29.28 2.67 16.18
C1 NAG Y . 6.98 5.72 -63.41
C2 NAG Y . 5.80 5.14 -64.20
C3 NAG Y . 5.84 3.60 -64.22
C4 NAG Y . 7.24 3.04 -64.45
C5 NAG Y . 8.31 3.79 -63.67
C6 NAG Y . 9.72 3.42 -64.06
C7 NAG Y . 3.79 6.58 -64.17
C8 NAG Y . 4.28 7.18 -65.45
N2 NAG Y . 4.54 5.61 -63.64
O3 NAG Y . 4.96 3.12 -65.21
O4 NAG Y . 7.26 1.67 -64.06
O5 NAG Y . 8.19 5.20 -63.90
O6 NAG Y . 10.12 4.11 -65.24
O7 NAG Y . 2.73 6.94 -63.64
C1 NAG Z . -14.04 11.11 19.03
C2 NAG Z . -13.93 10.64 20.46
C3 NAG Z . -13.72 11.88 21.35
C4 NAG Z . -12.53 12.70 20.84
C5 NAG Z . -12.53 12.89 19.31
C6 NAG Z . -11.21 13.41 18.77
C7 NAG Z . -15.02 8.55 21.19
C8 NAG Z . -13.67 7.91 21.09
N2 NAG Z . -15.09 9.86 20.88
O3 NAG Z . -13.54 11.52 22.71
O4 NAG Z . -12.53 13.98 21.46
O5 NAG Z . -12.81 11.67 18.62
O6 NAG Z . -11.00 13.01 17.42
O7 NAG Z . -16.02 7.93 21.52
C1 NAG AA . 16.02 0.51 -36.76
C2 NAG AA . 16.50 0.63 -38.23
C3 NAG AA . 17.37 -0.55 -38.65
C4 NAG AA . 18.36 -0.88 -37.55
C5 NAG AA . 17.62 -1.41 -36.32
C6 NAG AA . 18.33 -1.09 -35.02
C7 NAG AA . 15.15 1.87 -39.87
C8 NAG AA . 16.18 2.97 -39.74
N2 NAG AA . 15.37 0.77 -39.13
O3 NAG AA . 18.06 -0.25 -39.85
O4 NAG AA . 19.27 -1.87 -38.01
O5 NAG AA . 16.30 -0.84 -36.23
O6 NAG AA . 18.63 0.29 -34.89
O7 NAG AA . 14.19 1.98 -40.61
ZN ZN BA . -7.44 -7.90 -5.92
C1 NAG CA . -43.68 -19.45 43.75
C2 NAG CA . -44.44 -18.26 43.13
C3 NAG CA . -45.51 -18.79 42.18
C4 NAG CA . -44.85 -19.41 40.97
C5 NAG CA . -43.64 -20.27 41.38
C6 NAG CA . -42.29 -19.65 41.02
C7 NAG CA . -45.08 -16.06 44.02
C8 NAG CA . -44.49 -15.48 42.76
N2 NAG CA . -45.03 -17.39 44.13
O3 NAG CA . -46.40 -17.74 41.78
O4 NAG CA . -45.79 -20.24 40.28
O5 NAG CA . -43.63 -20.57 42.79
O6 NAG CA . -42.10 -19.56 39.62
O7 NAG CA . -45.58 -15.35 44.88
C1 NAG DA . -30.55 -36.49 42.30
C2 NAG DA . -29.61 -35.61 41.51
C3 NAG DA . -29.39 -36.18 40.12
C4 NAG DA . -28.66 -37.52 40.25
C5 NAG DA . -29.36 -38.48 41.23
C6 NAG DA . -28.41 -39.51 41.80
C7 NAG DA . -31.07 -33.59 40.98
C8 NAG DA . -32.12 -34.47 40.33
N2 NAG DA . -29.97 -34.18 41.48
O3 NAG DA . -28.61 -35.28 39.33
O4 NAG DA . -28.55 -38.14 38.98
O5 NAG DA . -30.02 -37.85 42.36
O6 NAG DA . -29.09 -40.64 42.35
O7 NAG DA . -31.22 -32.37 41.05
C1 NAG EA . 12.70 6.60 10.19
C2 NAG EA . 11.52 5.94 9.37
C3 NAG EA . 10.25 5.81 10.21
C4 NAG EA . 10.56 5.76 11.71
C5 NAG EA . 11.13 7.10 12.15
C6 NAG EA . 11.77 7.06 13.52
C7 NAG EA . 12.09 6.89 7.13
C8 NAG EA . 11.53 7.62 5.95
N2 NAG EA . 11.22 6.67 8.13
O3 NAG EA . 9.45 4.72 9.79
O4 NAG EA . 9.37 5.45 12.43
O5 NAG EA . 12.13 7.57 11.23
O6 NAG EA . 10.89 7.55 14.53
O7 NAG EA . 13.27 6.53 7.18
C1 NAG FA . -24.63 -7.50 30.64
C2 NAG FA . -24.47 -6.81 32.07
C3 NAG FA . -23.28 -5.82 32.10
C4 NAG FA . -22.56 -5.76 30.75
C5 NAG FA . -23.56 -5.44 29.65
C6 NAG FA . -22.93 -5.31 28.28
C7 NAG FA . -26.16 -6.00 33.70
C8 NAG FA . -25.35 -6.66 34.78
N2 NAG FA . -25.70 -6.12 32.45
O3 NAG FA . -22.37 -6.11 33.16
O4 NAG FA . -21.57 -4.74 30.79
O5 NAG FA . -24.56 -6.47 29.55
O6 NAG FA . -21.82 -6.17 28.10
O7 NAG FA . -27.21 -5.38 33.96
C1 NAG GA . 30.73 -10.75 -7.12
C2 NAG GA . 31.60 -11.96 -7.50
C3 NAG GA . 33.09 -11.71 -7.17
C4 NAG GA . 33.55 -10.31 -7.57
C5 NAG GA . 32.52 -9.25 -7.18
C6 NAG GA . 32.87 -7.87 -7.70
C7 NAG GA . 30.37 -14.11 -7.42
C8 NAG GA . 30.06 -13.92 -8.88
N2 NAG GA . 31.13 -13.16 -6.84
O3 NAG GA . 33.87 -12.68 -7.88
O4 NAG GA . 34.75 -10.00 -6.87
O5 NAG GA . 31.24 -9.59 -7.72
O6 NAG GA . 33.02 -6.94 -6.64
O7 NAG GA . 29.97 -15.09 -6.80
C1 NAG HA . 19.62 -49.86 -15.61
C2 NAG HA . 20.12 -50.37 -16.97
C3 NAG HA . 19.31 -49.69 -18.09
C4 NAG HA . 17.83 -49.93 -17.88
C5 NAG HA . 17.36 -49.58 -16.46
C6 NAG HA . 15.94 -50.03 -16.17
C7 NAG HA . 22.37 -50.96 -17.80
C8 NAG HA . 21.76 -52.21 -18.39
N2 NAG HA . 21.55 -50.14 -17.15
O3 NAG HA . 19.72 -50.13 -19.38
O4 NAG HA . 17.09 -49.14 -18.82
O5 NAG HA . 18.21 -50.20 -15.46
O6 NAG HA . 15.05 -49.74 -17.23
O7 NAG HA . 23.57 -50.72 -17.94
C1 NAG IA . -43.35 17.62 -2.23
C2 NAG IA . -43.54 16.82 -0.94
C3 NAG IA . -42.98 17.63 0.25
C4 NAG IA . -41.56 18.12 -0.04
C5 NAG IA . -41.46 18.76 -1.42
C6 NAG IA . -40.04 18.99 -1.88
C7 NAG IA . -45.39 15.25 -0.62
C8 NAG IA . -44.37 14.15 -0.70
N2 NAG IA . -44.94 16.51 -0.73
O3 NAG IA . -42.94 16.82 1.42
O4 NAG IA . -41.21 19.09 0.93
O5 NAG IA . -42.01 17.89 -2.41
O6 NAG IA . -39.85 18.25 -3.08
O7 NAG IA . -46.59 15.00 -0.45
C1 NAG JA . -54.08 15.93 -9.86
C2 NAG JA . -55.64 16.02 -9.77
C3 NAG JA . -56.36 14.85 -10.50
C4 NAG JA . -55.69 13.49 -10.30
C5 NAG JA . -54.23 13.63 -9.91
C6 NAG JA . -53.38 12.45 -10.33
C7 NAG JA . -57.19 16.78 -7.99
C8 NAG JA . -57.96 17.50 -9.06
N2 NAG JA . -56.10 16.12 -8.39
O3 NAG JA . -56.51 15.18 -11.87
O4 NAG JA . -56.35 12.77 -9.26
O5 NAG JA . -53.72 14.78 -10.59
O6 NAG JA . -53.99 11.22 -9.96
O7 NAG JA . -57.54 16.82 -6.81
C1 NAG KA . -40.76 6.53 -29.42
C2 NAG KA . -40.97 6.40 -30.94
C3 NAG KA . -42.22 7.17 -31.36
C4 NAG KA . -43.43 6.69 -30.56
C5 NAG KA . -43.18 6.73 -29.05
C6 NAG KA . -44.27 6.01 -28.28
C7 NAG KA . -39.45 6.32 -32.87
C8 NAG KA . -38.23 6.92 -33.52
N2 NAG KA . -39.81 6.86 -31.69
O3 NAG KA . -42.43 6.98 -32.75
O4 NAG KA . -44.57 7.48 -30.86
O5 NAG KA . -41.95 6.06 -28.72
O6 NAG KA . -44.89 6.83 -27.29
O7 NAG KA . -40.08 5.41 -33.39
C1 NAG LA . -20.48 28.18 -62.27
C2 NAG LA . -20.28 27.92 -63.80
C3 NAG LA . -19.89 26.48 -64.16
C4 NAG LA . -19.37 25.69 -62.96
C5 NAG LA . -20.50 25.60 -61.96
C6 NAG LA . -20.14 24.81 -60.71
C7 NAG LA . -22.70 27.93 -64.33
C8 NAG LA . -23.75 28.49 -65.24
N2 NAG LA . -21.44 28.35 -64.57
O3 NAG LA . -18.92 26.50 -65.21
O4 NAG LA . -18.97 24.38 -63.35
O5 NAG LA . -20.94 26.90 -61.55
O6 NAG LA . -18.81 25.05 -60.26
O7 NAG LA . -22.96 27.14 -63.44
C1 NAG MA . 39.12 47.04 -46.18
C2 NAG MA . 39.14 46.99 -44.65
C3 NAG MA . 38.48 48.25 -44.08
C4 NAG MA . 39.31 49.48 -44.45
C5 NAG MA . 39.57 49.60 -45.96
C6 NAG MA . 40.76 50.49 -46.26
C7 NAG MA . 39.18 44.70 -43.77
C8 NAG MA . 40.67 44.74 -43.95
N2 NAG MA . 38.51 45.80 -44.12
O3 NAG MA . 38.35 48.15 -42.67
O4 NAG MA . 38.71 50.67 -43.95
O5 NAG MA . 39.76 48.33 -46.66
O6 NAG MA . 41.27 50.28 -47.57
O7 NAG MA . 38.62 43.71 -43.31
C1 NAG NA . 35.68 29.07 -41.93
C2 NAG NA . 37.01 28.30 -42.04
C3 NAG NA . 37.89 28.91 -43.12
C4 NAG NA . 38.23 30.35 -42.78
C5 NAG NA . 36.97 31.20 -42.49
C6 NAG NA . 36.31 31.75 -43.72
C7 NAG NA . 38.87 27.58 -40.57
C8 NAG NA . 39.44 27.66 -39.18
N2 NAG NA . 37.72 28.25 -40.77
O3 NAG NA . 37.27 28.78 -44.39
O4 NAG NA . 39.16 30.42 -41.71
O5 NAG NA . 35.95 30.51 -41.72
O6 NAG NA . 34.94 32.04 -43.48
O7 NAG NA . 39.41 26.93 -41.46
C1 NAG OA . -30.67 56.08 7.49
C2 NAG OA . -31.68 56.23 6.33
C3 NAG OA . -32.82 57.22 6.62
C4 NAG OA . -33.55 56.82 7.89
C5 NAG OA . -32.62 57.00 9.08
C6 NAG OA . -33.15 56.31 10.32
C7 NAG OA . -30.79 55.69 4.10
C8 NAG OA . -31.36 54.32 4.32
N2 NAG OA . -31.00 56.58 5.09
O3 NAG OA . -33.71 57.31 5.52
O4 NAG OA . -34.71 57.62 8.06
O5 NAG OA . -31.29 56.49 8.86
O6 NAG OA . -32.39 56.65 11.47
O7 NAG OA . -30.20 55.99 3.07
ZN ZN PA . 1.02 57.00 1.42
C1 NAG QA . 0.22 -6.47 76.59
C2 NAG QA . 1.38 -5.45 76.62
C3 NAG QA . 2.30 -5.71 77.81
C4 NAG QA . 2.65 -7.19 77.97
C5 NAG QA . 1.39 -8.06 77.91
C6 NAG QA . 1.21 -8.90 79.16
C7 NAG QA . 2.74 -4.43 74.83
C8 NAG QA . 2.61 -3.13 75.58
N2 NAG QA . 2.13 -5.49 75.37
O3 NAG QA . 1.73 -5.20 79.02
O4 NAG QA . 3.52 -7.59 76.92
O5 NAG QA . 0.23 -7.23 77.80
O6 NAG QA . -0.11 -9.42 79.25
O7 NAG QA . 3.38 -4.52 73.78
C1 NAG RA . 54.52 -30.78 11.73
C2 NAG RA . 55.92 -31.00 11.22
C3 NAG RA . 56.09 -32.50 10.97
C4 NAG RA . 55.95 -33.22 12.31
C5 NAG RA . 54.63 -32.85 13.04
C6 NAG RA . 54.66 -33.22 14.50
C7 NAG RA . 57.16 -29.22 10.06
C8 NAG RA . 57.80 -28.94 11.39
N2 NAG RA . 56.25 -30.22 10.04
O3 NAG RA . 57.31 -32.82 10.31
O4 NAG RA . 56.02 -34.64 12.15
O5 NAG RA . 54.36 -31.43 13.01
O6 NAG RA . 55.08 -32.10 15.27
O7 NAG RA . 57.43 -28.57 9.06
C1 NAG SA . 18.31 -16.84 62.05
C2 NAG SA . 19.23 -15.78 62.67
C3 NAG SA . 19.84 -16.33 63.95
C4 NAG SA . 18.74 -16.79 64.91
C5 NAG SA . 17.74 -17.72 64.22
C6 NAG SA . 16.50 -17.97 65.05
C7 NAG SA . 21.26 -16.04 61.25
C8 NAG SA . 22.20 -15.33 60.32
N2 NAG SA . 20.25 -15.31 61.74
O3 NAG SA . 20.65 -15.33 64.56
O4 NAG SA . 19.32 -17.49 66.01
O5 NAG SA . 17.28 -17.16 62.97
O6 NAG SA . 15.32 -17.66 64.31
O7 NAG SA . 21.41 -17.22 61.54
ZN ZN TA . 44.38 -9.59 34.41
#